data_3H1L
#
_entry.id   3H1L
#
_cell.length_a   174.139
_cell.length_b   182.364
_cell.length_c   241.626
_cell.angle_alpha   90.00
_cell.angle_beta   90.00
_cell.angle_gamma   90.00
#
_symmetry.space_group_name_H-M   'P 21 21 21'
#
loop_
_entity.id
_entity.type
_entity.pdbx_description
1 polymer 'MITOCHONDRIAL UBIQUINOL-CYTOCHROME-C REDUCTASE COMPLEX CORE PROTEIN I'
2 polymer 'MITOCHONDRIAL UBIQUINOL-CYTOCHROME-C REDUCTASE COMPLEX CORE PROTEIN 2'
3 polymer 'Cytochrome b'
4 polymer 'MITOCHONDRIAL CYTOCHROME C1, HEME PROTEIN'
5 polymer 'Cytochrome b-c1 complex subunit Rieske, mitochondrial'
6 polymer 'MITOCHONDRIAL UBIQUINOL-CYTOCHROME C REDUCTASE 14 KDA PROTEIN'
7 polymer 'MITOCHONDRIAL UBIQUINOL-CYTOCHROME C REDUCTASE UBIQUINONE-BINDING PROTEIN QP-C'
8 polymer 'MITOCHONDRIAL UBIQUINOL-CYTOCHROME C REDUCTASE 11 KDA PROTEIN, COMPLEX III SUBUNIT VIII'
9 polymer 'Cytochrome b-c1 complex subunit Rieske, mitochondrial'
10 polymer 'MITOCHONDRIAL UBIQUINOL-CYTOCHROME C REDUCTASE 7.2 KDA PROTEIN'
11 non-polymer 1,2-dioleoyl-sn-glycero-3-phosphoethanolamine
12 non-polymer 'UNKNOWN LIGAND'
13 non-polymer 'PROTOPORPHYRIN IX CONTAINING FE'
14 non-polymer 3-chloro-4,6-dihydroxy-2-methyl-5-{(2E,4E)-3-methyl-5-[(1R,2R,6R)-1,2,6-trimethyl-3-oxocyclohexyl]penta-2,4-dien-1-yl}benzaldehyde
15 non-polymer CARDIOLIPIN
16 non-polymer GLYCEROL
17 non-polymer 'HEME C'
18 non-polymer 'octyl beta-D-glucopyranoside'
19 non-polymer 'FE2/S2 (INORGANIC) CLUSTER'
20 water water
#
loop_
_entity_poly.entity_id
_entity_poly.type
_entity_poly.pdbx_seq_one_letter_code
_entity_poly.pdbx_strand_id
1 'polypeptide(L)'
;AATYAQTLQNIPETNVTTLDNGLRVASEESSQPTCTVGVWIGAGSRYENEKNNGAGYFVEHLAFKGTKKRPCAAFEKEVE
SMGAHFNGYTSREQTAFYIKALSKDMPKVVELLADVVQNCALEESQIEKERGVILQELKEMDNDMTNVTFDYLHATAFQG
TALARTVEGTTENIKHLTRADLASYIDTHFKAPRMVLAAAGGISHKELVDAARQHFSGVSFTYKEDAVPILPRCRFTGSE
IRARDDALPVAHVALAVEGPGWADPDNVVLHVANAIIGRYDRTFGGGKHLSSRLAALAVEHKLCHSFQTFNTSYSDTGLF
GFHFVADPLSIDDMMFCAQGEWMRLCTSTTESEVKRAKNHLRSAMVAQLDGTTPVCETIGSHLLNYGRRISLEEWDSRIS
AVDARMVRDVCSKYIYDKCPALAAVGPIEQLLDYNRIRSGMYWIRF
;
A,N
2 'polypeptide(L)'
;SLKVAPKVAVSAAAERVKLCPGAEDLEITKLPNGLIIASLENFSPASRIGVFIKAGSRYETTANLGTAHLLRLASPLTTK
GASSFRITRGIEAVGGSLSVYSTREKMTYCVECLRDHVDTVMEYLLNVTTAPEFRPWEVTDLQPQLKVDKAVAFQSPQVG
VLENLHAAAYKTALANPLYCPDYRIGKITSEQLHHFVQNNFTSARMALVGIGVKHSDLKQVAEQFLNIRSGAGTSSAKAT
YWGGEIREQNGHSLVHAAVVTEGAAVGSAEANAFSVLQHVLGAGPLIKRGSSVTSKLYQGVAKATTQPFDASAFNVNYSD
SGLFGFYTISQAAHAGEVIRAAMNQLKAAAQGGVTEEDVTKAKNQLKATYLMSVETAQGLLNEIGSEALLSGTHTAPSVV
AQKIDSVTSADVVNAAKKFVSGKKSMAASGDLGSTPFLDEL
;
B,O
3 'polypeptide(L)'
;MAPNIRKSHPLLKMINNSLIDLPAPSNISAWWNFGSLLAVCLMTQILTGLLLAMHYTADTSLAFSSVAHTCRNVQYGWLI
RNLHANGASFFFICIFLHIGRGLYYGSYLYKETWNTGVILLLTLMATAFVGYVLPWGQMSFWGATVITNLFSAIPYIGHT
LVEWAWGGFSVDNPTLTRFFALHFLLPFAIAGITIIHLTFLHESGSNNPLGISSDSDKIPFHPYYSFKDILGLTLMLTPF
LTLALFSPNLLGDPENFTPANPLVTPPHIKPEWYFLFAYAILRSIPNKLGGVLALAASVLILFLIPFLHKSKQRTMTFRP
LSQTLFWLLVANLLILTWIGSQPVEHPFIIIGQMASLSYFTILLILFPTIGTLENKMLNY
;
C,P
4 'polypeptide(L)'
;GELELHPPAFPWSHGGPLSALDHSSVRRGFQVYKQVCSACHSMDYVAFRNLIGVTHTEAEAKALAEEVEVQDGPDENGEL
FMRPGKISDYFPKPYPNPEAARAANNGALPPDLSYIVNARHGGEDYVFSLLTGYCDPPAGVVVREGLHYNPYFPGQAIGM
APPIYNEILEYDDGTPATMSQIAKDVCTFLRWAAEPEHDQRKRMGLKMLLISALLTSLLYYMKRHKWSVLKSRKMAYRPP
K
;
D,Q
5 'polypeptide(L)'
;VHNDVTVPDFSAYRREDVMDATTSSQTSSEDRKGFSYLVTATACVATAYAAKNVVTQFISSLSASADVLALSKIEIKLSD
IPEGKNVAFKWRGKPLFVRHRTQAEINQEAEVDVSKLRDPQHDLDRVKKPEWVILVGVCTHLGCVPIANSGDFGGYYCPC
HGSHYDASGRIRKGPAPYNLEVPTYQFVGDDLVVVG
;
E,R
6 'polypeptide(L)'
;AARATVAGGGRLMDRIRKWYYNAAGFNKYGLMRDDTLYEDDDVKEALKRLPKDLYNERMFRIKRALDLSLKHRILPKEQW
VKYEEDKPYLEPYLKEVIRERLEREAWNKK
;
F,S
7 'polypeptide(L)'
;GIHFGNLARVRHIITYSLSPFEQRAIPNIFSDALPNVWRRFSSQVFKVAPPFLGAYLLYSWGTQEFERLKRKNPADYEND
Q
;
G,T
8 'polypeptide(L)' LRGSGEEEEEELVDPLTTIREHCEQTEKCVKARERLELCDARVSSRSHTEEQCTEELFDFLHARDHCVAHKLFNKLK H,U
9 'polypeptide(L)'
;(UNK)(UNK)(UNK)(UNK)(UNK)(UNK)(UNK)(UNK)(UNK)(UNK)(UNK)(UNK)(UNK)(UNK)(UNK)RPLLC
RESMSGRSARRDLVAGISLNAPASVRY
;
I,V
10 'polypeptide(L)' ALLRQAYSALFRRTSTFALTVVLGAVLFERAFDQGADAIFEHLNEGKLWKHIKHKYEASEE J,W
#
loop_
_chem_comp.id
_chem_comp.type
_chem_comp.name
_chem_comp.formula
3H1 non-polymer 3-chloro-4,6-dihydroxy-2-methyl-5-{(2E,4E)-3-methyl-5-[(1R,2R,6R)-1,2,6-trimethyl-3-oxocyclohexyl]penta-2,4-dien-1-yl}benzaldehyde 'C23 H29 Cl O4'
BOG D-saccharide 'octyl beta-D-glucopyranoside' 'C14 H28 O6'
CDL non-polymer CARDIOLIPIN 'C81 H156 O17 P2 -2'
FES non-polymer 'FE2/S2 (INORGANIC) CLUSTER' 'Fe2 S2'
GOL non-polymer GLYCEROL 'C3 H8 O3'
HEC non-polymer 'HEME C' 'C34 H34 Fe N4 O4'
HEM non-polymer 'PROTOPORPHYRIN IX CONTAINING FE' 'C34 H32 Fe N4 O4'
PEE non-polymer 1,2-dioleoyl-sn-glycero-3-phosphoethanolamine 'C41 H78 N O8 P'
UNL non-polymer 'UNKNOWN LIGAND' ?
#
# COMPACT_ATOMS: atom_id res chain seq x y z
N ALA A 2 -10.55 -63.49 8.14
CA ALA A 2 -9.92 -63.77 6.82
C ALA A 2 -9.07 -62.58 6.37
N THR A 3 -8.06 -62.22 7.17
CA THR A 3 -7.19 -61.08 6.89
C THR A 3 -6.89 -60.74 5.43
N TYR A 4 -6.80 -59.45 5.17
CA TYR A 4 -6.48 -58.91 3.86
C TYR A 4 -5.47 -59.86 3.25
N ALA A 5 -4.25 -59.83 3.79
CA ALA A 5 -3.14 -60.67 3.35
C ALA A 5 -3.57 -61.91 2.55
N GLN A 6 -4.49 -62.69 3.12
CA GLN A 6 -4.96 -63.91 2.48
C GLN A 6 -5.91 -63.70 1.30
N THR A 7 -7.00 -62.97 1.51
CA THR A 7 -7.97 -62.74 0.44
C THR A 7 -7.25 -62.34 -0.85
N LEU A 8 -6.02 -61.86 -0.71
CA LEU A 8 -5.21 -61.44 -1.85
C LEU A 8 -4.67 -62.62 -2.64
N GLN A 9 -4.21 -63.66 -1.92
CA GLN A 9 -3.67 -64.84 -2.58
C GLN A 9 -4.71 -65.84 -3.05
N ASN A 10 -5.97 -65.64 -2.65
CA ASN A 10 -7.05 -66.53 -3.04
C ASN A 10 -7.53 -66.25 -4.45
N ILE A 11 -7.60 -64.98 -4.81
CA ILE A 11 -8.05 -64.57 -6.14
C ILE A 11 -7.48 -65.54 -7.18
N PRO A 12 -8.35 -66.09 -8.05
CA PRO A 12 -7.93 -67.03 -9.10
C PRO A 12 -6.85 -66.48 -10.04
N GLU A 13 -5.76 -67.21 -10.21
CA GLU A 13 -4.70 -66.74 -11.09
C GLU A 13 -5.21 -66.51 -12.51
N THR A 14 -4.51 -65.65 -13.25
CA THR A 14 -4.90 -65.34 -14.62
C THR A 14 -4.10 -66.24 -15.57
N ASN A 15 -4.81 -67.02 -16.38
CA ASN A 15 -4.19 -67.96 -17.32
C ASN A 15 -3.87 -67.32 -18.65
N VAL A 16 -2.72 -67.67 -19.21
CA VAL A 16 -2.33 -67.13 -20.48
C VAL A 16 -1.91 -68.25 -21.42
N THR A 17 -2.37 -68.16 -22.65
CA THR A 17 -2.05 -69.16 -23.65
C THR A 17 -1.96 -68.46 -24.99
N THR A 18 -1.07 -68.93 -25.84
CA THR A 18 -0.87 -68.31 -27.13
C THR A 18 -1.15 -69.27 -28.30
N LEU A 19 -1.51 -68.72 -29.44
CA LEU A 19 -1.77 -69.53 -30.62
C LEU A 19 -0.53 -69.49 -31.49
N ASP A 20 -0.62 -70.01 -32.70
CA ASP A 20 0.53 -70.05 -33.61
C ASP A 20 0.69 -68.72 -34.32
N ASN A 21 -0.42 -68.01 -34.47
CA ASN A 21 -0.45 -66.73 -35.14
C ASN A 21 0.11 -65.60 -34.27
N GLY A 22 0.11 -65.81 -32.95
CA GLY A 22 0.65 -64.81 -32.05
C GLY A 22 -0.34 -64.25 -31.03
N LEU A 23 -1.62 -64.20 -31.41
CA LEU A 23 -2.65 -63.68 -30.52
C LEU A 23 -2.44 -64.33 -29.15
N ARG A 24 -2.76 -63.58 -28.10
CA ARG A 24 -2.60 -64.10 -26.76
C ARG A 24 -3.96 -64.11 -26.09
N VAL A 25 -4.32 -65.23 -25.47
CA VAL A 25 -5.61 -65.32 -24.80
C VAL A 25 -5.40 -65.41 -23.30
N ALA A 26 -6.23 -64.72 -22.54
CA ALA A 26 -6.12 -64.74 -21.09
C ALA A 26 -7.40 -64.36 -20.36
N SER A 27 -7.54 -64.82 -19.12
CA SER A 27 -8.74 -64.55 -18.33
C SER A 27 -8.63 -64.87 -16.84
N GLU A 28 -9.59 -64.35 -16.08
CA GLU A 28 -9.69 -64.57 -14.66
C GLU A 28 -11.09 -65.07 -14.46
N GLU A 29 -11.21 -66.31 -13.98
CA GLU A 29 -12.51 -66.95 -13.77
C GLU A 29 -13.11 -66.71 -12.38
N SER A 30 -14.38 -66.31 -12.38
CA SER A 30 -15.13 -66.03 -11.16
C SER A 30 -16.46 -66.77 -11.25
N SER A 31 -17.24 -66.75 -10.17
CA SER A 31 -18.54 -67.43 -10.17
C SER A 31 -19.62 -66.45 -10.61
N GLN A 32 -19.19 -65.37 -11.25
CA GLN A 32 -20.07 -64.34 -11.77
C GLN A 32 -20.89 -64.90 -12.94
N PRO A 33 -22.23 -64.78 -12.87
CA PRO A 33 -23.11 -65.29 -13.92
C PRO A 33 -22.93 -64.55 -15.25
N THR A 34 -22.52 -63.29 -15.15
CA THR A 34 -22.29 -62.42 -16.31
C THR A 34 -20.79 -62.21 -16.49
N CYS A 35 -20.38 -61.53 -17.55
CA CYS A 35 -18.94 -61.31 -17.79
C CYS A 35 -18.60 -60.31 -18.90
N THR A 36 -17.31 -60.17 -19.18
CA THR A 36 -16.83 -59.26 -20.21
C THR A 36 -15.65 -59.85 -20.99
N VAL A 37 -15.66 -59.63 -22.30
CA VAL A 37 -14.58 -60.12 -23.15
C VAL A 37 -14.28 -59.08 -24.22
N GLY A 38 -13.01 -58.88 -24.50
CA GLY A 38 -12.61 -57.91 -25.50
C GLY A 38 -11.19 -58.13 -25.96
N VAL A 39 -10.87 -57.52 -27.10
CA VAL A 39 -9.55 -57.62 -27.69
C VAL A 39 -8.80 -56.28 -27.56
N TRP A 40 -7.71 -56.29 -26.80
CA TRP A 40 -6.90 -55.10 -26.57
C TRP A 40 -5.72 -55.01 -27.53
N ILE A 41 -5.86 -54.15 -28.54
CA ILE A 41 -4.83 -53.97 -29.56
C ILE A 41 -3.79 -52.90 -29.22
N GLY A 42 -2.52 -53.26 -29.29
CA GLY A 42 -1.47 -52.32 -29.00
C GLY A 42 -1.17 -51.46 -30.23
N ALA A 43 -2.05 -50.50 -30.50
CA ALA A 43 -1.89 -49.59 -31.64
C ALA A 43 -2.78 -48.35 -31.49
N GLY A 44 -2.15 -47.19 -31.39
CA GLY A 44 -2.91 -45.96 -31.26
C GLY A 44 -2.61 -44.87 -32.28
N SER A 45 -2.33 -43.68 -31.77
CA SER A 45 -2.02 -42.54 -32.61
C SER A 45 -0.52 -42.39 -32.71
N ARG A 46 0.18 -42.88 -31.69
CA ARG A 46 1.64 -42.78 -31.69
C ARG A 46 2.11 -43.57 -32.87
N TYR A 47 1.32 -44.57 -33.25
CA TYR A 47 1.65 -45.43 -34.36
C TYR A 47 1.32 -44.82 -35.70
N GLU A 48 0.55 -43.74 -35.68
CA GLU A 48 0.16 -43.08 -36.91
C GLU A 48 1.28 -42.16 -37.31
N ASN A 49 1.35 -41.85 -38.61
CA ASN A 49 2.35 -40.94 -39.09
C ASN A 49 1.60 -39.62 -39.26
N GLU A 50 2.22 -38.66 -39.95
CA GLU A 50 1.58 -37.36 -40.16
C GLU A 50 0.41 -37.33 -41.16
N LYS A 51 0.45 -38.19 -42.15
CA LYS A 51 -0.59 -38.22 -43.17
C LYS A 51 -1.84 -39.04 -42.81
N ASN A 52 -1.71 -39.97 -41.87
CA ASN A 52 -2.84 -40.80 -41.45
C ASN A 52 -3.24 -40.53 -39.99
N ASN A 53 -2.86 -39.38 -39.44
CA ASN A 53 -3.19 -39.00 -38.06
C ASN A 53 -4.70 -39.00 -37.94
N GLY A 54 -5.23 -39.86 -37.08
CA GLY A 54 -6.67 -39.94 -36.89
C GLY A 54 -7.35 -41.06 -37.63
N ALA A 55 -6.59 -42.12 -37.95
CA ALA A 55 -7.16 -43.28 -38.63
C ALA A 55 -7.64 -44.19 -37.51
N GLY A 56 -6.74 -44.46 -36.56
CA GLY A 56 -7.08 -45.30 -35.44
C GLY A 56 -8.37 -44.83 -34.80
N TYR A 57 -8.71 -43.57 -35.05
CA TYR A 57 -9.92 -42.98 -34.50
C TYR A 57 -11.05 -43.06 -35.51
N PHE A 58 -10.74 -42.83 -36.77
CA PHE A 58 -11.74 -42.87 -37.84
C PHE A 58 -12.21 -44.29 -37.98
N VAL A 59 -11.39 -45.21 -37.47
CA VAL A 59 -11.68 -46.64 -37.47
C VAL A 59 -12.57 -46.99 -36.28
N GLU A 60 -12.18 -46.53 -35.10
CA GLU A 60 -12.94 -46.79 -33.89
C GLU A 60 -14.41 -46.36 -34.07
N HIS A 61 -14.65 -45.52 -35.07
CA HIS A 61 -16.01 -45.04 -35.34
C HIS A 61 -16.80 -46.01 -36.23
N LEU A 62 -16.11 -46.73 -37.11
CA LEU A 62 -16.75 -47.67 -38.02
C LEU A 62 -16.73 -49.12 -37.58
N ALA A 63 -16.06 -49.40 -36.48
CA ALA A 63 -15.95 -50.76 -35.96
C ALA A 63 -17.28 -51.26 -35.42
N PHE A 64 -18.31 -50.41 -35.47
CA PHE A 64 -19.62 -50.78 -34.97
C PHE A 64 -20.71 -50.56 -35.99
N LYS A 65 -20.35 -50.03 -37.14
CA LYS A 65 -21.32 -49.79 -38.19
C LYS A 65 -21.42 -50.98 -39.14
N GLY A 66 -21.03 -52.15 -38.62
CA GLY A 66 -21.09 -53.38 -39.39
C GLY A 66 -19.87 -53.97 -40.07
N THR A 67 -19.95 -55.27 -40.36
CA THR A 67 -18.89 -56.03 -41.02
C THR A 67 -19.33 -56.47 -42.42
N LYS A 68 -18.56 -57.37 -43.02
CA LYS A 68 -18.88 -57.88 -44.36
C LYS A 68 -19.94 -58.95 -44.26
N LYS A 69 -19.77 -59.86 -43.29
CA LYS A 69 -20.70 -60.95 -43.06
C LYS A 69 -22.09 -60.44 -42.68
N ARG A 70 -22.13 -59.41 -41.82
CA ARG A 70 -23.40 -58.84 -41.38
C ARG A 70 -23.42 -57.32 -41.36
N PRO A 71 -24.18 -56.68 -42.28
CA PRO A 71 -24.28 -55.22 -42.37
C PRO A 71 -24.70 -54.57 -41.06
N CYS A 72 -24.96 -53.26 -41.12
CA CYS A 72 -25.34 -52.47 -39.95
C CYS A 72 -26.47 -53.05 -39.09
N ALA A 73 -27.72 -52.84 -39.49
CA ALA A 73 -28.87 -53.32 -38.74
C ALA A 73 -28.75 -54.78 -38.22
N ALA A 74 -28.12 -55.64 -39.00
CA ALA A 74 -27.96 -57.04 -38.60
C ALA A 74 -27.00 -57.19 -37.43
N PHE A 75 -25.91 -56.43 -37.49
CA PHE A 75 -24.89 -56.46 -36.46
C PHE A 75 -25.48 -55.90 -35.18
N GLU A 76 -25.92 -54.64 -35.25
CA GLU A 76 -26.50 -54.00 -34.09
C GLU A 76 -27.62 -54.86 -33.49
N LYS A 77 -28.61 -55.20 -34.31
CA LYS A 77 -29.73 -56.00 -33.85
C LYS A 77 -29.29 -57.30 -33.18
N GLU A 78 -28.31 -57.99 -33.77
CA GLU A 78 -27.84 -59.24 -33.20
C GLU A 78 -27.22 -59.08 -31.82
N VAL A 79 -26.66 -57.91 -31.56
CA VAL A 79 -26.02 -57.62 -30.26
C VAL A 79 -27.04 -57.15 -29.24
N GLU A 80 -27.79 -56.10 -29.57
CA GLU A 80 -28.80 -55.53 -28.68
C GLU A 80 -29.74 -56.61 -28.15
N SER A 81 -30.31 -57.37 -29.08
CA SER A 81 -31.26 -58.43 -28.77
C SER A 81 -30.81 -59.50 -27.78
N MET A 82 -29.51 -59.55 -27.48
CA MET A 82 -29.02 -60.53 -26.53
C MET A 82 -28.53 -59.85 -25.26
N GLY A 83 -28.86 -58.56 -25.14
CA GLY A 83 -28.50 -57.78 -23.98
C GLY A 83 -27.02 -57.64 -23.69
N ALA A 84 -26.22 -57.55 -24.75
CA ALA A 84 -24.77 -57.40 -24.60
C ALA A 84 -24.40 -55.93 -24.72
N HIS A 85 -23.25 -55.56 -24.18
CA HIS A 85 -22.78 -54.18 -24.23
C HIS A 85 -21.48 -54.05 -24.98
N PHE A 86 -21.56 -53.53 -26.19
CA PHE A 86 -20.39 -53.36 -27.00
C PHE A 86 -19.95 -51.92 -26.98
N ASN A 87 -18.67 -51.70 -26.68
CA ASN A 87 -18.10 -50.38 -26.58
C ASN A 87 -16.59 -50.50 -26.44
N GLY A 88 -15.87 -49.46 -26.84
CA GLY A 88 -14.42 -49.49 -26.74
C GLY A 88 -13.79 -48.12 -26.84
N TYR A 89 -12.49 -48.08 -27.13
CA TYR A 89 -11.78 -46.82 -27.23
C TYR A 89 -10.45 -46.90 -27.97
N THR A 90 -9.76 -45.77 -28.03
CA THR A 90 -8.47 -45.69 -28.69
C THR A 90 -7.65 -44.54 -28.08
N SER A 91 -6.41 -44.83 -27.68
CA SER A 91 -5.52 -43.83 -27.09
C SER A 91 -4.31 -43.59 -27.98
N ARG A 92 -3.27 -42.97 -27.43
CA ARG A 92 -2.06 -42.69 -28.19
C ARG A 92 -1.34 -43.99 -28.55
N GLU A 93 -1.30 -44.93 -27.63
CA GLU A 93 -0.66 -46.19 -27.93
C GLU A 93 -1.34 -47.40 -27.28
N GLN A 94 -2.61 -47.64 -27.66
CA GLN A 94 -3.40 -48.77 -27.15
C GLN A 94 -4.89 -48.63 -27.38
N THR A 95 -5.39 -49.36 -28.36
CA THR A 95 -6.81 -49.33 -28.70
C THR A 95 -7.49 -50.53 -28.01
N ALA A 96 -8.82 -50.58 -28.06
CA ALA A 96 -9.54 -51.70 -27.46
C ALA A 96 -11.03 -51.73 -27.82
N PHE A 97 -11.56 -52.92 -28.02
CA PHE A 97 -12.98 -53.13 -28.30
C PHE A 97 -13.37 -54.27 -27.37
N TYR A 98 -14.41 -54.05 -26.57
CA TYR A 98 -14.83 -55.09 -25.64
C TYR A 98 -16.33 -55.15 -25.48
N ILE A 99 -16.82 -56.34 -25.14
CA ILE A 99 -18.26 -56.58 -24.95
C ILE A 99 -18.59 -57.12 -23.55
N LYS A 100 -19.70 -56.63 -23.01
CA LYS A 100 -20.18 -57.05 -21.71
C LYS A 100 -21.44 -57.88 -21.93
N ALA A 101 -21.42 -59.14 -21.51
CA ALA A 101 -22.59 -59.99 -21.70
C ALA A 101 -22.71 -61.15 -20.73
N LEU A 102 -23.78 -61.91 -20.91
CA LEU A 102 -24.10 -63.07 -20.10
C LEU A 102 -23.01 -64.14 -20.30
N SER A 103 -22.60 -64.82 -19.23
CA SER A 103 -21.55 -65.83 -19.33
C SER A 103 -21.88 -66.91 -20.35
N LYS A 104 -23.14 -66.99 -20.74
CA LYS A 104 -23.63 -67.96 -21.70
C LYS A 104 -23.18 -67.65 -23.11
N ASP A 105 -23.24 -66.39 -23.48
CA ASP A 105 -22.85 -65.99 -24.82
C ASP A 105 -21.35 -65.85 -24.98
N MET A 106 -20.61 -66.22 -23.95
CA MET A 106 -19.15 -66.13 -23.98
C MET A 106 -18.54 -66.44 -25.35
N PRO A 107 -18.92 -67.58 -25.96
CA PRO A 107 -18.39 -67.96 -27.28
C PRO A 107 -18.98 -67.18 -28.47
N LYS A 108 -20.28 -66.89 -28.40
CA LYS A 108 -20.93 -66.15 -29.48
C LYS A 108 -20.35 -64.74 -29.55
N VAL A 109 -19.84 -64.25 -28.43
CA VAL A 109 -19.25 -62.93 -28.37
C VAL A 109 -17.93 -62.95 -29.14
N VAL A 110 -17.01 -63.82 -28.71
CA VAL A 110 -15.71 -63.93 -29.35
C VAL A 110 -15.76 -63.82 -30.87
N GLU A 111 -16.75 -64.47 -31.48
CA GLU A 111 -16.91 -64.44 -32.93
C GLU A 111 -17.18 -63.03 -33.43
N LEU A 112 -17.98 -62.30 -32.64
CA LEU A 112 -18.33 -60.93 -32.94
C LEU A 112 -17.10 -60.03 -32.89
N LEU A 113 -16.35 -60.10 -31.78
CA LEU A 113 -15.14 -59.31 -31.64
C LEU A 113 -14.26 -59.56 -32.85
N ALA A 114 -13.95 -60.83 -33.09
CA ALA A 114 -13.10 -61.22 -34.22
C ALA A 114 -13.59 -60.74 -35.57
N ASP A 115 -14.90 -60.61 -35.72
CA ASP A 115 -15.45 -60.18 -36.99
C ASP A 115 -15.31 -58.67 -37.22
N VAL A 116 -15.01 -57.92 -36.15
CA VAL A 116 -14.84 -56.47 -36.26
C VAL A 116 -13.39 -56.08 -36.56
N VAL A 117 -12.47 -56.76 -35.89
CA VAL A 117 -11.03 -56.54 -36.03
C VAL A 117 -10.46 -57.13 -37.31
N GLN A 118 -11.21 -58.03 -37.95
CA GLN A 118 -10.73 -58.66 -39.17
C GLN A 118 -11.51 -58.25 -40.42
N ASN A 119 -12.83 -58.37 -40.36
CA ASN A 119 -13.69 -58.03 -41.48
C ASN A 119 -14.51 -56.75 -41.39
N CYS A 120 -13.96 -55.68 -40.83
CA CYS A 120 -14.72 -54.44 -40.75
C CYS A 120 -15.20 -54.06 -42.15
N ALA A 121 -16.49 -53.77 -42.28
CA ALA A 121 -17.11 -53.42 -43.56
C ALA A 121 -16.49 -52.23 -44.29
N LEU A 122 -16.49 -51.09 -43.62
CA LEU A 122 -15.93 -49.87 -44.20
C LEU A 122 -16.73 -49.41 -45.40
N GLU A 123 -18.05 -49.56 -45.33
CA GLU A 123 -18.92 -49.14 -46.42
C GLU A 123 -18.66 -47.66 -46.65
N GLU A 124 -18.38 -47.28 -47.90
CA GLU A 124 -18.09 -45.90 -48.23
C GLU A 124 -19.26 -44.94 -48.12
N SER A 125 -20.43 -45.44 -47.78
CA SER A 125 -21.62 -44.61 -47.62
C SER A 125 -21.50 -44.07 -46.18
N GLN A 126 -21.04 -44.96 -45.31
CA GLN A 126 -20.86 -44.71 -43.88
C GLN A 126 -19.64 -43.83 -43.61
N ILE A 127 -18.65 -43.87 -44.50
CA ILE A 127 -17.46 -43.06 -44.32
C ILE A 127 -17.68 -41.59 -44.57
N GLU A 128 -18.63 -41.23 -45.42
CA GLU A 128 -18.88 -39.82 -45.66
C GLU A 128 -19.90 -39.30 -44.67
N LYS A 129 -20.27 -40.15 -43.73
CA LYS A 129 -21.22 -39.78 -42.69
C LYS A 129 -20.43 -39.65 -41.39
N GLU A 130 -19.52 -40.60 -41.14
CA GLU A 130 -18.68 -40.55 -39.95
C GLU A 130 -17.65 -39.44 -40.09
N ARG A 131 -17.56 -38.87 -41.29
CA ARG A 131 -16.63 -37.79 -41.52
C ARG A 131 -17.23 -36.58 -40.82
N GLY A 132 -18.48 -36.28 -41.15
CA GLY A 132 -19.15 -35.16 -40.53
C GLY A 132 -19.29 -35.34 -39.03
N VAL A 133 -19.48 -36.58 -38.60
CA VAL A 133 -19.64 -36.90 -37.19
C VAL A 133 -18.37 -36.65 -36.39
N ILE A 134 -17.22 -37.05 -36.92
CA ILE A 134 -16.01 -36.80 -36.18
C ILE A 134 -15.80 -35.30 -36.17
N LEU A 135 -15.79 -34.70 -37.36
CA LEU A 135 -15.61 -33.25 -37.48
C LEU A 135 -16.50 -32.51 -36.51
N GLN A 136 -17.58 -33.14 -36.08
CA GLN A 136 -18.51 -32.52 -35.15
C GLN A 136 -18.12 -32.79 -33.70
N GLU A 137 -17.50 -33.93 -33.43
CA GLU A 137 -17.09 -34.26 -32.08
C GLU A 137 -15.86 -33.46 -31.69
N LEU A 138 -15.14 -32.94 -32.68
CA LEU A 138 -13.96 -32.17 -32.38
C LEU A 138 -14.40 -30.80 -31.91
N LYS A 139 -15.55 -30.34 -32.37
CA LYS A 139 -16.09 -29.04 -31.96
C LYS A 139 -16.54 -29.13 -30.52
N GLU A 140 -16.99 -30.31 -30.12
CA GLU A 140 -17.43 -30.51 -28.74
C GLU A 140 -16.19 -30.65 -27.87
N MET A 141 -15.37 -31.64 -28.18
CA MET A 141 -14.16 -31.90 -27.42
C MET A 141 -13.26 -30.69 -27.25
N ASP A 142 -13.37 -29.73 -28.16
CA ASP A 142 -12.54 -28.55 -28.10
C ASP A 142 -12.93 -27.69 -26.90
N ASN A 143 -14.18 -27.76 -26.50
CA ASN A 143 -14.60 -26.97 -25.35
C ASN A 143 -14.46 -27.71 -24.03
N ASP A 144 -13.52 -28.65 -23.99
CA ASP A 144 -13.26 -29.41 -22.77
C ASP A 144 -11.86 -29.09 -22.29
N MET A 145 -11.75 -27.98 -21.57
CA MET A 145 -10.48 -27.48 -21.03
C MET A 145 -9.51 -28.55 -20.60
N THR A 146 -9.93 -29.42 -19.68
CA THR A 146 -9.07 -30.47 -19.19
C THR A 146 -8.39 -31.20 -20.35
N ASN A 147 -9.11 -31.41 -21.44
CA ASN A 147 -8.54 -32.08 -22.61
C ASN A 147 -7.69 -31.12 -23.44
N VAL A 148 -8.27 -30.01 -23.88
CA VAL A 148 -7.52 -29.06 -24.65
C VAL A 148 -6.17 -28.87 -23.98
N THR A 149 -6.15 -29.01 -22.65
CA THR A 149 -4.93 -28.86 -21.87
C THR A 149 -3.95 -30.02 -21.92
N PHE A 150 -4.42 -31.24 -21.67
CA PHE A 150 -3.49 -32.35 -21.73
C PHE A 150 -2.93 -32.57 -23.12
N ASP A 151 -3.72 -32.29 -24.15
CA ASP A 151 -3.23 -32.45 -25.51
C ASP A 151 -2.08 -31.48 -25.69
N TYR A 152 -2.36 -30.20 -25.43
CA TYR A 152 -1.33 -29.17 -25.52
C TYR A 152 -0.12 -29.58 -24.70
N LEU A 153 -0.32 -30.25 -23.57
CA LEU A 153 0.81 -30.66 -22.75
C LEU A 153 1.72 -31.58 -23.53
N HIS A 154 1.13 -32.64 -24.11
CA HIS A 154 1.87 -33.61 -24.91
C HIS A 154 2.47 -32.84 -26.06
N ALA A 155 1.58 -32.20 -26.80
CA ALA A 155 1.92 -31.41 -27.96
C ALA A 155 3.22 -30.62 -27.86
N THR A 156 3.59 -30.20 -26.65
CA THR A 156 4.80 -29.45 -26.43
C THR A 156 5.84 -30.23 -25.63
N ALA A 157 5.38 -31.10 -24.73
CA ALA A 157 6.29 -31.90 -23.92
C ALA A 157 7.07 -32.87 -24.81
N PHE A 158 6.39 -33.43 -25.82
CA PHE A 158 7.00 -34.37 -26.75
C PHE A 158 7.09 -33.74 -28.11
N GLN A 159 6.98 -32.43 -28.17
CA GLN A 159 7.04 -31.70 -29.44
C GLN A 159 8.03 -32.28 -30.42
N GLY A 160 7.64 -32.26 -31.69
CA GLY A 160 8.48 -32.78 -32.75
C GLY A 160 8.43 -34.28 -32.97
N THR A 161 7.76 -35.00 -32.09
CA THR A 161 7.69 -36.46 -32.22
C THR A 161 6.27 -36.95 -32.47
N ALA A 162 6.10 -38.27 -32.33
CA ALA A 162 4.82 -38.96 -32.54
C ALA A 162 3.87 -38.77 -31.38
N LEU A 163 4.36 -38.81 -30.16
CA LEU A 163 3.51 -38.63 -29.00
C LEU A 163 2.83 -37.27 -28.95
N ALA A 164 3.45 -36.29 -29.61
CA ALA A 164 2.92 -34.93 -29.62
C ALA A 164 1.66 -34.74 -30.47
N ARG A 165 1.05 -35.84 -30.90
CA ARG A 165 -0.16 -35.78 -31.71
C ARG A 165 -1.39 -36.15 -30.92
N THR A 166 -2.51 -35.52 -31.26
CA THR A 166 -3.79 -35.79 -30.62
C THR A 166 -4.29 -37.13 -31.16
N VAL A 167 -5.15 -37.82 -30.41
CA VAL A 167 -5.67 -39.10 -30.86
C VAL A 167 -6.67 -38.93 -32.01
N GLU A 168 -7.51 -37.92 -31.91
CA GLU A 168 -8.51 -37.62 -32.93
C GLU A 168 -7.89 -37.16 -34.25
N GLY A 169 -6.64 -36.70 -34.18
CA GLY A 169 -5.98 -36.25 -35.38
C GLY A 169 -6.37 -34.85 -35.82
N THR A 170 -5.79 -34.41 -36.94
CA THR A 170 -6.02 -33.08 -37.52
C THR A 170 -7.39 -32.95 -38.13
N THR A 171 -7.67 -31.77 -38.69
CA THR A 171 -8.94 -31.49 -39.33
C THR A 171 -8.76 -31.86 -40.79
N GLU A 172 -7.59 -31.55 -41.33
CA GLU A 172 -7.31 -31.85 -42.72
C GLU A 172 -7.27 -33.34 -42.98
N ASN A 173 -6.80 -34.11 -41.99
CA ASN A 173 -6.76 -35.56 -42.09
C ASN A 173 -8.17 -36.14 -42.13
N ILE A 174 -8.97 -35.78 -41.14
CA ILE A 174 -10.33 -36.27 -41.10
C ILE A 174 -11.13 -35.84 -42.32
N LYS A 175 -10.81 -34.69 -42.89
CA LYS A 175 -11.52 -34.21 -44.08
C LYS A 175 -11.12 -34.95 -45.36
N HIS A 176 -9.92 -35.54 -45.34
CA HIS A 176 -9.43 -36.23 -46.52
C HIS A 176 -9.09 -37.71 -46.39
N LEU A 177 -9.02 -38.24 -45.16
CA LEU A 177 -8.68 -39.65 -45.01
C LEU A 177 -9.58 -40.47 -45.94
N THR A 178 -8.95 -41.39 -46.68
CA THR A 178 -9.64 -42.24 -47.65
C THR A 178 -9.86 -43.68 -47.20
N ARG A 179 -10.85 -44.32 -47.83
CA ARG A 179 -11.16 -45.70 -47.53
C ARG A 179 -9.86 -46.50 -47.47
N ALA A 180 -9.00 -46.24 -48.44
CA ALA A 180 -7.71 -46.91 -48.52
C ALA A 180 -6.93 -46.89 -47.21
N ASP A 181 -6.75 -45.70 -46.65
CA ASP A 181 -5.99 -45.51 -45.42
C ASP A 181 -6.53 -46.23 -44.21
N LEU A 182 -7.85 -46.18 -44.06
CA LEU A 182 -8.46 -46.85 -42.92
C LEU A 182 -8.18 -48.33 -43.10
N ALA A 183 -8.39 -48.80 -44.32
CA ALA A 183 -8.14 -50.19 -44.65
C ALA A 183 -6.70 -50.54 -44.27
N SER A 184 -5.74 -49.86 -44.92
CA SER A 184 -4.32 -50.08 -44.70
C SER A 184 -3.94 -49.96 -43.22
N TYR A 185 -4.65 -49.13 -42.47
CA TYR A 185 -4.36 -48.96 -41.04
C TYR A 185 -4.72 -50.25 -40.30
N ILE A 186 -5.91 -50.77 -40.58
CA ILE A 186 -6.39 -51.98 -39.95
C ILE A 186 -5.43 -53.10 -40.31
N ASP A 187 -5.10 -53.17 -41.60
CA ASP A 187 -4.21 -54.18 -42.16
C ASP A 187 -2.84 -54.18 -41.50
N THR A 188 -2.25 -53.00 -41.36
CA THR A 188 -0.92 -52.86 -40.79
C THR A 188 -0.86 -52.97 -39.28
N HIS A 189 -1.91 -52.52 -38.60
CA HIS A 189 -1.91 -52.54 -37.14
C HIS A 189 -2.76 -53.60 -36.47
N PHE A 190 -3.98 -53.81 -36.95
CA PHE A 190 -4.84 -54.81 -36.34
C PHE A 190 -4.37 -56.23 -36.68
N LYS A 191 -3.29 -56.64 -36.04
CA LYS A 191 -2.69 -57.96 -36.26
C LYS A 191 -2.49 -58.82 -35.00
N ALA A 192 -2.84 -60.09 -35.13
CA ALA A 192 -2.76 -61.09 -34.07
C ALA A 192 -1.66 -60.94 -33.00
N PRO A 193 -0.38 -60.97 -33.40
CA PRO A 193 0.69 -60.84 -32.39
C PRO A 193 0.58 -59.59 -31.52
N ARG A 194 -0.07 -58.57 -32.06
CA ARG A 194 -0.26 -57.29 -31.35
C ARG A 194 -1.62 -57.16 -30.64
N MET A 195 -2.46 -58.20 -30.71
CA MET A 195 -3.76 -58.16 -30.07
C MET A 195 -3.73 -59.08 -28.85
N VAL A 196 -4.75 -58.94 -28.00
CA VAL A 196 -4.86 -59.75 -26.80
C VAL A 196 -6.33 -59.92 -26.44
N LEU A 197 -6.80 -61.16 -26.54
CA LEU A 197 -8.18 -61.45 -26.20
C LEU A 197 -8.20 -61.68 -24.69
N ALA A 198 -8.83 -60.76 -23.99
CA ALA A 198 -8.91 -60.85 -22.54
C ALA A 198 -10.36 -60.96 -22.14
N ALA A 199 -10.61 -61.65 -21.04
CA ALA A 199 -11.96 -61.81 -20.55
C ALA A 199 -11.92 -62.22 -19.10
N ALA A 200 -12.98 -61.88 -18.37
CA ALA A 200 -13.06 -62.21 -16.96
C ALA A 200 -14.53 -62.34 -16.53
N GLY A 201 -14.76 -63.24 -15.58
CA GLY A 201 -16.09 -63.50 -15.06
C GLY A 201 -16.33 -65.01 -14.99
N GLY A 202 -17.57 -65.44 -15.23
CA GLY A 202 -17.86 -66.86 -15.19
C GLY A 202 -17.63 -67.48 -16.55
N ILE A 203 -16.37 -67.73 -16.89
CA ILE A 203 -16.01 -68.32 -18.19
C ILE A 203 -14.89 -69.33 -18.06
N SER A 204 -14.88 -70.34 -18.94
CA SER A 204 -13.85 -71.37 -18.94
C SER A 204 -12.67 -70.93 -19.79
N HIS A 205 -11.51 -70.80 -19.17
CA HIS A 205 -10.33 -70.39 -19.93
C HIS A 205 -10.22 -71.25 -21.16
N LYS A 206 -10.36 -72.56 -20.97
CA LYS A 206 -10.24 -73.49 -22.08
C LYS A 206 -11.26 -73.26 -23.19
N GLU A 207 -12.54 -73.11 -22.85
CA GLU A 207 -13.55 -72.88 -23.88
C GLU A 207 -13.25 -71.61 -24.65
N LEU A 208 -12.74 -70.63 -23.91
CA LEU A 208 -12.39 -69.34 -24.48
C LEU A 208 -11.31 -69.55 -25.52
N VAL A 209 -10.23 -70.18 -25.11
CA VAL A 209 -9.12 -70.43 -26.02
C VAL A 209 -9.57 -71.21 -27.28
N ASP A 210 -10.61 -72.03 -27.12
CA ASP A 210 -11.13 -72.81 -28.26
C ASP A 210 -11.80 -71.88 -29.25
N ALA A 211 -12.79 -71.13 -28.76
CA ALA A 211 -13.51 -70.17 -29.59
C ALA A 211 -12.53 -69.28 -30.34
N ALA A 212 -11.40 -69.00 -29.68
CA ALA A 212 -10.37 -68.18 -30.26
C ALA A 212 -9.76 -68.90 -31.44
N ARG A 213 -9.17 -70.07 -31.18
CA ARG A 213 -8.55 -70.87 -32.23
C ARG A 213 -9.45 -70.93 -33.45
N GLN A 214 -10.75 -70.96 -33.20
CA GLN A 214 -11.72 -71.08 -34.28
C GLN A 214 -11.96 -69.81 -35.11
N HIS A 215 -12.20 -68.67 -34.47
CA HIS A 215 -12.46 -67.43 -35.21
C HIS A 215 -11.26 -66.48 -35.39
N PHE A 216 -10.26 -66.60 -34.53
CA PHE A 216 -9.04 -65.78 -34.63
C PHE A 216 -8.03 -66.66 -35.37
N SER A 217 -8.33 -66.92 -36.65
CA SER A 217 -7.48 -67.78 -37.47
C SER A 217 -6.47 -67.02 -38.33
N GLY A 218 -5.47 -66.44 -37.67
CA GLY A 218 -4.44 -65.71 -38.39
C GLY A 218 -3.46 -66.66 -39.04
N VAL A 219 -2.91 -66.26 -40.19
CA VAL A 219 -1.94 -67.07 -40.91
C VAL A 219 -0.65 -66.27 -41.04
N SER A 220 0.43 -66.78 -40.47
CA SER A 220 1.72 -66.11 -40.53
C SER A 220 2.75 -66.93 -41.30
N PHE A 221 3.26 -66.37 -42.39
CA PHE A 221 4.24 -67.04 -43.22
C PHE A 221 5.68 -66.58 -42.99
N THR A 222 5.92 -65.29 -43.23
CA THR A 222 7.26 -64.72 -43.04
C THR A 222 7.51 -64.40 -41.58
N TYR A 223 8.66 -63.79 -41.30
CA TYR A 223 8.99 -63.41 -39.93
C TYR A 223 8.37 -62.04 -39.64
N LYS A 224 8.24 -61.25 -40.71
CA LYS A 224 7.65 -59.92 -40.63
C LYS A 224 6.34 -59.94 -39.85
N GLU A 225 5.39 -60.75 -40.31
CA GLU A 225 4.08 -60.87 -39.69
C GLU A 225 4.13 -61.21 -38.20
N ASP A 226 5.12 -62.01 -37.81
CA ASP A 226 5.27 -62.45 -36.42
C ASP A 226 6.07 -61.52 -35.52
N ALA A 227 6.61 -60.46 -36.10
CA ALA A 227 7.41 -59.49 -35.34
C ALA A 227 6.57 -58.34 -34.80
N VAL A 228 6.91 -57.89 -33.61
CA VAL A 228 6.22 -56.77 -32.96
C VAL A 228 7.16 -55.57 -33.10
N PRO A 229 6.85 -54.64 -34.02
CA PRO A 229 7.72 -53.48 -34.22
C PRO A 229 8.03 -52.68 -32.96
N ILE A 230 9.21 -52.07 -32.96
CA ILE A 230 9.64 -51.23 -31.86
C ILE A 230 9.53 -49.84 -32.47
N LEU A 231 8.96 -48.92 -31.69
CA LEU A 231 8.74 -47.54 -32.13
C LEU A 231 9.91 -46.60 -31.88
N PRO A 232 10.14 -45.67 -32.81
CA PRO A 232 11.23 -44.70 -32.70
C PRO A 232 10.93 -43.81 -31.48
N ARG A 233 11.92 -43.71 -30.60
CA ARG A 233 11.79 -42.94 -29.36
C ARG A 233 11.24 -41.53 -29.49
N CYS A 234 10.59 -41.08 -28.42
CA CYS A 234 10.03 -39.73 -28.33
C CYS A 234 10.86 -38.84 -27.40
N ARG A 235 11.31 -37.71 -27.93
CA ARG A 235 12.13 -36.77 -27.17
C ARG A 235 11.36 -35.77 -26.33
N PHE A 236 11.68 -35.76 -25.04
CA PHE A 236 11.04 -34.84 -24.09
C PHE A 236 11.74 -33.48 -24.15
N THR A 237 10.95 -32.41 -24.21
CA THR A 237 11.50 -31.06 -24.30
C THR A 237 10.95 -30.17 -23.21
N GLY A 238 11.80 -29.64 -22.36
CA GLY A 238 11.32 -28.76 -21.32
C GLY A 238 10.86 -27.47 -22.01
N SER A 239 9.55 -27.29 -22.10
CA SER A 239 9.05 -26.11 -22.76
C SER A 239 7.67 -25.71 -22.25
N GLU A 240 7.04 -24.79 -22.95
CA GLU A 240 5.73 -24.34 -22.56
C GLU A 240 4.92 -23.87 -23.76
N ILE A 241 3.60 -23.94 -23.60
CA ILE A 241 2.68 -23.48 -24.63
C ILE A 241 1.59 -22.78 -23.85
N ARG A 242 1.40 -21.49 -24.14
CA ARG A 242 0.41 -20.67 -23.44
C ARG A 242 -0.68 -20.23 -24.39
N ALA A 243 -1.87 -20.76 -24.17
CA ALA A 243 -3.04 -20.45 -24.98
C ALA A 243 -3.90 -19.54 -24.15
N ARG A 244 -3.85 -18.25 -24.42
CA ARG A 244 -4.60 -17.32 -23.60
C ARG A 244 -5.89 -16.88 -24.23
N ASP A 245 -6.87 -16.69 -23.34
CA ASP A 245 -8.23 -16.25 -23.66
C ASP A 245 -8.81 -15.77 -22.35
N ASP A 246 -8.66 -14.50 -22.06
CA ASP A 246 -9.16 -13.95 -20.82
C ASP A 246 -10.67 -13.99 -20.75
N ALA A 247 -11.32 -14.48 -21.80
CA ALA A 247 -12.77 -14.55 -21.80
C ALA A 247 -13.34 -15.85 -21.20
N LEU A 248 -12.47 -16.81 -20.90
CA LEU A 248 -12.91 -18.06 -20.30
C LEU A 248 -12.96 -17.80 -18.81
N PRO A 249 -13.92 -18.43 -18.12
CA PRO A 249 -14.21 -18.35 -16.69
C PRO A 249 -13.08 -18.72 -15.76
N VAL A 250 -12.37 -19.80 -16.08
CA VAL A 250 -11.27 -20.18 -15.23
C VAL A 250 -10.05 -20.57 -16.06
N ALA A 251 -8.90 -20.70 -15.42
CA ALA A 251 -7.69 -21.07 -16.13
C ALA A 251 -7.28 -22.50 -15.77
N HIS A 252 -6.64 -23.17 -16.73
CA HIS A 252 -6.18 -24.52 -16.56
C HIS A 252 -4.68 -24.56 -16.72
N VAL A 253 -3.98 -25.24 -15.83
CA VAL A 253 -2.53 -25.30 -15.93
C VAL A 253 -2.07 -26.72 -15.67
N ALA A 254 -1.10 -27.20 -16.45
CA ALA A 254 -0.59 -28.55 -16.26
C ALA A 254 0.93 -28.51 -16.32
N LEU A 255 1.60 -29.16 -15.35
CA LEU A 255 3.06 -29.14 -15.32
C LEU A 255 3.58 -30.57 -15.18
N ALA A 256 4.59 -30.94 -15.98
CA ALA A 256 5.10 -32.30 -15.91
C ALA A 256 6.56 -32.47 -16.29
N VAL A 257 7.15 -33.58 -15.84
CA VAL A 257 8.53 -33.97 -16.14
C VAL A 257 8.41 -35.31 -16.84
N GLU A 258 9.43 -35.72 -17.58
CA GLU A 258 9.37 -37.00 -18.28
C GLU A 258 9.30 -38.17 -17.29
N GLY A 259 8.44 -39.15 -17.61
CA GLY A 259 8.27 -40.34 -16.78
C GLY A 259 9.13 -41.52 -17.23
N PRO A 260 9.27 -42.57 -16.40
CA PRO A 260 10.10 -43.70 -16.83
C PRO A 260 9.49 -44.60 -17.90
N GLY A 261 8.23 -44.99 -17.71
CA GLY A 261 7.59 -45.88 -18.66
C GLY A 261 7.26 -47.19 -17.98
N TRP A 262 6.12 -47.78 -18.36
CA TRP A 262 5.63 -49.04 -17.81
C TRP A 262 6.67 -49.95 -17.15
N ALA A 263 7.64 -50.38 -17.94
CA ALA A 263 8.70 -51.28 -17.48
C ALA A 263 9.28 -51.02 -16.06
N ASP A 264 9.85 -49.84 -15.86
CA ASP A 264 10.49 -49.44 -14.60
C ASP A 264 9.68 -49.62 -13.30
N PRO A 265 10.29 -50.29 -12.30
CA PRO A 265 9.68 -50.55 -10.99
C PRO A 265 9.41 -49.26 -10.21
N ASP A 266 10.16 -48.22 -10.53
CA ASP A 266 10.00 -46.93 -9.86
C ASP A 266 8.58 -46.41 -9.98
N ASN A 267 7.91 -46.76 -11.08
CA ASN A 267 6.55 -46.31 -11.27
C ASN A 267 5.73 -46.52 -10.00
N VAL A 268 6.05 -47.57 -9.25
CA VAL A 268 5.34 -47.85 -8.01
C VAL A 268 5.55 -46.68 -7.06
N VAL A 269 6.83 -46.42 -6.74
CA VAL A 269 7.19 -45.32 -5.84
C VAL A 269 6.51 -44.04 -6.28
N LEU A 270 6.61 -43.73 -7.57
CA LEU A 270 6.00 -42.52 -8.10
C LEU A 270 4.53 -42.43 -7.77
N HIS A 271 3.81 -43.56 -7.80
CA HIS A 271 2.38 -43.56 -7.48
C HIS A 271 2.14 -43.37 -6.00
N VAL A 272 3.07 -43.84 -5.19
CA VAL A 272 2.98 -43.68 -3.74
C VAL A 272 3.12 -42.17 -3.54
N ALA A 273 4.16 -41.61 -4.14
CA ALA A 273 4.43 -40.18 -4.07
C ALA A 273 3.15 -39.42 -4.39
N ASN A 274 2.57 -39.69 -5.57
CA ASN A 274 1.35 -39.04 -6.01
C ASN A 274 0.20 -39.14 -5.01
N ALA A 275 0.26 -40.17 -4.16
CA ALA A 275 -0.79 -40.36 -3.16
C ALA A 275 -0.65 -39.41 -1.99
N ILE A 276 0.61 -39.06 -1.67
CA ILE A 276 0.90 -38.15 -0.58
C ILE A 276 0.32 -36.76 -0.90
N ILE A 277 0.42 -36.34 -2.15
CA ILE A 277 -0.11 -35.06 -2.59
C ILE A 277 -1.58 -35.23 -2.92
N GLY A 278 -1.91 -36.35 -3.55
CA GLY A 278 -3.29 -36.68 -3.92
C GLY A 278 -4.01 -35.71 -4.83
N ARG A 279 -5.28 -35.48 -4.57
CA ARG A 279 -6.09 -34.57 -5.37
C ARG A 279 -7.20 -33.97 -4.50
N TYR A 280 -7.82 -32.90 -5.02
CA TYR A 280 -8.89 -32.21 -4.31
C TYR A 280 -9.82 -31.53 -5.29
N ASP A 281 -10.97 -31.09 -4.79
CA ASP A 281 -11.94 -30.40 -5.61
C ASP A 281 -13.07 -29.84 -4.74
N ARG A 282 -13.62 -28.72 -5.17
CA ARG A 282 -14.71 -27.98 -4.51
C ARG A 282 -15.76 -28.70 -3.65
N THR A 283 -16.07 -29.97 -3.95
CA THR A 283 -17.10 -30.70 -3.21
C THR A 283 -16.63 -31.71 -2.18
N PHE A 284 -15.32 -31.79 -1.94
CA PHE A 284 -14.81 -32.72 -0.94
C PHE A 284 -15.31 -32.24 0.41
N GLY A 285 -15.87 -33.16 1.18
CA GLY A 285 -16.40 -32.79 2.48
C GLY A 285 -15.29 -32.61 3.50
N GLY A 286 -14.22 -33.38 3.32
CA GLY A 286 -13.07 -33.34 4.21
C GLY A 286 -12.71 -31.93 4.62
N GLY A 287 -12.47 -31.10 3.59
CA GLY A 287 -12.13 -29.70 3.80
C GLY A 287 -10.77 -29.44 4.41
N LYS A 288 -10.73 -28.40 5.23
CA LYS A 288 -9.50 -27.97 5.89
C LYS A 288 -8.76 -29.03 6.68
N HIS A 289 -9.36 -30.21 6.79
CA HIS A 289 -8.74 -31.29 7.55
C HIS A 289 -8.09 -32.39 6.73
N LEU A 290 -8.32 -32.38 5.42
CA LEU A 290 -7.75 -33.38 4.52
C LEU A 290 -6.26 -33.53 4.82
N SER A 291 -5.78 -34.76 4.72
CA SER A 291 -4.39 -35.08 5.00
C SER A 291 -3.37 -34.53 3.98
N SER A 292 -3.85 -34.27 2.77
CA SER A 292 -3.01 -33.74 1.71
C SER A 292 -2.70 -32.25 1.94
N ARG A 293 -1.46 -31.98 2.34
CA ARG A 293 -1.03 -30.62 2.61
C ARG A 293 -1.57 -29.62 1.59
N LEU A 294 -1.36 -29.90 0.32
CA LEU A 294 -1.81 -29.01 -0.76
C LEU A 294 -3.33 -28.81 -0.80
N ALA A 295 -4.08 -29.86 -0.47
CA ALA A 295 -5.53 -29.78 -0.46
C ALA A 295 -5.95 -28.83 0.67
N ALA A 296 -5.22 -28.89 1.79
CA ALA A 296 -5.50 -28.03 2.94
C ALA A 296 -5.37 -26.58 2.51
N LEU A 297 -4.15 -26.21 2.08
CA LEU A 297 -3.86 -24.87 1.62
C LEU A 297 -4.88 -24.48 0.58
N ALA A 298 -5.15 -25.39 -0.34
CA ALA A 298 -6.12 -25.13 -1.38
C ALA A 298 -7.44 -24.66 -0.76
N VAL A 299 -7.80 -25.28 0.36
CA VAL A 299 -9.04 -24.98 1.08
C VAL A 299 -8.95 -23.70 1.90
N GLU A 300 -7.88 -23.57 2.67
CA GLU A 300 -7.68 -22.40 3.49
C GLU A 300 -7.76 -21.14 2.63
N HIS A 301 -6.88 -21.06 1.65
CA HIS A 301 -6.79 -19.90 0.79
C HIS A 301 -7.64 -19.84 -0.47
N LYS A 302 -8.45 -20.86 -0.73
CA LYS A 302 -9.26 -20.86 -1.95
C LYS A 302 -8.35 -20.77 -3.18
N LEU A 303 -7.36 -21.64 -3.23
CA LEU A 303 -6.41 -21.66 -4.31
C LEU A 303 -6.97 -22.18 -5.61
N CYS A 304 -7.91 -23.12 -5.55
CA CYS A 304 -8.46 -23.65 -6.80
C CYS A 304 -9.86 -24.25 -6.74
N HIS A 305 -10.26 -24.82 -7.87
CA HIS A 305 -11.56 -25.46 -8.04
C HIS A 305 -11.32 -26.96 -8.03
N SER A 306 -10.07 -27.33 -8.31
CA SER A 306 -9.67 -28.72 -8.35
C SER A 306 -8.21 -28.83 -8.78
N PHE A 307 -7.59 -29.95 -8.46
CA PHE A 307 -6.22 -30.17 -8.83
C PHE A 307 -6.02 -31.67 -8.75
N GLN A 308 -5.05 -32.21 -9.46
CA GLN A 308 -4.84 -33.64 -9.46
C GLN A 308 -3.45 -34.03 -9.90
N THR A 309 -2.88 -35.02 -9.22
CA THR A 309 -1.55 -35.50 -9.59
C THR A 309 -1.83 -36.53 -10.68
N PHE A 310 -0.80 -36.94 -11.40
CA PHE A 310 -0.99 -37.93 -12.46
C PHE A 310 0.32 -38.53 -12.87
N ASN A 311 0.31 -39.83 -13.14
CA ASN A 311 1.50 -40.52 -13.59
C ASN A 311 1.16 -41.34 -14.82
N THR A 312 1.00 -40.65 -15.93
CA THR A 312 0.71 -41.29 -17.20
C THR A 312 1.99 -41.98 -17.67
N SER A 313 1.88 -43.27 -18.01
CA SER A 313 3.04 -44.03 -18.45
C SER A 313 2.87 -44.45 -19.89
N TYR A 314 3.98 -44.70 -20.56
CA TYR A 314 3.95 -45.18 -21.94
C TYR A 314 5.02 -46.23 -22.03
N SER A 315 5.11 -46.87 -23.18
CA SER A 315 6.10 -47.91 -23.43
C SER A 315 7.50 -47.57 -22.93
N ASP A 316 8.10 -46.58 -23.61
CA ASP A 316 9.46 -46.10 -23.35
C ASP A 316 9.58 -44.79 -22.58
N THR A 317 8.49 -44.03 -22.51
CA THR A 317 8.52 -42.74 -21.84
C THR A 317 7.41 -42.49 -20.79
N GLY A 318 7.00 -41.24 -20.62
CA GLY A 318 5.96 -40.92 -19.64
C GLY A 318 5.78 -39.44 -19.30
N LEU A 319 4.80 -39.12 -18.46
CA LEU A 319 4.52 -37.74 -18.03
C LEU A 319 4.10 -37.78 -16.58
N PHE A 320 4.88 -37.17 -15.71
CA PHE A 320 4.57 -37.18 -14.29
C PHE A 320 4.34 -35.75 -13.85
N GLY A 321 3.11 -35.41 -13.49
CA GLY A 321 2.90 -34.04 -13.06
C GLY A 321 1.67 -33.75 -12.23
N PHE A 322 0.98 -32.67 -12.61
CA PHE A 322 -0.23 -32.28 -11.94
C PHE A 322 -1.00 -31.23 -12.78
N HIS A 323 -2.29 -31.13 -12.49
CA HIS A 323 -3.19 -30.25 -13.21
C HIS A 323 -4.18 -29.61 -12.26
N PHE A 324 -4.26 -28.28 -12.28
CA PHE A 324 -5.24 -27.60 -11.43
C PHE A 324 -6.06 -26.60 -12.23
N VAL A 325 -7.23 -26.26 -11.72
CA VAL A 325 -8.14 -25.32 -12.35
C VAL A 325 -8.32 -24.23 -11.31
N ALA A 326 -8.30 -22.97 -11.72
CA ALA A 326 -8.47 -21.92 -10.74
C ALA A 326 -8.91 -20.64 -11.39
N ASP A 327 -9.16 -19.65 -10.53
CA ASP A 327 -9.60 -18.35 -11.00
C ASP A 327 -8.39 -17.58 -11.41
N PRO A 328 -8.55 -16.69 -12.39
CA PRO A 328 -7.45 -15.88 -12.88
C PRO A 328 -6.54 -15.32 -11.83
N LEU A 329 -7.12 -14.83 -10.74
CA LEU A 329 -6.34 -14.19 -9.67
C LEU A 329 -5.68 -15.05 -8.59
N SER A 330 -5.73 -16.37 -8.72
CA SER A 330 -5.09 -17.19 -7.72
C SER A 330 -4.18 -18.24 -8.36
N ILE A 331 -4.04 -18.18 -9.67
CA ILE A 331 -3.21 -19.14 -10.36
C ILE A 331 -1.84 -19.09 -9.76
N ASP A 332 -1.31 -17.89 -9.51
CA ASP A 332 0.04 -17.80 -9.00
C ASP A 332 0.31 -18.50 -7.68
N ASP A 333 -0.50 -18.20 -6.68
CA ASP A 333 -0.29 -18.82 -5.37
C ASP A 333 -0.42 -20.33 -5.45
N MET A 334 -1.39 -20.83 -6.20
CA MET A 334 -1.59 -22.27 -6.33
C MET A 334 -0.34 -22.92 -6.92
N MET A 335 0.11 -22.39 -8.04
CA MET A 335 1.29 -22.87 -8.73
C MET A 335 2.44 -22.87 -7.75
N PHE A 336 2.49 -21.82 -6.93
CA PHE A 336 3.54 -21.67 -5.95
C PHE A 336 3.50 -22.77 -4.90
N CYS A 337 2.33 -22.99 -4.32
CA CYS A 337 2.15 -24.02 -3.29
C CYS A 337 2.38 -25.37 -3.90
N ALA A 338 1.91 -25.53 -5.14
CA ALA A 338 2.04 -26.79 -5.83
C ALA A 338 3.50 -27.22 -5.99
N GLN A 339 4.32 -26.40 -6.64
CA GLN A 339 5.71 -26.78 -6.82
C GLN A 339 6.28 -27.01 -5.44
N GLY A 340 5.83 -26.18 -4.50
CA GLY A 340 6.30 -26.30 -3.13
C GLY A 340 6.18 -27.71 -2.61
N GLU A 341 5.01 -28.32 -2.82
CA GLU A 341 4.76 -29.67 -2.35
C GLU A 341 5.55 -30.72 -3.09
N TRP A 342 6.01 -30.40 -4.29
CA TRP A 342 6.80 -31.34 -5.05
C TRP A 342 8.16 -31.37 -4.39
N MET A 343 8.69 -30.18 -4.12
CA MET A 343 9.99 -30.07 -3.48
C MET A 343 9.97 -30.72 -2.11
N ARG A 344 8.81 -30.69 -1.46
CA ARG A 344 8.69 -31.29 -0.14
C ARG A 344 8.80 -32.79 -0.28
N LEU A 345 8.57 -33.29 -1.49
CA LEU A 345 8.67 -34.72 -1.77
C LEU A 345 10.12 -35.14 -1.91
N CYS A 346 10.89 -34.39 -2.70
CA CYS A 346 12.28 -34.73 -2.93
C CYS A 346 13.17 -34.51 -1.71
N THR A 347 12.72 -33.73 -0.75
CA THR A 347 13.56 -33.45 0.41
C THR A 347 13.13 -33.82 1.81
N SER A 348 11.86 -33.63 2.17
CA SER A 348 11.45 -33.93 3.54
C SER A 348 10.17 -34.75 3.74
N THR A 349 10.07 -35.87 3.03
CA THR A 349 8.92 -36.75 3.16
C THR A 349 9.13 -37.55 4.46
N THR A 350 8.06 -37.74 5.23
CA THR A 350 8.15 -38.48 6.49
C THR A 350 7.58 -39.89 6.37
N GLU A 351 7.74 -40.69 7.41
CA GLU A 351 7.23 -42.06 7.38
C GLU A 351 5.72 -42.07 7.54
N SER A 352 5.18 -41.07 8.22
CA SER A 352 3.74 -40.96 8.44
C SER A 352 3.04 -40.72 7.11
N GLU A 353 3.59 -39.83 6.30
CA GLU A 353 3.03 -39.49 5.00
C GLU A 353 3.02 -40.70 4.07
N VAL A 354 4.11 -41.47 4.04
CA VAL A 354 4.19 -42.64 3.18
C VAL A 354 3.25 -43.75 3.63
N LYS A 355 3.13 -43.95 4.94
CA LYS A 355 2.23 -44.99 5.46
C LYS A 355 0.86 -44.76 4.85
N ARG A 356 0.29 -43.59 5.09
CA ARG A 356 -1.02 -43.30 4.53
C ARG A 356 -0.99 -43.45 3.02
N ALA A 357 0.04 -42.90 2.40
CA ALA A 357 0.19 -42.96 0.94
C ALA A 357 0.01 -44.38 0.45
N LYS A 358 0.69 -45.31 1.10
CA LYS A 358 0.59 -46.71 0.71
C LYS A 358 -0.84 -47.23 0.83
N ASN A 359 -1.48 -47.01 1.97
CA ASN A 359 -2.86 -47.48 2.19
C ASN A 359 -3.83 -46.92 1.20
N HIS A 360 -3.60 -45.67 0.79
CA HIS A 360 -4.48 -45.02 -0.17
C HIS A 360 -4.28 -45.66 -1.56
N LEU A 361 -3.03 -46.03 -1.86
CA LEU A 361 -2.71 -46.63 -3.15
C LEU A 361 -3.30 -48.03 -3.22
N ARG A 362 -3.14 -48.78 -2.14
CA ARG A 362 -3.66 -50.15 -2.03
C ARG A 362 -5.15 -50.22 -2.36
N SER A 363 -5.92 -49.34 -1.74
CA SER A 363 -7.36 -49.29 -1.96
C SER A 363 -7.74 -48.89 -3.39
N ALA A 364 -6.97 -47.96 -3.96
CA ALA A 364 -7.24 -47.52 -5.32
C ALA A 364 -6.90 -48.65 -6.26
N MET A 365 -5.90 -49.44 -5.86
CA MET A 365 -5.40 -50.59 -6.62
C MET A 365 -6.43 -51.71 -6.70
N VAL A 366 -7.29 -51.77 -5.67
CA VAL A 366 -8.34 -52.75 -5.58
C VAL A 366 -9.58 -52.24 -6.30
N ALA A 367 -9.88 -50.96 -6.12
CA ALA A 367 -11.03 -50.34 -6.78
C ALA A 367 -10.81 -50.33 -8.29
N GLN A 368 -9.61 -50.71 -8.69
CA GLN A 368 -9.23 -50.79 -10.09
C GLN A 368 -9.96 -52.00 -10.67
N LEU A 369 -10.13 -53.00 -9.82
CA LEU A 369 -10.75 -54.26 -10.19
C LEU A 369 -12.14 -54.43 -9.57
N ASP A 370 -13.00 -53.45 -9.80
CA ASP A 370 -14.36 -53.47 -9.25
C ASP A 370 -15.37 -53.63 -10.39
N GLY A 371 -15.39 -54.83 -10.94
CA GLY A 371 -16.29 -55.16 -12.04
C GLY A 371 -15.55 -56.07 -13.00
N THR A 372 -16.26 -56.61 -13.98
CA THR A 372 -15.63 -57.49 -14.95
C THR A 372 -14.93 -56.65 -16.01
N THR A 373 -15.54 -55.51 -16.36
CA THR A 373 -14.93 -54.63 -17.35
C THR A 373 -13.56 -54.17 -16.82
N PRO A 374 -13.52 -53.62 -15.60
CA PRO A 374 -12.24 -53.18 -15.04
C PRO A 374 -11.18 -54.28 -14.97
N VAL A 375 -11.55 -55.48 -14.51
CA VAL A 375 -10.60 -56.59 -14.41
C VAL A 375 -10.11 -57.03 -15.77
N CYS A 376 -11.00 -56.92 -16.76
CA CYS A 376 -10.68 -57.29 -18.13
C CYS A 376 -9.71 -56.27 -18.72
N GLU A 377 -9.91 -55.02 -18.32
CA GLU A 377 -9.09 -53.90 -18.78
C GLU A 377 -7.69 -54.02 -18.22
N THR A 378 -7.59 -54.48 -16.98
CA THR A 378 -6.31 -54.68 -16.30
C THR A 378 -5.50 -55.76 -17.00
N ILE A 379 -6.18 -56.86 -17.28
CA ILE A 379 -5.58 -58.00 -17.95
C ILE A 379 -5.18 -57.61 -19.37
N GLY A 380 -6.06 -56.91 -20.07
CA GLY A 380 -5.76 -56.49 -21.43
C GLY A 380 -4.52 -55.61 -21.51
N SER A 381 -4.48 -54.62 -20.62
CA SER A 381 -3.36 -53.68 -20.56
C SER A 381 -2.13 -54.22 -19.87
N HIS A 382 -2.26 -55.26 -19.06
CA HIS A 382 -1.07 -55.78 -18.41
C HIS A 382 -0.23 -56.55 -19.40
N LEU A 383 -0.85 -57.47 -20.15
CA LEU A 383 -0.10 -58.26 -21.12
C LEU A 383 0.49 -57.35 -22.16
N LEU A 384 -0.37 -56.48 -22.71
CA LEU A 384 0.04 -55.57 -23.73
C LEU A 384 1.23 -54.67 -23.32
N ASN A 385 1.26 -54.20 -22.06
CA ASN A 385 2.33 -53.32 -21.57
C ASN A 385 3.41 -53.92 -20.65
N TYR A 386 3.02 -54.50 -19.52
CA TYR A 386 3.97 -55.10 -18.58
C TYR A 386 4.49 -56.48 -19.02
N GLY A 387 3.94 -57.02 -20.11
CA GLY A 387 4.36 -58.33 -20.60
C GLY A 387 3.45 -59.48 -20.17
N ARG A 388 3.32 -59.68 -18.86
CA ARG A 388 2.48 -60.73 -18.31
C ARG A 388 1.37 -60.07 -17.48
N ARG A 389 0.90 -60.74 -16.44
CA ARG A 389 -0.13 -60.16 -15.60
C ARG A 389 0.49 -59.95 -14.25
N ILE A 390 0.17 -58.82 -13.63
CA ILE A 390 0.71 -58.52 -12.32
C ILE A 390 -0.41 -58.62 -11.29
N SER A 391 -0.27 -59.61 -10.42
CA SER A 391 -1.23 -59.90 -9.35
C SER A 391 -1.27 -58.87 -8.24
N LEU A 392 -2.42 -58.75 -7.60
CA LEU A 392 -2.55 -57.81 -6.49
C LEU A 392 -1.62 -58.19 -5.36
N GLU A 393 -1.42 -59.49 -5.14
CA GLU A 393 -0.53 -59.92 -4.07
C GLU A 393 0.87 -59.42 -4.35
N GLU A 394 1.24 -59.37 -5.63
CA GLU A 394 2.56 -58.89 -6.02
C GLU A 394 2.61 -57.37 -5.85
N TRP A 395 1.70 -56.66 -6.52
CA TRP A 395 1.63 -55.20 -6.42
C TRP A 395 1.81 -54.81 -4.96
N ASP A 396 0.98 -55.39 -4.11
CA ASP A 396 1.02 -55.09 -2.70
C ASP A 396 2.38 -55.33 -2.04
N SER A 397 3.13 -56.32 -2.48
CA SER A 397 4.45 -56.54 -1.88
C SER A 397 5.38 -55.37 -2.23
N ARG A 398 5.30 -54.92 -3.48
CA ARG A 398 6.11 -53.81 -3.98
C ARG A 398 5.77 -52.50 -3.27
N ILE A 399 4.48 -52.28 -3.09
CA ILE A 399 3.95 -51.09 -2.43
C ILE A 399 4.34 -51.03 -0.96
N SER A 400 4.56 -52.19 -0.35
CA SER A 400 4.96 -52.22 1.05
C SER A 400 6.46 -51.98 1.17
N ALA A 401 7.22 -52.40 0.16
CA ALA A 401 8.67 -52.24 0.15
C ALA A 401 9.08 -50.77 0.24
N VAL A 402 8.21 -49.89 -0.24
CA VAL A 402 8.46 -48.44 -0.25
C VAL A 402 8.44 -47.79 1.12
N ASP A 403 9.25 -46.74 1.27
CA ASP A 403 9.37 -45.97 2.51
C ASP A 403 9.82 -44.54 2.21
N ALA A 404 10.11 -43.77 3.25
CA ALA A 404 10.55 -42.40 3.06
C ALA A 404 11.75 -42.35 2.11
N ARG A 405 12.92 -42.69 2.62
CA ARG A 405 14.17 -42.69 1.83
C ARG A 405 13.95 -43.05 0.37
N MET A 406 13.11 -44.04 0.10
CA MET A 406 12.87 -44.45 -1.27
C MET A 406 12.16 -43.36 -2.06
N VAL A 407 11.08 -42.81 -1.49
CA VAL A 407 10.31 -41.75 -2.14
C VAL A 407 11.21 -40.57 -2.45
N ARG A 408 11.91 -40.09 -1.44
CA ARG A 408 12.80 -38.96 -1.64
C ARG A 408 13.81 -39.24 -2.74
N ASP A 409 14.53 -40.36 -2.65
CA ASP A 409 15.52 -40.69 -3.67
C ASP A 409 14.97 -40.80 -5.07
N VAL A 410 13.70 -41.20 -5.21
CA VAL A 410 13.07 -41.34 -6.52
C VAL A 410 12.52 -40.03 -7.07
N CYS A 411 11.78 -39.30 -6.23
CA CYS A 411 11.24 -38.02 -6.67
C CYS A 411 12.41 -37.11 -7.03
N SER A 412 13.49 -37.20 -6.27
CA SER A 412 14.68 -36.39 -6.54
C SER A 412 15.22 -36.82 -7.90
N LYS A 413 15.09 -38.10 -8.19
CA LYS A 413 15.59 -38.63 -9.44
C LYS A 413 14.88 -38.05 -10.67
N TYR A 414 13.55 -37.98 -10.63
CA TYR A 414 12.77 -37.49 -11.77
C TYR A 414 12.28 -36.05 -11.71
N ILE A 415 12.30 -35.45 -10.52
CA ILE A 415 11.82 -34.06 -10.34
C ILE A 415 12.88 -32.96 -10.12
N TYR A 416 13.78 -33.14 -9.17
CA TYR A 416 14.77 -32.13 -8.83
C TYR A 416 15.64 -31.58 -9.94
N ASP A 417 15.53 -30.27 -10.10
CA ASP A 417 16.26 -29.50 -11.08
C ASP A 417 16.00 -29.92 -12.53
N LYS A 418 14.83 -30.48 -12.79
CA LYS A 418 14.50 -30.87 -14.16
C LYS A 418 13.78 -29.73 -14.86
N CYS A 419 13.86 -29.71 -16.19
CA CYS A 419 13.18 -28.67 -16.97
C CYS A 419 11.81 -29.24 -17.35
N PRO A 420 10.73 -28.76 -16.70
CA PRO A 420 9.37 -29.22 -16.94
C PRO A 420 8.67 -28.67 -18.18
N ALA A 421 7.55 -29.28 -18.51
CA ALA A 421 6.77 -28.86 -19.65
C ALA A 421 5.52 -28.25 -19.08
N LEU A 422 5.12 -27.11 -19.64
CA LEU A 422 3.98 -26.39 -19.15
C LEU A 422 2.95 -26.13 -20.25
N ALA A 423 1.69 -26.18 -19.86
CA ALA A 423 0.59 -25.92 -20.74
C ALA A 423 -0.40 -25.09 -19.93
N ALA A 424 -0.70 -23.90 -20.41
CA ALA A 424 -1.65 -23.06 -19.71
C ALA A 424 -2.72 -22.67 -20.71
N VAL A 425 -3.98 -22.67 -20.27
CA VAL A 425 -5.09 -22.32 -21.12
C VAL A 425 -6.05 -21.47 -20.32
N GLY A 426 -6.58 -20.42 -20.95
CA GLY A 426 -7.50 -19.54 -20.27
C GLY A 426 -6.92 -18.18 -19.95
N PRO A 427 -7.44 -17.49 -18.91
CA PRO A 427 -7.02 -16.17 -18.45
C PRO A 427 -5.81 -16.27 -17.56
N ILE A 428 -4.77 -16.86 -18.12
CA ILE A 428 -3.51 -17.12 -17.43
C ILE A 428 -2.47 -15.99 -17.21
N GLU A 429 -2.91 -14.72 -17.17
CA GLU A 429 -1.95 -13.64 -16.99
C GLU A 429 -1.19 -13.67 -15.71
N GLN A 430 -1.85 -13.96 -14.60
CA GLN A 430 -1.15 -13.98 -13.32
C GLN A 430 -0.02 -15.02 -13.22
N LEU A 431 -0.12 -16.13 -13.95
CA LEU A 431 0.93 -17.15 -13.90
C LEU A 431 1.96 -16.68 -14.88
N LEU A 432 3.25 -16.75 -14.55
CA LEU A 432 4.19 -16.31 -15.55
C LEU A 432 5.65 -16.72 -15.51
N ASP A 433 6.28 -16.51 -16.66
CA ASP A 433 7.67 -16.77 -16.92
C ASP A 433 8.10 -18.20 -16.66
N TYR A 434 8.59 -18.85 -17.71
CA TYR A 434 9.09 -20.21 -17.58
C TYR A 434 10.25 -20.18 -16.60
N ASN A 435 11.12 -19.20 -16.78
CA ASN A 435 12.30 -19.00 -15.94
C ASN A 435 12.00 -19.06 -14.48
N ARG A 436 10.83 -18.59 -14.09
CA ARG A 436 10.46 -18.61 -12.69
C ARG A 436 10.04 -20.05 -12.34
N ILE A 437 9.01 -20.53 -13.03
CA ILE A 437 8.52 -21.88 -12.81
C ILE A 437 9.68 -22.86 -12.75
N ARG A 438 10.67 -22.62 -13.60
CA ARG A 438 11.84 -23.48 -13.66
C ARG A 438 12.59 -23.43 -12.35
N SER A 439 12.73 -22.25 -11.76
CA SER A 439 13.47 -22.11 -10.53
C SER A 439 12.68 -22.70 -9.36
N GLY A 440 11.45 -23.11 -9.62
CA GLY A 440 10.66 -23.69 -8.55
C GLY A 440 10.99 -25.17 -8.44
N MET A 441 11.87 -25.62 -9.32
CA MET A 441 12.26 -27.01 -9.36
C MET A 441 13.42 -27.35 -8.44
N TYR A 442 13.79 -26.44 -7.53
CA TYR A 442 14.87 -26.72 -6.60
C TYR A 442 14.85 -25.85 -5.33
N TRP A 443 15.28 -26.48 -4.22
CA TRP A 443 15.34 -25.88 -2.88
C TRP A 443 13.96 -25.79 -2.17
N ILE A 444 13.70 -26.67 -1.20
CA ILE A 444 12.45 -26.69 -0.45
N PRO B 21 -11.90 -69.76 0.02
CA PRO B 21 -13.05 -70.61 0.37
C PRO B 21 -14.35 -70.23 -0.37
N GLY B 22 -14.45 -70.70 -1.61
CA GLY B 22 -15.60 -70.46 -2.47
C GLY B 22 -16.60 -69.37 -2.13
N ALA B 23 -17.86 -69.65 -2.44
CA ALA B 23 -18.95 -68.72 -2.19
C ALA B 23 -19.75 -69.15 -0.96
N GLU B 24 -19.63 -68.38 0.12
CA GLU B 24 -20.36 -68.65 1.36
C GLU B 24 -21.82 -68.27 1.12
N ASP B 25 -22.48 -67.68 2.12
CA ASP B 25 -23.88 -67.32 1.92
C ASP B 25 -24.43 -66.13 2.69
N LEU B 26 -25.41 -65.48 2.06
CA LEU B 26 -26.07 -64.28 2.55
C LEU B 26 -27.00 -64.37 3.75
N GLU B 27 -26.43 -64.27 4.95
CA GLU B 27 -27.23 -64.33 6.17
C GLU B 27 -27.97 -63.01 6.34
N ILE B 28 -28.92 -62.95 7.28
CA ILE B 28 -29.68 -61.72 7.49
C ILE B 28 -30.57 -61.71 8.75
N THR B 29 -29.95 -61.47 9.91
CA THR B 29 -30.66 -61.42 11.19
C THR B 29 -31.73 -60.31 11.17
N LYS B 30 -32.55 -60.22 12.20
CA LYS B 30 -33.60 -59.22 12.18
C LYS B 30 -33.96 -58.59 13.52
N LEU B 31 -32.97 -58.54 14.42
CA LEU B 31 -33.06 -57.96 15.78
C LEU B 31 -34.40 -57.45 16.36
N PRO B 32 -34.47 -57.32 17.71
CA PRO B 32 -35.68 -56.84 18.41
C PRO B 32 -36.29 -55.56 17.87
N ASN B 33 -35.64 -54.45 18.18
CA ASN B 33 -36.05 -53.10 17.78
C ASN B 33 -36.54 -52.91 16.35
N GLY B 34 -36.17 -53.82 15.46
CA GLY B 34 -36.57 -53.71 14.06
C GLY B 34 -35.39 -53.35 13.17
N LEU B 35 -34.19 -53.44 13.73
CA LEU B 35 -32.95 -53.15 13.02
C LEU B 35 -32.48 -54.38 12.28
N ILE B 36 -32.39 -54.28 10.96
CA ILE B 36 -31.98 -55.40 10.12
C ILE B 36 -30.46 -55.47 9.98
N ILE B 37 -29.94 -56.67 9.79
CA ILE B 37 -28.50 -56.88 9.62
C ILE B 37 -28.27 -57.89 8.50
N ALA B 38 -27.90 -57.40 7.32
CA ALA B 38 -27.66 -58.28 6.17
C ALA B 38 -26.20 -58.29 5.75
N SER B 39 -25.50 -59.42 5.97
CA SER B 39 -24.10 -59.51 5.58
C SER B 39 -23.88 -60.44 4.39
N LEU B 40 -22.62 -60.70 4.07
CA LEU B 40 -22.26 -61.58 2.96
C LEU B 40 -20.75 -61.60 2.74
N GLU B 41 -20.10 -62.67 3.17
CA GLU B 41 -18.67 -62.80 2.99
C GLU B 41 -18.35 -63.33 1.59
N ASN B 42 -17.72 -62.50 0.76
CA ASN B 42 -17.38 -62.89 -0.62
C ASN B 42 -15.86 -62.90 -0.80
N PHE B 43 -15.16 -62.75 0.33
CA PHE B 43 -13.71 -62.76 0.39
C PHE B 43 -12.92 -61.77 -0.47
N SER B 44 -13.54 -60.66 -0.83
CA SER B 44 -12.83 -59.64 -1.62
C SER B 44 -11.84 -59.03 -0.64
N PRO B 45 -10.71 -58.51 -1.14
CA PRO B 45 -9.70 -57.90 -0.29
C PRO B 45 -10.18 -56.59 0.34
N ALA B 46 -11.44 -56.24 0.08
CA ALA B 46 -11.99 -55.01 0.59
C ALA B 46 -13.44 -55.14 1.04
N SER B 47 -13.75 -54.48 2.14
CA SER B 47 -15.08 -54.49 2.71
C SER B 47 -15.80 -53.19 2.36
N ARG B 48 -17.11 -53.18 2.55
CA ARG B 48 -17.91 -51.99 2.28
C ARG B 48 -19.18 -52.05 3.11
N ILE B 49 -19.10 -51.47 4.29
CA ILE B 49 -20.23 -51.43 5.22
C ILE B 49 -21.14 -50.25 4.92
N GLY B 50 -22.42 -50.40 5.17
CA GLY B 50 -23.34 -49.31 4.89
C GLY B 50 -24.68 -49.30 5.60
N VAL B 51 -25.02 -48.15 6.18
CA VAL B 51 -26.26 -47.93 6.89
C VAL B 51 -27.34 -47.31 5.96
N PHE B 52 -28.36 -48.10 5.63
CA PHE B 52 -29.43 -47.60 4.78
C PHE B 52 -30.53 -47.12 5.70
N ILE B 53 -31.17 -46.02 5.35
CA ILE B 53 -32.23 -45.47 6.20
C ILE B 53 -33.44 -45.01 5.39
N LYS B 54 -34.59 -45.01 6.05
CA LYS B 54 -35.82 -44.58 5.41
C LYS B 54 -36.04 -43.11 5.75
N ALA B 55 -35.08 -42.28 5.37
CA ALA B 55 -35.15 -40.83 5.58
C ALA B 55 -35.10 -40.20 4.18
N GLY B 56 -35.23 -38.88 4.10
CA GLY B 56 -35.21 -38.27 2.79
C GLY B 56 -36.00 -36.98 2.67
N SER B 57 -35.80 -36.30 1.55
CA SER B 57 -36.44 -35.03 1.30
C SER B 57 -37.97 -35.08 1.24
N ARG B 58 -38.57 -36.25 1.46
CA ARG B 58 -40.03 -36.30 1.40
C ARG B 58 -40.66 -36.22 2.79
N TYR B 59 -39.82 -36.26 3.83
CA TYR B 59 -40.29 -36.16 5.20
C TYR B 59 -40.12 -34.70 5.61
N GLU B 60 -39.72 -33.89 4.64
CA GLU B 60 -39.54 -32.48 4.87
C GLU B 60 -40.91 -31.85 4.72
N THR B 61 -41.06 -30.64 5.27
CA THR B 61 -42.30 -29.88 5.18
C THR B 61 -41.89 -28.53 4.63
N THR B 62 -42.88 -27.71 4.30
CA THR B 62 -42.61 -26.37 3.78
C THR B 62 -41.78 -25.63 4.82
N ALA B 63 -41.88 -26.07 6.07
CA ALA B 63 -41.17 -25.45 7.17
C ALA B 63 -39.69 -25.82 7.32
N ASN B 64 -39.31 -27.05 7.01
CA ASN B 64 -37.90 -27.43 7.16
C ASN B 64 -37.20 -27.86 5.89
N LEU B 65 -37.75 -27.46 4.74
CA LEU B 65 -37.16 -27.78 3.43
C LEU B 65 -35.63 -27.79 3.43
N GLY B 66 -35.06 -28.60 2.55
CA GLY B 66 -33.62 -28.70 2.43
C GLY B 66 -32.87 -29.20 3.65
N THR B 67 -33.56 -29.47 4.75
CA THR B 67 -32.87 -29.96 5.94
C THR B 67 -32.34 -31.37 5.70
N ALA B 68 -32.83 -32.00 4.63
CA ALA B 68 -32.41 -33.35 4.24
C ALA B 68 -31.08 -33.23 3.52
N HIS B 69 -31.05 -32.29 2.57
CA HIS B 69 -29.87 -31.99 1.75
C HIS B 69 -28.67 -31.71 2.65
N LEU B 70 -28.84 -30.73 3.54
CA LEU B 70 -27.78 -30.32 4.46
C LEU B 70 -27.29 -31.47 5.33
N LEU B 71 -28.23 -32.31 5.76
CA LEU B 71 -27.85 -33.44 6.59
C LEU B 71 -26.89 -34.33 5.81
N ARG B 72 -27.02 -34.31 4.50
CA ARG B 72 -26.17 -35.12 3.63
C ARG B 72 -24.74 -34.61 3.59
N LEU B 73 -24.59 -33.29 3.64
CA LEU B 73 -23.26 -32.68 3.60
C LEU B 73 -22.65 -32.65 5.00
N ALA B 74 -23.50 -32.61 6.02
CA ALA B 74 -23.06 -32.55 7.41
C ALA B 74 -22.43 -33.85 7.92
N SER B 75 -22.16 -34.77 7.01
CA SER B 75 -21.56 -36.05 7.38
C SER B 75 -20.17 -35.97 8.01
N PRO B 76 -19.35 -34.97 7.63
CA PRO B 76 -18.01 -34.88 8.22
C PRO B 76 -17.90 -34.07 9.52
N LEU B 77 -19.03 -33.59 10.05
CA LEU B 77 -19.04 -32.78 11.27
C LEU B 77 -18.81 -33.58 12.57
N THR B 78 -18.30 -32.90 13.60
CA THR B 78 -18.03 -33.52 14.90
C THR B 78 -19.25 -34.25 15.46
N THR B 79 -18.96 -35.41 16.06
CA THR B 79 -19.97 -36.27 16.66
C THR B 79 -19.58 -36.42 18.13
N LYS B 80 -20.50 -36.91 18.94
CA LYS B 80 -20.24 -37.09 20.37
C LYS B 80 -18.96 -37.90 20.66
N GLY B 81 -18.54 -38.75 19.73
CA GLY B 81 -17.37 -39.57 19.96
C GLY B 81 -16.11 -39.25 19.18
N ALA B 82 -16.28 -38.67 17.99
CA ALA B 82 -15.14 -38.34 17.15
C ALA B 82 -15.26 -36.90 16.68
N SER B 83 -14.12 -36.23 16.48
CA SER B 83 -14.12 -34.84 16.04
C SER B 83 -13.99 -34.64 14.53
N SER B 84 -14.60 -33.57 14.05
CA SER B 84 -14.59 -33.20 12.65
C SER B 84 -13.22 -33.50 12.05
N PHE B 85 -12.18 -33.16 12.80
CA PHE B 85 -10.81 -33.37 12.40
C PHE B 85 -10.44 -34.86 12.34
N ARG B 86 -10.62 -35.56 13.45
CA ARG B 86 -10.27 -36.98 13.53
C ARG B 86 -11.05 -37.91 12.63
N ILE B 87 -12.27 -37.53 12.27
CA ILE B 87 -13.06 -38.38 11.40
C ILE B 87 -12.42 -38.44 10.02
N THR B 88 -12.01 -37.27 9.52
CA THR B 88 -11.38 -37.18 8.21
C THR B 88 -9.98 -37.74 8.27
N ARG B 89 -9.18 -37.32 9.25
CA ARG B 89 -7.83 -37.82 9.37
C ARG B 89 -7.83 -39.30 9.73
N GLY B 90 -8.87 -39.72 10.44
CA GLY B 90 -8.96 -41.11 10.85
C GLY B 90 -9.20 -42.04 9.67
N ILE B 91 -10.18 -41.69 8.85
CA ILE B 91 -10.54 -42.49 7.68
C ILE B 91 -9.46 -42.45 6.61
N GLU B 92 -8.84 -41.28 6.46
CA GLU B 92 -7.80 -41.08 5.46
C GLU B 92 -6.57 -41.88 5.82
N ALA B 93 -6.32 -42.04 7.12
CA ALA B 93 -5.18 -42.78 7.60
C ALA B 93 -5.11 -44.24 7.15
N VAL B 94 -6.24 -44.80 6.75
CA VAL B 94 -6.29 -46.20 6.34
C VAL B 94 -6.75 -46.37 4.90
N GLY B 95 -6.58 -45.33 4.10
CA GLY B 95 -7.02 -45.41 2.72
C GLY B 95 -8.49 -45.73 2.67
N GLY B 96 -9.23 -45.18 3.64
CA GLY B 96 -10.66 -45.41 3.72
C GLY B 96 -11.45 -44.31 3.03
N SER B 97 -12.78 -44.48 2.98
CA SER B 97 -13.64 -43.49 2.35
C SER B 97 -15.03 -43.49 2.96
N LEU B 98 -15.63 -42.32 3.07
CA LEU B 98 -16.97 -42.20 3.62
C LEU B 98 -17.78 -41.56 2.51
N SER B 99 -19.07 -41.86 2.44
CA SER B 99 -19.90 -41.30 1.37
C SER B 99 -21.37 -41.31 1.81
N VAL B 100 -22.20 -40.46 1.21
CA VAL B 100 -23.60 -40.43 1.56
C VAL B 100 -24.47 -40.21 0.33
N TYR B 101 -25.14 -41.25 -0.14
CA TYR B 101 -26.02 -41.13 -1.30
C TYR B 101 -27.46 -41.07 -0.80
N SER B 102 -28.31 -40.32 -1.48
CA SER B 102 -29.70 -40.24 -1.05
C SER B 102 -30.69 -39.99 -2.18
N THR B 103 -31.91 -40.48 -1.99
CA THR B 103 -33.00 -40.31 -2.96
C THR B 103 -34.11 -39.59 -2.17
N ARG B 104 -35.18 -39.17 -2.84
CA ARG B 104 -36.26 -38.47 -2.14
C ARG B 104 -36.79 -39.24 -0.91
N GLU B 105 -36.35 -40.49 -0.74
CA GLU B 105 -36.85 -41.31 0.37
C GLU B 105 -35.87 -42.37 0.84
N LYS B 106 -34.58 -42.17 0.69
CA LYS B 106 -33.66 -43.22 1.11
C LYS B 106 -32.20 -42.77 1.21
N MET B 107 -31.71 -42.59 2.43
CA MET B 107 -30.32 -42.18 2.63
C MET B 107 -29.40 -43.38 2.84
N THR B 108 -28.17 -43.29 2.34
CA THR B 108 -27.26 -44.41 2.48
C THR B 108 -25.85 -44.01 2.92
N TYR B 109 -25.62 -43.93 4.22
CA TYR B 109 -24.28 -43.60 4.71
C TYR B 109 -23.43 -44.86 4.60
N CYS B 110 -22.23 -44.77 4.06
CA CYS B 110 -21.41 -45.98 3.94
C CYS B 110 -19.92 -45.77 3.74
N VAL B 111 -19.13 -46.59 4.43
CA VAL B 111 -17.68 -46.55 4.34
C VAL B 111 -17.19 -47.62 3.37
N GLU B 112 -15.88 -47.80 3.30
CA GLU B 112 -15.28 -48.78 2.40
C GLU B 112 -13.76 -48.75 2.54
N CYS B 113 -13.21 -49.79 3.14
CA CYS B 113 -11.78 -49.84 3.38
C CYS B 113 -11.22 -51.22 3.08
N LEU B 114 -9.94 -51.40 3.37
CA LEU B 114 -9.29 -52.69 3.18
C LEU B 114 -9.73 -53.54 4.37
N ARG B 115 -9.90 -54.83 4.13
CA ARG B 115 -10.35 -55.76 5.16
C ARG B 115 -9.84 -55.52 6.58
N ASP B 116 -8.54 -55.28 6.74
CA ASP B 116 -7.98 -55.11 8.08
C ASP B 116 -8.37 -53.87 8.85
N HIS B 117 -9.11 -52.96 8.22
CA HIS B 117 -9.45 -51.74 8.95
C HIS B 117 -10.94 -51.52 9.13
N VAL B 118 -11.74 -52.58 9.01
CA VAL B 118 -13.18 -52.44 9.16
C VAL B 118 -13.57 -51.87 10.52
N ASP B 119 -12.79 -52.20 11.55
CA ASP B 119 -13.04 -51.72 12.91
C ASP B 119 -12.86 -50.20 13.00
N THR B 120 -11.74 -49.75 12.44
CA THR B 120 -11.38 -48.34 12.41
C THR B 120 -12.48 -47.50 11.73
N VAL B 121 -12.70 -47.74 10.44
CA VAL B 121 -13.71 -47.01 9.67
C VAL B 121 -15.12 -47.16 10.21
N MET B 122 -15.33 -48.15 11.07
CA MET B 122 -16.66 -48.38 11.62
C MET B 122 -17.02 -47.31 12.64
N GLU B 123 -16.17 -47.15 13.64
CA GLU B 123 -16.38 -46.17 14.69
C GLU B 123 -16.98 -44.88 14.16
N TYR B 124 -16.35 -44.34 13.13
CA TYR B 124 -16.83 -43.10 12.55
C TYR B 124 -18.20 -43.30 11.88
N LEU B 125 -18.39 -44.39 11.15
CA LEU B 125 -19.68 -44.63 10.50
C LEU B 125 -20.79 -44.64 11.55
N LEU B 126 -20.52 -45.32 12.66
CA LEU B 126 -21.48 -45.41 13.75
C LEU B 126 -21.68 -44.02 14.39
N ASN B 127 -20.57 -43.34 14.68
CA ASN B 127 -20.61 -42.02 15.30
C ASN B 127 -21.33 -40.99 14.45
N VAL B 128 -21.12 -41.04 13.15
CA VAL B 128 -21.73 -40.09 12.23
C VAL B 128 -23.24 -40.20 12.11
N THR B 129 -23.73 -41.43 11.98
CA THR B 129 -25.16 -41.72 11.81
C THR B 129 -26.01 -41.72 13.08
N THR B 130 -25.39 -42.02 14.23
CA THR B 130 -26.10 -42.09 15.50
C THR B 130 -25.82 -40.99 16.54
N ALA B 131 -24.59 -40.48 16.58
CA ALA B 131 -24.23 -39.44 17.56
C ALA B 131 -23.78 -38.08 17.02
N PRO B 132 -24.54 -37.51 16.07
CA PRO B 132 -24.16 -36.20 15.53
C PRO B 132 -24.44 -35.09 16.53
N GLU B 133 -23.62 -34.04 16.52
CA GLU B 133 -23.83 -32.92 17.44
C GLU B 133 -24.37 -31.68 16.73
N PHE B 134 -24.05 -31.54 15.45
CA PHE B 134 -24.53 -30.39 14.68
C PHE B 134 -24.34 -29.12 15.52
N ARG B 135 -23.07 -28.78 15.76
CA ARG B 135 -22.71 -27.60 16.54
C ARG B 135 -23.04 -26.36 15.73
N PRO B 136 -23.79 -25.42 16.32
CA PRO B 136 -24.21 -24.16 15.70
C PRO B 136 -23.21 -23.55 14.72
N TRP B 137 -21.97 -23.35 15.16
CA TRP B 137 -20.94 -22.77 14.30
C TRP B 137 -20.63 -23.70 13.13
N GLU B 138 -20.14 -24.91 13.38
CA GLU B 138 -19.83 -25.82 12.27
C GLU B 138 -20.96 -25.82 11.26
N VAL B 139 -22.18 -25.96 11.76
CA VAL B 139 -23.37 -25.97 10.92
C VAL B 139 -23.49 -24.75 10.02
N THR B 140 -23.45 -23.56 10.63
CA THR B 140 -23.58 -22.33 9.86
C THR B 140 -22.35 -21.99 9.00
N ASP B 141 -21.22 -22.66 9.23
CA ASP B 141 -20.01 -22.45 8.42
C ASP B 141 -20.09 -23.39 7.23
N LEU B 142 -21.03 -24.32 7.30
CA LEU B 142 -21.20 -25.33 6.27
C LEU B 142 -22.32 -25.00 5.28
N GLN B 143 -23.29 -24.22 5.74
CA GLN B 143 -24.42 -23.87 4.88
C GLN B 143 -24.08 -23.16 3.57
N PRO B 144 -22.87 -22.60 3.45
CA PRO B 144 -22.64 -21.95 2.16
C PRO B 144 -22.33 -23.00 1.07
N GLN B 145 -22.00 -24.20 1.51
CA GLN B 145 -21.68 -25.29 0.60
C GLN B 145 -22.92 -25.75 -0.19
N LEU B 146 -24.10 -25.50 0.36
CA LEU B 146 -25.33 -25.89 -0.32
C LEU B 146 -25.39 -25.07 -1.59
N LYS B 147 -24.87 -23.85 -1.52
CA LYS B 147 -24.84 -22.95 -2.66
C LYS B 147 -24.04 -23.60 -3.79
N VAL B 148 -22.87 -24.12 -3.43
CA VAL B 148 -21.96 -24.77 -4.36
C VAL B 148 -22.47 -26.13 -4.85
N ASP B 149 -22.51 -27.10 -3.95
CA ASP B 149 -22.94 -28.44 -4.28
C ASP B 149 -24.10 -28.46 -5.26
N LYS B 150 -25.06 -27.57 -5.04
CA LYS B 150 -26.26 -27.48 -5.88
C LYS B 150 -25.98 -26.87 -7.26
N ALA B 151 -24.95 -26.03 -7.35
CA ALA B 151 -24.58 -25.38 -8.61
C ALA B 151 -23.87 -26.33 -9.55
N VAL B 152 -23.02 -27.19 -9.01
CA VAL B 152 -22.29 -28.14 -9.83
C VAL B 152 -23.24 -29.18 -10.39
N ALA B 153 -24.07 -29.74 -9.52
CA ALA B 153 -25.01 -30.76 -9.93
C ALA B 153 -25.92 -30.22 -11.00
N PHE B 154 -26.47 -29.03 -10.74
CA PHE B 154 -27.37 -28.38 -11.69
C PHE B 154 -26.74 -27.98 -13.02
N GLN B 155 -25.54 -28.50 -13.31
CA GLN B 155 -24.87 -28.19 -14.57
C GLN B 155 -25.44 -29.07 -15.66
N SER B 156 -26.02 -30.18 -15.21
CA SER B 156 -26.64 -31.15 -16.09
C SER B 156 -28.12 -30.77 -16.17
N PRO B 157 -28.56 -30.24 -17.32
CA PRO B 157 -29.98 -29.87 -17.37
C PRO B 157 -30.83 -31.08 -17.03
N GLN B 158 -30.25 -32.25 -17.24
CA GLN B 158 -30.88 -33.53 -16.93
C GLN B 158 -31.53 -33.47 -15.51
N VAL B 159 -30.77 -33.01 -14.51
CA VAL B 159 -31.25 -32.90 -13.13
C VAL B 159 -32.11 -31.67 -12.90
N GLY B 160 -32.23 -30.83 -13.92
CA GLY B 160 -33.03 -29.64 -13.75
C GLY B 160 -34.50 -29.90 -14.04
N VAL B 161 -34.75 -30.73 -15.05
CA VAL B 161 -36.11 -31.07 -15.43
C VAL B 161 -36.69 -32.11 -14.49
N LEU B 162 -35.83 -32.88 -13.83
CA LEU B 162 -36.33 -33.88 -12.89
C LEU B 162 -36.89 -33.20 -11.64
N GLU B 163 -36.22 -32.15 -11.17
CA GLU B 163 -36.71 -31.40 -10.01
C GLU B 163 -38.12 -30.92 -10.30
N ASN B 164 -38.26 -30.19 -11.40
CA ASN B 164 -39.54 -29.65 -11.83
C ASN B 164 -40.57 -30.72 -12.18
N LEU B 165 -40.09 -31.89 -12.58
CA LEU B 165 -41.02 -32.97 -12.91
C LEU B 165 -41.72 -33.31 -11.61
N HIS B 166 -41.00 -33.96 -10.71
CA HIS B 166 -41.55 -34.33 -9.41
C HIS B 166 -42.41 -33.23 -8.79
N ALA B 167 -42.13 -31.97 -9.10
CA ALA B 167 -42.92 -30.90 -8.55
C ALA B 167 -44.27 -30.86 -9.24
N ALA B 168 -44.28 -31.08 -10.56
CA ALA B 168 -45.51 -31.07 -11.34
C ALA B 168 -46.27 -32.37 -11.19
N ALA B 169 -45.55 -33.45 -11.00
CA ALA B 169 -46.17 -34.76 -10.85
C ALA B 169 -46.82 -34.96 -9.48
N TYR B 170 -46.47 -34.15 -8.48
CA TYR B 170 -47.07 -34.32 -7.15
C TYR B 170 -47.59 -33.04 -6.46
N LYS B 171 -48.17 -33.22 -5.29
CA LYS B 171 -48.69 -32.10 -4.50
C LYS B 171 -47.98 -32.08 -3.16
N THR B 172 -47.30 -33.18 -2.83
CA THR B 172 -46.58 -33.31 -1.56
C THR B 172 -45.49 -34.40 -1.56
N ALA B 173 -44.87 -34.60 -0.40
CA ALA B 173 -43.82 -35.60 -0.16
C ALA B 173 -42.76 -35.79 -1.26
N LEU B 174 -43.12 -36.51 -2.31
CA LEU B 174 -42.21 -36.74 -3.41
C LEU B 174 -42.04 -35.45 -4.22
N ALA B 175 -42.94 -34.49 -4.04
CA ALA B 175 -42.86 -33.24 -4.77
C ALA B 175 -41.73 -32.39 -4.20
N ASN B 176 -41.21 -32.79 -3.04
CA ASN B 176 -40.12 -32.07 -2.40
C ASN B 176 -38.83 -32.19 -3.18
N PRO B 177 -38.16 -31.05 -3.48
CA PRO B 177 -36.89 -31.00 -4.22
C PRO B 177 -35.78 -31.79 -3.52
N LEU B 178 -34.91 -32.41 -4.32
CA LEU B 178 -33.82 -33.19 -3.79
C LEU B 178 -32.63 -32.34 -3.34
N TYR B 179 -32.59 -31.11 -3.83
CA TYR B 179 -31.53 -30.16 -3.47
C TYR B 179 -32.21 -28.95 -2.86
N CYS B 180 -31.75 -28.57 -1.69
CA CYS B 180 -32.29 -27.44 -0.95
C CYS B 180 -32.59 -26.22 -1.80
N PRO B 181 -33.85 -25.76 -1.78
CA PRO B 181 -34.21 -24.58 -2.58
C PRO B 181 -33.37 -23.40 -2.09
N ASP B 182 -33.24 -22.39 -2.92
CA ASP B 182 -32.42 -21.24 -2.58
C ASP B 182 -32.79 -20.43 -1.34
N TYR B 183 -34.00 -19.89 -1.33
CA TYR B 183 -34.44 -19.05 -0.20
C TYR B 183 -34.13 -19.66 1.16
N ARG B 184 -33.97 -20.98 1.21
CA ARG B 184 -33.67 -21.65 2.47
C ARG B 184 -32.21 -21.91 2.75
N ILE B 185 -31.33 -21.39 1.89
CA ILE B 185 -29.90 -21.57 2.11
C ILE B 185 -29.53 -20.60 3.24
N GLY B 186 -28.91 -21.14 4.29
CA GLY B 186 -28.52 -20.31 5.41
C GLY B 186 -29.59 -20.06 6.46
N LYS B 187 -30.74 -20.71 6.31
CA LYS B 187 -31.84 -20.55 7.27
C LYS B 187 -32.20 -21.85 8.00
N ILE B 188 -31.38 -22.87 7.80
CA ILE B 188 -31.56 -24.16 8.45
C ILE B 188 -30.88 -24.03 9.81
N THR B 189 -31.40 -24.72 10.82
CA THR B 189 -30.84 -24.66 12.18
C THR B 189 -30.30 -26.01 12.64
N SER B 190 -29.67 -26.02 13.83
CA SER B 190 -29.15 -27.27 14.38
C SER B 190 -30.30 -28.16 14.83
N GLU B 191 -31.40 -27.53 15.25
CA GLU B 191 -32.57 -28.29 15.67
C GLU B 191 -33.06 -29.03 14.45
N GLN B 192 -33.56 -28.28 13.46
CA GLN B 192 -34.08 -28.89 12.23
C GLN B 192 -33.23 -30.08 11.83
N LEU B 193 -31.93 -30.00 12.07
CA LEU B 193 -31.04 -31.12 11.78
C LEU B 193 -31.33 -32.20 12.81
N HIS B 194 -31.18 -31.84 14.08
CA HIS B 194 -31.45 -32.78 15.15
C HIS B 194 -32.83 -33.44 15.03
N HIS B 195 -33.88 -32.63 15.05
CA HIS B 195 -35.25 -33.15 14.98
C HIS B 195 -35.48 -34.04 13.77
N PHE B 196 -34.79 -33.77 12.67
CA PHE B 196 -34.96 -34.60 11.48
C PHE B 196 -34.26 -35.96 11.68
N VAL B 197 -33.21 -35.96 12.49
CA VAL B 197 -32.46 -37.18 12.77
C VAL B 197 -33.12 -38.03 13.86
N GLN B 198 -33.69 -37.36 14.85
CA GLN B 198 -34.33 -38.05 15.94
C GLN B 198 -35.62 -38.72 15.45
N ASN B 199 -36.33 -38.06 14.55
CA ASN B 199 -37.59 -38.58 14.04
C ASN B 199 -37.53 -39.37 12.72
N ASN B 200 -36.36 -39.88 12.35
CA ASN B 200 -36.27 -40.63 11.10
C ASN B 200 -35.21 -41.69 11.11
N PHE B 201 -34.13 -41.44 11.83
CA PHE B 201 -33.05 -42.42 11.93
C PHE B 201 -33.37 -43.29 13.14
N THR B 202 -34.49 -43.97 13.05
CA THR B 202 -35.00 -44.86 14.09
C THR B 202 -34.69 -46.31 13.69
N SER B 203 -34.17 -47.09 14.63
CA SER B 203 -33.77 -48.49 14.39
C SER B 203 -34.74 -49.34 13.56
N ALA B 204 -36.02 -48.98 13.56
CA ALA B 204 -37.01 -49.73 12.79
C ALA B 204 -36.90 -49.44 11.30
N ARG B 205 -36.37 -48.26 10.99
CA ARG B 205 -36.19 -47.80 9.61
C ARG B 205 -34.74 -47.98 9.13
N MET B 206 -33.89 -48.52 9.99
CA MET B 206 -32.47 -48.70 9.66
C MET B 206 -32.01 -50.13 9.43
N ALA B 207 -31.18 -50.30 8.41
CA ALA B 207 -30.61 -51.59 8.03
C ALA B 207 -29.10 -51.44 7.89
N LEU B 208 -28.34 -52.23 8.64
CA LEU B 208 -26.90 -52.17 8.59
C LEU B 208 -26.31 -53.30 7.73
N VAL B 209 -26.29 -53.09 6.42
CA VAL B 209 -25.77 -54.08 5.47
C VAL B 209 -24.25 -54.28 5.58
N GLY B 210 -23.63 -54.86 4.55
CA GLY B 210 -22.19 -55.09 4.58
C GLY B 210 -21.70 -56.18 3.65
N ILE B 211 -20.53 -56.00 3.05
CA ILE B 211 -19.94 -56.99 2.16
C ILE B 211 -18.49 -57.21 2.57
N GLY B 212 -17.94 -58.40 2.29
CA GLY B 212 -16.57 -58.68 2.68
C GLY B 212 -16.44 -58.83 4.19
N VAL B 213 -17.57 -59.09 4.86
CA VAL B 213 -17.61 -59.26 6.33
C VAL B 213 -18.41 -60.51 6.76
N LYS B 214 -18.01 -61.09 7.90
CA LYS B 214 -18.67 -62.27 8.46
C LYS B 214 -19.83 -61.80 9.35
N HIS B 215 -21.04 -62.28 9.06
CA HIS B 215 -22.23 -61.87 9.80
C HIS B 215 -22.11 -61.73 11.32
N SER B 216 -21.30 -62.59 11.93
CA SER B 216 -21.10 -62.58 13.38
C SER B 216 -20.54 -61.26 13.90
N ASP B 217 -19.81 -60.54 13.04
CA ASP B 217 -19.22 -59.26 13.41
C ASP B 217 -20.19 -58.14 13.15
N LEU B 218 -20.58 -57.97 11.89
CA LEU B 218 -21.51 -56.92 11.50
C LEU B 218 -22.67 -56.92 12.47
N LYS B 219 -23.02 -58.10 12.97
CA LYS B 219 -24.10 -58.23 13.93
C LYS B 219 -23.62 -57.72 15.29
N GLN B 220 -22.51 -58.32 15.75
CA GLN B 220 -21.89 -57.96 17.01
C GLN B 220 -21.88 -56.44 17.25
N VAL B 221 -21.55 -55.69 16.21
CA VAL B 221 -21.48 -54.23 16.28
C VAL B 221 -22.87 -53.59 16.41
N ALA B 222 -23.76 -53.89 15.47
CA ALA B 222 -25.11 -53.34 15.47
C ALA B 222 -25.82 -53.31 16.82
N GLU B 223 -25.58 -54.32 17.65
CA GLU B 223 -26.24 -54.41 18.96
C GLU B 223 -25.51 -53.73 20.13
N GLN B 224 -24.18 -53.72 20.08
CA GLN B 224 -23.37 -53.12 21.14
C GLN B 224 -23.24 -51.60 21.07
N PHE B 225 -23.25 -51.05 19.86
CA PHE B 225 -23.09 -49.61 19.66
C PHE B 225 -24.34 -48.82 19.23
N LEU B 226 -25.26 -49.46 18.50
CA LEU B 226 -26.48 -48.77 18.04
C LEU B 226 -27.56 -48.58 19.12
N ASN B 227 -27.81 -47.31 19.47
CA ASN B 227 -28.79 -46.94 20.49
C ASN B 227 -30.18 -46.60 19.93
N ILE B 228 -30.29 -45.40 19.35
CA ILE B 228 -31.51 -44.84 18.76
C ILE B 228 -32.79 -45.70 18.77
N ARG B 229 -33.89 -45.09 19.23
CA ARG B 229 -35.17 -45.78 19.33
C ARG B 229 -35.63 -46.26 17.97
N SER B 230 -36.74 -47.01 17.95
CA SER B 230 -37.30 -47.52 16.71
C SER B 230 -38.68 -46.95 16.47
N GLY B 231 -39.43 -47.60 15.59
CA GLY B 231 -40.76 -47.14 15.26
C GLY B 231 -40.59 -45.97 14.32
N ALA B 232 -41.22 -46.07 13.15
CA ALA B 232 -41.12 -45.04 12.13
C ALA B 232 -41.11 -43.58 12.63
N GLY B 233 -41.42 -43.35 13.91
CA GLY B 233 -41.41 -41.98 14.39
C GLY B 233 -42.38 -41.23 13.49
N THR B 234 -41.90 -40.18 12.80
CA THR B 234 -42.76 -39.44 11.90
C THR B 234 -42.92 -40.21 10.59
N SER B 235 -44.12 -40.20 10.01
CA SER B 235 -44.35 -40.90 8.76
C SER B 235 -44.69 -39.95 7.61
N SER B 236 -44.20 -40.28 6.43
CA SER B 236 -44.43 -39.47 5.24
C SER B 236 -45.90 -39.38 4.84
N ALA B 237 -46.34 -38.18 4.52
CA ALA B 237 -47.73 -37.96 4.10
C ALA B 237 -47.93 -38.48 2.68
N LYS B 238 -48.59 -39.62 2.55
CA LYS B 238 -48.87 -40.26 1.27
C LYS B 238 -48.91 -39.28 0.09
N ALA B 239 -48.13 -39.57 -0.94
CA ALA B 239 -48.02 -38.72 -2.11
C ALA B 239 -49.23 -38.64 -3.03
N THR B 240 -49.94 -37.52 -2.95
CA THR B 240 -51.11 -37.29 -3.79
C THR B 240 -50.55 -37.07 -5.18
N TYR B 241 -51.33 -37.34 -6.22
CA TYR B 241 -50.85 -37.12 -7.57
C TYR B 241 -51.42 -35.80 -8.06
N TRP B 242 -50.63 -35.05 -8.83
CA TRP B 242 -51.09 -33.76 -9.34
C TRP B 242 -51.31 -33.74 -10.85
N GLY B 243 -50.24 -33.95 -11.61
CA GLY B 243 -50.35 -33.92 -13.05
C GLY B 243 -50.17 -32.49 -13.49
N GLY B 244 -48.99 -31.95 -13.16
CA GLY B 244 -48.68 -30.58 -13.48
C GLY B 244 -47.95 -30.36 -14.78
N GLU B 245 -47.58 -29.11 -15.01
CA GLU B 245 -46.88 -28.72 -16.21
C GLU B 245 -45.95 -27.53 -15.90
N ILE B 246 -44.66 -27.82 -15.73
CA ILE B 246 -43.65 -26.81 -15.44
C ILE B 246 -42.70 -26.61 -16.62
N ARG B 247 -42.78 -25.44 -17.26
CA ARG B 247 -41.93 -25.14 -18.40
C ARG B 247 -40.91 -24.08 -17.99
N GLU B 248 -39.64 -24.31 -18.32
CA GLU B 248 -38.56 -23.38 -17.97
C GLU B 248 -37.84 -22.78 -19.19
N GLN B 249 -38.35 -21.66 -19.68
CA GLN B 249 -37.75 -20.98 -20.81
C GLN B 249 -36.40 -20.46 -20.37
N ASN B 250 -35.32 -20.88 -21.01
CA ASN B 250 -34.01 -20.37 -20.60
C ASN B 250 -32.95 -20.24 -21.69
N GLY B 251 -33.37 -20.09 -22.93
CA GLY B 251 -32.40 -19.93 -24.01
C GLY B 251 -31.67 -21.20 -24.48
N HIS B 252 -30.97 -21.86 -23.56
CA HIS B 252 -30.23 -23.11 -23.83
C HIS B 252 -30.78 -23.81 -25.08
N SER B 253 -29.94 -23.96 -26.10
CA SER B 253 -30.31 -24.55 -27.40
C SER B 253 -30.98 -25.93 -27.40
N LEU B 254 -30.72 -26.74 -26.37
CA LEU B 254 -31.31 -28.06 -26.31
C LEU B 254 -32.49 -28.14 -25.36
N VAL B 255 -33.65 -28.48 -25.91
CA VAL B 255 -34.87 -28.60 -25.13
C VAL B 255 -34.99 -29.99 -24.53
N HIS B 256 -34.90 -30.06 -23.21
CA HIS B 256 -35.06 -31.32 -22.49
C HIS B 256 -36.52 -31.41 -22.09
N ALA B 257 -37.12 -32.59 -22.24
CA ALA B 257 -38.52 -32.76 -21.88
C ALA B 257 -38.81 -34.15 -21.34
N ALA B 258 -39.76 -34.20 -20.41
CA ALA B 258 -40.17 -35.46 -19.79
C ALA B 258 -41.67 -35.44 -19.55
N VAL B 259 -42.38 -36.35 -20.21
CA VAL B 259 -43.82 -36.47 -20.06
C VAL B 259 -44.04 -37.80 -19.38
N VAL B 260 -44.75 -37.79 -18.25
CA VAL B 260 -44.99 -39.00 -17.50
C VAL B 260 -46.36 -39.06 -16.83
N THR B 261 -46.74 -40.27 -16.41
CA THR B 261 -48.00 -40.52 -15.72
C THR B 261 -47.70 -41.48 -14.58
N GLU B 262 -48.55 -41.53 -13.58
CA GLU B 262 -48.35 -42.41 -12.44
C GLU B 262 -48.13 -43.86 -12.88
N GLY B 263 -46.99 -44.43 -12.49
CA GLY B 263 -46.68 -45.81 -12.85
C GLY B 263 -46.99 -46.80 -11.75
N ALA B 264 -45.98 -47.55 -11.32
CA ALA B 264 -46.20 -48.50 -10.26
C ALA B 264 -45.36 -48.14 -9.05
N ALA B 265 -45.53 -48.89 -7.97
CA ALA B 265 -44.78 -48.64 -6.75
C ALA B 265 -43.75 -49.71 -6.52
N VAL B 266 -42.90 -49.49 -5.51
CA VAL B 266 -41.86 -50.43 -5.17
C VAL B 266 -42.44 -51.80 -4.83
N GLY B 267 -42.27 -52.75 -5.74
CA GLY B 267 -42.80 -54.08 -5.51
C GLY B 267 -43.88 -54.55 -6.47
N SER B 268 -44.98 -53.80 -6.57
CA SER B 268 -46.10 -54.12 -7.45
C SER B 268 -45.70 -55.00 -8.64
N ALA B 269 -46.48 -56.05 -8.89
CA ALA B 269 -46.19 -56.99 -10.00
C ALA B 269 -46.55 -56.37 -11.34
N GLU B 270 -47.12 -55.16 -11.24
CA GLU B 270 -47.53 -54.39 -12.41
C GLU B 270 -46.35 -53.55 -12.89
N ALA B 271 -45.41 -53.29 -11.97
CA ALA B 271 -44.19 -52.52 -12.24
C ALA B 271 -43.19 -53.30 -13.07
N ASN B 272 -43.21 -54.62 -12.94
CA ASN B 272 -42.30 -55.46 -13.71
C ASN B 272 -42.77 -55.37 -15.15
N ALA B 273 -44.03 -54.96 -15.31
CA ALA B 273 -44.62 -54.79 -16.64
C ALA B 273 -44.02 -53.54 -17.30
N PHE B 274 -43.90 -52.47 -16.52
CA PHE B 274 -43.33 -51.23 -17.01
C PHE B 274 -41.85 -51.42 -17.29
N SER B 275 -41.15 -52.10 -16.38
CA SER B 275 -39.73 -52.36 -16.54
C SER B 275 -39.51 -53.07 -17.87
N VAL B 276 -40.51 -53.83 -18.31
CA VAL B 276 -40.41 -54.53 -19.57
C VAL B 276 -40.90 -53.61 -20.68
N LEU B 277 -41.83 -52.71 -20.36
CA LEU B 277 -42.33 -51.76 -21.35
C LEU B 277 -41.26 -50.68 -21.52
N GLN B 278 -40.31 -50.71 -20.60
CA GLN B 278 -39.20 -49.78 -20.63
C GLN B 278 -38.31 -50.26 -21.78
N HIS B 279 -37.63 -51.37 -21.54
CA HIS B 279 -36.72 -51.97 -22.51
C HIS B 279 -37.33 -52.22 -23.88
N VAL B 280 -38.66 -52.16 -23.97
CA VAL B 280 -39.33 -52.40 -25.25
C VAL B 280 -39.32 -51.14 -26.10
N LEU B 281 -39.42 -49.98 -25.45
CA LEU B 281 -39.42 -48.70 -26.14
C LEU B 281 -38.00 -48.13 -26.29
N GLY B 282 -37.08 -48.65 -25.47
CA GLY B 282 -35.69 -48.21 -25.52
C GLY B 282 -35.22 -47.55 -24.25
N ALA B 283 -34.18 -48.10 -23.64
CA ALA B 283 -33.65 -47.52 -22.41
C ALA B 283 -32.15 -47.25 -22.52
N GLY B 284 -31.77 -46.26 -23.32
CA GLY B 284 -30.37 -45.89 -23.48
C GLY B 284 -29.47 -46.91 -24.17
N PRO B 285 -28.88 -46.55 -25.33
CA PRO B 285 -27.99 -47.39 -26.15
C PRO B 285 -27.06 -48.40 -25.44
N LEU B 286 -26.76 -49.48 -26.15
CA LEU B 286 -25.92 -50.57 -25.66
C LEU B 286 -24.65 -50.71 -26.51
N ILE B 287 -24.60 -49.94 -27.59
CA ILE B 287 -23.46 -49.96 -28.51
C ILE B 287 -22.94 -48.54 -28.74
N LYS B 288 -21.73 -48.25 -28.26
CA LYS B 288 -21.10 -46.93 -28.40
C LYS B 288 -21.40 -46.27 -29.76
N ARG B 289 -21.99 -45.08 -29.75
CA ARG B 289 -22.34 -44.38 -30.99
C ARG B 289 -23.30 -45.22 -31.81
N GLY B 290 -24.12 -45.99 -31.10
CA GLY B 290 -25.07 -46.87 -31.75
C GLY B 290 -26.29 -46.20 -32.35
N SER B 291 -27.20 -47.03 -32.86
CA SER B 291 -28.43 -46.57 -33.48
C SER B 291 -29.62 -47.17 -32.76
N SER B 292 -29.35 -48.09 -31.84
CA SER B 292 -30.39 -48.76 -31.07
C SER B 292 -31.66 -49.12 -31.88
N VAL B 293 -31.60 -50.23 -32.62
CA VAL B 293 -32.75 -50.67 -33.42
C VAL B 293 -33.79 -51.35 -32.53
N THR B 294 -33.31 -52.06 -31.52
CA THR B 294 -34.14 -52.77 -30.55
C THR B 294 -34.93 -51.77 -29.70
N SER B 295 -34.79 -50.48 -30.03
CA SER B 295 -35.47 -49.41 -29.32
C SER B 295 -36.57 -48.80 -30.19
N LYS B 296 -37.81 -49.18 -29.89
CA LYS B 296 -38.98 -48.69 -30.62
C LYS B 296 -38.96 -47.17 -30.67
N LEU B 297 -39.00 -46.57 -29.49
CA LEU B 297 -39.02 -45.12 -29.32
C LEU B 297 -37.93 -44.43 -30.09
N TYR B 298 -36.68 -44.87 -29.92
CA TYR B 298 -35.56 -44.27 -30.62
C TYR B 298 -35.81 -44.27 -32.13
N GLN B 299 -35.94 -45.46 -32.70
CA GLN B 299 -36.19 -45.62 -34.14
C GLN B 299 -37.38 -44.76 -34.59
N GLY B 300 -38.42 -44.73 -33.75
CA GLY B 300 -39.60 -43.95 -34.06
C GLY B 300 -39.32 -42.47 -34.17
N VAL B 301 -38.48 -41.96 -33.29
CA VAL B 301 -38.14 -40.54 -33.30
C VAL B 301 -37.27 -40.23 -34.50
N ALA B 302 -36.36 -41.13 -34.80
CA ALA B 302 -35.45 -40.96 -35.93
C ALA B 302 -36.23 -40.78 -37.23
N LYS B 303 -37.22 -41.64 -37.43
CA LYS B 303 -38.04 -41.59 -38.64
C LYS B 303 -38.89 -40.33 -38.70
N ALA B 304 -38.71 -39.44 -37.71
CA ALA B 304 -39.48 -38.20 -37.64
C ALA B 304 -38.64 -36.93 -37.77
N THR B 305 -37.50 -36.89 -37.08
CA THR B 305 -36.61 -35.74 -37.13
C THR B 305 -35.39 -36.03 -38.00
N THR B 306 -34.70 -34.97 -38.40
CA THR B 306 -33.53 -35.06 -39.26
C THR B 306 -32.20 -34.86 -38.49
N GLN B 307 -32.20 -33.90 -37.56
CA GLN B 307 -31.03 -33.54 -36.75
C GLN B 307 -30.87 -34.43 -35.52
N PRO B 308 -29.74 -34.28 -34.80
CA PRO B 308 -29.40 -35.02 -33.59
C PRO B 308 -30.42 -34.94 -32.46
N PHE B 309 -30.39 -35.95 -31.58
CA PHE B 309 -31.32 -36.03 -30.46
C PHE B 309 -31.10 -37.32 -29.68
N ASP B 310 -31.97 -37.53 -28.70
CA ASP B 310 -31.97 -38.73 -27.89
C ASP B 310 -33.32 -38.75 -27.18
N ALA B 311 -33.89 -39.94 -27.02
CA ALA B 311 -35.18 -40.12 -26.34
C ALA B 311 -35.19 -41.48 -25.63
N SER B 312 -35.75 -41.55 -24.42
CA SER B 312 -35.76 -42.82 -23.71
C SER B 312 -36.98 -43.15 -22.86
N ALA B 313 -36.93 -44.33 -22.23
CA ALA B 313 -38.03 -44.80 -21.39
C ALA B 313 -37.75 -44.50 -19.92
N PHE B 314 -38.50 -43.54 -19.39
CA PHE B 314 -38.35 -43.10 -18.01
C PHE B 314 -39.19 -43.94 -17.06
N ASN B 315 -38.57 -44.51 -16.03
CA ASN B 315 -39.29 -45.33 -15.05
C ASN B 315 -38.75 -45.24 -13.62
N VAL B 316 -39.58 -44.69 -12.73
CA VAL B 316 -39.23 -44.52 -11.32
C VAL B 316 -40.19 -45.31 -10.43
N ASN B 317 -39.62 -46.08 -9.52
CA ASN B 317 -40.41 -46.88 -8.61
C ASN B 317 -40.23 -46.40 -7.16
N TYR B 318 -41.27 -45.76 -6.63
CA TYR B 318 -41.26 -45.23 -5.26
C TYR B 318 -42.18 -46.04 -4.32
N SER B 319 -41.92 -45.96 -3.02
CA SER B 319 -42.71 -46.69 -2.03
C SER B 319 -44.20 -46.63 -2.28
N ASP B 320 -44.80 -45.45 -2.12
CA ASP B 320 -46.24 -45.33 -2.31
C ASP B 320 -46.71 -44.72 -3.62
N SER B 321 -45.90 -44.88 -4.67
CA SER B 321 -46.25 -44.35 -5.98
C SER B 321 -45.13 -44.59 -6.97
N GLY B 322 -45.26 -44.03 -8.17
CA GLY B 322 -44.23 -44.21 -9.18
C GLY B 322 -44.45 -43.31 -10.37
N LEU B 323 -43.45 -43.22 -11.24
CA LEU B 323 -43.53 -42.39 -12.43
C LEU B 323 -43.17 -43.21 -13.66
N PHE B 324 -43.65 -42.77 -14.82
CA PHE B 324 -43.35 -43.48 -16.05
C PHE B 324 -43.69 -42.66 -17.27
N GLY B 325 -42.82 -42.75 -18.27
CA GLY B 325 -43.00 -42.02 -19.49
C GLY B 325 -41.67 -41.96 -20.20
N PHE B 326 -41.52 -40.97 -21.07
CA PHE B 326 -40.29 -40.82 -21.81
C PHE B 326 -39.56 -39.51 -21.47
N TYR B 327 -38.40 -39.31 -22.08
CA TYR B 327 -37.58 -38.11 -21.90
C TYR B 327 -36.90 -37.78 -23.22
N THR B 328 -37.02 -36.55 -23.69
CA THR B 328 -36.40 -36.21 -24.97
C THR B 328 -35.42 -35.05 -24.91
N ILE B 329 -34.32 -35.20 -25.66
CA ILE B 329 -33.29 -34.19 -25.76
C ILE B 329 -33.22 -33.91 -27.23
N SER B 330 -33.64 -32.71 -27.64
CA SER B 330 -33.62 -32.39 -29.06
C SER B 330 -33.28 -30.93 -29.30
N GLN B 331 -33.10 -30.59 -30.57
CA GLN B 331 -32.79 -29.21 -30.91
C GLN B 331 -34.05 -28.41 -30.67
N ALA B 332 -33.90 -27.15 -30.30
CA ALA B 332 -35.03 -26.29 -30.00
C ALA B 332 -36.13 -26.26 -31.06
N ALA B 333 -35.74 -26.36 -32.33
CA ALA B 333 -36.71 -26.29 -33.42
C ALA B 333 -37.40 -27.61 -33.70
N HIS B 334 -36.67 -28.71 -33.59
CA HIS B 334 -37.22 -30.03 -33.85
C HIS B 334 -37.74 -30.65 -32.57
N ALA B 335 -38.01 -29.82 -31.57
CA ALA B 335 -38.53 -30.31 -30.29
C ALA B 335 -39.99 -30.73 -30.47
N GLY B 336 -40.71 -30.00 -31.32
CA GLY B 336 -42.09 -30.33 -31.57
C GLY B 336 -42.19 -31.75 -32.12
N GLU B 337 -41.75 -31.92 -33.36
CA GLU B 337 -41.78 -33.22 -34.02
C GLU B 337 -41.18 -34.35 -33.19
N VAL B 338 -40.10 -34.09 -32.46
CA VAL B 338 -39.48 -35.14 -31.65
C VAL B 338 -40.35 -35.58 -30.50
N ILE B 339 -40.98 -34.63 -29.84
CA ILE B 339 -41.82 -34.98 -28.70
C ILE B 339 -43.13 -35.64 -29.14
N ARG B 340 -43.77 -35.11 -30.17
CA ARG B 340 -45.01 -35.71 -30.67
C ARG B 340 -44.76 -37.11 -31.20
N ALA B 341 -43.75 -37.26 -32.05
CA ALA B 341 -43.40 -38.56 -32.61
C ALA B 341 -43.08 -39.55 -31.47
N ALA B 342 -42.61 -39.01 -30.35
CA ALA B 342 -42.27 -39.83 -29.18
C ALA B 342 -43.56 -40.33 -28.52
N MET B 343 -44.66 -39.65 -28.78
CA MET B 343 -45.97 -40.03 -28.23
C MET B 343 -46.63 -41.12 -29.06
N ASN B 344 -46.95 -40.80 -30.32
CA ASN B 344 -47.60 -41.74 -31.23
C ASN B 344 -46.94 -43.11 -31.17
N GLN B 345 -45.62 -43.10 -30.93
CA GLN B 345 -44.83 -44.32 -30.84
C GLN B 345 -45.09 -45.07 -29.52
N LEU B 346 -45.73 -44.38 -28.58
CA LEU B 346 -46.06 -44.96 -27.29
C LEU B 346 -47.53 -45.42 -27.33
N LYS B 347 -48.32 -44.75 -28.16
CA LYS B 347 -49.72 -45.13 -28.31
C LYS B 347 -49.77 -46.39 -29.18
N ALA B 348 -49.06 -46.36 -30.30
CA ALA B 348 -49.02 -47.50 -31.20
C ALA B 348 -48.58 -48.78 -30.48
N ALA B 349 -47.95 -48.61 -29.32
CA ALA B 349 -47.47 -49.74 -28.53
C ALA B 349 -48.51 -50.10 -27.47
N ALA B 350 -49.51 -49.23 -27.34
CA ALA B 350 -50.59 -49.43 -26.40
C ALA B 350 -51.73 -50.13 -27.14
N GLN B 351 -51.61 -50.15 -28.46
CA GLN B 351 -52.60 -50.76 -29.32
C GLN B 351 -52.03 -51.97 -30.07
N GLY B 352 -51.69 -53.01 -29.31
CA GLY B 352 -51.16 -54.23 -29.89
C GLY B 352 -49.83 -54.17 -30.63
N GLY B 353 -49.20 -52.99 -30.70
CA GLY B 353 -47.93 -52.86 -31.39
C GLY B 353 -46.73 -53.51 -30.73
N VAL B 354 -46.95 -54.56 -29.94
CA VAL B 354 -45.86 -55.24 -29.27
C VAL B 354 -45.78 -56.71 -29.67
N THR B 355 -44.69 -57.10 -30.33
CA THR B 355 -44.50 -58.48 -30.76
C THR B 355 -44.25 -59.38 -29.54
N GLU B 356 -44.53 -60.67 -29.69
CA GLU B 356 -44.34 -61.62 -28.59
C GLU B 356 -42.83 -61.80 -28.40
N GLU B 357 -42.10 -61.34 -29.41
CA GLU B 357 -40.66 -61.43 -29.40
C GLU B 357 -40.04 -60.18 -28.78
N ASP B 358 -40.56 -59.00 -29.12
CA ASP B 358 -40.04 -57.76 -28.55
C ASP B 358 -40.04 -57.96 -27.04
N VAL B 359 -41.05 -58.69 -26.57
CA VAL B 359 -41.21 -58.98 -25.15
C VAL B 359 -40.19 -59.99 -24.63
N THR B 360 -39.72 -60.88 -25.51
CA THR B 360 -38.74 -61.88 -25.10
C THR B 360 -37.34 -61.25 -25.00
N LYS B 361 -37.02 -60.34 -25.92
CA LYS B 361 -35.71 -59.65 -25.94
C LYS B 361 -35.63 -58.68 -24.77
N ALA B 362 -36.69 -57.89 -24.58
CA ALA B 362 -36.78 -56.92 -23.50
C ALA B 362 -36.61 -57.61 -22.15
N LYS B 363 -36.99 -58.89 -22.12
CA LYS B 363 -36.87 -59.69 -20.91
C LYS B 363 -35.41 -60.02 -20.61
N ASN B 364 -34.61 -60.15 -21.66
CA ASN B 364 -33.19 -60.46 -21.47
C ASN B 364 -32.42 -59.20 -21.11
N GLN B 365 -32.65 -58.12 -21.87
CA GLN B 365 -31.98 -56.85 -21.60
C GLN B 365 -32.18 -56.48 -20.14
N LEU B 366 -33.33 -56.85 -19.59
CA LEU B 366 -33.65 -56.57 -18.21
C LEU B 366 -32.91 -57.49 -17.23
N LYS B 367 -32.77 -58.77 -17.60
CA LYS B 367 -32.05 -59.73 -16.75
C LYS B 367 -30.58 -59.33 -16.76
N ALA B 368 -30.10 -58.95 -17.94
CA ALA B 368 -28.73 -58.53 -18.15
C ALA B 368 -28.43 -57.31 -17.30
N THR B 369 -29.11 -56.20 -17.60
CA THR B 369 -28.92 -54.96 -16.86
C THR B 369 -28.81 -55.24 -15.36
N TYR B 370 -29.79 -55.97 -14.82
CA TYR B 370 -29.78 -56.30 -13.40
C TYR B 370 -28.49 -57.06 -13.04
N LEU B 371 -28.27 -58.18 -13.71
CA LEU B 371 -27.10 -59.04 -13.48
C LEU B 371 -25.73 -58.34 -13.51
N MET B 372 -25.64 -57.30 -14.33
CA MET B 372 -24.40 -56.57 -14.48
C MET B 372 -24.29 -55.51 -13.41
N SER B 373 -25.38 -54.80 -13.15
CA SER B 373 -25.36 -53.75 -12.13
C SER B 373 -24.89 -54.21 -10.75
N VAL B 374 -24.77 -55.52 -10.56
CA VAL B 374 -24.35 -56.06 -9.27
C VAL B 374 -22.93 -56.60 -9.23
N GLU B 375 -22.10 -56.20 -10.18
CA GLU B 375 -20.70 -56.64 -10.25
C GLU B 375 -19.83 -55.69 -9.42
N THR B 376 -20.23 -54.43 -9.38
CA THR B 376 -19.50 -53.42 -8.62
C THR B 376 -19.94 -53.42 -7.16
N ALA B 377 -18.97 -53.53 -6.26
CA ALA B 377 -19.25 -53.54 -4.83
C ALA B 377 -20.36 -52.54 -4.44
N GLN B 378 -20.33 -51.34 -4.99
CA GLN B 378 -21.36 -50.36 -4.66
C GLN B 378 -22.75 -50.85 -5.08
N GLY B 379 -22.92 -51.16 -6.36
CA GLY B 379 -24.21 -51.65 -6.85
C GLY B 379 -24.72 -52.90 -6.15
N LEU B 380 -23.80 -53.75 -5.69
CA LEU B 380 -24.18 -54.98 -4.99
C LEU B 380 -24.68 -54.64 -3.60
N LEU B 381 -23.88 -53.93 -2.81
CA LEU B 381 -24.31 -53.58 -1.46
C LEU B 381 -25.62 -52.81 -1.51
N ASN B 382 -25.86 -52.10 -2.59
CA ASN B 382 -27.09 -51.34 -2.72
C ASN B 382 -28.25 -52.25 -3.13
N GLU B 383 -27.93 -53.47 -3.57
CA GLU B 383 -28.96 -54.42 -3.95
C GLU B 383 -29.41 -55.10 -2.66
N ILE B 384 -28.44 -55.66 -1.95
CA ILE B 384 -28.70 -56.33 -0.69
C ILE B 384 -29.42 -55.37 0.26
N GLY B 385 -28.84 -54.20 0.48
CA GLY B 385 -29.44 -53.21 1.35
C GLY B 385 -30.89 -52.88 1.05
N SER B 386 -31.13 -52.20 -0.07
CA SER B 386 -32.49 -51.80 -0.48
C SER B 386 -33.56 -52.82 -0.12
N GLU B 387 -33.33 -54.06 -0.49
CA GLU B 387 -34.25 -55.15 -0.21
C GLU B 387 -34.31 -55.41 1.29
N ALA B 388 -33.16 -55.70 1.88
CA ALA B 388 -33.09 -55.98 3.31
C ALA B 388 -33.60 -54.82 4.17
N LEU B 389 -34.15 -53.78 3.56
CA LEU B 389 -34.68 -52.64 4.31
C LEU B 389 -36.16 -52.43 4.01
N LEU B 390 -36.59 -52.83 2.81
CA LEU B 390 -37.99 -52.70 2.40
C LEU B 390 -38.82 -53.98 2.59
N SER B 391 -38.23 -54.95 3.29
CA SER B 391 -38.91 -56.22 3.58
C SER B 391 -38.09 -57.14 4.50
N GLY B 392 -36.88 -56.74 4.85
CA GLY B 392 -36.04 -57.56 5.70
C GLY B 392 -35.81 -58.95 5.13
N THR B 393 -35.94 -59.05 3.81
CA THR B 393 -35.79 -60.31 3.11
C THR B 393 -34.63 -60.30 2.13
N HIS B 394 -34.73 -61.16 1.12
CA HIS B 394 -33.77 -61.27 0.04
C HIS B 394 -34.13 -62.32 -0.98
N THR B 395 -34.68 -61.85 -2.09
CA THR B 395 -35.07 -62.70 -3.21
C THR B 395 -33.77 -63.24 -3.82
N ALA B 396 -33.80 -64.45 -4.38
CA ALA B 396 -32.60 -64.99 -4.99
C ALA B 396 -32.56 -64.44 -6.41
N PRO B 397 -31.35 -64.29 -6.98
CA PRO B 397 -31.30 -63.77 -8.36
C PRO B 397 -31.99 -64.72 -9.31
N SER B 398 -32.48 -65.83 -8.74
CA SER B 398 -33.18 -66.86 -9.50
C SER B 398 -34.70 -66.58 -9.49
N VAL B 399 -35.19 -66.10 -8.33
CA VAL B 399 -36.61 -65.78 -8.15
C VAL B 399 -36.98 -64.51 -8.92
N VAL B 400 -36.09 -63.53 -8.90
CA VAL B 400 -36.30 -62.27 -9.60
C VAL B 400 -36.33 -62.56 -11.11
N ALA B 401 -35.60 -63.60 -11.51
CA ALA B 401 -35.54 -63.99 -12.92
C ALA B 401 -36.93 -64.43 -13.39
N GLN B 402 -37.65 -65.15 -12.53
CA GLN B 402 -39.00 -65.62 -12.86
C GLN B 402 -39.99 -64.46 -13.04
N LYS B 403 -40.03 -63.58 -12.05
CA LYS B 403 -40.94 -62.43 -12.08
C LYS B 403 -40.79 -61.64 -13.37
N ILE B 404 -39.57 -61.63 -13.91
CA ILE B 404 -39.29 -60.90 -15.15
C ILE B 404 -40.05 -61.49 -16.35
N ASP B 405 -39.81 -62.76 -16.65
CA ASP B 405 -40.47 -63.41 -17.78
C ASP B 405 -41.93 -63.85 -17.55
N SER B 406 -42.40 -63.79 -16.29
CA SER B 406 -43.77 -64.17 -15.99
C SER B 406 -44.68 -63.02 -16.42
N VAL B 407 -44.14 -62.17 -17.30
CA VAL B 407 -44.87 -61.03 -17.83
C VAL B 407 -45.38 -61.39 -19.22
N THR B 408 -46.67 -61.22 -19.43
CA THR B 408 -47.27 -61.56 -20.71
C THR B 408 -47.29 -60.41 -21.68
N SER B 409 -47.43 -60.75 -22.95
CA SER B 409 -47.49 -59.75 -24.01
C SER B 409 -48.66 -58.80 -23.72
N ALA B 410 -49.54 -59.23 -22.82
CA ALA B 410 -50.69 -58.42 -22.45
C ALA B 410 -50.25 -57.32 -21.49
N ASP B 411 -49.81 -57.72 -20.30
CA ASP B 411 -49.33 -56.80 -19.25
C ASP B 411 -48.63 -55.57 -19.81
N VAL B 412 -47.81 -55.82 -20.83
CA VAL B 412 -47.07 -54.77 -21.50
C VAL B 412 -48.04 -53.81 -22.20
N VAL B 413 -48.87 -54.34 -23.09
CA VAL B 413 -49.83 -53.52 -23.81
C VAL B 413 -50.76 -52.80 -22.85
N ASN B 414 -50.91 -53.34 -21.63
CA ASN B 414 -51.77 -52.72 -20.61
C ASN B 414 -51.08 -51.51 -19.98
N ALA B 415 -49.81 -51.67 -19.65
CA ALA B 415 -49.04 -50.59 -19.05
C ALA B 415 -49.07 -49.45 -20.06
N ALA B 416 -48.88 -49.79 -21.33
CA ALA B 416 -48.89 -48.82 -22.41
C ALA B 416 -50.21 -48.04 -22.47
N LYS B 417 -51.32 -48.72 -22.16
CA LYS B 417 -52.61 -48.03 -22.17
C LYS B 417 -52.71 -47.11 -20.96
N LYS B 418 -52.47 -47.68 -19.78
CA LYS B 418 -52.52 -46.95 -18.52
C LYS B 418 -51.84 -45.60 -18.64
N PHE B 419 -50.88 -45.53 -19.56
CA PHE B 419 -50.15 -44.31 -19.81
C PHE B 419 -50.99 -43.36 -20.67
N VAL B 420 -51.46 -43.84 -21.81
CA VAL B 420 -52.26 -43.00 -22.73
C VAL B 420 -53.55 -42.47 -22.12
N SER B 421 -54.07 -43.19 -21.13
CA SER B 421 -55.31 -42.83 -20.47
C SER B 421 -55.11 -41.95 -19.23
N GLY B 422 -54.25 -42.38 -18.30
CA GLY B 422 -54.01 -41.62 -17.10
C GLY B 422 -53.67 -40.16 -17.35
N LYS B 423 -53.73 -39.33 -16.32
CA LYS B 423 -53.42 -37.92 -16.45
C LYS B 423 -51.91 -37.81 -16.58
N LYS B 424 -51.45 -36.83 -17.36
CA LYS B 424 -50.01 -36.66 -17.58
C LYS B 424 -49.41 -35.41 -16.94
N SER B 425 -48.12 -35.49 -16.60
CA SER B 425 -47.36 -34.37 -16.03
C SER B 425 -46.30 -34.04 -17.07
N MET B 426 -45.67 -32.88 -16.97
CA MET B 426 -44.63 -32.53 -17.93
C MET B 426 -43.62 -31.50 -17.41
N ALA B 427 -42.37 -31.64 -17.84
CA ALA B 427 -41.29 -30.74 -17.47
C ALA B 427 -40.47 -30.47 -18.73
N ALA B 428 -40.06 -29.22 -18.91
CA ALA B 428 -39.28 -28.87 -20.08
C ALA B 428 -38.46 -27.60 -19.86
N SER B 429 -37.21 -27.63 -20.32
CA SER B 429 -36.32 -26.49 -20.19
C SER B 429 -35.44 -26.29 -21.43
N GLY B 430 -35.38 -25.05 -21.91
CA GLY B 430 -34.58 -24.74 -23.09
C GLY B 430 -35.27 -23.63 -23.83
N ASP B 431 -35.01 -23.52 -25.13
CA ASP B 431 -35.69 -22.50 -25.91
C ASP B 431 -37.00 -23.19 -26.29
N LEU B 432 -37.91 -23.23 -25.33
CA LEU B 432 -39.20 -23.89 -25.51
C LEU B 432 -40.10 -23.33 -26.59
N GLY B 433 -39.68 -22.24 -27.24
CA GLY B 433 -40.50 -21.64 -28.27
C GLY B 433 -41.19 -22.59 -29.25
N SER B 434 -40.61 -23.77 -29.47
CA SER B 434 -41.18 -24.74 -30.40
C SER B 434 -41.67 -26.03 -29.75
N THR B 435 -41.58 -26.08 -28.43
CA THR B 435 -42.01 -27.22 -27.63
C THR B 435 -43.53 -27.15 -27.38
N PRO B 436 -44.21 -28.30 -27.38
CA PRO B 436 -45.66 -28.33 -27.15
C PRO B 436 -46.12 -28.37 -25.69
N PHE B 437 -47.34 -27.89 -25.45
CA PHE B 437 -47.96 -27.90 -24.13
C PHE B 437 -48.68 -29.23 -23.96
N LEU B 438 -48.69 -29.77 -22.75
CA LEU B 438 -49.34 -31.03 -22.43
C LEU B 438 -50.70 -31.20 -23.08
N ASP B 439 -51.47 -30.12 -23.19
CA ASP B 439 -52.80 -30.18 -23.80
C ASP B 439 -52.77 -30.07 -25.32
N GLU B 440 -51.81 -30.75 -25.95
CA GLU B 440 -51.68 -30.72 -27.39
C GLU B 440 -51.13 -32.06 -27.84
N LEU B 441 -50.87 -32.93 -26.86
CA LEU B 441 -50.37 -34.26 -27.15
C LEU B 441 -51.53 -35.26 -27.05
N MET C 1 -5.17 -16.13 4.56
CA MET C 1 -3.78 -15.65 4.87
C MET C 1 -2.91 -15.71 3.63
N ALA C 2 -1.62 -15.40 3.79
CA ALA C 2 -0.68 -15.40 2.67
C ALA C 2 0.29 -16.59 2.75
N PRO C 3 0.25 -17.50 1.77
CA PRO C 3 1.17 -18.64 1.82
C PRO C 3 2.66 -18.28 1.95
N ASN C 4 3.27 -17.73 0.89
CA ASN C 4 4.69 -17.37 0.94
C ASN C 4 4.95 -16.18 1.88
N ILE C 5 6.15 -16.13 2.44
CA ILE C 5 6.53 -15.06 3.35
C ILE C 5 7.22 -13.94 2.57
N ARG C 6 6.96 -13.92 1.27
CA ARG C 6 7.52 -12.92 0.35
C ARG C 6 6.45 -11.88 0.02
N LYS C 7 5.19 -12.29 0.04
CA LYS C 7 4.04 -11.43 -0.28
C LYS C 7 3.26 -10.86 0.92
N SER C 8 3.44 -11.44 2.11
CA SER C 8 2.75 -10.99 3.32
C SER C 8 3.56 -10.05 4.25
N HIS C 9 4.79 -10.46 4.60
CA HIS C 9 5.73 -9.71 5.46
C HIS C 9 5.69 -8.19 5.14
N PRO C 10 5.43 -7.33 6.15
CA PRO C 10 5.39 -5.89 5.89
C PRO C 10 6.64 -5.27 5.23
N LEU C 11 7.77 -5.98 5.30
CA LEU C 11 9.03 -5.51 4.69
C LEU C 11 9.40 -6.25 3.37
N LEU C 12 9.61 -7.57 3.44
CA LEU C 12 9.96 -8.36 2.26
C LEU C 12 8.95 -8.18 1.15
N LYS C 13 7.71 -7.90 1.56
CA LYS C 13 6.62 -7.65 0.61
C LYS C 13 6.98 -6.40 -0.18
N MET C 14 7.95 -5.65 0.34
CA MET C 14 8.40 -4.43 -0.31
C MET C 14 9.59 -4.72 -1.22
N ILE C 15 10.58 -5.45 -0.71
CA ILE C 15 11.73 -5.78 -1.54
C ILE C 15 11.19 -6.56 -2.72
N ASN C 16 10.19 -7.39 -2.45
CA ASN C 16 9.55 -8.22 -3.47
C ASN C 16 8.57 -7.44 -4.33
N ASN C 17 7.80 -6.55 -3.72
CA ASN C 17 6.80 -5.81 -4.48
C ASN C 17 7.33 -4.57 -5.22
N SER C 18 8.64 -4.37 -5.20
CA SER C 18 9.23 -3.25 -5.90
C SER C 18 10.55 -3.58 -6.59
N LEU C 19 10.87 -4.87 -6.67
CA LEU C 19 12.09 -5.31 -7.32
C LEU C 19 12.24 -6.81 -7.32
N ILE C 20 11.28 -7.53 -7.89
CA ILE C 20 11.39 -8.98 -7.91
C ILE C 20 10.13 -9.57 -8.47
N ASP C 21 9.02 -8.89 -8.27
CA ASP C 21 7.76 -9.39 -8.79
C ASP C 21 7.21 -8.21 -9.56
N LEU C 22 8.04 -7.20 -9.71
CA LEU C 22 7.67 -5.98 -10.40
C LEU C 22 7.44 -6.21 -11.90
N PRO C 23 6.32 -5.72 -12.41
CA PRO C 23 5.98 -5.88 -13.82
C PRO C 23 6.78 -4.92 -14.71
N ALA C 24 7.63 -5.48 -15.58
CA ALA C 24 8.47 -4.70 -16.47
C ALA C 24 8.19 -5.04 -17.93
N PRO C 25 8.19 -4.02 -18.80
CA PRO C 25 7.94 -4.24 -20.23
C PRO C 25 9.02 -5.19 -20.73
N SER C 26 8.69 -6.12 -21.61
CA SER C 26 9.69 -7.07 -22.06
C SER C 26 10.69 -6.49 -23.02
N ASN C 27 10.38 -5.32 -23.56
CA ASN C 27 11.27 -4.73 -24.53
C ASN C 27 12.05 -3.48 -24.14
N ILE C 28 12.41 -3.31 -22.89
CA ILE C 28 13.17 -2.11 -22.59
C ILE C 28 14.61 -2.36 -22.97
N SER C 29 15.15 -1.39 -23.70
CA SER C 29 16.52 -1.40 -24.23
C SER C 29 17.54 -1.02 -23.20
N ALA C 30 18.80 -1.00 -23.63
CA ALA C 30 19.89 -0.67 -22.73
C ALA C 30 19.74 0.70 -22.15
N TRP C 31 18.99 1.57 -22.81
CA TRP C 31 18.83 2.93 -22.31
C TRP C 31 18.05 2.99 -21.00
N TRP C 32 17.54 1.85 -20.57
CA TRP C 32 16.80 1.80 -19.35
C TRP C 32 17.67 1.35 -18.17
N ASN C 33 18.90 0.95 -18.46
CA ASN C 33 19.82 0.49 -17.42
C ASN C 33 20.42 1.62 -16.63
N PHE C 34 20.16 2.86 -17.01
CA PHE C 34 20.78 3.92 -16.26
C PHE C 34 20.13 4.17 -14.93
N GLY C 35 18.87 3.79 -14.80
CA GLY C 35 18.21 3.98 -13.53
C GLY C 35 19.01 3.30 -12.42
N SER C 36 19.27 2.01 -12.60
CA SER C 36 20.01 1.27 -11.60
C SER C 36 21.43 1.79 -11.42
N LEU C 37 22.10 2.11 -12.51
CA LEU C 37 23.46 2.61 -12.40
C LEU C 37 23.45 3.89 -11.58
N LEU C 38 22.44 4.72 -11.79
CA LEU C 38 22.37 5.97 -11.05
C LEU C 38 22.23 5.62 -9.60
N ALA C 39 21.37 4.63 -9.35
CA ALA C 39 21.12 4.15 -7.99
C ALA C 39 22.39 3.60 -7.40
N VAL C 40 23.05 2.69 -8.11
CA VAL C 40 24.30 2.13 -7.62
C VAL C 40 25.32 3.21 -7.31
N CYS C 41 25.47 4.18 -8.19
CA CYS C 41 26.41 5.27 -7.93
C CYS C 41 26.14 5.87 -6.53
N LEU C 42 24.89 6.29 -6.31
CA LEU C 42 24.48 6.89 -5.06
C LEU C 42 25.02 6.12 -3.87
N MET C 43 24.82 4.80 -3.85
CA MET C 43 25.30 4.00 -2.74
C MET C 43 26.83 3.99 -2.71
N THR C 44 27.47 3.89 -3.87
CA THR C 44 28.93 3.89 -3.92
C THR C 44 29.51 5.24 -3.49
N GLN C 45 28.89 6.32 -3.94
CA GLN C 45 29.34 7.65 -3.58
C GLN C 45 29.27 7.83 -2.08
N ILE C 46 28.08 7.56 -1.53
CA ILE C 46 27.79 7.65 -0.09
C ILE C 46 28.78 6.83 0.74
N LEU C 47 29.04 5.61 0.31
CA LEU C 47 29.97 4.80 1.04
C LEU C 47 31.39 5.40 1.03
N THR C 48 31.97 5.56 -0.16
CA THR C 48 33.32 6.13 -0.28
C THR C 48 33.34 7.50 0.40
N GLY C 49 32.23 8.20 0.32
CA GLY C 49 32.17 9.50 0.95
C GLY C 49 32.45 9.42 2.44
N LEU C 50 31.69 8.59 3.18
CA LEU C 50 31.86 8.45 4.63
C LEU C 50 33.29 8.12 4.96
N LEU C 51 33.80 7.10 4.31
CA LEU C 51 35.19 6.71 4.48
C LEU C 51 36.13 7.94 4.46
N LEU C 52 35.87 8.85 3.53
CA LEU C 52 36.68 10.04 3.43
C LEU C 52 36.39 10.98 4.57
N ALA C 53 35.10 11.21 4.88
CA ALA C 53 34.70 12.11 5.94
C ALA C 53 35.37 11.76 7.25
N MET C 54 35.79 10.51 7.36
CA MET C 54 36.47 10.07 8.56
C MET C 54 37.93 10.47 8.62
N HIS C 55 38.37 11.31 7.68
CA HIS C 55 39.76 11.77 7.66
C HIS C 55 39.87 13.23 7.25
N TYR C 56 38.76 13.80 6.81
CA TYR C 56 38.76 15.18 6.36
C TYR C 56 38.66 16.07 7.58
N THR C 57 38.96 17.34 7.41
CA THR C 57 38.88 18.30 8.51
C THR C 57 38.44 19.65 7.97
N ALA C 58 37.15 19.95 8.05
CA ALA C 58 36.63 21.21 7.54
C ALA C 58 37.16 22.47 8.20
N ASP C 59 38.31 22.93 7.73
CA ASP C 59 38.88 24.15 8.25
C ASP C 59 39.90 24.66 7.25
N THR C 60 39.80 25.92 6.86
CA THR C 60 40.72 26.46 5.87
C THR C 60 42.17 26.06 6.12
N SER C 61 42.67 26.29 7.32
CA SER C 61 44.06 25.95 7.58
C SER C 61 44.36 24.45 7.64
N LEU C 62 43.37 23.61 7.34
CA LEU C 62 43.62 22.19 7.43
C LEU C 62 42.94 21.35 6.37
N ALA C 63 42.06 21.96 5.60
CA ALA C 63 41.37 21.19 4.59
C ALA C 63 42.34 20.57 3.59
N PHE C 64 43.05 21.41 2.85
CA PHE C 64 43.94 20.89 1.83
C PHE C 64 44.89 19.81 2.32
N SER C 65 45.54 20.04 3.44
CA SER C 65 46.48 19.04 3.92
C SER C 65 45.84 17.75 4.47
N SER C 66 44.58 17.83 4.85
CA SER C 66 43.88 16.65 5.35
C SER C 66 43.66 15.66 4.21
N VAL C 67 43.19 16.19 3.09
CA VAL C 67 42.96 15.40 1.90
C VAL C 67 44.28 14.82 1.42
N ALA C 68 45.31 15.64 1.47
CA ALA C 68 46.62 15.21 1.03
C ALA C 68 47.07 14.09 1.93
N HIS C 69 46.84 14.26 3.23
CA HIS C 69 47.22 13.23 4.17
C HIS C 69 46.37 12.00 3.89
N THR C 70 45.06 12.18 3.72
CA THR C 70 44.15 11.08 3.44
C THR C 70 44.68 10.19 2.34
N CYS C 71 45.38 10.76 1.39
CA CYS C 71 45.89 9.97 0.28
C CYS C 71 47.23 9.31 0.51
N ARG C 72 48.20 10.12 0.95
CA ARG C 72 49.55 9.64 1.19
C ARG C 72 49.71 8.76 2.44
N ASN C 73 48.80 8.89 3.39
CA ASN C 73 48.92 8.11 4.61
C ASN C 73 47.84 7.08 4.86
N VAL C 74 46.58 7.48 4.73
CA VAL C 74 45.48 6.55 4.97
C VAL C 74 45.60 5.34 4.06
N GLN C 75 45.56 4.14 4.62
CA GLN C 75 45.67 2.95 3.81
C GLN C 75 44.58 2.92 2.75
N TYR C 76 44.97 2.84 1.48
CA TYR C 76 44.01 2.82 0.39
C TYR C 76 43.20 4.12 0.28
N GLY C 77 43.64 5.13 1.03
CA GLY C 77 42.95 6.39 0.99
C GLY C 77 42.98 6.91 -0.45
N TRP C 78 44.15 6.84 -1.06
CA TRP C 78 44.30 7.31 -2.41
C TRP C 78 43.26 6.72 -3.37
N LEU C 79 42.99 5.43 -3.20
CA LEU C 79 42.03 4.71 -4.04
C LEU C 79 40.61 5.19 -3.77
N ILE C 80 40.31 5.36 -2.49
CA ILE C 80 39.00 5.83 -2.09
C ILE C 80 38.75 7.24 -2.60
N ARG C 81 39.75 8.12 -2.43
CA ARG C 81 39.61 9.48 -2.92
C ARG C 81 39.27 9.40 -4.40
N ASN C 82 40.07 8.66 -5.18
CA ASN C 82 39.84 8.50 -6.62
C ASN C 82 38.43 8.07 -6.89
N LEU C 83 38.09 6.88 -6.45
CA LEU C 83 36.75 6.38 -6.64
C LEU C 83 35.67 7.44 -6.36
N HIS C 84 35.78 8.15 -5.23
CA HIS C 84 34.78 9.18 -4.89
C HIS C 84 34.75 10.30 -5.93
N ALA C 85 35.91 10.84 -6.28
CA ALA C 85 35.97 11.90 -7.27
C ALA C 85 35.55 11.45 -8.68
N ASN C 86 35.97 10.26 -9.10
CA ASN C 86 35.57 9.83 -10.42
C ASN C 86 34.14 9.29 -10.46
N GLY C 87 33.64 8.90 -9.29
CA GLY C 87 32.27 8.44 -9.26
C GLY C 87 31.40 9.65 -9.57
N ALA C 88 31.82 10.80 -9.06
CA ALA C 88 31.08 12.01 -9.30
C ALA C 88 30.88 12.19 -10.79
N SER C 89 31.91 11.91 -11.57
CA SER C 89 31.83 12.06 -13.02
C SER C 89 30.94 10.97 -13.65
N PHE C 90 31.23 9.70 -13.36
CA PHE C 90 30.39 8.66 -13.94
C PHE C 90 28.95 8.82 -13.50
N PHE C 91 28.75 9.47 -12.37
CA PHE C 91 27.39 9.73 -11.85
C PHE C 91 26.74 10.66 -12.85
N PHE C 92 27.42 11.74 -13.20
CA PHE C 92 26.89 12.71 -14.18
C PHE C 92 26.71 12.18 -15.60
N ILE C 93 27.67 11.35 -16.04
CA ILE C 93 27.58 10.73 -17.35
C ILE C 93 26.27 9.95 -17.33
N CYS C 94 26.15 9.05 -16.37
CA CYS C 94 24.93 8.28 -16.28
C CYS C 94 23.67 9.12 -16.21
N ILE C 95 23.66 10.15 -15.37
CA ILE C 95 22.45 10.96 -15.27
C ILE C 95 22.09 11.63 -16.58
N PHE C 96 23.10 12.01 -17.37
CA PHE C 96 22.84 12.64 -18.65
C PHE C 96 22.24 11.66 -19.64
N LEU C 97 22.74 10.44 -19.71
CA LEU C 97 22.09 9.49 -20.61
C LEU C 97 20.66 9.20 -20.05
N HIS C 98 20.54 9.03 -18.73
CA HIS C 98 19.24 8.76 -18.11
C HIS C 98 18.23 9.81 -18.61
N ILE C 99 18.66 11.08 -18.62
CA ILE C 99 17.81 12.16 -19.11
C ILE C 99 17.49 12.10 -20.61
N GLY C 100 18.54 11.91 -21.42
CA GLY C 100 18.37 11.84 -22.86
C GLY C 100 17.31 10.83 -23.20
N ARG C 101 17.47 9.63 -22.66
CA ARG C 101 16.54 8.53 -22.85
C ARG C 101 15.13 9.04 -22.61
N GLY C 102 14.95 9.65 -21.44
CA GLY C 102 13.65 10.18 -21.12
C GLY C 102 13.13 11.12 -22.20
N LEU C 103 13.99 12.03 -22.63
CA LEU C 103 13.65 13.01 -23.65
C LEU C 103 13.28 12.36 -24.98
N TYR C 104 14.16 11.50 -25.48
CA TYR C 104 13.97 10.80 -26.75
C TYR C 104 12.79 9.88 -26.78
N TYR C 105 12.43 9.30 -25.62
CA TYR C 105 11.30 8.37 -25.53
C TYR C 105 10.06 8.85 -24.80
N GLY C 106 9.93 10.17 -24.70
CA GLY C 106 8.78 10.75 -24.05
C GLY C 106 8.42 10.13 -22.73
N SER C 107 9.42 9.90 -21.88
CA SER C 107 9.14 9.35 -20.58
C SER C 107 8.67 10.48 -19.68
N TYR C 108 8.93 11.71 -20.12
CA TYR C 108 8.54 12.92 -19.40
C TYR C 108 7.04 13.06 -19.34
N LEU C 109 6.33 12.19 -20.06
CA LEU C 109 4.88 12.26 -20.01
C LEU C 109 4.45 11.70 -18.67
N TYR C 110 5.42 11.16 -17.92
CA TYR C 110 5.21 10.64 -16.58
C TYR C 110 5.56 11.80 -15.66
N LYS C 111 4.90 12.95 -15.87
CA LYS C 111 5.14 14.18 -15.10
C LYS C 111 5.75 14.16 -13.70
N GLU C 112 5.14 13.47 -12.74
CA GLU C 112 5.72 13.49 -11.41
C GLU C 112 7.04 12.74 -11.35
N THR C 113 7.11 11.59 -12.01
CA THR C 113 8.35 10.83 -12.00
C THR C 113 9.40 11.74 -12.56
N TRP C 114 9.04 12.48 -13.61
CA TRP C 114 9.93 13.43 -14.26
C TRP C 114 10.32 14.62 -13.38
N ASN C 115 9.34 15.38 -12.90
CA ASN C 115 9.64 16.51 -12.05
C ASN C 115 10.53 16.17 -10.86
N THR C 116 10.31 15.04 -10.22
CA THR C 116 11.19 14.64 -9.09
C THR C 116 12.60 14.39 -9.67
N GLY C 117 12.63 13.94 -10.92
CA GLY C 117 13.90 13.70 -11.57
C GLY C 117 14.67 15.00 -11.62
N VAL C 118 14.06 16.01 -12.26
CA VAL C 118 14.69 17.30 -12.37
C VAL C 118 15.20 17.77 -11.00
N ILE C 119 14.38 17.59 -9.96
CA ILE C 119 14.77 17.95 -8.59
C ILE C 119 16.05 17.18 -8.23
N LEU C 120 16.06 15.89 -8.57
CA LEU C 120 17.23 15.07 -8.29
C LEU C 120 18.46 15.68 -8.93
N LEU C 121 18.39 15.94 -10.25
CA LEU C 121 19.47 16.58 -11.01
C LEU C 121 20.02 17.84 -10.30
N LEU C 122 19.14 18.78 -10.00
CA LEU C 122 19.56 19.98 -9.31
C LEU C 122 20.30 19.63 -7.99
N THR C 123 19.76 18.70 -7.22
CA THR C 123 20.38 18.29 -5.96
C THR C 123 21.76 17.68 -6.18
N LEU C 124 21.85 16.76 -7.14
CA LEU C 124 23.14 16.14 -7.42
C LEU C 124 24.16 17.23 -7.79
N MET C 125 23.72 18.21 -8.59
CA MET C 125 24.57 19.34 -8.99
C MET C 125 25.07 20.10 -7.78
N ALA C 126 24.14 20.56 -6.95
CA ALA C 126 24.54 21.28 -5.76
C ALA C 126 25.52 20.43 -4.95
N THR C 127 25.25 19.14 -4.80
CA THR C 127 26.14 18.28 -4.04
C THR C 127 27.55 18.26 -4.63
N ALA C 128 27.65 17.82 -5.88
CA ALA C 128 28.94 17.72 -6.54
C ALA C 128 29.67 19.05 -6.45
N PHE C 129 28.91 20.13 -6.44
CA PHE C 129 29.58 21.41 -6.37
C PHE C 129 30.28 21.55 -5.06
N VAL C 130 29.54 21.61 -3.96
CA VAL C 130 30.17 21.76 -2.65
C VAL C 130 31.22 20.67 -2.32
N GLY C 131 31.11 19.48 -2.89
CA GLY C 131 32.13 18.48 -2.61
C GLY C 131 33.47 19.02 -3.10
N TYR C 132 33.46 19.46 -4.35
CA TYR C 132 34.57 20.04 -5.11
C TYR C 132 35.22 21.21 -4.38
N VAL C 133 34.53 21.81 -3.41
CA VAL C 133 35.06 22.94 -2.64
C VAL C 133 35.81 22.51 -1.36
N LEU C 134 35.51 21.32 -0.87
CA LEU C 134 36.12 20.85 0.36
C LEU C 134 37.64 20.78 0.41
N PRO C 135 38.30 20.29 -0.67
CA PRO C 135 39.76 20.20 -0.65
C PRO C 135 40.42 21.54 -0.61
N TRP C 136 39.60 22.58 -0.70
CA TRP C 136 40.07 23.94 -0.62
C TRP C 136 41.29 24.19 -1.52
N GLY C 137 41.11 24.00 -2.81
CA GLY C 137 42.19 24.26 -3.73
C GLY C 137 41.79 25.53 -4.46
N GLN C 138 42.49 25.89 -5.53
CA GLN C 138 42.19 27.09 -6.31
C GLN C 138 40.83 27.13 -6.93
N MET C 139 40.39 26.02 -7.50
CA MET C 139 39.07 26.02 -8.07
C MET C 139 38.14 26.08 -6.92
N SER C 140 38.34 25.18 -5.96
CA SER C 140 37.53 25.13 -4.75
C SER C 140 37.12 26.51 -4.32
N PHE C 141 38.10 27.36 -4.11
CA PHE C 141 37.87 28.73 -3.67
C PHE C 141 37.12 29.60 -4.66
N TRP C 142 37.72 29.82 -5.81
CA TRP C 142 37.06 30.67 -6.78
C TRP C 142 35.71 30.15 -7.23
N GLY C 143 35.50 28.85 -7.13
CA GLY C 143 34.20 28.31 -7.47
C GLY C 143 33.21 28.80 -6.41
N ALA C 144 33.61 28.58 -5.15
CA ALA C 144 32.82 28.96 -3.99
C ALA C 144 32.45 30.42 -4.08
N THR C 145 33.41 31.24 -4.52
CA THR C 145 33.19 32.68 -4.66
C THR C 145 32.19 33.07 -5.73
N VAL C 146 32.28 32.47 -6.91
CA VAL C 146 31.40 32.81 -8.00
C VAL C 146 29.98 32.31 -7.83
N ILE C 147 29.85 31.05 -7.44
CA ILE C 147 28.52 30.49 -7.28
C ILE C 147 27.73 31.15 -6.16
N THR C 148 28.32 31.34 -4.98
CA THR C 148 27.57 32.00 -3.92
C THR C 148 27.24 33.42 -4.37
N ASN C 149 28.10 33.99 -5.20
CA ASN C 149 27.93 35.36 -5.69
C ASN C 149 26.75 35.50 -6.64
N LEU C 150 26.31 34.37 -7.17
CA LEU C 150 25.17 34.39 -8.05
C LEU C 150 23.93 35.03 -7.41
N PHE C 151 23.71 34.82 -6.11
CA PHE C 151 22.53 35.39 -5.48
C PHE C 151 22.57 36.89 -5.54
N SER C 152 23.78 37.43 -5.68
CA SER C 152 23.94 38.87 -5.73
C SER C 152 23.15 39.49 -6.87
N ALA C 153 22.68 38.67 -7.81
CA ALA C 153 21.92 39.20 -8.94
C ALA C 153 20.46 39.43 -8.59
N ILE C 154 20.03 38.84 -7.47
CA ILE C 154 18.65 38.97 -6.99
C ILE C 154 18.57 40.31 -6.29
N PRO C 155 17.79 41.25 -6.82
CA PRO C 155 17.70 42.56 -6.15
C PRO C 155 17.21 42.58 -4.69
N TYR C 156 17.83 43.45 -3.88
CA TYR C 156 17.52 43.64 -2.46
C TYR C 156 18.07 42.52 -1.56
N ILE C 157 17.23 41.50 -1.35
CA ILE C 157 17.58 40.34 -0.54
C ILE C 157 18.82 39.64 -1.10
N GLY C 158 19.39 40.22 -2.15
CA GLY C 158 20.55 39.64 -2.77
C GLY C 158 21.80 39.74 -1.94
N HIS C 159 22.34 40.94 -1.91
CA HIS C 159 23.57 41.18 -1.18
C HIS C 159 23.54 40.64 0.22
N THR C 160 22.36 40.40 0.75
CA THR C 160 22.30 39.81 2.07
C THR C 160 22.48 38.31 1.89
N LEU C 161 21.65 37.71 1.05
CA LEU C 161 21.74 36.27 0.81
C LEU C 161 23.19 35.80 0.70
N VAL C 162 24.06 36.65 0.18
CA VAL C 162 25.46 36.29 0.06
C VAL C 162 26.09 36.21 1.46
N GLU C 163 25.76 37.16 2.34
CA GLU C 163 26.29 37.14 3.71
C GLU C 163 26.08 35.79 4.40
N TRP C 164 24.87 35.23 4.38
CA TRP C 164 24.68 33.94 5.03
C TRP C 164 25.65 32.99 4.37
N ALA C 165 25.37 32.72 3.10
CA ALA C 165 26.16 31.82 2.30
C ALA C 165 27.60 31.71 2.77
N TRP C 166 28.22 32.85 3.05
CA TRP C 166 29.59 32.88 3.50
C TRP C 166 29.75 32.83 5.01
N GLY C 167 28.81 33.44 5.71
CA GLY C 167 28.88 33.45 7.17
C GLY C 167 29.76 34.61 7.59
N GLY C 168 30.22 35.35 6.59
CA GLY C 168 31.06 36.48 6.87
C GLY C 168 30.85 37.50 5.78
N PHE C 169 31.90 38.21 5.45
CA PHE C 169 31.84 39.23 4.43
C PHE C 169 32.82 38.96 3.30
N SER C 170 33.15 37.68 3.12
CA SER C 170 34.05 37.22 2.08
C SER C 170 34.31 35.76 2.41
N VAL C 171 34.34 34.91 1.38
CA VAL C 171 34.57 33.48 1.60
C VAL C 171 35.64 33.26 2.66
N ASP C 172 35.41 32.28 3.53
CA ASP C 172 36.38 31.96 4.58
C ASP C 172 35.87 30.75 5.30
N ASN C 173 36.58 30.38 6.38
CA ASN C 173 36.29 29.20 7.19
C ASN C 173 34.82 28.85 7.41
N PRO C 174 34.01 29.82 7.83
CA PRO C 174 32.61 29.45 8.03
C PRO C 174 32.03 28.83 6.75
N THR C 175 32.34 29.39 5.59
CA THR C 175 31.85 28.88 4.32
C THR C 175 32.26 27.41 4.14
N LEU C 176 33.52 27.14 4.45
CA LEU C 176 34.01 25.79 4.31
C LEU C 176 33.37 24.82 5.25
N THR C 177 33.05 25.21 6.48
CA THR C 177 32.42 24.24 7.38
C THR C 177 30.95 24.03 7.09
N ARG C 178 30.24 25.09 6.68
CA ARG C 178 28.83 24.90 6.39
C ARG C 178 28.70 24.26 5.04
N PHE C 179 29.82 24.12 4.33
CA PHE C 179 29.76 23.48 3.04
C PHE C 179 29.92 22.00 3.28
N PHE C 180 30.86 21.64 4.14
CA PHE C 180 31.07 20.23 4.49
C PHE C 180 29.77 19.66 5.10
N ALA C 181 29.12 20.47 5.94
CA ALA C 181 27.86 20.05 6.56
C ALA C 181 26.89 19.74 5.44
N LEU C 182 26.67 20.74 4.59
CA LEU C 182 25.79 20.64 3.45
C LEU C 182 26.06 19.43 2.55
N HIS C 183 27.33 19.18 2.25
CA HIS C 183 27.73 18.05 1.39
C HIS C 183 27.35 16.79 2.12
N PHE C 184 27.74 16.69 3.38
CA PHE C 184 27.44 15.49 4.16
C PHE C 184 25.93 15.17 4.10
N LEU C 185 25.11 16.20 4.20
CA LEU C 185 23.68 16.01 4.22
C LEU C 185 22.95 15.68 2.93
N LEU C 186 23.07 16.52 1.90
CA LEU C 186 22.37 16.34 0.62
C LEU C 186 22.24 14.94 0.02
N PRO C 187 23.35 14.19 -0.09
CA PRO C 187 23.27 12.83 -0.64
C PRO C 187 22.09 12.05 -0.10
N PHE C 188 21.87 12.16 1.20
CA PHE C 188 20.75 11.44 1.81
C PHE C 188 19.44 12.00 1.27
N ALA C 189 19.34 13.31 1.20
CA ALA C 189 18.12 13.87 0.69
C ALA C 189 17.96 13.33 -0.73
N ILE C 190 19.08 13.02 -1.38
CA ILE C 190 18.99 12.51 -2.73
C ILE C 190 18.36 11.14 -2.65
N ALA C 191 18.97 10.28 -1.83
CA ALA C 191 18.50 8.91 -1.62
C ALA C 191 17.01 8.93 -1.26
N GLY C 192 16.66 9.88 -0.41
CA GLY C 192 15.26 10.03 -0.02
C GLY C 192 14.35 10.26 -1.22
N ILE C 193 14.58 11.37 -1.93
CA ILE C 193 13.78 11.70 -3.10
C ILE C 193 13.83 10.57 -4.13
N THR C 194 15.00 9.95 -4.34
CA THR C 194 15.07 8.84 -5.28
C THR C 194 13.93 7.86 -4.99
N ILE C 195 13.67 7.60 -3.71
CA ILE C 195 12.59 6.69 -3.31
C ILE C 195 11.27 7.18 -3.85
N ILE C 196 11.01 8.47 -3.73
CA ILE C 196 9.76 9.02 -4.24
C ILE C 196 9.71 8.88 -5.77
N HIS C 197 10.80 9.25 -6.45
CA HIS C 197 10.96 9.17 -7.91
C HIS C 197 10.46 7.81 -8.33
N LEU C 198 11.06 6.79 -7.74
CA LEU C 198 10.68 5.42 -8.02
C LEU C 198 9.26 5.08 -7.59
N THR C 199 8.74 5.79 -6.61
CA THR C 199 7.38 5.49 -6.18
C THR C 199 6.33 6.01 -7.15
N PHE C 200 6.51 7.23 -7.62
CA PHE C 200 5.59 7.79 -8.59
C PHE C 200 5.66 6.90 -9.81
N LEU C 201 6.88 6.52 -10.17
CA LEU C 201 7.05 5.67 -11.32
C LEU C 201 6.04 4.55 -11.19
N HIS C 202 6.28 3.67 -10.21
CA HIS C 202 5.43 2.51 -9.98
C HIS C 202 3.93 2.63 -10.18
N GLU C 203 3.39 3.83 -10.09
CA GLU C 203 1.96 4.01 -10.31
C GLU C 203 1.61 3.59 -11.73
N SER C 204 2.43 4.04 -12.67
CA SER C 204 2.25 3.78 -14.10
C SER C 204 3.01 2.59 -14.67
N GLY C 205 4.28 2.46 -14.32
CA GLY C 205 5.06 1.35 -14.82
C GLY C 205 6.06 1.98 -15.77
N SER C 206 7.04 1.21 -16.22
CA SER C 206 8.02 1.76 -17.12
C SER C 206 7.45 1.97 -18.49
N ASN C 207 8.10 2.87 -19.20
CA ASN C 207 7.74 3.16 -20.56
C ASN C 207 8.58 2.14 -21.38
N ASN C 208 8.45 2.14 -22.70
CA ASN C 208 9.28 1.23 -23.50
C ASN C 208 9.55 1.91 -24.83
N PRO C 209 10.57 1.47 -25.56
CA PRO C 209 10.92 2.09 -26.84
C PRO C 209 9.86 2.40 -27.85
N LEU C 210 8.90 1.52 -28.10
CA LEU C 210 7.89 1.83 -29.10
C LEU C 210 6.82 2.78 -28.59
N GLY C 211 6.81 3.03 -27.28
CA GLY C 211 5.82 3.92 -26.72
C GLY C 211 4.35 3.53 -26.88
N ILE C 212 4.04 2.23 -26.77
CA ILE C 212 2.67 1.75 -26.86
C ILE C 212 2.51 0.79 -25.70
N SER C 213 1.32 0.71 -25.13
CA SER C 213 1.13 -0.13 -23.94
C SER C 213 1.73 -1.51 -23.97
N SER C 214 2.49 -1.82 -22.94
CA SER C 214 3.13 -3.13 -22.81
C SER C 214 2.41 -4.01 -21.78
N ASP C 215 1.10 -3.85 -21.66
CA ASP C 215 0.31 -4.64 -20.72
C ASP C 215 0.07 -6.02 -21.30
N SER C 216 0.11 -6.06 -22.61
CA SER C 216 -0.10 -7.29 -23.32
C SER C 216 1.13 -8.14 -23.17
N ASP C 217 2.21 -7.55 -22.65
CA ASP C 217 3.47 -8.29 -22.50
C ASP C 217 4.45 -7.84 -21.41
N LYS C 218 4.13 -8.09 -20.14
CA LYS C 218 5.02 -7.71 -19.03
C LYS C 218 5.82 -8.92 -18.57
N ILE C 219 6.92 -8.68 -17.87
CA ILE C 219 7.74 -9.76 -17.35
C ILE C 219 8.24 -9.41 -15.95
N PRO C 220 8.52 -10.42 -15.13
CA PRO C 220 9.00 -10.16 -13.78
C PRO C 220 10.39 -9.54 -13.77
N PHE C 221 10.57 -8.41 -13.12
CA PHE C 221 11.87 -7.76 -13.07
C PHE C 221 13.00 -8.77 -12.90
N HIS C 222 12.84 -9.66 -11.94
CA HIS C 222 13.81 -10.71 -11.67
C HIS C 222 13.33 -12.02 -12.34
N PRO C 223 14.22 -12.73 -13.05
CA PRO C 223 15.64 -12.50 -13.31
C PRO C 223 15.97 -11.74 -14.59
N TYR C 224 14.95 -11.37 -15.35
CA TYR C 224 15.18 -10.65 -16.58
C TYR C 224 16.02 -9.39 -16.43
N TYR C 225 15.49 -8.39 -15.73
CA TYR C 225 16.21 -7.15 -15.58
C TYR C 225 17.22 -7.08 -14.46
N SER C 226 17.17 -8.01 -13.53
CA SER C 226 18.16 -7.98 -12.46
C SER C 226 19.50 -8.43 -13.09
N PHE C 227 19.43 -9.46 -13.93
CA PHE C 227 20.63 -9.96 -14.60
C PHE C 227 21.13 -8.94 -15.60
N LYS C 228 20.19 -8.36 -16.35
CA LYS C 228 20.53 -7.35 -17.35
C LYS C 228 21.21 -6.17 -16.66
N ASP C 229 20.77 -5.80 -15.46
CA ASP C 229 21.41 -4.70 -14.75
C ASP C 229 22.75 -5.07 -14.14
N ILE C 230 22.93 -6.33 -13.79
CA ILE C 230 24.20 -6.75 -13.23
C ILE C 230 25.23 -6.56 -14.32
N LEU C 231 24.86 -6.95 -15.53
CA LEU C 231 25.71 -6.86 -16.70
C LEU C 231 26.00 -5.40 -17.06
N GLY C 232 24.93 -4.60 -17.08
CA GLY C 232 25.03 -3.19 -17.39
C GLY C 232 25.95 -2.53 -16.38
N LEU C 233 26.06 -3.15 -15.21
CA LEU C 233 26.92 -2.61 -14.17
C LEU C 233 28.37 -2.90 -14.50
N THR C 234 28.66 -4.17 -14.79
CA THR C 234 30.04 -4.57 -15.09
C THR C 234 30.57 -3.91 -16.32
N LEU C 235 29.69 -3.31 -17.11
CA LEU C 235 30.14 -2.60 -18.29
C LEU C 235 30.53 -1.18 -17.87
N MET C 236 29.63 -0.42 -17.29
CA MET C 236 30.00 0.93 -16.84
C MET C 236 31.25 0.84 -15.95
N LEU C 237 31.25 -0.12 -15.03
CA LEU C 237 32.35 -0.29 -14.11
C LEU C 237 33.73 -0.43 -14.77
N THR C 238 33.80 -1.04 -15.96
CA THR C 238 35.08 -1.24 -16.62
C THR C 238 35.82 0.04 -16.99
N PRO C 239 35.16 0.97 -17.73
CA PRO C 239 35.88 2.22 -18.07
C PRO C 239 36.02 3.14 -16.85
N PHE C 240 35.07 3.08 -15.93
CA PHE C 240 35.13 3.88 -14.71
C PHE C 240 36.43 3.49 -13.99
N LEU C 241 36.69 2.19 -13.85
CA LEU C 241 37.89 1.72 -13.19
C LEU C 241 39.14 1.83 -14.05
N THR C 242 38.98 1.66 -15.37
CA THR C 242 40.10 1.78 -16.30
C THR C 242 40.58 3.20 -16.21
N LEU C 243 39.63 4.10 -16.06
CA LEU C 243 39.96 5.50 -15.95
C LEU C 243 40.58 5.79 -14.59
N ALA C 244 39.83 5.54 -13.53
CA ALA C 244 40.33 5.82 -12.20
C ALA C 244 41.63 5.14 -11.83
N LEU C 245 41.91 3.97 -12.41
CA LEU C 245 43.13 3.28 -12.07
C LEU C 245 44.31 3.60 -12.98
N PHE C 246 44.08 3.71 -14.28
CA PHE C 246 45.17 3.99 -15.20
C PHE C 246 45.45 5.46 -15.47
N SER C 247 44.42 6.27 -15.54
CA SER C 247 44.59 7.70 -15.79
C SER C 247 43.70 8.52 -14.83
N PRO C 248 44.05 8.54 -13.55
CA PRO C 248 43.31 9.25 -12.50
C PRO C 248 42.81 10.64 -12.79
N ASN C 249 43.71 11.51 -13.20
CA ASN C 249 43.34 12.89 -13.42
C ASN C 249 42.83 13.26 -14.79
N LEU C 250 42.67 12.28 -15.65
CA LEU C 250 42.20 12.59 -16.98
C LEU C 250 41.03 13.58 -16.95
N LEU C 251 39.96 13.19 -16.26
CA LEU C 251 38.74 14.00 -16.19
C LEU C 251 38.73 15.25 -15.30
N GLY C 252 39.79 15.50 -14.53
CA GLY C 252 39.75 16.64 -13.63
C GLY C 252 40.73 17.78 -13.75
N ASP C 253 40.20 18.98 -13.50
CA ASP C 253 40.97 20.21 -13.56
C ASP C 253 42.14 20.14 -12.56
N PRO C 254 43.34 20.65 -12.93
CA PRO C 254 44.52 20.62 -12.07
C PRO C 254 44.71 21.81 -11.14
N GLU C 255 43.95 22.85 -11.34
CA GLU C 255 44.06 24.05 -10.52
C GLU C 255 43.90 23.68 -9.04
N ASN C 256 43.14 22.63 -8.79
CA ASN C 256 42.88 22.18 -7.43
C ASN C 256 44.03 21.47 -6.76
N PHE C 257 45.23 21.68 -7.28
CA PHE C 257 46.41 21.10 -6.70
C PHE C 257 47.21 22.23 -6.10
N THR C 258 46.58 23.40 -6.13
CA THR C 258 47.21 24.58 -5.62
C THR C 258 46.33 25.19 -4.57
N PRO C 259 46.75 25.11 -3.32
CA PRO C 259 45.98 25.68 -2.22
C PRO C 259 45.45 27.08 -2.52
N ALA C 260 44.15 27.23 -2.27
CA ALA C 260 43.44 28.47 -2.47
C ALA C 260 44.24 29.72 -2.15
N ASN C 261 44.13 30.72 -3.01
CA ASN C 261 44.79 32.00 -2.83
C ASN C 261 43.73 33.07 -3.01
N PRO C 262 43.29 33.71 -1.92
CA PRO C 262 42.27 34.75 -1.93
C PRO C 262 42.60 35.95 -2.78
N LEU C 263 43.85 36.03 -3.23
CA LEU C 263 44.31 37.17 -4.01
C LEU C 263 44.57 36.91 -5.48
N VAL C 264 44.55 35.65 -5.88
CA VAL C 264 44.84 35.34 -7.26
C VAL C 264 43.83 34.43 -7.89
N THR C 265 43.15 34.90 -8.92
CA THR C 265 42.21 34.02 -9.61
C THR C 265 42.98 33.43 -10.79
N PRO C 266 43.13 32.09 -10.84
CA PRO C 266 43.85 31.47 -11.95
C PRO C 266 43.28 31.94 -13.26
N PRO C 267 44.13 32.17 -14.25
CA PRO C 267 43.75 32.63 -15.58
C PRO C 267 42.95 31.62 -16.38
N HIS C 268 43.20 30.33 -16.13
CA HIS C 268 42.48 29.25 -16.82
C HIS C 268 41.44 28.59 -15.89
N ILE C 269 40.56 29.41 -15.34
CA ILE C 269 39.56 28.93 -14.41
C ILE C 269 38.30 28.41 -15.07
N LYS C 270 38.16 27.08 -15.07
CA LYS C 270 37.03 26.38 -15.64
C LYS C 270 36.42 25.59 -14.49
N PRO C 271 35.18 25.10 -14.66
CA PRO C 271 34.50 24.31 -13.62
C PRO C 271 34.74 22.84 -13.95
N GLU C 272 34.16 21.92 -13.19
CA GLU C 272 34.41 20.51 -13.54
C GLU C 272 33.67 20.25 -14.84
N TRP C 273 34.17 19.34 -15.65
CA TRP C 273 33.56 19.09 -16.94
C TRP C 273 32.05 19.09 -17.02
N TYR C 274 31.39 18.47 -16.07
CA TYR C 274 29.92 18.42 -16.12
C TYR C 274 29.14 19.72 -15.96
N PHE C 275 29.83 20.83 -15.69
CA PHE C 275 29.14 22.08 -15.56
C PHE C 275 29.42 23.02 -16.70
N LEU C 276 30.48 22.72 -17.45
CA LEU C 276 30.90 23.55 -18.57
C LEU C 276 29.73 24.09 -19.39
N PHE C 277 28.95 23.20 -19.98
CA PHE C 277 27.83 23.63 -20.80
C PHE C 277 27.04 24.81 -20.23
N ALA C 278 26.89 24.87 -18.90
CA ALA C 278 26.14 25.97 -18.28
C ALA C 278 27.06 27.18 -18.22
N TYR C 279 28.29 26.92 -17.79
CA TYR C 279 29.33 27.94 -17.69
C TYR C 279 29.42 28.62 -19.04
N ALA C 280 29.22 27.84 -20.08
CA ALA C 280 29.28 28.34 -21.43
C ALA C 280 28.16 29.34 -21.65
N ILE C 281 26.95 28.97 -21.26
CA ILE C 281 25.81 29.85 -21.44
C ILE C 281 25.96 31.12 -20.60
N LEU C 282 26.42 30.97 -19.37
CA LEU C 282 26.61 32.12 -18.48
C LEU C 282 27.49 33.20 -19.10
N ARG C 283 28.52 32.73 -19.82
CA ARG C 283 29.49 33.59 -20.47
C ARG C 283 29.01 34.11 -21.81
N SER C 284 27.77 33.80 -22.15
CA SER C 284 27.19 34.25 -23.41
C SER C 284 26.58 35.61 -23.23
N ILE C 285 25.57 35.65 -22.37
CA ILE C 285 24.87 36.88 -22.06
C ILE C 285 25.84 37.84 -21.38
N PRO C 286 26.17 38.95 -22.05
CA PRO C 286 27.09 39.96 -21.53
C PRO C 286 26.38 40.96 -20.64
N ASN C 287 25.63 40.46 -19.68
CA ASN C 287 24.91 41.28 -18.70
C ASN C 287 24.78 40.43 -17.45
N LYS C 288 25.04 41.03 -16.29
CA LYS C 288 24.96 40.29 -15.04
C LYS C 288 23.70 39.45 -14.89
N LEU C 289 22.55 40.11 -14.73
CA LEU C 289 21.30 39.40 -14.56
C LEU C 289 20.88 38.50 -15.71
N GLY C 290 21.11 38.92 -16.94
CA GLY C 290 20.74 38.08 -18.06
C GLY C 290 21.46 36.74 -18.04
N GLY C 291 22.77 36.81 -17.85
CA GLY C 291 23.58 35.61 -17.80
C GLY C 291 23.07 34.71 -16.69
N VAL C 292 22.79 35.29 -15.53
CA VAL C 292 22.31 34.51 -14.41
C VAL C 292 20.98 33.84 -14.76
N LEU C 293 20.05 34.62 -15.29
CA LEU C 293 18.76 34.06 -15.68
C LEU C 293 18.97 32.94 -16.72
N ALA C 294 19.77 33.22 -17.75
CA ALA C 294 20.01 32.21 -18.79
C ALA C 294 20.56 30.92 -18.19
N LEU C 295 21.44 31.07 -17.21
CA LEU C 295 22.05 29.94 -16.53
C LEU C 295 20.96 29.15 -15.83
N ALA C 296 20.17 29.84 -15.01
CA ALA C 296 19.10 29.19 -14.26
C ALA C 296 18.25 28.44 -15.26
N ALA C 297 17.72 29.16 -16.23
CA ALA C 297 16.88 28.53 -17.22
C ALA C 297 17.53 27.39 -17.99
N SER C 298 18.85 27.41 -18.12
CA SER C 298 19.54 26.37 -18.86
C SER C 298 19.26 24.99 -18.29
N VAL C 299 18.84 24.91 -17.03
CA VAL C 299 18.51 23.63 -16.39
C VAL C 299 17.03 23.57 -16.06
N LEU C 300 16.53 24.65 -15.49
CA LEU C 300 15.13 24.74 -15.15
C LEU C 300 14.22 24.56 -16.36
N ILE C 301 14.74 24.73 -17.57
CA ILE C 301 13.92 24.57 -18.78
C ILE C 301 13.38 23.14 -18.89
N LEU C 302 14.05 22.20 -18.20
CA LEU C 302 13.61 20.80 -18.15
C LEU C 302 12.18 20.67 -17.60
N PHE C 303 11.78 21.56 -16.71
CA PHE C 303 10.44 21.51 -16.18
C PHE C 303 9.40 21.77 -17.25
N LEU C 304 9.78 22.47 -18.32
CA LEU C 304 8.81 22.76 -19.37
C LEU C 304 8.59 21.68 -20.42
N ILE C 305 9.57 20.79 -20.60
CA ILE C 305 9.45 19.76 -21.61
C ILE C 305 8.09 19.08 -21.71
N PRO C 306 7.57 18.50 -20.60
CA PRO C 306 6.27 17.81 -20.63
C PRO C 306 5.19 18.63 -21.30
N PHE C 307 5.25 19.94 -21.12
CA PHE C 307 4.24 20.83 -21.68
C PHE C 307 4.48 21.22 -23.14
N LEU C 308 5.67 20.97 -23.65
CA LEU C 308 5.95 21.31 -25.03
C LEU C 308 5.93 20.06 -25.90
N HIS C 309 5.00 19.16 -25.62
CA HIS C 309 4.88 17.93 -26.39
C HIS C 309 3.67 18.04 -27.29
N LYS C 310 3.88 17.99 -28.61
CA LYS C 310 2.76 18.11 -29.56
C LYS C 310 2.50 16.85 -30.35
N SER C 311 3.50 15.98 -30.45
CA SER C 311 3.31 14.75 -31.23
C SER C 311 2.16 13.92 -30.71
N LYS C 312 1.49 13.24 -31.64
CA LYS C 312 0.37 12.41 -31.26
C LYS C 312 0.87 11.03 -30.87
N GLN C 313 2.17 10.82 -31.06
CA GLN C 313 2.81 9.57 -30.72
C GLN C 313 3.66 9.88 -29.49
N ARG C 314 4.03 8.87 -28.71
CA ARG C 314 4.83 9.15 -27.52
C ARG C 314 6.33 9.34 -27.72
N THR C 315 6.99 8.41 -28.43
CA THR C 315 8.43 8.49 -28.68
C THR C 315 8.81 9.00 -30.05
N MET C 316 10.10 9.12 -30.23
CA MET C 316 10.63 9.57 -31.50
C MET C 316 11.01 8.37 -32.36
N THR C 317 10.71 7.15 -31.92
CA THR C 317 11.10 5.99 -32.72
C THR C 317 10.60 6.10 -34.17
N PHE C 318 9.35 6.54 -34.31
CA PHE C 318 8.70 6.69 -35.63
C PHE C 318 8.55 8.18 -36.08
N ARG C 319 9.47 9.02 -35.62
CA ARG C 319 9.45 10.43 -35.96
C ARG C 319 10.85 10.80 -36.39
N PRO C 320 11.16 10.61 -37.68
CA PRO C 320 12.49 10.90 -38.24
C PRO C 320 12.90 12.35 -38.16
N LEU C 321 11.93 13.27 -38.20
CA LEU C 321 12.30 14.68 -38.11
C LEU C 321 12.69 15.02 -36.70
N SER C 322 11.88 14.59 -35.72
CA SER C 322 12.22 14.86 -34.32
C SER C 322 13.60 14.25 -34.00
N GLN C 323 13.87 13.07 -34.52
CA GLN C 323 15.15 12.43 -34.30
C GLN C 323 16.32 13.34 -34.68
N THR C 324 16.30 13.82 -35.91
CA THR C 324 17.34 14.70 -36.39
C THR C 324 17.47 15.90 -35.48
N LEU C 325 16.35 16.51 -35.18
CA LEU C 325 16.37 17.65 -34.30
C LEU C 325 16.98 17.25 -32.95
N PHE C 326 16.57 16.09 -32.42
CA PHE C 326 17.06 15.55 -31.15
C PHE C 326 18.58 15.39 -31.16
N TRP C 327 19.12 14.79 -32.22
CA TRP C 327 20.56 14.58 -32.30
C TRP C 327 21.30 15.85 -32.62
N LEU C 328 20.59 16.79 -33.20
CA LEU C 328 21.19 18.06 -33.53
C LEU C 328 21.36 18.80 -32.23
N LEU C 329 20.44 18.53 -31.32
CA LEU C 329 20.48 19.13 -29.99
C LEU C 329 21.61 18.56 -29.18
N VAL C 330 21.82 17.25 -29.27
CA VAL C 330 22.89 16.66 -28.50
C VAL C 330 24.21 17.29 -28.93
N ALA C 331 24.49 17.27 -30.23
CA ALA C 331 25.73 17.87 -30.73
C ALA C 331 25.80 19.33 -30.28
N ASN C 332 24.61 19.91 -30.10
CA ASN C 332 24.53 21.29 -29.68
C ASN C 332 25.14 21.48 -28.27
N LEU C 333 24.86 20.55 -27.35
CA LEU C 333 25.40 20.65 -25.98
C LEU C 333 26.87 20.33 -26.00
N LEU C 334 27.20 19.29 -26.77
CA LEU C 334 28.56 18.82 -26.94
C LEU C 334 29.47 19.98 -27.33
N ILE C 335 28.91 20.96 -28.04
CA ILE C 335 29.67 22.12 -28.45
C ILE C 335 29.85 23.07 -27.30
N LEU C 336 28.75 23.40 -26.62
CA LEU C 336 28.82 24.32 -25.49
C LEU C 336 29.88 23.85 -24.51
N THR C 337 30.04 22.53 -24.37
CA THR C 337 31.03 22.03 -23.44
C THR C 337 32.41 22.43 -23.89
N TRP C 338 32.66 22.28 -25.18
CA TRP C 338 33.94 22.67 -25.76
C TRP C 338 34.13 24.16 -25.52
N ILE C 339 33.09 24.94 -25.84
CA ILE C 339 33.15 26.37 -25.66
C ILE C 339 33.47 26.74 -24.23
N GLY C 340 32.85 26.03 -23.29
CA GLY C 340 33.07 26.30 -21.88
C GLY C 340 34.51 26.08 -21.45
N SER C 341 35.22 25.26 -22.23
CA SER C 341 36.62 24.96 -21.94
C SER C 341 37.61 25.83 -22.71
N GLN C 342 37.11 26.88 -23.36
CA GLN C 342 37.94 27.79 -24.12
C GLN C 342 37.84 29.20 -23.57
N PRO C 343 38.83 30.08 -23.85
CA PRO C 343 38.82 31.47 -23.37
C PRO C 343 37.72 32.33 -23.97
N VAL C 344 37.49 33.48 -23.34
CA VAL C 344 36.46 34.40 -23.80
C VAL C 344 37.04 35.36 -24.84
N GLU C 345 37.26 34.81 -26.03
CA GLU C 345 37.85 35.48 -27.18
C GLU C 345 37.24 34.95 -28.48
N HIS C 346 37.34 35.74 -29.54
CA HIS C 346 36.83 35.33 -30.84
C HIS C 346 37.66 34.12 -31.25
N PRO C 347 37.10 33.16 -32.04
CA PRO C 347 35.76 33.05 -32.62
C PRO C 347 34.79 32.46 -31.61
N PHE C 348 35.34 31.94 -30.53
CA PHE C 348 34.57 31.33 -29.46
C PHE C 348 33.36 32.13 -29.00
N ILE C 349 33.56 33.40 -28.67
CA ILE C 349 32.44 34.20 -28.17
C ILE C 349 31.26 34.12 -29.10
N ILE C 350 31.51 34.27 -30.39
CA ILE C 350 30.39 34.23 -31.33
C ILE C 350 29.78 32.82 -31.42
N ILE C 351 30.63 31.80 -31.58
CA ILE C 351 30.17 30.41 -31.65
C ILE C 351 29.34 30.14 -30.40
N GLY C 352 29.79 30.69 -29.27
CA GLY C 352 29.10 30.52 -28.01
C GLY C 352 27.67 31.02 -28.04
N GLN C 353 27.50 32.34 -28.15
CA GLN C 353 26.17 32.89 -28.21
C GLN C 353 25.28 32.06 -29.15
N MET C 354 25.86 31.58 -30.25
CA MET C 354 25.08 30.78 -31.19
C MET C 354 24.53 29.54 -30.56
N ALA C 355 25.42 28.64 -30.15
CA ALA C 355 25.03 27.37 -29.52
C ALA C 355 23.98 27.56 -28.42
N SER C 356 24.11 28.62 -27.62
CA SER C 356 23.13 28.93 -26.58
C SER C 356 21.79 29.22 -27.23
N LEU C 357 21.77 30.24 -28.07
CA LEU C 357 20.56 30.65 -28.78
C LEU C 357 19.94 29.39 -29.39
N SER C 358 20.81 28.55 -29.93
CA SER C 358 20.47 27.29 -30.57
C SER C 358 19.81 26.32 -29.58
N TYR C 359 20.44 26.19 -28.42
CA TYR C 359 19.92 25.33 -27.37
C TYR C 359 18.47 25.71 -27.04
N PHE C 360 18.24 26.95 -26.63
CA PHE C 360 16.88 27.38 -26.26
C PHE C 360 15.83 27.37 -27.36
N THR C 361 16.25 27.41 -28.63
CA THR C 361 15.27 27.42 -29.71
C THR C 361 14.82 26.02 -30.05
N ILE C 362 15.79 25.10 -30.11
CA ILE C 362 15.49 23.71 -30.39
C ILE C 362 14.54 23.15 -29.35
N LEU C 363 14.59 23.70 -28.14
CA LEU C 363 13.71 23.22 -27.11
C LEU C 363 12.39 23.96 -27.00
N LEU C 364 12.39 25.29 -26.98
CA LEU C 364 11.11 25.99 -26.87
C LEU C 364 10.35 26.17 -28.19
N ILE C 365 11.05 26.32 -29.30
CA ILE C 365 10.35 26.54 -30.56
C ILE C 365 10.34 25.41 -31.57
N LEU C 366 11.50 24.87 -31.88
CA LEU C 366 11.54 23.83 -32.87
C LEU C 366 10.77 22.58 -32.50
N PHE C 367 11.32 21.75 -31.63
CA PHE C 367 10.63 20.53 -31.23
C PHE C 367 9.11 20.62 -31.27
N PRO C 368 8.50 21.49 -30.46
CA PRO C 368 7.04 21.56 -30.50
C PRO C 368 6.50 21.90 -31.89
N THR C 369 7.30 22.57 -32.71
CA THR C 369 6.82 22.89 -34.03
C THR C 369 6.89 21.72 -34.98
N ILE C 370 8.08 21.12 -35.10
CA ILE C 370 8.25 19.98 -35.98
C ILE C 370 7.27 18.91 -35.55
N GLY C 371 7.04 18.84 -34.24
CA GLY C 371 6.09 17.87 -33.71
C GLY C 371 4.71 18.00 -34.36
N THR C 372 4.16 19.22 -34.34
CA THR C 372 2.85 19.52 -34.92
C THR C 372 2.90 19.15 -36.38
N LEU C 373 3.95 19.60 -37.06
CA LEU C 373 4.13 19.34 -38.48
C LEU C 373 3.99 17.84 -38.75
N GLU C 374 4.81 17.06 -38.06
CA GLU C 374 4.75 15.61 -38.20
C GLU C 374 3.30 15.07 -38.07
N ASN C 375 2.53 15.61 -37.15
CA ASN C 375 1.19 15.12 -36.99
C ASN C 375 0.43 15.26 -38.29
N LYS C 376 0.62 16.39 -38.98
CA LYS C 376 -0.09 16.59 -40.22
C LYS C 376 0.36 15.65 -41.31
N MET C 377 1.65 15.33 -41.35
CA MET C 377 2.14 14.41 -42.35
C MET C 377 1.60 13.00 -42.20
N LEU C 378 1.08 12.66 -41.03
CA LEU C 378 0.51 11.33 -40.81
C LEU C 378 -0.97 11.38 -41.19
N ASN C 379 -1.47 12.61 -41.36
CA ASN C 379 -2.84 12.91 -41.72
C ASN C 379 -3.77 12.96 -40.50
N TYR C 380 -3.20 13.45 -39.40
CA TYR C 380 -3.88 13.60 -38.11
C TYR C 380 -4.11 15.09 -37.81
N GLY D 1 51.17 38.24 -27.92
CA GLY D 1 50.60 38.52 -26.57
C GLY D 1 50.26 37.28 -25.78
N GLU D 2 49.39 36.43 -26.35
CA GLU D 2 48.95 35.16 -25.74
C GLU D 2 49.56 33.99 -26.49
N LEU D 3 50.85 34.11 -26.82
CA LEU D 3 51.57 33.07 -27.53
C LEU D 3 52.35 32.21 -26.58
N GLU D 4 52.42 30.91 -26.87
CA GLU D 4 53.17 30.02 -26.00
C GLU D 4 53.67 28.80 -26.71
N LEU D 5 54.81 28.32 -26.27
CA LEU D 5 55.42 27.13 -26.84
C LEU D 5 55.06 25.94 -25.94
N HIS D 6 54.51 24.89 -26.53
CA HIS D 6 54.13 23.74 -25.75
C HIS D 6 55.22 22.68 -25.76
N PRO D 7 55.48 22.03 -24.60
CA PRO D 7 56.51 21.00 -24.51
C PRO D 7 56.14 19.77 -25.27
N PRO D 8 57.12 19.00 -25.71
CA PRO D 8 56.92 17.76 -26.46
C PRO D 8 56.63 16.61 -25.52
N ALA D 9 56.58 15.41 -26.06
CA ALA D 9 56.27 14.24 -25.26
C ALA D 9 57.39 13.24 -25.19
N PHE D 10 58.15 13.26 -24.12
CA PHE D 10 59.24 12.30 -23.98
C PHE D 10 58.69 10.95 -23.56
N PRO D 11 59.38 9.87 -23.92
CA PRO D 11 58.99 8.50 -23.61
C PRO D 11 59.49 8.03 -22.24
N TRP D 12 58.86 8.49 -21.18
CA TRP D 12 59.25 8.08 -19.84
C TRP D 12 59.05 6.59 -19.62
N SER D 13 59.98 5.99 -18.89
CA SER D 13 59.88 4.56 -18.58
C SER D 13 58.59 4.25 -17.84
N HIS D 14 58.00 5.25 -17.19
CA HIS D 14 56.78 5.02 -16.43
C HIS D 14 55.54 5.55 -17.13
N GLY D 15 55.65 5.74 -18.44
CA GLY D 15 54.51 6.27 -19.18
C GLY D 15 53.42 5.25 -19.47
N GLY D 16 53.83 3.99 -19.59
CA GLY D 16 52.88 2.93 -19.89
C GLY D 16 51.84 2.64 -18.83
N PRO D 17 50.67 2.15 -19.24
CA PRO D 17 49.60 1.85 -18.29
C PRO D 17 50.05 0.74 -17.37
N LEU D 18 51.00 -0.08 -17.83
CA LEU D 18 51.49 -1.16 -17.01
C LEU D 18 52.94 -0.95 -16.58
N SER D 19 53.50 0.22 -16.86
CA SER D 19 54.89 0.53 -16.54
C SER D 19 55.12 1.21 -15.20
N ALA D 20 55.86 0.55 -14.31
CA ALA D 20 56.16 1.11 -13.01
C ALA D 20 57.21 2.21 -13.15
N LEU D 21 57.51 2.92 -12.07
CA LEU D 21 58.52 3.98 -12.10
C LEU D 21 59.88 3.30 -11.98
N ASP D 22 60.92 3.86 -12.62
CA ASP D 22 62.27 3.27 -12.50
C ASP D 22 62.87 3.74 -11.17
N HIS D 23 62.67 2.93 -10.13
CA HIS D 23 63.15 3.25 -8.79
C HIS D 23 64.63 3.61 -8.69
N SER D 24 65.41 3.30 -9.71
CA SER D 24 66.83 3.65 -9.71
C SER D 24 66.95 5.15 -10.03
N SER D 25 66.15 5.56 -11.02
CA SER D 25 66.11 6.93 -11.49
C SER D 25 65.47 7.83 -10.44
N VAL D 26 64.67 7.25 -9.56
CA VAL D 26 64.01 8.04 -8.53
C VAL D 26 64.95 8.29 -7.38
N ARG D 27 65.83 7.32 -7.11
CA ARG D 27 66.79 7.48 -6.03
C ARG D 27 67.67 8.65 -6.40
N ARG D 28 68.04 8.73 -7.67
CA ARG D 28 68.86 9.85 -8.16
C ARG D 28 68.05 11.15 -8.08
N GLY D 29 66.83 11.11 -8.59
CA GLY D 29 65.99 12.29 -8.57
C GLY D 29 66.06 12.91 -7.20
N PHE D 30 65.90 12.06 -6.20
CA PHE D 30 65.92 12.48 -4.80
C PHE D 30 67.21 13.23 -4.50
N GLN D 31 68.33 12.66 -4.92
CA GLN D 31 69.63 13.28 -4.68
C GLN D 31 69.64 14.69 -5.27
N VAL D 32 69.16 14.80 -6.50
CA VAL D 32 69.09 16.08 -7.16
C VAL D 32 68.30 17.07 -6.30
N TYR D 33 67.11 16.65 -5.86
CA TYR D 33 66.29 17.51 -5.03
C TYR D 33 67.02 17.83 -3.73
N LYS D 34 67.51 16.79 -3.08
CA LYS D 34 68.20 16.95 -1.82
C LYS D 34 69.41 17.87 -1.86
N GLN D 35 70.19 17.81 -2.93
CA GLN D 35 71.39 18.63 -3.01
C GLN D 35 71.32 19.92 -3.85
N VAL D 36 70.24 20.10 -4.61
CA VAL D 36 70.10 21.28 -5.46
C VAL D 36 68.83 22.12 -5.26
N CYS D 37 67.65 21.49 -5.47
CA CYS D 37 66.35 22.20 -5.38
C CYS D 37 65.91 22.52 -3.96
N SER D 38 66.16 21.60 -3.04
CA SER D 38 65.74 21.76 -1.65
C SER D 38 66.34 23.00 -1.06
N ALA D 39 67.11 23.71 -1.87
CA ALA D 39 67.72 24.94 -1.40
C ALA D 39 66.71 26.08 -1.45
N CYS D 40 65.69 25.97 -2.31
CA CYS D 40 64.70 27.02 -2.41
C CYS D 40 63.32 26.39 -2.48
N HIS D 41 63.25 25.13 -2.88
CA HIS D 41 61.95 24.47 -2.98
C HIS D 41 61.56 23.55 -1.85
N SER D 42 60.43 23.83 -1.20
CA SER D 42 59.94 22.99 -0.12
C SER D 42 59.22 21.76 -0.67
N MET D 43 59.11 20.72 0.14
CA MET D 43 58.42 19.51 -0.29
C MET D 43 57.69 19.01 0.93
N ASP D 44 56.79 19.86 1.43
CA ASP D 44 56.01 19.61 2.62
C ASP D 44 55.27 18.30 2.79
N TYR D 45 54.89 17.61 1.71
CA TYR D 45 54.15 16.38 1.92
C TYR D 45 54.92 15.08 1.82
N VAL D 46 56.25 15.14 1.76
CA VAL D 46 57.01 13.90 1.68
C VAL D 46 57.87 13.78 2.91
N ALA D 47 58.17 12.57 3.33
CA ALA D 47 59.00 12.42 4.51
C ALA D 47 59.98 11.28 4.37
N PHE D 48 61.07 11.39 5.12
CA PHE D 48 62.13 10.40 5.08
C PHE D 48 61.65 8.96 5.12
N ARG D 49 60.57 8.70 5.86
CA ARG D 49 60.07 7.33 5.90
C ARG D 49 59.56 6.86 4.54
N ASN D 50 58.99 7.78 3.76
CA ASN D 50 58.46 7.50 2.42
C ASN D 50 59.51 6.92 1.44
N LEU D 51 60.78 7.24 1.69
CA LEU D 51 61.87 6.76 0.84
C LEU D 51 62.15 5.30 1.10
N ILE D 52 61.87 4.87 2.33
CA ILE D 52 62.10 3.48 2.72
C ILE D 52 61.37 2.48 1.85
N GLY D 53 62.10 1.50 1.35
CA GLY D 53 61.47 0.47 0.53
C GLY D 53 61.10 0.91 -0.86
N VAL D 54 61.30 2.19 -1.15
CA VAL D 54 60.98 2.70 -2.47
C VAL D 54 62.30 2.99 -3.16
N THR D 55 63.12 3.82 -2.52
CA THR D 55 64.43 4.14 -3.08
C THR D 55 65.58 3.93 -2.09
N HIS D 56 65.27 3.87 -0.80
CA HIS D 56 66.33 3.69 0.20
C HIS D 56 66.07 2.58 1.22
N THR D 57 67.15 2.16 1.88
CA THR D 57 67.09 1.14 2.91
C THR D 57 66.75 1.89 4.18
N GLU D 58 66.24 1.17 5.18
CA GLU D 58 65.88 1.81 6.42
C GLU D 58 67.07 2.55 7.06
N ALA D 59 68.26 1.96 6.95
CA ALA D 59 69.46 2.57 7.52
C ALA D 59 69.61 3.92 6.86
N GLU D 60 69.80 3.89 5.55
CA GLU D 60 69.96 5.09 4.75
C GLU D 60 68.96 6.17 5.11
N ALA D 61 67.67 5.84 5.04
CA ALA D 61 66.62 6.81 5.36
C ALA D 61 66.84 7.48 6.70
N LYS D 62 67.06 6.68 7.73
CA LYS D 62 67.27 7.24 9.04
C LYS D 62 68.45 8.20 9.11
N ALA D 63 69.57 7.82 8.50
CA ALA D 63 70.77 8.68 8.52
C ALA D 63 70.51 9.92 7.69
N LEU D 64 69.75 9.75 6.62
CA LEU D 64 69.41 10.85 5.75
C LEU D 64 68.65 11.93 6.51
N ALA D 65 67.85 11.49 7.48
CA ALA D 65 67.04 12.38 8.30
C ALA D 65 67.77 12.93 9.51
N GLU D 66 68.84 12.25 9.92
CA GLU D 66 69.62 12.70 11.06
C GLU D 66 70.62 13.76 10.59
N GLU D 67 70.73 13.93 9.28
CA GLU D 67 71.63 14.92 8.69
C GLU D 67 71.02 16.29 8.85
N VAL D 68 69.79 16.35 9.35
CA VAL D 68 69.12 17.63 9.51
C VAL D 68 68.82 17.99 10.95
N GLU D 69 68.71 19.29 11.22
CA GLU D 69 68.39 19.80 12.56
C GLU D 69 66.89 20.08 12.55
N VAL D 70 66.19 19.60 13.56
CA VAL D 70 64.76 19.82 13.60
C VAL D 70 64.36 20.51 14.90
N GLN D 71 63.55 21.57 14.79
CA GLN D 71 63.11 22.26 15.99
C GLN D 71 62.02 21.44 16.67
N ASP D 72 62.10 21.35 17.99
CA ASP D 72 61.13 20.61 18.75
C ASP D 72 60.75 21.42 19.99
N GLY D 73 60.08 20.76 20.94
CA GLY D 73 59.69 21.44 22.16
C GLY D 73 58.21 21.61 22.38
N PRO D 74 57.82 22.34 23.43
CA PRO D 74 58.75 22.97 24.35
C PRO D 74 59.32 21.93 25.31
N ASP D 75 60.37 22.29 26.04
CA ASP D 75 60.97 21.37 27.00
C ASP D 75 60.28 21.56 28.34
N GLU D 76 61.03 21.46 29.44
CA GLU D 76 60.44 21.62 30.76
C GLU D 76 60.26 23.08 31.13
N ASN D 77 61.07 23.96 30.54
CA ASN D 77 60.95 25.39 30.82
C ASN D 77 60.23 26.04 29.64
N GLY D 78 59.48 25.23 28.90
CA GLY D 78 58.75 25.75 27.75
C GLY D 78 59.69 26.43 26.79
N GLU D 79 60.82 25.79 26.53
CA GLU D 79 61.79 26.34 25.62
C GLU D 79 61.96 25.44 24.39
N LEU D 80 61.92 26.04 23.21
CA LEU D 80 62.10 25.26 21.99
C LEU D 80 63.55 24.80 22.01
N PHE D 81 63.88 23.82 21.18
CA PHE D 81 65.25 23.34 21.17
C PHE D 81 65.51 22.45 19.98
N MET D 82 66.71 22.56 19.41
CA MET D 82 67.05 21.75 18.25
C MET D 82 67.21 20.29 18.59
N ARG D 83 67.30 19.46 17.56
CA ARG D 83 67.44 18.02 17.70
C ARG D 83 67.67 17.41 16.33
N PRO D 84 68.23 16.22 16.29
CA PRO D 84 68.48 15.54 15.02
C PRO D 84 67.17 14.96 14.47
N GLY D 85 67.08 14.86 13.13
CA GLY D 85 65.89 14.35 12.50
C GLY D 85 65.57 12.86 12.64
N LYS D 86 64.28 12.54 12.59
CA LYS D 86 63.82 11.16 12.69
C LYS D 86 63.14 10.84 11.38
N ILE D 87 63.04 9.55 11.06
CA ILE D 87 62.44 9.14 9.80
C ILE D 87 61.00 9.62 9.64
N SER D 88 60.41 10.04 10.75
CA SER D 88 59.04 10.51 10.76
C SER D 88 58.90 12.00 10.47
N ASP D 89 60.02 12.69 10.24
CA ASP D 89 60.00 14.12 9.94
C ASP D 89 59.73 14.36 8.46
N TYR D 90 59.17 15.52 8.15
CA TYR D 90 58.91 15.85 6.76
C TYR D 90 60.14 16.57 6.20
N PHE D 91 60.35 16.51 4.88
CA PHE D 91 61.49 17.21 4.30
C PHE D 91 61.49 18.66 4.79
N PRO D 92 62.68 19.18 5.11
CA PRO D 92 62.91 20.53 5.63
C PRO D 92 62.51 21.65 4.70
N LYS D 93 61.80 22.63 5.24
CA LYS D 93 61.36 23.81 4.51
C LYS D 93 62.58 24.73 4.51
N PRO D 94 62.99 25.22 3.35
CA PRO D 94 64.16 26.11 3.27
C PRO D 94 63.89 27.56 3.70
N TYR D 95 62.63 27.90 3.94
CA TYR D 95 62.30 29.24 4.40
C TYR D 95 61.15 29.03 5.39
N PRO D 96 61.06 29.87 6.43
CA PRO D 96 60.01 29.79 7.46
C PRO D 96 58.62 30.10 6.95
N ASN D 97 58.55 30.95 5.94
CA ASN D 97 57.27 31.38 5.38
C ASN D 97 57.50 32.08 4.05
N PRO D 98 56.53 32.01 3.13
CA PRO D 98 56.65 32.66 1.82
C PRO D 98 57.25 34.06 1.82
N GLU D 99 56.81 34.91 2.74
CA GLU D 99 57.33 36.25 2.80
C GLU D 99 58.84 36.27 2.69
N ALA D 100 59.49 35.42 3.48
CA ALA D 100 60.95 35.33 3.49
C ALA D 100 61.52 34.61 2.26
N ALA D 101 60.72 33.70 1.73
CA ALA D 101 61.14 32.95 0.55
C ALA D 101 61.28 33.95 -0.57
N ARG D 102 60.29 34.82 -0.72
CA ARG D 102 60.35 35.84 -1.77
C ARG D 102 61.52 36.73 -1.48
N ALA D 103 61.63 37.14 -0.23
CA ALA D 103 62.70 38.02 0.20
C ALA D 103 64.09 37.58 -0.21
N ALA D 104 64.27 36.32 -0.59
CA ALA D 104 65.59 35.86 -0.99
C ALA D 104 65.57 35.19 -2.36
N ASN D 105 64.77 35.75 -3.27
CA ASN D 105 64.65 35.24 -4.63
C ASN D 105 64.09 36.32 -5.51
N ASN D 106 64.24 37.55 -5.06
CA ASN D 106 63.77 38.73 -5.79
C ASN D 106 62.28 38.87 -5.83
N GLY D 107 61.63 38.46 -4.75
CA GLY D 107 60.18 38.57 -4.68
C GLY D 107 59.50 37.43 -5.37
N ALA D 108 60.30 36.48 -5.87
CA ALA D 108 59.78 35.30 -6.56
C ALA D 108 59.51 34.23 -5.53
N LEU D 109 58.43 33.49 -5.74
CA LEU D 109 58.08 32.46 -4.78
C LEU D 109 58.25 31.06 -5.31
N PRO D 110 59.37 30.41 -4.97
CA PRO D 110 59.57 29.05 -5.48
C PRO D 110 58.54 28.12 -4.87
N PRO D 111 57.58 27.67 -5.68
CA PRO D 111 56.51 26.77 -5.22
C PRO D 111 56.98 25.47 -4.57
N ASP D 112 56.14 24.92 -3.70
CA ASP D 112 56.47 23.66 -3.04
C ASP D 112 56.36 22.64 -4.18
N LEU D 113 57.33 21.75 -4.28
CA LEU D 113 57.30 20.79 -5.37
C LEU D 113 56.54 19.50 -5.11
N SER D 114 55.88 19.39 -3.97
CA SER D 114 55.17 18.16 -3.67
C SER D 114 54.26 17.70 -4.79
N TYR D 115 53.28 18.51 -5.14
CA TYR D 115 52.32 18.15 -6.20
C TYR D 115 52.58 18.83 -7.55
N ILE D 116 53.79 19.31 -7.76
CA ILE D 116 54.10 20.04 -8.98
C ILE D 116 53.73 19.41 -10.33
N VAL D 117 54.19 18.20 -10.61
CA VAL D 117 53.89 17.62 -11.91
C VAL D 117 52.42 17.49 -12.21
N ASN D 118 51.55 17.71 -11.22
CA ASN D 118 50.12 17.62 -11.47
C ASN D 118 49.48 19.00 -11.39
N ALA D 119 50.26 20.00 -10.99
CA ALA D 119 49.74 21.37 -10.89
C ALA D 119 50.12 22.23 -12.09
N ARG D 120 50.82 21.63 -13.05
CA ARG D 120 51.25 22.33 -14.24
C ARG D 120 50.94 21.50 -15.46
N HIS D 121 50.31 22.09 -16.48
CA HIS D 121 50.00 21.32 -17.68
C HIS D 121 51.30 20.84 -18.31
N GLY D 122 51.40 19.54 -18.57
CA GLY D 122 52.60 19.00 -19.17
C GLY D 122 53.32 18.08 -18.22
N GLY D 123 53.02 18.21 -16.94
CA GLY D 123 53.64 17.34 -15.98
C GLY D 123 55.15 17.31 -16.13
N GLU D 124 55.74 16.12 -16.03
CA GLU D 124 57.18 16.02 -16.13
C GLU D 124 57.65 16.47 -17.50
N ASP D 125 56.81 16.35 -18.51
CA ASP D 125 57.22 16.78 -19.84
C ASP D 125 57.46 18.28 -19.82
N TYR D 126 56.67 19.00 -19.04
CA TYR D 126 56.82 20.43 -18.93
C TYR D 126 58.05 20.72 -18.11
N VAL D 127 58.01 20.38 -16.84
CA VAL D 127 59.14 20.58 -15.94
C VAL D 127 60.47 20.32 -16.64
N PHE D 128 60.55 19.23 -17.39
CA PHE D 128 61.79 18.91 -18.08
C PHE D 128 62.15 19.99 -19.08
N SER D 129 61.32 20.11 -20.11
CA SER D 129 61.55 21.12 -21.12
C SER D 129 61.96 22.46 -20.53
N LEU D 130 61.38 22.84 -19.40
CA LEU D 130 61.70 24.11 -18.75
C LEU D 130 63.08 24.14 -18.14
N LEU D 131 63.49 23.03 -17.54
CA LEU D 131 64.81 22.98 -16.92
C LEU D 131 65.88 23.06 -18.00
N THR D 132 65.72 22.22 -19.02
CA THR D 132 66.67 22.16 -20.11
C THR D 132 66.46 23.22 -21.21
N GLY D 133 65.32 23.88 -21.21
CA GLY D 133 65.06 24.87 -22.23
C GLY D 133 65.54 26.32 -22.09
N TYR D 134 66.38 26.65 -21.11
CA TYR D 134 66.81 28.06 -21.01
C TYR D 134 67.61 28.50 -22.20
N CYS D 135 67.42 29.75 -22.63
CA CYS D 135 68.17 30.26 -23.79
C CYS D 135 68.07 31.78 -23.93
N ASP D 136 68.61 32.31 -25.03
CA ASP D 136 68.60 33.75 -25.27
C ASP D 136 67.28 34.28 -25.85
N PRO D 137 66.85 35.45 -25.38
CA PRO D 137 65.61 36.02 -25.89
C PRO D 137 65.79 36.43 -27.35
N PRO D 138 64.74 36.22 -28.17
CA PRO D 138 64.76 36.56 -29.60
C PRO D 138 64.76 38.05 -29.86
N ALA D 139 64.95 38.41 -31.12
CA ALA D 139 64.99 39.80 -31.51
C ALA D 139 63.74 40.55 -31.09
N GLY D 140 63.91 41.69 -30.42
CA GLY D 140 62.77 42.50 -30.00
C GLY D 140 62.22 42.25 -28.60
N VAL D 141 62.69 41.20 -27.95
CA VAL D 141 62.22 40.87 -26.61
C VAL D 141 63.24 41.25 -25.54
N VAL D 142 62.87 42.18 -24.66
CA VAL D 142 63.76 42.62 -23.56
C VAL D 142 63.32 41.98 -22.25
N VAL D 143 64.22 41.27 -21.59
CA VAL D 143 63.85 40.63 -20.34
C VAL D 143 64.20 41.52 -19.13
N ARG D 144 63.21 41.76 -18.27
CA ARG D 144 63.40 42.58 -17.09
C ARG D 144 64.58 42.09 -16.30
N GLU D 145 65.27 43.00 -15.63
CA GLU D 145 66.44 42.62 -14.84
C GLU D 145 66.02 41.64 -13.77
N GLY D 146 66.95 40.81 -13.33
CA GLY D 146 66.63 39.86 -12.29
C GLY D 146 65.86 38.65 -12.79
N LEU D 147 65.32 38.75 -14.01
CA LEU D 147 64.59 37.64 -14.61
C LEU D 147 65.40 36.97 -15.71
N HIS D 148 64.96 35.79 -16.14
CA HIS D 148 65.67 35.03 -17.16
C HIS D 148 64.75 34.62 -18.28
N TYR D 149 65.30 34.45 -19.47
CA TYR D 149 64.44 34.07 -20.56
C TYR D 149 64.33 32.57 -20.69
N ASN D 150 63.10 32.09 -20.72
CA ASN D 150 62.84 30.68 -20.94
C ASN D 150 61.59 30.70 -21.78
N PRO D 151 61.67 30.10 -22.95
CA PRO D 151 60.52 30.08 -23.84
C PRO D 151 59.39 29.21 -23.34
N TYR D 152 59.75 28.15 -22.61
CA TYR D 152 58.77 27.22 -22.06
C TYR D 152 57.90 27.75 -20.91
N PHE D 153 58.38 28.77 -20.21
CA PHE D 153 57.63 29.36 -19.12
C PHE D 153 56.68 30.42 -19.66
N PRO D 154 55.41 30.36 -19.28
CA PRO D 154 54.44 31.35 -19.76
C PRO D 154 54.85 32.79 -19.43
N GLY D 155 55.09 33.55 -20.49
CA GLY D 155 55.50 34.93 -20.31
C GLY D 155 56.93 35.05 -20.75
N GLN D 156 57.58 33.87 -20.83
CA GLN D 156 58.98 33.71 -21.24
C GLN D 156 60.04 34.25 -20.24
N ALA D 157 59.58 35.06 -19.27
CA ALA D 157 60.44 35.65 -18.23
C ALA D 157 60.21 34.92 -16.91
N ILE D 158 61.12 34.02 -16.54
CA ILE D 158 61.01 33.23 -15.34
C ILE D 158 61.93 33.75 -14.25
N GLY D 159 61.54 33.61 -12.99
CA GLY D 159 62.36 34.08 -11.89
C GLY D 159 63.43 33.12 -11.35
N MET D 160 63.51 31.94 -11.93
CA MET D 160 64.47 30.93 -11.51
C MET D 160 65.65 30.82 -12.47
N ALA D 161 66.85 31.21 -12.05
CA ALA D 161 67.99 31.07 -12.94
C ALA D 161 68.23 29.57 -13.10
N PRO D 162 68.64 29.14 -14.28
CA PRO D 162 68.90 27.72 -14.57
C PRO D 162 69.59 27.02 -13.44
N PRO D 163 68.87 26.17 -12.72
CA PRO D 163 69.36 25.41 -11.60
C PRO D 163 70.37 24.31 -11.92
N ILE D 164 70.26 23.71 -13.09
CA ILE D 164 71.22 22.66 -13.37
C ILE D 164 72.18 22.84 -14.54
N TYR D 165 73.42 22.42 -14.31
CA TYR D 165 74.51 22.46 -15.28
C TYR D 165 75.40 21.23 -15.08
N ASN D 166 75.93 20.66 -16.16
CA ASN D 166 76.78 19.48 -16.09
C ASN D 166 77.68 19.32 -14.86
N GLU D 167 77.69 18.11 -14.32
CA GLU D 167 78.50 17.76 -13.15
C GLU D 167 78.20 18.59 -11.89
N ILE D 168 77.15 19.41 -11.93
CA ILE D 168 76.78 20.24 -10.79
C ILE D 168 76.74 19.45 -9.51
N LEU D 169 76.66 18.14 -9.65
CA LEU D 169 76.65 17.19 -8.53
C LEU D 169 77.23 15.88 -9.07
N GLU D 170 77.33 14.87 -8.22
CA GLU D 170 77.87 13.58 -8.66
C GLU D 170 77.04 12.41 -8.16
N TYR D 171 76.44 11.67 -9.09
CA TYR D 171 75.63 10.53 -8.71
C TYR D 171 76.57 9.48 -8.16
N ASP D 172 76.38 9.15 -6.89
CA ASP D 172 77.24 8.17 -6.24
C ASP D 172 77.00 6.75 -6.75
N ASP D 173 76.21 6.61 -7.80
CA ASP D 173 75.95 5.29 -8.36
C ASP D 173 76.76 5.13 -9.64
N GLY D 174 77.48 6.19 -9.99
CA GLY D 174 78.34 6.16 -11.17
C GLY D 174 77.67 6.48 -12.49
N THR D 175 76.65 7.31 -12.48
CA THR D 175 76.00 7.65 -13.73
C THR D 175 76.45 9.03 -14.19
N PRO D 176 76.91 9.11 -15.44
CA PRO D 176 77.37 10.38 -16.02
C PRO D 176 76.37 11.52 -15.83
N ALA D 177 76.65 12.39 -14.86
CA ALA D 177 75.78 13.52 -14.54
C ALA D 177 75.75 14.69 -15.58
N THR D 178 75.29 14.38 -16.78
CA THR D 178 75.17 15.41 -17.82
C THR D 178 73.96 16.23 -17.41
N MET D 179 73.63 17.30 -18.12
CA MET D 179 72.52 18.11 -17.67
C MET D 179 71.15 17.48 -17.85
N SER D 180 70.88 16.94 -19.03
CA SER D 180 69.59 16.33 -19.25
C SER D 180 69.51 15.05 -18.45
N GLN D 181 70.63 14.41 -18.21
CA GLN D 181 70.61 13.19 -17.41
C GLN D 181 70.02 13.56 -16.07
N ILE D 182 70.43 14.69 -15.52
CA ILE D 182 69.90 15.15 -14.22
C ILE D 182 68.41 15.44 -14.36
N ALA D 183 68.07 16.44 -15.17
CA ALA D 183 66.67 16.84 -15.38
C ALA D 183 65.77 15.63 -15.54
N LYS D 184 66.19 14.70 -16.39
CA LYS D 184 65.43 13.49 -16.64
C LYS D 184 65.19 12.79 -15.31
N ASP D 185 66.24 12.63 -14.49
CA ASP D 185 66.09 11.96 -13.20
C ASP D 185 65.18 12.71 -12.21
N VAL D 186 65.48 13.99 -11.95
CA VAL D 186 64.68 14.77 -11.00
C VAL D 186 63.21 14.84 -11.38
N CYS D 187 62.91 14.77 -12.67
CA CYS D 187 61.52 14.80 -13.07
C CYS D 187 60.92 13.48 -12.69
N THR D 188 61.63 12.38 -12.94
CA THR D 188 61.12 11.08 -12.55
C THR D 188 60.83 11.06 -11.04
N PHE D 189 61.58 11.85 -10.29
CA PHE D 189 61.36 11.93 -8.86
C PHE D 189 60.08 12.73 -8.56
N LEU D 190 59.94 13.90 -9.16
CA LEU D 190 58.77 14.76 -8.94
C LEU D 190 57.43 14.06 -9.27
N ARG D 191 57.51 12.91 -9.91
CA ARG D 191 56.31 12.16 -10.26
C ARG D 191 56.09 11.27 -9.06
N TRP D 192 57.09 10.46 -8.73
CA TRP D 192 56.96 9.61 -7.57
C TRP D 192 56.46 10.43 -6.39
N ALA D 193 56.98 11.66 -6.25
CA ALA D 193 56.59 12.51 -5.13
C ALA D 193 55.14 12.93 -5.14
N ALA D 194 54.67 13.28 -6.32
CA ALA D 194 53.30 13.73 -6.44
C ALA D 194 52.28 12.57 -6.40
N GLU D 195 52.75 11.33 -6.30
CA GLU D 195 51.81 10.22 -6.24
C GLU D 195 52.49 8.87 -6.12
N PRO D 196 52.95 8.55 -4.91
CA PRO D 196 53.65 7.32 -4.52
C PRO D 196 52.89 6.04 -4.88
N GLU D 197 51.57 6.10 -4.84
CA GLU D 197 50.78 4.95 -5.18
C GLU D 197 51.19 4.47 -6.58
N HIS D 198 51.29 5.40 -7.51
CA HIS D 198 51.63 5.13 -8.92
C HIS D 198 51.80 3.66 -9.30
N ASP D 199 52.87 3.06 -8.81
CA ASP D 199 53.16 1.66 -9.09
C ASP D 199 52.06 0.69 -8.68
N GLN D 200 51.62 0.78 -7.44
CA GLN D 200 50.57 -0.11 -6.98
C GLN D 200 49.28 0.14 -7.71
N ARG D 201 49.02 1.40 -8.02
CA ARG D 201 47.81 1.79 -8.73
C ARG D 201 47.72 1.11 -10.10
N LYS D 202 48.86 0.85 -10.70
CA LYS D 202 48.89 0.22 -12.00
C LYS D 202 48.88 -1.28 -11.88
N ARG D 203 49.46 -1.81 -10.83
CA ARG D 203 49.45 -3.26 -10.65
C ARG D 203 47.99 -3.66 -10.48
N MET D 204 47.25 -2.83 -9.74
CA MET D 204 45.83 -3.06 -9.53
C MET D 204 45.11 -2.98 -10.89
N GLY D 205 45.33 -1.88 -11.59
CA GLY D 205 44.71 -1.71 -12.90
C GLY D 205 44.86 -2.97 -13.72
N LEU D 206 45.96 -3.70 -13.56
CA LEU D 206 46.18 -4.94 -14.30
C LEU D 206 45.15 -5.95 -13.81
N LYS D 207 45.22 -6.29 -12.53
CA LYS D 207 44.26 -7.22 -11.94
C LYS D 207 42.85 -6.84 -12.34
N MET D 208 42.53 -5.55 -12.31
CA MET D 208 41.19 -5.10 -12.69
C MET D 208 40.81 -5.50 -14.13
N LEU D 209 41.70 -5.31 -15.09
CA LEU D 209 41.39 -5.69 -16.46
C LEU D 209 41.11 -7.16 -16.60
N LEU D 210 41.97 -8.02 -16.05
CA LEU D 210 41.76 -9.46 -16.15
C LEU D 210 40.42 -9.88 -15.55
N ILE D 211 40.20 -9.58 -14.27
CA ILE D 211 38.93 -9.95 -13.67
C ILE D 211 37.76 -9.33 -14.43
N SER D 212 37.89 -8.05 -14.77
CA SER D 212 36.84 -7.34 -15.51
C SER D 212 36.55 -8.08 -16.82
N ALA D 213 37.60 -8.49 -17.52
CA ALA D 213 37.45 -9.21 -18.78
C ALA D 213 36.67 -10.49 -18.54
N LEU D 214 37.23 -11.34 -17.69
CA LEU D 214 36.66 -12.62 -17.34
C LEU D 214 35.21 -12.50 -16.89
N LEU D 215 34.96 -11.58 -15.95
CA LEU D 215 33.63 -11.39 -15.40
C LEU D 215 32.56 -10.83 -16.36
N THR D 216 32.89 -9.78 -17.11
CA THR D 216 31.92 -9.25 -18.06
C THR D 216 31.46 -10.40 -18.95
N SER D 217 32.39 -11.27 -19.34
CA SER D 217 32.05 -12.42 -20.19
C SER D 217 31.06 -13.35 -19.51
N LEU D 218 31.48 -13.94 -18.40
CA LEU D 218 30.61 -14.82 -17.64
C LEU D 218 29.19 -14.28 -17.54
N LEU D 219 29.05 -13.05 -17.04
CA LEU D 219 27.73 -12.45 -16.90
C LEU D 219 27.00 -12.21 -18.22
N TYR D 220 27.74 -12.02 -19.32
CA TYR D 220 27.08 -11.78 -20.62
C TYR D 220 26.36 -13.04 -21.07
N TYR D 221 26.95 -14.17 -20.71
CA TYR D 221 26.41 -15.49 -21.04
C TYR D 221 25.14 -15.66 -20.21
N MET D 222 25.32 -15.57 -18.89
CA MET D 222 24.21 -15.72 -17.96
C MET D 222 23.01 -14.87 -18.31
N LYS D 223 23.28 -13.65 -18.81
CA LYS D 223 22.22 -12.72 -19.19
C LYS D 223 21.50 -13.26 -20.42
N ARG D 224 22.29 -13.75 -21.38
CA ARG D 224 21.74 -14.31 -22.61
C ARG D 224 21.00 -15.61 -22.29
N HIS D 225 21.61 -16.41 -21.42
CA HIS D 225 21.04 -17.68 -20.99
C HIS D 225 19.59 -17.50 -20.57
N LYS D 226 19.38 -16.70 -19.52
CA LYS D 226 18.03 -16.44 -19.04
C LYS D 226 17.15 -15.91 -20.16
N TRP D 227 17.55 -14.78 -20.74
CA TRP D 227 16.78 -14.16 -21.83
C TRP D 227 16.41 -15.07 -23.02
N SER D 228 17.24 -16.06 -23.33
CA SER D 228 16.91 -16.96 -24.44
C SER D 228 15.39 -17.29 -24.45
N VAL D 229 14.86 -17.71 -23.29
CA VAL D 229 13.44 -18.03 -23.18
C VAL D 229 12.61 -17.05 -24.00
N LEU D 230 12.92 -15.75 -23.87
CA LEU D 230 12.19 -14.70 -24.57
C LEU D 230 12.72 -14.42 -25.96
N LYS D 231 13.99 -14.69 -26.18
CA LYS D 231 14.54 -14.42 -27.48
C LYS D 231 13.99 -15.36 -28.52
N SER D 232 13.96 -16.66 -28.24
CA SER D 232 13.48 -17.64 -29.20
C SER D 232 11.96 -17.69 -29.36
N ARG D 233 11.26 -17.23 -28.32
CA ARG D 233 9.80 -17.21 -28.25
C ARG D 233 9.08 -17.00 -29.56
N LYS D 234 8.01 -17.77 -29.76
CA LYS D 234 7.20 -17.70 -30.97
C LYS D 234 5.74 -17.56 -30.60
N MET D 235 5.03 -16.67 -31.27
CA MET D 235 3.62 -16.47 -30.99
C MET D 235 2.82 -16.42 -32.28
N ALA D 236 1.55 -16.80 -32.20
CA ALA D 236 0.65 -16.83 -33.35
C ALA D 236 -0.73 -16.38 -32.92
N TYR D 237 -1.46 -15.72 -33.81
CA TYR D 237 -2.82 -15.26 -33.49
C TYR D 237 -3.83 -16.18 -34.16
N ARG D 238 -4.46 -17.05 -33.38
CA ARG D 238 -5.43 -17.99 -33.89
C ARG D 238 -6.82 -17.69 -33.38
N PRO D 239 -7.44 -16.64 -33.92
CA PRO D 239 -8.79 -16.21 -33.53
C PRO D 239 -9.72 -17.35 -33.83
N PRO D 240 -10.86 -17.44 -33.14
CA PRO D 240 -11.72 -18.56 -33.46
C PRO D 240 -12.48 -18.18 -34.72
N LYS D 241 -12.94 -19.20 -35.43
CA LYS D 241 -13.71 -18.98 -36.64
C LYS D 241 -15.01 -19.78 -36.45
N VAL E 1 -9.72 -25.52 -34.07
CA VAL E 1 -9.73 -26.45 -32.90
C VAL E 1 -8.30 -26.68 -32.46
N HIS E 2 -8.12 -27.10 -31.21
CA HIS E 2 -6.80 -27.32 -30.65
C HIS E 2 -6.04 -28.50 -31.27
N ASN E 3 -6.66 -29.18 -32.22
CA ASN E 3 -5.99 -30.32 -32.83
C ASN E 3 -5.06 -29.87 -33.93
N ASP E 4 -5.40 -28.74 -34.55
CA ASP E 4 -4.63 -28.14 -35.63
C ASP E 4 -3.45 -27.32 -35.12
N VAL E 5 -3.27 -27.30 -33.81
CA VAL E 5 -2.19 -26.51 -33.24
C VAL E 5 -0.95 -27.35 -32.96
N THR E 6 0.20 -26.89 -33.45
CA THR E 6 1.47 -27.59 -33.23
C THR E 6 2.62 -26.63 -32.87
N VAL E 7 3.59 -27.15 -32.12
CA VAL E 7 4.74 -26.39 -31.68
C VAL E 7 5.74 -26.19 -32.83
N PRO E 8 5.97 -24.95 -33.25
CA PRO E 8 6.90 -24.66 -34.34
C PRO E 8 8.26 -25.33 -34.18
N ASP E 9 9.12 -25.12 -35.18
CA ASP E 9 10.44 -25.73 -35.14
C ASP E 9 11.51 -24.84 -34.48
N PHE E 10 12.10 -25.35 -33.40
CA PHE E 10 13.13 -24.63 -32.68
C PHE E 10 14.51 -25.20 -32.98
N SER E 11 14.69 -25.69 -34.19
CA SER E 11 15.98 -26.25 -34.56
C SER E 11 16.97 -25.10 -34.71
N ALA E 12 16.46 -23.97 -35.20
CA ALA E 12 17.30 -22.79 -35.39
C ALA E 12 17.95 -22.37 -34.08
N TYR E 13 17.39 -22.82 -32.95
CA TYR E 13 17.88 -22.47 -31.62
C TYR E 13 18.29 -23.58 -30.67
N ARG E 14 17.94 -24.82 -30.97
CA ARG E 14 18.29 -25.93 -30.06
C ARG E 14 19.78 -26.17 -29.89
N ARG E 15 20.13 -26.67 -28.72
CA ARG E 15 21.52 -26.98 -28.47
C ARG E 15 21.79 -28.21 -29.33
N GLU E 16 23.05 -28.40 -29.72
CA GLU E 16 23.43 -29.51 -30.57
C GLU E 16 22.91 -30.87 -30.12
N ASP E 17 23.01 -31.14 -28.81
CA ASP E 17 22.61 -32.42 -28.23
C ASP E 17 21.13 -32.81 -28.15
N VAL E 18 20.23 -31.84 -28.25
CA VAL E 18 18.80 -32.12 -28.20
C VAL E 18 18.18 -31.65 -29.51
N MET E 19 18.90 -31.86 -30.60
CA MET E 19 18.42 -31.45 -31.90
C MET E 19 17.66 -32.57 -32.58
N ASP E 20 18.01 -33.82 -32.24
CA ASP E 20 17.38 -35.01 -32.82
C ASP E 20 16.13 -35.51 -32.07
N ALA E 21 15.01 -35.42 -32.78
CA ALA E 21 13.71 -35.80 -32.26
C ALA E 21 13.57 -37.26 -31.82
N THR E 22 14.61 -38.05 -31.98
CA THR E 22 14.51 -39.46 -31.61
C THR E 22 15.54 -39.94 -30.58
N THR E 23 16.15 -39.00 -29.87
CA THR E 23 17.12 -39.36 -28.86
C THR E 23 16.68 -38.78 -27.53
N SER E 24 16.70 -39.59 -26.47
CA SER E 24 16.30 -39.10 -25.16
C SER E 24 17.07 -37.84 -24.78
N SER E 25 16.37 -36.73 -24.65
CA SER E 25 17.05 -35.48 -24.30
C SER E 25 17.71 -35.63 -22.94
N GLN E 26 17.22 -36.60 -22.16
CA GLN E 26 17.68 -36.87 -20.81
C GLN E 26 19.14 -37.19 -20.57
N THR E 27 19.79 -37.81 -21.55
CA THR E 27 21.19 -38.15 -21.39
C THR E 27 22.09 -36.90 -21.31
N SER E 28 21.87 -35.97 -22.24
CA SER E 28 22.66 -34.74 -22.33
C SER E 28 22.24 -33.65 -21.34
N SER E 29 21.20 -33.89 -20.55
CA SER E 29 20.74 -32.88 -19.60
C SER E 29 21.83 -32.55 -18.60
N GLU E 30 22.29 -33.55 -17.87
CA GLU E 30 23.34 -33.40 -16.87
C GLU E 30 24.43 -32.44 -17.30
N ASP E 31 24.75 -32.44 -18.59
CA ASP E 31 25.80 -31.57 -19.13
C ASP E 31 25.20 -30.20 -19.39
N ARG E 32 24.22 -30.15 -20.27
CA ARG E 32 23.58 -28.90 -20.57
C ARG E 32 23.43 -28.02 -19.33
N LYS E 33 23.17 -28.63 -18.17
CA LYS E 33 23.01 -27.85 -16.95
C LYS E 33 24.35 -27.63 -16.25
N GLY E 34 25.17 -28.66 -16.26
CA GLY E 34 26.47 -28.57 -15.61
C GLY E 34 27.29 -27.43 -16.18
N PHE E 35 27.17 -27.21 -17.49
CA PHE E 35 27.91 -26.15 -18.17
C PHE E 35 27.37 -24.77 -17.81
N SER E 36 26.06 -24.62 -17.91
CA SER E 36 25.43 -23.36 -17.58
C SER E 36 25.61 -23.03 -16.11
N TYR E 37 25.60 -24.05 -15.25
CA TYR E 37 25.78 -23.82 -13.82
C TYR E 37 27.24 -23.55 -13.46
N LEU E 38 28.13 -24.01 -14.33
CA LEU E 38 29.55 -23.82 -14.15
C LEU E 38 29.91 -22.38 -14.47
N VAL E 39 29.23 -21.80 -15.45
CA VAL E 39 29.46 -20.41 -15.82
C VAL E 39 29.09 -19.54 -14.63
N THR E 40 27.94 -19.86 -14.04
CA THR E 40 27.43 -19.14 -12.86
C THR E 40 28.33 -19.37 -11.63
N ALA E 41 28.76 -20.60 -11.45
CA ALA E 41 29.62 -20.88 -10.30
C ALA E 41 30.88 -20.03 -10.39
N THR E 42 31.38 -19.83 -11.61
CA THR E 42 32.60 -19.05 -11.83
C THR E 42 32.36 -17.57 -11.57
N ALA E 43 31.31 -17.05 -12.18
CA ALA E 43 30.93 -15.66 -11.97
C ALA E 43 30.93 -15.38 -10.48
N CYS E 44 30.37 -16.31 -9.69
CA CYS E 44 30.30 -16.19 -8.23
C CYS E 44 31.69 -16.18 -7.63
N VAL E 45 32.57 -17.04 -8.14
CA VAL E 45 33.93 -17.10 -7.65
C VAL E 45 34.67 -15.82 -8.02
N ALA E 46 34.50 -15.35 -9.26
CA ALA E 46 35.16 -14.13 -9.73
C ALA E 46 34.68 -12.96 -8.91
N THR E 47 33.38 -12.91 -8.64
CA THR E 47 32.84 -11.82 -7.83
C THR E 47 33.27 -11.96 -6.38
N ALA E 48 33.22 -13.19 -5.86
CA ALA E 48 33.61 -13.44 -4.47
C ALA E 48 35.01 -12.88 -4.25
N TYR E 49 35.89 -13.12 -5.22
CA TYR E 49 37.27 -12.62 -5.13
C TYR E 49 37.22 -11.08 -5.06
N ALA E 50 36.73 -10.47 -6.12
CA ALA E 50 36.62 -9.02 -6.21
C ALA E 50 36.05 -8.39 -4.94
N ALA E 51 34.92 -8.91 -4.48
CA ALA E 51 34.25 -8.39 -3.30
C ALA E 51 35.15 -8.43 -2.06
N LYS E 52 35.61 -9.63 -1.73
CA LYS E 52 36.47 -9.82 -0.56
C LYS E 52 37.61 -8.81 -0.60
N ASN E 53 38.21 -8.64 -1.77
CA ASN E 53 39.33 -7.72 -1.93
C ASN E 53 38.94 -6.26 -1.71
N VAL E 54 37.77 -5.85 -2.17
CA VAL E 54 37.36 -4.46 -1.98
C VAL E 54 37.02 -4.17 -0.53
N VAL E 55 36.58 -5.19 0.19
CA VAL E 55 36.26 -5.02 1.59
C VAL E 55 37.58 -4.98 2.34
N THR E 56 38.45 -5.93 2.02
CA THR E 56 39.79 -6.00 2.60
C THR E 56 40.32 -4.55 2.68
N GLN E 57 40.38 -3.89 1.52
CA GLN E 57 40.88 -2.52 1.40
C GLN E 57 40.10 -1.53 2.27
N PHE E 58 38.83 -1.33 1.98
CA PHE E 58 38.03 -0.37 2.75
C PHE E 58 38.12 -0.56 4.25
N ILE E 59 38.11 -1.79 4.71
CA ILE E 59 38.20 -2.06 6.14
C ILE E 59 39.55 -1.64 6.75
N SER E 60 40.64 -1.76 6.00
CA SER E 60 41.93 -1.35 6.52
C SER E 60 42.14 0.14 6.31
N SER E 61 41.11 0.82 5.82
CA SER E 61 41.21 2.24 5.61
C SER E 61 40.94 2.84 6.96
N LEU E 62 40.48 1.99 7.88
CA LEU E 62 40.16 2.42 9.25
C LEU E 62 41.30 2.17 10.20
N SER E 63 42.12 1.18 9.88
CA SER E 63 43.28 0.83 10.70
C SER E 63 44.16 2.05 10.88
N ALA E 64 45.28 1.87 11.56
CA ALA E 64 46.18 2.98 11.77
C ALA E 64 46.82 3.36 10.44
N SER E 65 46.98 4.67 10.21
CA SER E 65 47.60 5.16 8.97
C SER E 65 49.10 4.86 8.91
N ALA E 66 49.79 5.42 7.92
CA ALA E 66 51.22 5.20 7.78
C ALA E 66 52.01 6.24 8.55
N ASP E 67 51.37 7.38 8.84
CA ASP E 67 52.03 8.45 9.57
C ASP E 67 52.18 8.14 11.04
N VAL E 68 51.41 7.17 11.54
CA VAL E 68 51.51 6.78 12.93
C VAL E 68 52.88 6.10 13.09
N LEU E 69 53.70 6.69 13.96
CA LEU E 69 55.07 6.30 14.26
C LEU E 69 55.33 4.91 14.86
N ALA E 70 56.39 4.86 15.68
CA ALA E 70 56.87 3.68 16.40
C ALA E 70 58.20 4.17 17.00
N LEU E 71 58.09 5.22 17.82
CA LEU E 71 59.23 5.89 18.42
C LEU E 71 60.07 5.25 19.54
N SER E 72 61.15 5.97 19.83
CA SER E 72 62.16 5.59 20.80
C SER E 72 61.83 5.52 22.29
N LYS E 73 62.85 5.84 23.08
CA LYS E 73 62.81 5.80 24.54
C LYS E 73 62.54 7.15 25.20
N ILE E 74 63.07 7.27 26.42
CA ILE E 74 62.96 8.47 27.24
C ILE E 74 63.88 8.34 28.46
N GLU E 75 64.75 9.34 28.64
CA GLU E 75 65.68 9.35 29.76
C GLU E 75 65.06 10.13 30.90
N ILE E 76 65.32 9.69 32.13
CA ILE E 76 64.76 10.36 33.30
C ILE E 76 65.76 10.33 34.46
N LYS E 77 66.02 11.49 35.07
CA LYS E 77 66.95 11.55 36.19
C LYS E 77 66.27 11.10 37.48
N LEU E 78 66.83 10.07 38.11
CA LEU E 78 66.29 9.52 39.34
C LEU E 78 66.47 10.47 40.52
N SER E 79 66.94 11.69 40.24
CA SER E 79 67.17 12.70 41.29
C SER E 79 66.05 13.73 41.35
N ASP E 80 65.12 13.64 40.42
CA ASP E 80 63.99 14.57 40.38
C ASP E 80 62.85 13.89 41.12
N ILE E 81 62.94 12.57 41.19
CA ILE E 81 61.95 11.75 41.87
C ILE E 81 62.47 11.35 43.24
N PRO E 82 62.24 12.21 44.26
CA PRO E 82 62.68 11.93 45.62
C PRO E 82 62.00 10.69 46.18
N GLU E 83 62.59 10.11 47.21
CA GLU E 83 62.02 8.92 47.83
C GLU E 83 60.60 9.20 48.30
N GLY E 84 59.75 8.17 48.23
CA GLY E 84 58.37 8.30 48.67
C GLY E 84 57.44 9.06 47.74
N LYS E 85 57.68 8.97 46.44
CA LYS E 85 56.83 9.66 45.48
C LYS E 85 56.72 8.98 44.10
N ASN E 86 55.63 9.29 43.42
CA ASN E 86 55.33 8.76 42.09
C ASN E 86 55.23 9.95 41.14
N VAL E 87 55.64 9.78 39.89
CA VAL E 87 55.58 10.87 38.91
C VAL E 87 55.13 10.35 37.54
N ALA E 88 54.42 11.19 36.79
CA ALA E 88 53.92 10.81 35.47
C ALA E 88 54.59 11.50 34.30
N PHE E 89 55.00 10.71 33.31
CA PHE E 89 55.65 11.26 32.13
C PHE E 89 54.87 10.89 30.88
N LYS E 90 54.71 11.85 29.98
CA LYS E 90 54.01 11.62 28.70
C LYS E 90 54.89 10.65 27.94
N TRP E 91 54.30 9.60 27.40
CA TRP E 91 55.11 8.62 26.69
C TRP E 91 54.25 7.69 25.85
N ARG E 92 54.71 7.43 24.63
CA ARG E 92 54.01 6.53 23.73
C ARG E 92 52.50 6.61 23.87
N GLY E 93 51.98 7.83 23.93
CA GLY E 93 50.55 8.01 24.05
C GLY E 93 50.09 8.10 25.48
N LYS E 94 49.97 6.94 26.13
CA LYS E 94 49.50 6.88 27.52
C LYS E 94 50.60 7.07 28.58
N PRO E 95 50.23 7.58 29.77
CA PRO E 95 51.13 7.84 30.90
C PRO E 95 52.19 6.77 31.16
N LEU E 96 53.19 7.16 31.94
CA LEU E 96 54.29 6.29 32.33
C LEU E 96 54.69 6.65 33.76
N PHE E 97 54.63 5.67 34.66
CA PHE E 97 55.00 5.91 36.06
C PHE E 97 56.43 5.50 36.40
N VAL E 98 57.04 6.29 37.28
CA VAL E 98 58.38 6.04 37.76
C VAL E 98 58.24 6.34 39.25
N ARG E 99 58.33 5.30 40.08
CA ARG E 99 58.15 5.47 41.52
C ARG E 99 59.35 5.08 42.37
N HIS E 100 59.77 6.01 43.22
CA HIS E 100 60.89 5.79 44.12
C HIS E 100 60.29 5.27 45.42
N ARG E 101 60.39 3.97 45.63
CA ARG E 101 59.83 3.36 46.83
C ARG E 101 60.76 3.38 48.03
N THR E 102 60.18 3.60 49.21
CA THR E 102 60.92 3.61 50.46
C THR E 102 60.95 2.13 50.85
N GLN E 103 61.88 1.72 51.70
CA GLN E 103 61.91 0.30 52.07
C GLN E 103 60.69 -0.01 52.94
N ALA E 104 60.03 1.04 53.42
CA ALA E 104 58.83 0.88 54.25
C ALA E 104 57.76 0.17 53.41
N GLU E 105 57.86 0.32 52.10
CA GLU E 105 56.94 -0.27 51.16
C GLU E 105 57.52 -1.54 50.54
N ILE E 106 58.79 -1.45 50.12
CA ILE E 106 59.51 -2.57 49.50
C ILE E 106 59.30 -3.88 50.24
N ASN E 107 58.83 -3.79 51.48
CA ASN E 107 58.59 -4.98 52.30
C ASN E 107 57.19 -5.53 52.05
N GLN E 108 56.20 -4.65 52.08
CA GLN E 108 54.84 -5.08 51.83
C GLN E 108 54.76 -5.81 50.49
N GLU E 109 55.28 -5.15 49.45
CA GLU E 109 55.27 -5.67 48.08
C GLU E 109 55.95 -7.01 47.85
N ALA E 110 56.84 -7.38 48.77
CA ALA E 110 57.55 -8.66 48.68
C ALA E 110 57.00 -9.63 49.72
N GLU E 111 56.15 -9.13 50.60
CA GLU E 111 55.54 -9.94 51.66
C GLU E 111 54.05 -10.20 51.45
N VAL E 112 53.71 -10.93 50.39
CA VAL E 112 52.31 -11.24 50.11
C VAL E 112 52.16 -12.59 49.41
N ASP E 113 51.03 -13.24 49.63
CA ASP E 113 50.73 -14.54 49.03
C ASP E 113 50.73 -14.49 47.51
N VAL E 114 51.90 -14.74 46.90
CA VAL E 114 52.01 -14.72 45.45
C VAL E 114 51.07 -15.75 44.80
N SER E 115 50.38 -16.53 45.63
CA SER E 115 49.44 -17.54 45.16
C SER E 115 47.98 -17.07 45.24
N LYS E 116 47.75 -16.00 45.99
CA LYS E 116 46.40 -15.43 46.13
C LYS E 116 46.24 -14.15 45.30
N LEU E 117 46.96 -14.10 44.19
CA LEU E 117 46.91 -12.96 43.29
C LEU E 117 46.16 -13.29 42.02
N ARG E 118 45.43 -12.31 41.48
CA ARG E 118 44.70 -12.51 40.25
C ARG E 118 45.78 -12.88 39.24
N ASP E 119 46.80 -12.05 39.17
CA ASP E 119 47.95 -12.28 38.29
C ASP E 119 49.11 -12.48 39.27
N PRO E 120 49.56 -13.74 39.45
CA PRO E 120 50.65 -14.12 40.34
C PRO E 120 52.06 -13.77 39.87
N GLN E 121 52.66 -12.79 40.54
CA GLN E 121 54.01 -12.34 40.22
C GLN E 121 54.63 -11.78 41.51
N HIS E 122 55.93 -11.96 41.66
CA HIS E 122 56.59 -11.45 42.84
C HIS E 122 57.30 -10.15 42.55
N ASP E 123 57.08 -9.16 43.42
CA ASP E 123 57.67 -7.83 43.29
C ASP E 123 59.12 -7.78 42.79
N LEU E 124 59.85 -8.88 42.96
CA LEU E 124 61.24 -8.95 42.54
C LEU E 124 61.44 -9.10 41.04
N ASP E 125 60.65 -9.95 40.39
CA ASP E 125 60.79 -10.11 38.94
C ASP E 125 59.86 -9.20 38.11
N ARG E 126 59.44 -8.09 38.72
CA ARG E 126 58.60 -7.08 38.07
C ARG E 126 59.45 -5.82 37.90
N VAL E 127 60.38 -5.64 38.84
CA VAL E 127 61.28 -4.50 38.85
C VAL E 127 62.74 -4.96 39.02
N LYS E 128 63.69 -4.10 38.72
CA LYS E 128 65.12 -4.44 38.87
C LYS E 128 65.67 -3.88 40.19
N LYS E 129 65.77 -2.57 40.31
CA LYS E 129 66.25 -1.99 41.56
C LYS E 129 65.04 -1.81 42.48
N PRO E 130 65.02 -2.54 43.61
CA PRO E 130 63.96 -2.54 44.63
C PRO E 130 63.45 -1.19 45.12
N GLU E 131 64.05 -0.10 44.68
CA GLU E 131 63.61 1.23 45.09
C GLU E 131 62.92 1.97 43.95
N TRP E 132 63.02 1.41 42.74
CA TRP E 132 62.42 2.02 41.55
C TRP E 132 61.46 1.09 40.79
N VAL E 133 60.17 1.37 40.88
CA VAL E 133 59.14 0.62 40.18
C VAL E 133 58.64 1.46 39.01
N ILE E 134 58.80 0.92 37.80
CA ILE E 134 58.38 1.60 36.58
C ILE E 134 57.25 0.83 35.90
N LEU E 135 56.19 1.54 35.52
CA LEU E 135 55.05 0.89 34.87
C LEU E 135 54.18 1.81 34.02
N VAL E 136 53.44 1.21 33.09
CA VAL E 136 52.54 1.92 32.18
C VAL E 136 51.24 2.22 32.91
N GLY E 137 51.03 3.49 33.24
CA GLY E 137 49.85 3.92 33.97
C GLY E 137 48.51 3.77 33.27
N VAL E 138 48.14 2.53 32.98
CA VAL E 138 46.89 2.26 32.31
C VAL E 138 46.22 1.07 32.97
N CYS E 139 45.05 1.32 33.57
CA CYS E 139 44.30 0.24 34.22
C CYS E 139 44.14 -0.83 33.15
N THR E 140 44.25 -2.10 33.54
CA THR E 140 44.11 -3.18 32.58
C THR E 140 42.64 -3.51 32.30
N HIS E 141 41.75 -2.92 33.09
CA HIS E 141 40.31 -3.11 32.93
C HIS E 141 39.86 -2.49 31.62
N LEU E 142 39.62 -1.18 31.66
CA LEU E 142 39.18 -0.44 30.49
C LEU E 142 39.93 0.88 30.24
N GLY E 143 41.24 0.86 30.53
CA GLY E 143 42.10 2.00 30.26
C GLY E 143 42.12 3.36 30.95
N CYS E 144 41.58 3.52 32.15
CA CYS E 144 41.66 4.83 32.80
C CYS E 144 43.03 4.88 33.49
N VAL E 145 43.44 6.07 33.94
CA VAL E 145 44.74 6.22 34.62
C VAL E 145 44.63 6.10 36.13
N PRO E 146 45.13 5.00 36.72
CA PRO E 146 45.11 4.75 38.16
C PRO E 146 45.67 5.94 38.93
N ILE E 147 45.00 6.34 40.02
CA ILE E 147 45.47 7.46 40.82
C ILE E 147 46.57 6.94 41.75
N ALA E 148 47.68 7.67 41.81
CA ALA E 148 48.81 7.31 42.66
C ALA E 148 48.53 7.69 44.11
N ASN E 149 48.94 6.81 45.02
CA ASN E 149 48.75 7.03 46.45
C ASN E 149 47.27 7.12 46.83
N SER E 150 46.63 5.96 46.83
CA SER E 150 45.22 5.82 47.20
C SER E 150 44.89 4.33 47.10
N GLY E 151 43.66 3.99 47.45
CA GLY E 151 43.30 2.58 47.41
C GLY E 151 43.70 2.00 48.74
N ASP E 152 43.29 0.78 49.00
CA ASP E 152 43.58 0.11 50.26
C ASP E 152 44.83 -0.74 50.22
N PHE E 153 45.74 -0.44 49.30
CA PHE E 153 46.97 -1.20 49.19
C PHE E 153 48.16 -0.27 48.95
N GLY E 154 48.03 0.98 49.42
CA GLY E 154 49.07 1.98 49.30
C GLY E 154 49.81 1.97 47.97
N GLY E 155 49.05 1.81 46.90
CA GLY E 155 49.64 1.78 45.57
C GLY E 155 48.87 2.67 44.62
N TYR E 156 47.89 2.10 43.93
CA TYR E 156 47.10 2.86 42.97
C TYR E 156 45.62 2.54 43.04
N TYR E 157 44.81 3.46 42.50
CA TYR E 157 43.36 3.32 42.48
C TYR E 157 42.76 3.88 41.20
N CYS E 158 42.01 3.05 40.48
CA CYS E 158 41.37 3.51 39.25
C CYS E 158 39.97 4.02 39.60
N PRO E 159 39.77 5.35 39.55
CA PRO E 159 38.48 5.95 39.89
C PRO E 159 37.31 5.58 38.98
N CYS E 160 37.60 4.93 37.87
CA CYS E 160 36.54 4.56 36.95
C CYS E 160 35.64 3.44 37.48
N HIS E 161 36.23 2.27 37.76
CA HIS E 161 35.44 1.16 38.28
C HIS E 161 35.95 0.53 39.58
N GLY E 162 36.80 1.26 40.30
CA GLY E 162 37.32 0.79 41.57
C GLY E 162 38.32 -0.35 41.60
N SER E 163 39.45 -0.19 40.93
CA SER E 163 40.47 -1.23 40.96
C SER E 163 41.58 -0.76 41.90
N HIS E 164 42.13 -1.70 42.67
CA HIS E 164 43.17 -1.40 43.62
C HIS E 164 44.49 -2.06 43.23
N TYR E 165 45.52 -1.25 43.08
CA TYR E 165 46.85 -1.75 42.73
C TYR E 165 47.79 -1.43 43.88
N ASP E 166 48.76 -2.30 44.11
CA ASP E 166 49.73 -2.08 45.19
C ASP E 166 50.90 -1.25 44.67
N ALA E 167 51.87 -0.98 45.56
CA ALA E 167 53.03 -0.19 45.20
C ALA E 167 53.90 -0.88 44.13
N SER E 168 53.51 -2.08 43.72
CA SER E 168 54.24 -2.83 42.69
C SER E 168 53.45 -2.76 41.39
N GLY E 169 52.23 -2.21 41.49
CA GLY E 169 51.38 -2.09 40.33
C GLY E 169 50.64 -3.39 40.03
N ARG E 170 50.51 -4.24 41.03
CA ARG E 170 49.82 -5.50 40.86
C ARG E 170 48.36 -5.32 41.21
N ILE E 171 47.49 -6.06 40.52
CA ILE E 171 46.06 -5.98 40.76
C ILE E 171 45.71 -6.81 42.00
N ARG E 172 45.10 -6.13 42.97
CA ARG E 172 44.74 -6.75 44.23
C ARG E 172 43.24 -6.82 44.53
N LYS E 173 42.49 -5.83 44.08
CA LYS E 173 41.05 -5.81 44.32
C LYS E 173 40.35 -5.03 43.21
N GLY E 174 39.13 -5.42 42.87
CA GLY E 174 38.39 -4.73 41.83
C GLY E 174 38.17 -5.59 40.59
N PRO E 175 37.65 -5.00 39.49
CA PRO E 175 37.41 -5.76 38.25
C PRO E 175 38.59 -5.91 37.28
N ALA E 176 39.66 -5.15 37.49
CA ALA E 176 40.84 -5.25 36.62
C ALA E 176 41.33 -6.68 36.50
N PRO E 177 41.69 -7.12 35.28
CA PRO E 177 42.17 -8.49 35.08
C PRO E 177 43.65 -8.76 35.35
N TYR E 178 44.55 -7.91 34.88
CA TYR E 178 45.99 -8.12 35.09
C TYR E 178 46.71 -6.97 35.81
N ASN E 179 47.98 -7.20 36.15
CA ASN E 179 48.77 -6.19 36.84
C ASN E 179 49.27 -5.16 35.81
N LEU E 180 49.42 -3.91 36.25
CA LEU E 180 49.90 -2.87 35.36
C LEU E 180 51.10 -3.41 34.60
N GLU E 181 51.20 -3.03 33.34
CA GLU E 181 52.31 -3.49 32.49
C GLU E 181 53.64 -2.88 32.91
N VAL E 182 54.69 -3.70 32.87
CA VAL E 182 56.02 -3.23 33.22
C VAL E 182 56.84 -3.09 31.94
N PRO E 183 57.19 -1.85 31.56
CA PRO E 183 57.97 -1.55 30.36
C PRO E 183 59.39 -2.10 30.37
N THR E 184 60.03 -2.08 29.20
CA THR E 184 61.40 -2.57 29.06
C THR E 184 62.37 -1.39 29.19
N TYR E 185 63.14 -1.35 30.29
CA TYR E 185 64.07 -0.25 30.53
C TYR E 185 65.52 -0.67 30.85
N GLN E 186 66.28 0.26 31.44
CA GLN E 186 67.67 0.01 31.81
C GLN E 186 68.21 1.22 32.60
N PHE E 187 68.91 0.95 33.70
CA PHE E 187 69.49 2.00 34.56
C PHE E 187 70.93 2.37 34.16
N VAL E 188 71.13 2.88 32.95
CA VAL E 188 72.46 3.24 32.47
C VAL E 188 73.11 4.44 33.17
N GLY E 189 72.78 4.66 34.44
CA GLY E 189 73.36 5.79 35.15
C GLY E 189 73.38 5.59 36.65
N ASP E 190 73.85 6.60 37.38
CA ASP E 190 73.89 6.52 38.85
C ASP E 190 72.57 7.08 39.39
N ASP E 191 72.03 8.07 38.69
CA ASP E 191 70.74 8.69 39.02
C ASP E 191 70.12 9.18 37.71
N LEU E 192 70.07 8.28 36.74
CA LEU E 192 69.51 8.55 35.43
C LEU E 192 69.16 7.21 34.76
N VAL E 193 67.86 6.98 34.56
CA VAL E 193 67.34 5.75 33.96
C VAL E 193 66.75 5.97 32.56
N VAL E 194 66.71 4.91 31.76
CA VAL E 194 66.19 4.98 30.40
C VAL E 194 65.11 3.95 30.08
N VAL E 195 63.88 4.41 29.87
CA VAL E 195 62.78 3.52 29.54
C VAL E 195 62.62 3.46 28.03
N GLY E 196 62.14 2.33 27.52
CA GLY E 196 61.96 2.16 26.10
C GLY E 196 62.97 1.20 25.51
N GLY F 10 -2.13 18.10 -58.58
CA GLY F 10 -0.73 17.94 -58.06
C GLY F 10 -0.64 17.01 -56.86
N ARG F 11 -0.18 15.78 -57.10
CA ARG F 11 -0.06 14.78 -56.03
C ARG F 11 1.11 15.03 -55.07
N LEU F 12 1.27 16.27 -54.61
CA LEU F 12 2.38 16.58 -53.72
C LEU F 12 2.13 16.09 -52.32
N MET F 13 1.05 16.55 -51.71
CA MET F 13 0.75 16.11 -50.36
C MET F 13 0.78 14.60 -50.34
N ASP F 14 0.23 13.97 -51.37
CA ASP F 14 0.26 12.51 -51.38
C ASP F 14 1.73 12.08 -51.37
N ARG F 15 2.50 12.56 -52.35
CA ARG F 15 3.92 12.21 -52.46
C ARG F 15 4.64 12.31 -51.10
N ILE F 16 4.37 13.40 -50.37
CA ILE F 16 4.99 13.63 -49.07
C ILE F 16 4.52 12.66 -48.04
N ARG F 17 3.21 12.65 -47.79
CA ARG F 17 2.66 11.73 -46.81
C ARG F 17 3.24 10.33 -47.00
N LYS F 18 3.08 9.77 -48.19
CA LYS F 18 3.60 8.43 -48.45
C LYS F 18 5.08 8.36 -48.08
N TRP F 19 5.81 9.45 -48.29
CA TRP F 19 7.22 9.43 -47.95
C TRP F 19 7.40 9.32 -46.44
N TYR F 20 6.80 10.27 -45.72
CA TYR F 20 6.86 10.28 -44.28
C TYR F 20 6.43 8.93 -43.72
N TYR F 21 5.38 8.34 -44.32
CA TYR F 21 4.92 7.05 -43.86
C TYR F 21 6.00 5.98 -43.87
N ASN F 22 6.77 5.90 -44.95
CA ASN F 22 7.84 4.90 -45.01
C ASN F 22 9.01 5.33 -44.15
N ALA F 23 9.10 6.64 -43.93
CA ALA F 23 10.16 7.20 -43.12
C ALA F 23 9.97 6.75 -41.66
N ALA F 24 8.76 6.92 -41.15
CA ALA F 24 8.44 6.56 -39.78
C ALA F 24 8.89 5.13 -39.55
N GLY F 25 8.39 4.21 -40.37
CA GLY F 25 8.80 2.82 -40.23
C GLY F 25 8.06 1.97 -39.24
N PHE F 26 6.92 2.45 -38.77
CA PHE F 26 6.19 1.64 -37.83
C PHE F 26 5.59 0.49 -38.56
N ASN F 27 5.58 0.58 -39.87
CA ASN F 27 5.03 -0.52 -40.63
C ASN F 27 6.03 -1.67 -40.64
N LYS F 28 7.30 -1.40 -40.39
CA LYS F 28 8.25 -2.52 -40.40
C LYS F 28 7.91 -3.50 -39.27
N TYR F 29 7.13 -3.04 -38.30
CA TYR F 29 6.72 -3.89 -37.18
C TYR F 29 5.33 -4.46 -37.42
N GLY F 30 4.65 -4.00 -38.46
CA GLY F 30 3.34 -4.50 -38.76
C GLY F 30 2.24 -3.73 -38.06
N LEU F 31 2.56 -2.54 -37.56
CA LEU F 31 1.59 -1.71 -36.84
C LEU F 31 0.89 -0.75 -37.80
N MET F 32 -0.40 -0.50 -37.61
CA MET F 32 -1.11 0.46 -38.45
C MET F 32 -0.81 1.80 -37.82
N ARG F 33 -0.87 2.85 -38.63
CA ARG F 33 -0.61 4.18 -38.13
C ARG F 33 -1.34 4.38 -36.80
N ASP F 34 -2.53 3.81 -36.66
CA ASP F 34 -3.30 3.98 -35.44
C ASP F 34 -2.87 3.12 -34.25
N ASP F 35 -2.05 2.11 -34.47
CA ASP F 35 -1.64 1.31 -33.34
C ASP F 35 -0.57 2.11 -32.56
N THR F 36 -0.05 3.16 -33.18
CA THR F 36 0.99 3.89 -32.51
C THR F 36 0.55 5.09 -31.70
N LEU F 37 -0.71 5.48 -31.83
CA LEU F 37 -1.20 6.63 -31.08
C LEU F 37 -0.90 6.45 -29.60
N TYR F 38 -0.46 7.52 -28.96
CA TYR F 38 -0.16 7.46 -27.55
C TYR F 38 -1.50 7.52 -26.87
N GLU F 39 -1.73 6.62 -25.92
CA GLU F 39 -3.00 6.52 -25.21
C GLU F 39 -3.41 7.56 -24.16
N ASP F 40 -3.84 8.74 -24.61
CA ASP F 40 -4.30 9.74 -23.67
C ASP F 40 -5.75 9.37 -23.34
N ASP F 41 -6.47 10.29 -22.71
CA ASP F 41 -7.86 10.05 -22.31
C ASP F 41 -8.85 9.71 -23.43
N ASP F 42 -8.81 10.45 -24.53
CA ASP F 42 -9.74 10.18 -25.64
C ASP F 42 -9.41 8.86 -26.32
N VAL F 43 -8.14 8.65 -26.59
CA VAL F 43 -7.75 7.44 -27.24
C VAL F 43 -8.21 6.28 -26.41
N LYS F 44 -8.05 6.34 -25.10
CA LYS F 44 -8.48 5.25 -24.22
C LYS F 44 -9.96 4.96 -24.36
N GLU F 45 -10.77 6.00 -24.39
CA GLU F 45 -12.20 5.82 -24.55
C GLU F 45 -12.45 5.19 -25.90
N ALA F 46 -11.93 5.80 -26.96
CA ALA F 46 -12.13 5.25 -28.29
C ALA F 46 -11.91 3.74 -28.26
N LEU F 47 -10.73 3.30 -27.88
CA LEU F 47 -10.42 1.87 -27.83
C LEU F 47 -11.45 0.98 -27.14
N LYS F 48 -12.17 1.53 -26.15
CA LYS F 48 -13.19 0.75 -25.43
C LYS F 48 -14.41 0.59 -26.34
N ARG F 49 -14.52 1.46 -27.34
CA ARG F 49 -15.64 1.40 -28.27
C ARG F 49 -15.32 0.55 -29.51
N LEU F 50 -14.12 -0.03 -29.55
CA LEU F 50 -13.76 -0.86 -30.69
C LEU F 50 -14.48 -2.19 -30.61
N PRO F 51 -14.96 -2.69 -31.75
CA PRO F 51 -15.67 -3.97 -31.80
C PRO F 51 -14.70 -5.08 -31.40
N LYS F 52 -15.19 -6.05 -30.65
CA LYS F 52 -14.35 -7.16 -30.19
C LYS F 52 -13.20 -7.55 -31.13
N ASP F 53 -13.52 -7.99 -32.34
CA ASP F 53 -12.48 -8.41 -33.27
C ASP F 53 -11.43 -7.36 -33.64
N LEU F 54 -11.86 -6.12 -33.91
CA LEU F 54 -10.91 -5.09 -34.26
C LEU F 54 -9.97 -4.80 -33.13
N TYR F 55 -10.43 -5.06 -31.90
CA TYR F 55 -9.64 -4.81 -30.71
C TYR F 55 -8.66 -5.94 -30.50
N ASN F 56 -9.08 -7.16 -30.76
CA ASN F 56 -8.21 -8.32 -30.57
C ASN F 56 -7.08 -8.43 -31.57
N GLU F 57 -7.31 -7.85 -32.73
CA GLU F 57 -6.32 -7.83 -33.81
C GLU F 57 -5.28 -6.74 -33.49
N ARG F 58 -5.79 -5.58 -33.09
CA ARG F 58 -4.94 -4.46 -32.74
C ARG F 58 -4.06 -4.89 -31.61
N MET F 59 -4.57 -5.76 -30.74
CA MET F 59 -3.78 -6.20 -29.61
C MET F 59 -2.63 -7.07 -30.06
N PHE F 60 -2.93 -8.07 -30.87
CA PHE F 60 -1.89 -8.97 -31.36
C PHE F 60 -0.82 -8.17 -32.08
N ARG F 61 -1.24 -7.31 -33.02
CA ARG F 61 -0.29 -6.49 -33.78
C ARG F 61 0.74 -5.87 -32.84
N ILE F 62 0.24 -5.29 -31.74
CA ILE F 62 1.07 -4.65 -30.74
C ILE F 62 1.90 -5.62 -29.93
N LYS F 63 1.30 -6.70 -29.47
CA LYS F 63 2.03 -7.67 -28.65
C LYS F 63 3.13 -8.30 -29.50
N ARG F 64 2.93 -8.26 -30.81
CA ARG F 64 3.88 -8.84 -31.77
C ARG F 64 5.03 -7.86 -32.04
N ALA F 65 4.69 -6.57 -32.09
CA ALA F 65 5.67 -5.53 -32.32
C ALA F 65 6.59 -5.41 -31.10
N LEU F 66 6.04 -5.60 -29.91
CA LEU F 66 6.86 -5.54 -28.70
C LEU F 66 7.81 -6.71 -28.71
N ASP F 67 7.31 -7.89 -29.05
CA ASP F 67 8.17 -9.05 -29.09
C ASP F 67 9.30 -8.83 -30.10
N LEU F 68 9.00 -8.16 -31.22
CA LEU F 68 10.02 -7.86 -32.23
C LEU F 68 11.04 -6.97 -31.55
N SER F 69 10.59 -5.86 -31.00
CA SER F 69 11.48 -4.93 -30.31
C SER F 69 12.38 -5.55 -29.21
N LEU F 70 11.92 -6.58 -28.49
CA LEU F 70 12.76 -7.17 -27.45
C LEU F 70 13.87 -7.97 -28.13
N LYS F 71 13.52 -8.52 -29.29
CA LYS F 71 14.44 -9.32 -30.09
C LYS F 71 15.38 -8.49 -30.96
N HIS F 72 15.02 -7.22 -31.16
CA HIS F 72 15.81 -6.31 -31.99
C HIS F 72 15.75 -6.67 -33.46
N ARG F 73 14.56 -7.04 -33.92
CA ARG F 73 14.34 -7.40 -35.32
C ARG F 73 13.16 -6.65 -35.87
N ILE F 74 12.79 -7.02 -37.08
CA ILE F 74 11.63 -6.42 -37.75
C ILE F 74 11.04 -7.48 -38.64
N LEU F 75 9.96 -7.15 -39.32
CA LEU F 75 9.33 -8.10 -40.19
C LEU F 75 10.05 -8.21 -41.55
N PRO F 76 9.98 -9.38 -42.19
CA PRO F 76 10.65 -9.51 -43.47
C PRO F 76 9.90 -8.58 -44.40
N LYS F 77 10.65 -7.73 -45.08
CA LYS F 77 10.13 -6.75 -46.03
C LYS F 77 8.73 -7.04 -46.61
N GLU F 78 8.48 -8.29 -46.98
CA GLU F 78 7.19 -8.69 -47.56
C GLU F 78 5.96 -8.32 -46.71
N GLN F 79 6.03 -8.60 -45.41
CA GLN F 79 4.93 -8.34 -44.50
C GLN F 79 4.71 -6.91 -44.03
N TRP F 80 5.54 -5.98 -44.49
CA TRP F 80 5.39 -4.59 -44.08
C TRP F 80 4.07 -4.01 -44.55
N VAL F 81 3.44 -3.19 -43.72
CA VAL F 81 2.17 -2.55 -44.07
C VAL F 81 2.46 -1.61 -45.22
N LYS F 82 1.50 -1.41 -46.10
CA LYS F 82 1.73 -0.51 -47.22
C LYS F 82 0.92 0.79 -47.06
N TYR F 83 1.55 1.93 -47.32
CA TYR F 83 0.89 3.22 -47.18
C TYR F 83 -0.59 3.28 -47.54
N GLU F 84 -0.98 2.55 -48.58
CA GLU F 84 -2.37 2.59 -49.00
C GLU F 84 -3.26 1.52 -48.39
N GLU F 85 -2.65 0.53 -47.77
CA GLU F 85 -3.41 -0.56 -47.15
C GLU F 85 -3.49 -0.40 -45.65
N ASP F 86 -3.17 0.79 -45.15
CA ASP F 86 -3.23 1.01 -43.71
C ASP F 86 -4.65 1.36 -43.31
N LYS F 87 -5.29 0.48 -42.55
CA LYS F 87 -6.66 0.73 -42.12
C LYS F 87 -6.69 1.64 -40.88
N PRO F 88 -7.27 2.84 -41.00
CA PRO F 88 -7.38 3.80 -39.89
C PRO F 88 -8.60 3.36 -39.05
N TYR F 89 -8.44 2.20 -38.41
CA TYR F 89 -9.50 1.59 -37.64
C TYR F 89 -10.03 2.36 -36.46
N LEU F 90 -9.23 3.26 -35.88
CA LEU F 90 -9.65 4.02 -34.69
C LEU F 90 -10.04 5.48 -34.97
N GLU F 91 -9.39 6.07 -35.97
CA GLU F 91 -9.59 7.45 -36.38
C GLU F 91 -11.01 8.00 -36.27
N PRO F 92 -12.01 7.29 -36.80
CA PRO F 92 -13.40 7.77 -36.73
C PRO F 92 -14.03 7.73 -35.33
N TYR F 93 -13.68 6.71 -34.53
CA TYR F 93 -14.20 6.60 -33.17
C TYR F 93 -13.63 7.78 -32.40
N LEU F 94 -12.32 7.85 -32.39
CA LEU F 94 -11.63 8.91 -31.70
C LEU F 94 -12.20 10.29 -32.04
N LYS F 95 -12.47 10.58 -33.30
CA LYS F 95 -13.00 11.91 -33.64
C LYS F 95 -14.34 12.23 -32.97
N GLU F 96 -15.16 11.19 -32.78
CA GLU F 96 -16.46 11.34 -32.12
C GLU F 96 -16.26 11.58 -30.64
N VAL F 97 -15.31 10.86 -30.06
CA VAL F 97 -15.01 11.00 -28.65
C VAL F 97 -14.61 12.42 -28.40
N ILE F 98 -13.76 12.94 -29.29
CA ILE F 98 -13.30 14.31 -29.13
C ILE F 98 -14.40 15.32 -29.46
N ARG F 99 -15.40 14.90 -30.20
CA ARG F 99 -16.49 15.81 -30.55
C ARG F 99 -17.52 15.83 -29.42
N GLU F 100 -17.74 14.68 -28.79
CA GLU F 100 -18.67 14.57 -27.69
C GLU F 100 -18.09 15.40 -26.55
N ARG F 101 -16.77 15.36 -26.42
CA ARG F 101 -16.10 16.08 -25.36
C ARG F 101 -16.16 17.58 -25.50
N LEU F 102 -15.96 18.09 -26.70
CA LEU F 102 -16.01 19.54 -26.90
C LEU F 102 -17.39 20.08 -26.58
N GLU F 103 -18.42 19.29 -26.86
CA GLU F 103 -19.80 19.71 -26.55
C GLU F 103 -19.90 19.90 -25.05
N ARG F 104 -19.63 18.85 -24.28
CA ARG F 104 -19.67 18.96 -22.83
C ARG F 104 -18.92 20.20 -22.37
N GLU F 105 -17.63 20.26 -22.71
CA GLU F 105 -16.78 21.38 -22.33
C GLU F 105 -17.43 22.73 -22.57
N ALA F 106 -17.99 22.93 -23.76
CA ALA F 106 -18.65 24.19 -24.09
C ALA F 106 -19.94 24.41 -23.31
N TRP F 107 -20.71 23.34 -23.16
CA TRP F 107 -21.98 23.39 -22.44
C TRP F 107 -21.85 23.72 -20.95
N ASN F 108 -20.69 23.46 -20.35
CA ASN F 108 -20.51 23.74 -18.93
C ASN F 108 -20.05 25.16 -18.63
N LYS F 109 -19.66 25.88 -19.67
CA LYS F 109 -19.22 27.26 -19.58
C LYS F 109 -20.44 28.17 -19.72
N LYS F 110 -21.47 27.67 -20.41
CA LYS F 110 -22.74 28.40 -20.65
C LYS F 110 -23.53 28.66 -19.36
N GLY G 1 1.45 -2.10 -5.35
CA GLY G 1 0.97 -3.49 -5.06
C GLY G 1 1.13 -4.49 -6.21
N ILE G 2 0.12 -5.33 -6.39
CA ILE G 2 0.10 -6.37 -7.43
C ILE G 2 -0.51 -5.90 -8.77
N HIS G 3 0.23 -6.06 -9.86
CA HIS G 3 -0.27 -5.66 -11.16
C HIS G 3 -0.34 -6.84 -12.12
N PHE G 4 0.06 -8.02 -11.66
CA PHE G 4 -0.01 -9.21 -12.51
C PHE G 4 -1.36 -9.93 -12.41
N GLY G 5 -2.25 -9.59 -13.33
CA GLY G 5 -3.59 -10.16 -13.38
C GLY G 5 -4.62 -9.11 -13.77
N ASN G 6 -4.26 -7.83 -13.66
CA ASN G 6 -5.15 -6.71 -14.00
C ASN G 6 -4.80 -6.10 -15.35
N LEU G 7 -3.50 -5.86 -15.52
CA LEU G 7 -2.90 -5.28 -16.72
C LEU G 7 -3.85 -5.06 -17.91
N ALA G 8 -4.12 -6.10 -18.72
CA ALA G 8 -5.01 -5.91 -19.87
C ALA G 8 -5.78 -7.16 -20.29
N ARG G 9 -6.76 -6.98 -21.19
CA ARG G 9 -7.59 -8.07 -21.68
C ARG G 9 -7.06 -8.54 -23.01
N VAL G 10 -6.66 -9.80 -23.05
CA VAL G 10 -6.07 -10.40 -24.24
C VAL G 10 -6.75 -11.70 -24.60
N ARG G 11 -7.03 -11.94 -25.89
CA ARG G 11 -7.66 -13.21 -26.30
C ARG G 11 -7.07 -13.79 -27.58
N HIS G 12 -7.05 -15.11 -27.66
CA HIS G 12 -6.59 -15.80 -28.86
C HIS G 12 -5.11 -15.67 -29.23
N ILE G 13 -4.21 -15.75 -28.27
CA ILE G 13 -2.81 -15.63 -28.64
C ILE G 13 -2.05 -16.79 -28.01
N ILE G 14 -1.41 -17.58 -28.85
CA ILE G 14 -0.65 -18.71 -28.36
C ILE G 14 0.81 -18.37 -28.43
N THR G 15 1.58 -18.76 -27.42
CA THR G 15 3.02 -18.51 -27.43
C THR G 15 3.72 -19.78 -26.99
N TYR G 16 4.76 -20.17 -27.73
CA TYR G 16 5.54 -21.36 -27.42
C TYR G 16 6.94 -20.88 -27.08
N SER G 17 7.55 -21.47 -26.05
CA SER G 17 8.89 -21.09 -25.63
C SER G 17 9.63 -22.32 -25.16
N LEU G 18 10.96 -22.28 -25.20
CA LEU G 18 11.77 -23.41 -24.76
C LEU G 18 12.67 -23.07 -23.58
N SER G 19 12.82 -24.00 -22.63
CA SER G 19 13.69 -23.77 -21.49
C SER G 19 15.06 -23.26 -22.00
N PRO G 20 15.82 -22.59 -21.13
CA PRO G 20 17.14 -22.09 -21.54
C PRO G 20 18.13 -23.23 -21.74
N PHE G 21 17.91 -24.31 -21.02
CA PHE G 21 18.80 -25.46 -21.08
C PHE G 21 18.66 -26.31 -22.32
N GLU G 22 17.64 -26.00 -23.14
CA GLU G 22 17.39 -26.74 -24.38
C GLU G 22 17.92 -25.96 -25.57
N GLN G 23 18.21 -24.67 -25.38
CA GLN G 23 18.68 -23.86 -26.49
C GLN G 23 19.99 -23.13 -26.31
N ARG G 24 20.47 -22.58 -27.42
CA ARG G 24 21.74 -21.86 -27.47
C ARG G 24 21.61 -20.40 -27.02
N ALA G 25 22.59 -19.96 -26.22
CA ALA G 25 22.65 -18.62 -25.65
C ALA G 25 22.76 -17.50 -26.68
N ILE G 26 23.74 -17.61 -27.57
CA ILE G 26 23.96 -16.59 -28.61
C ILE G 26 23.98 -17.29 -29.96
N PRO G 27 22.82 -17.76 -30.43
CA PRO G 27 22.72 -18.46 -31.70
C PRO G 27 22.75 -17.67 -32.99
N ASN G 28 23.24 -18.32 -34.05
CA ASN G 28 23.32 -17.73 -35.38
C ASN G 28 24.08 -16.42 -35.42
N ILE G 29 25.18 -16.34 -34.67
CA ILE G 29 26.01 -15.15 -34.59
C ILE G 29 26.30 -14.54 -35.95
N PHE G 30 26.41 -15.39 -36.96
CA PHE G 30 26.69 -14.90 -38.29
C PHE G 30 25.47 -14.73 -39.17
N SER G 31 24.73 -15.80 -39.37
CA SER G 31 23.55 -15.72 -40.24
C SER G 31 22.45 -14.75 -39.81
N ASP G 32 22.41 -14.43 -38.52
CA ASP G 32 21.35 -13.58 -37.98
C ASP G 32 21.80 -12.33 -37.21
N ALA G 33 22.63 -12.52 -36.20
CA ALA G 33 23.09 -11.43 -35.38
C ALA G 33 23.71 -10.30 -36.15
N LEU G 34 24.94 -10.53 -36.64
CA LEU G 34 25.69 -9.49 -37.37
C LEU G 34 24.93 -8.83 -38.49
N PRO G 35 24.18 -9.62 -39.27
CA PRO G 35 23.39 -9.04 -40.37
C PRO G 35 22.52 -7.88 -39.87
N ASN G 36 21.88 -8.06 -38.71
CA ASN G 36 21.01 -7.05 -38.11
C ASN G 36 21.80 -5.95 -37.45
N VAL G 37 22.95 -6.29 -36.91
CA VAL G 37 23.75 -5.25 -36.30
C VAL G 37 23.98 -4.30 -37.45
N TRP G 38 24.30 -4.86 -38.61
CA TRP G 38 24.53 -4.01 -39.76
C TRP G 38 23.22 -3.35 -40.17
N ARG G 39 22.16 -4.13 -40.28
CA ARG G 39 20.85 -3.60 -40.67
C ARG G 39 20.55 -2.29 -39.95
N ARG G 40 20.69 -2.34 -38.62
CA ARG G 40 20.41 -1.22 -37.73
C ARG G 40 21.36 -0.05 -37.90
N PHE G 41 22.64 -0.37 -37.96
CA PHE G 41 23.65 0.66 -38.12
C PHE G 41 23.28 1.53 -39.29
N SER G 42 23.08 0.90 -40.43
CA SER G 42 22.73 1.57 -41.67
C SER G 42 21.55 2.54 -41.55
N SER G 43 20.41 2.03 -41.16
CA SER G 43 19.21 2.84 -41.03
C SER G 43 19.40 4.08 -40.15
N GLN G 44 20.24 3.98 -39.14
CA GLN G 44 20.43 5.08 -38.21
C GLN G 44 21.58 6.06 -38.41
N VAL G 45 22.70 5.59 -38.96
CA VAL G 45 23.89 6.42 -39.17
C VAL G 45 23.68 7.74 -39.91
N PHE G 46 22.58 7.88 -40.63
CA PHE G 46 22.38 9.13 -41.35
C PHE G 46 21.55 10.18 -40.64
N LYS G 47 21.00 9.82 -39.50
CA LYS G 47 20.21 10.74 -38.70
C LYS G 47 21.09 11.19 -37.57
N VAL G 48 21.89 10.26 -37.05
CA VAL G 48 22.82 10.55 -35.97
C VAL G 48 24.08 11.29 -36.46
N ALA G 49 25.00 10.54 -37.10
CA ALA G 49 26.28 11.05 -37.61
C ALA G 49 26.32 12.49 -38.13
N PRO G 50 25.52 12.82 -39.18
CA PRO G 50 25.50 14.18 -39.73
C PRO G 50 25.76 15.28 -38.73
N PRO G 51 24.79 15.62 -37.86
CA PRO G 51 25.06 16.70 -36.91
C PRO G 51 26.33 16.60 -36.09
N PHE G 52 26.79 15.40 -35.78
CA PHE G 52 28.05 15.27 -35.04
C PHE G 52 29.18 15.69 -35.94
N LEU G 53 29.23 15.09 -37.12
CA LEU G 53 30.25 15.41 -38.11
C LEU G 53 30.21 16.92 -38.34
N GLY G 54 29.01 17.49 -38.27
CA GLY G 54 28.84 18.92 -38.47
C GLY G 54 29.54 19.70 -37.37
N ALA G 55 29.23 19.39 -36.12
CA ALA G 55 29.85 20.09 -35.00
C ALA G 55 31.36 19.90 -35.02
N TYR G 56 31.78 18.76 -35.52
CA TYR G 56 33.21 18.49 -35.62
C TYR G 56 33.93 19.56 -36.41
N LEU G 57 33.41 19.83 -37.60
CA LEU G 57 33.99 20.82 -38.46
C LEU G 57 34.05 22.12 -37.67
N LEU G 58 32.90 22.62 -37.26
CA LEU G 58 32.82 23.87 -36.48
C LEU G 58 33.86 23.90 -35.36
N TYR G 59 34.23 22.72 -34.85
CA TYR G 59 35.21 22.62 -33.80
C TYR G 59 36.59 22.83 -34.42
N SER G 60 36.90 22.05 -35.45
CA SER G 60 38.18 22.17 -36.15
C SER G 60 38.37 23.56 -36.71
N TRP G 61 37.32 24.13 -37.29
CA TRP G 61 37.44 25.46 -37.82
C TRP G 61 37.78 26.41 -36.69
N GLY G 62 36.79 26.77 -35.87
CA GLY G 62 37.05 27.68 -34.77
C GLY G 62 38.37 27.47 -34.04
N THR G 63 38.85 26.24 -34.01
CA THR G 63 40.13 25.95 -33.35
C THR G 63 41.24 26.54 -34.21
N GLN G 64 41.40 26.04 -35.43
CA GLN G 64 42.43 26.51 -36.34
C GLN G 64 42.37 28.03 -36.62
N GLU G 65 41.17 28.62 -36.60
CA GLU G 65 41.00 30.04 -36.84
C GLU G 65 41.45 30.90 -35.67
N PHE G 66 41.46 30.32 -34.48
CA PHE G 66 41.87 31.01 -33.25
C PHE G 66 43.38 31.00 -33.18
N GLU G 67 43.95 30.01 -33.85
CA GLU G 67 45.40 29.82 -33.95
C GLU G 67 45.98 30.78 -34.95
N ARG G 68 45.26 30.94 -36.05
CA ARG G 68 45.64 31.81 -37.14
C ARG G 68 45.69 33.23 -36.63
N LEU G 69 44.75 33.59 -35.76
CA LEU G 69 44.73 34.95 -35.24
C LEU G 69 45.82 35.24 -34.23
N LYS G 70 46.64 34.22 -33.94
CA LYS G 70 47.76 34.36 -33.02
C LYS G 70 49.01 34.79 -33.82
N ARG G 71 49.17 34.16 -34.99
CA ARG G 71 50.29 34.43 -35.90
C ARG G 71 50.24 35.89 -36.34
N LYS G 72 51.39 36.43 -36.76
CA LYS G 72 51.44 37.82 -37.19
C LYS G 72 51.33 37.97 -38.69
N ASN G 73 50.79 39.13 -39.08
CA ASN G 73 50.59 39.51 -40.48
C ASN G 73 51.70 40.48 -40.84
N PRO G 74 52.65 40.03 -41.68
CA PRO G 74 53.77 40.89 -42.09
C PRO G 74 53.41 42.33 -42.44
N ALA G 75 52.28 42.50 -43.12
CA ALA G 75 51.85 43.83 -43.54
C ALA G 75 51.75 44.87 -42.43
N ASP G 76 52.11 44.51 -41.21
CA ASP G 76 52.05 45.47 -40.12
C ASP G 76 53.41 46.14 -39.92
N TYR G 77 54.49 45.36 -40.07
CA TYR G 77 55.83 45.88 -39.86
C TYR G 77 56.66 45.96 -41.14
N GLU G 78 56.02 46.08 -42.30
CA GLU G 78 56.78 46.17 -43.54
C GLU G 78 56.99 47.62 -43.93
N ASN G 79 56.69 48.49 -42.98
CA ASN G 79 56.84 49.92 -43.19
C ASN G 79 57.70 50.48 -42.08
N ASP G 80 57.72 49.77 -40.96
CA ASP G 80 58.52 50.16 -39.81
C ASP G 80 59.99 50.38 -40.23
N GLN G 81 60.71 51.14 -39.41
CA GLN G 81 62.12 51.49 -39.67
C GLN G 81 63.04 51.34 -38.45
CA GLU H 8 91.86 6.22 -19.90
C GLU H 8 91.86 7.45 -20.81
N GLU H 9 90.68 7.76 -21.37
CA GLU H 9 90.51 8.90 -22.26
C GLU H 9 89.08 9.08 -22.81
N GLU H 10 88.31 9.99 -22.20
CA GLU H 10 86.93 10.27 -22.63
C GLU H 10 86.69 11.79 -22.57
N GLU H 11 85.43 12.17 -22.34
CA GLU H 11 85.05 13.57 -22.26
C GLU H 11 83.54 13.64 -22.02
N LEU H 12 83.13 14.42 -21.03
CA LEU H 12 81.71 14.53 -20.70
C LEU H 12 80.91 15.45 -21.62
N VAL H 13 80.19 14.83 -22.54
CA VAL H 13 79.36 15.53 -23.50
C VAL H 13 77.91 15.28 -23.10
N ASP H 14 77.07 16.31 -23.23
CA ASP H 14 75.66 16.20 -22.88
C ASP H 14 74.89 15.65 -24.10
N PRO H 15 74.50 14.37 -24.06
CA PRO H 15 73.77 13.82 -25.21
C PRO H 15 72.70 14.76 -25.79
N LEU H 16 72.22 15.68 -24.96
CA LEU H 16 71.21 16.62 -25.40
C LEU H 16 71.77 17.54 -26.46
N THR H 17 72.94 18.12 -26.19
CA THR H 17 73.57 19.05 -27.13
C THR H 17 73.90 18.38 -28.46
N THR H 18 74.40 17.14 -28.40
CA THR H 18 74.71 16.38 -29.60
C THR H 18 73.46 16.26 -30.46
N ILE H 19 72.40 15.69 -29.88
CA ILE H 19 71.15 15.49 -30.60
C ILE H 19 70.47 16.77 -31.04
N ARG H 20 70.81 17.90 -30.44
CA ARG H 20 70.22 19.15 -30.85
C ARG H 20 70.91 19.55 -32.15
N GLU H 21 72.18 19.16 -32.27
CA GLU H 21 72.98 19.46 -33.45
C GLU H 21 72.44 18.70 -34.66
N HIS H 22 72.30 17.39 -34.51
CA HIS H 22 71.79 16.56 -35.59
C HIS H 22 70.38 16.96 -36.01
N CYS H 23 69.52 17.26 -35.04
CA CYS H 23 68.15 17.66 -35.35
C CYS H 23 68.07 19.00 -36.03
N GLU H 24 68.96 19.93 -35.67
CA GLU H 24 68.94 21.25 -36.29
C GLU H 24 69.29 21.15 -37.77
N GLN H 25 69.59 19.93 -38.23
CA GLN H 25 69.94 19.67 -39.62
C GLN H 25 68.73 19.09 -40.33
N THR H 26 67.70 18.78 -39.56
CA THR H 26 66.44 18.25 -40.06
C THR H 26 65.82 19.20 -41.08
N GLU H 27 65.04 18.63 -41.98
CA GLU H 27 64.33 19.36 -43.00
C GLU H 27 63.61 20.58 -42.41
N LYS H 28 62.72 20.31 -41.45
CA LYS H 28 61.91 21.33 -40.80
C LYS H 28 62.66 22.40 -40.03
N CYS H 29 63.70 21.98 -39.30
CA CYS H 29 64.50 22.89 -38.48
C CYS H 29 65.25 23.87 -39.34
N VAL H 30 65.81 23.38 -40.45
CA VAL H 30 66.56 24.21 -41.36
C VAL H 30 65.64 25.25 -41.98
N LYS H 31 64.49 24.79 -42.45
CA LYS H 31 63.56 25.70 -43.08
C LYS H 31 62.94 26.67 -42.06
N ALA H 32 63.06 26.34 -40.79
CA ALA H 32 62.51 27.19 -39.73
C ALA H 32 63.59 28.09 -39.19
N ARG H 33 64.78 27.52 -39.05
CA ARG H 33 65.94 28.23 -38.55
C ARG H 33 66.20 29.36 -39.53
N GLU H 34 65.87 29.10 -40.79
CA GLU H 34 66.06 30.08 -41.84
C GLU H 34 65.14 31.28 -41.69
N ARG H 35 63.84 31.03 -41.50
CA ARG H 35 62.88 32.12 -41.35
C ARG H 35 63.20 32.96 -40.15
N LEU H 36 63.75 32.33 -39.11
CA LEU H 36 64.11 33.04 -37.89
C LEU H 36 65.27 33.99 -38.12
N GLU H 37 66.32 33.48 -38.74
CA GLU H 37 67.49 34.28 -39.01
C GLU H 37 67.08 35.54 -39.76
N LEU H 38 66.10 35.40 -40.66
CA LEU H 38 65.61 36.52 -41.47
C LEU H 38 64.94 37.62 -40.65
N CYS H 39 64.07 37.20 -39.74
CA CYS H 39 63.34 38.14 -38.88
C CYS H 39 64.33 38.90 -38.01
N ASP H 40 65.13 38.14 -37.29
CA ASP H 40 66.14 38.68 -36.40
C ASP H 40 66.90 39.80 -37.08
N ALA H 41 67.26 39.55 -38.32
CA ALA H 41 67.99 40.51 -39.12
C ALA H 41 67.21 41.81 -39.32
N ARG H 42 65.93 41.73 -39.69
CA ARG H 42 65.19 42.96 -39.92
C ARG H 42 64.79 43.66 -38.64
N VAL H 43 64.45 42.92 -37.60
CA VAL H 43 64.06 43.57 -36.36
C VAL H 43 65.27 44.26 -35.75
N SER H 44 66.41 43.58 -35.85
CA SER H 44 67.67 44.07 -35.32
C SER H 44 68.09 45.36 -36.00
N SER H 45 68.08 45.33 -37.33
CA SER H 45 68.44 46.50 -38.10
C SER H 45 67.47 47.64 -37.86
N ARG H 46 66.18 47.38 -37.94
CA ARG H 46 65.24 48.47 -37.70
C ARG H 46 65.30 48.99 -36.27
N SER H 47 65.28 50.31 -36.15
CA SER H 47 65.36 50.96 -34.85
C SER H 47 64.04 51.64 -34.40
N HIS H 48 62.90 51.11 -34.86
CA HIS H 48 61.59 51.67 -34.52
C HIS H 48 60.47 50.72 -34.94
N THR H 49 60.70 49.42 -34.78
CA THR H 49 59.74 48.39 -35.16
C THR H 49 59.21 47.66 -33.91
N GLU H 50 57.92 47.38 -33.90
CA GLU H 50 57.28 46.68 -32.78
C GLU H 50 57.43 45.18 -33.00
N GLU H 51 57.86 44.78 -34.19
CA GLU H 51 58.02 43.38 -34.53
C GLU H 51 58.95 42.66 -33.57
N GLN H 52 58.74 41.35 -33.42
CA GLN H 52 59.55 40.50 -32.55
C GLN H 52 59.65 39.14 -33.21
N CYS H 53 60.67 38.37 -32.89
CA CYS H 53 60.80 37.07 -33.54
C CYS H 53 60.41 35.91 -32.63
N THR H 54 59.45 36.12 -31.74
CA THR H 54 59.02 35.07 -30.83
C THR H 54 58.45 33.93 -31.67
N GLU H 55 57.38 34.25 -32.40
CA GLU H 55 56.69 33.29 -33.27
C GLU H 55 57.68 32.35 -34.00
N GLU H 56 58.62 32.94 -34.73
CA GLU H 56 59.60 32.18 -35.48
C GLU H 56 60.45 31.32 -34.57
N LEU H 57 60.89 31.90 -33.47
CA LEU H 57 61.72 31.19 -32.51
C LEU H 57 61.01 29.91 -32.10
N PHE H 58 59.73 30.06 -31.76
CA PHE H 58 58.92 28.92 -31.37
C PHE H 58 58.85 27.85 -32.45
N ASP H 59 58.48 28.24 -33.68
CA ASP H 59 58.40 27.30 -34.80
C ASP H 59 59.66 26.43 -34.83
N PHE H 60 60.81 27.10 -34.68
CA PHE H 60 62.08 26.41 -34.70
C PHE H 60 62.16 25.44 -33.56
N LEU H 61 62.09 26.00 -32.36
CA LEU H 61 62.16 25.22 -31.16
C LEU H 61 61.15 24.08 -31.18
N HIS H 62 59.92 24.37 -31.59
CA HIS H 62 58.91 23.34 -31.62
C HIS H 62 59.39 22.18 -32.45
N ALA H 63 59.95 22.50 -33.60
CA ALA H 63 60.43 21.50 -34.51
C ALA H 63 61.68 20.84 -33.97
N ARG H 64 62.64 21.65 -33.56
CA ARG H 64 63.88 21.12 -33.01
C ARG H 64 63.58 20.15 -31.87
N ASP H 65 63.10 20.74 -30.77
CA ASP H 65 62.76 20.02 -29.56
C ASP H 65 61.88 18.80 -29.75
N HIS H 66 60.94 18.88 -30.68
CA HIS H 66 60.09 17.73 -30.93
C HIS H 66 61.02 16.58 -31.34
N CYS H 67 61.80 16.84 -32.38
CA CYS H 67 62.76 15.86 -32.89
C CYS H 67 63.65 15.33 -31.75
N VAL H 68 64.20 16.25 -30.96
CA VAL H 68 65.08 15.90 -29.86
C VAL H 68 64.49 14.86 -28.93
N ALA H 69 63.24 15.07 -28.54
CA ALA H 69 62.55 14.15 -27.62
C ALA H 69 62.40 12.73 -28.13
N HIS H 70 62.47 12.57 -29.45
CA HIS H 70 62.31 11.26 -30.06
C HIS H 70 63.46 10.30 -29.81
N LYS H 71 64.60 10.83 -29.37
CA LYS H 71 65.76 9.98 -29.14
C LYS H 71 66.62 10.31 -27.92
N LEU H 72 66.54 11.53 -27.45
CA LEU H 72 67.33 11.95 -26.31
C LEU H 72 67.32 10.93 -25.20
N PHE H 73 66.17 10.33 -24.93
CA PHE H 73 66.06 9.36 -23.84
C PHE H 73 66.73 8.01 -24.05
N ASN H 74 67.08 7.70 -25.29
CA ASN H 74 67.75 6.41 -25.59
C ASN H 74 69.17 6.47 -25.05
N LYS H 75 69.76 7.66 -25.15
CA LYS H 75 71.12 7.92 -24.71
C LYS H 75 71.27 8.25 -23.22
N LEU H 76 70.17 8.50 -22.51
CA LEU H 76 70.22 8.80 -21.07
C LEU H 76 70.07 7.52 -20.28
N LYS H 77 70.20 7.61 -18.96
CA LYS H 77 70.09 6.41 -18.12
C LYS H 77 68.91 6.42 -17.14
N UNK I 1 -13.26 -42.00 -3.56
CA UNK I 1 -11.84 -42.01 -3.11
C UNK I 1 -10.95 -42.84 -4.04
N UNK I 2 -11.16 -42.68 -5.35
CA UNK I 2 -10.40 -43.39 -6.38
C UNK I 2 -11.06 -43.25 -7.75
N UNK I 3 -11.93 -42.25 -7.89
CA UNK I 3 -12.64 -41.97 -9.14
C UNK I 3 -13.64 -40.80 -8.98
N UNK I 4 -13.79 -40.01 -10.03
CA UNK I 4 -14.72 -38.88 -9.98
C UNK I 4 -14.31 -37.64 -10.75
N UNK I 5 -13.48 -36.79 -10.13
CA UNK I 5 -13.06 -35.55 -10.74
C UNK I 5 -14.25 -34.62 -10.87
N UNK I 6 -14.17 -33.42 -10.31
CA UNK I 6 -15.30 -32.48 -10.39
C UNK I 6 -14.98 -31.14 -11.03
N UNK I 7 -16.01 -30.51 -11.59
CA UNK I 7 -15.87 -29.21 -12.25
C UNK I 7 -15.99 -28.08 -11.23
N UNK I 8 -16.63 -26.98 -11.64
CA UNK I 8 -16.85 -25.80 -10.79
C UNK I 8 -17.66 -24.77 -11.58
N UNK I 9 -18.36 -23.88 -10.87
CA UNK I 9 -19.15 -22.91 -11.58
C UNK I 9 -19.23 -21.52 -10.97
N UNK I 10 -20.23 -20.76 -11.42
CA UNK I 10 -20.45 -19.40 -10.95
C UNK I 10 -21.51 -19.34 -9.87
N UNK I 11 -21.47 -18.25 -9.12
CA UNK I 11 -22.41 -18.03 -8.04
C UNK I 11 -22.82 -16.57 -8.11
N UNK I 12 -23.38 -16.06 -7.02
CA UNK I 12 -23.81 -14.67 -6.98
C UNK I 12 -24.82 -14.41 -8.09
N UNK I 13 -25.41 -15.49 -8.62
CA UNK I 13 -26.39 -15.37 -9.68
C UNK I 13 -25.97 -16.01 -10.99
N UNK I 14 -25.32 -15.23 -11.84
CA UNK I 14 -24.85 -15.72 -13.13
C UNK I 14 -23.89 -14.72 -13.75
N UNK I 15 -23.36 -15.04 -14.93
CA UNK I 15 -22.44 -14.14 -15.58
C UNK I 15 -22.35 -14.31 -17.08
CA ARG I 16 -18.28 -29.69 -23.22
C ARG I 16 -19.76 -29.86 -23.55
N PRO I 17 -20.22 -29.27 -24.68
CA PRO I 17 -21.60 -29.31 -25.18
C PRO I 17 -21.93 -30.48 -26.12
N LEU I 18 -23.23 -30.81 -26.21
CA LEU I 18 -23.72 -31.91 -27.06
C LEU I 18 -24.10 -31.37 -28.44
N LEU I 19 -23.54 -31.96 -29.50
CA LEU I 19 -23.81 -31.48 -30.86
C LEU I 19 -24.09 -32.53 -31.94
N CYS I 20 -24.47 -33.75 -31.56
CA CYS I 20 -24.79 -34.81 -32.52
C CYS I 20 -25.45 -35.99 -31.80
N ARG I 21 -26.15 -36.85 -32.52
CA ARG I 21 -26.82 -37.99 -31.89
C ARG I 21 -25.87 -38.88 -31.09
N GLU I 22 -24.69 -39.15 -31.66
CA GLU I 22 -23.69 -39.99 -31.03
C GLU I 22 -23.28 -39.59 -29.61
N SER I 23 -22.90 -38.32 -29.43
CA SER I 23 -22.48 -37.80 -28.12
C SER I 23 -23.65 -37.48 -27.17
N MET I 24 -24.87 -37.59 -27.70
CA MET I 24 -26.08 -37.33 -26.90
C MET I 24 -26.70 -38.60 -26.36
N SER I 25 -26.72 -39.67 -27.17
CA SER I 25 -27.31 -40.95 -26.76
C SER I 25 -26.88 -41.39 -25.35
N GLY I 26 -27.83 -41.25 -24.40
CA GLY I 26 -27.58 -41.61 -23.02
C GLY I 26 -27.92 -40.50 -22.03
N ARG I 27 -27.97 -39.27 -22.52
CA ARG I 27 -28.26 -38.12 -21.66
C ARG I 27 -29.75 -37.96 -21.33
N SER I 28 -30.57 -38.98 -21.66
CA SER I 28 -32.01 -38.92 -21.38
C SER I 28 -32.36 -39.67 -20.10
N ALA I 29 -33.03 -38.98 -19.18
CA ALA I 29 -33.40 -39.53 -17.88
C ALA I 29 -33.21 -41.03 -17.79
N ARG I 30 -32.13 -41.46 -17.14
CA ARG I 30 -31.83 -42.89 -16.98
C ARG I 30 -32.97 -43.50 -16.18
N ARG I 31 -33.10 -43.07 -14.93
CA ARG I 31 -34.16 -43.53 -14.02
C ARG I 31 -34.50 -42.39 -13.03
N ASP I 32 -34.24 -42.62 -11.74
CA ASP I 32 -34.51 -41.60 -10.73
C ASP I 32 -33.27 -40.73 -10.49
N LEU I 33 -33.37 -39.80 -9.56
CA LEU I 33 -32.27 -38.91 -9.25
C LEU I 33 -31.57 -39.35 -7.96
N VAL I 34 -30.27 -39.64 -8.02
CA VAL I 34 -29.54 -40.11 -6.84
C VAL I 34 -28.37 -39.20 -6.43
N ALA I 35 -28.59 -38.32 -5.46
CA ALA I 35 -27.52 -37.42 -5.00
C ALA I 35 -26.50 -38.17 -4.14
N GLY I 36 -25.24 -37.79 -4.27
CA GLY I 36 -24.19 -38.42 -3.50
C GLY I 36 -23.08 -37.45 -3.16
N ILE I 37 -22.56 -37.53 -1.95
CA ILE I 37 -21.48 -36.67 -1.51
C ILE I 37 -20.44 -37.56 -0.87
N SER I 38 -19.18 -37.20 -1.06
CA SER I 38 -18.13 -38.01 -0.50
C SER I 38 -17.26 -37.21 0.45
N LEU I 39 -16.39 -37.93 1.15
CA LEU I 39 -15.48 -37.32 2.10
C LEU I 39 -14.20 -36.97 1.39
N ASN I 40 -13.75 -37.87 0.53
CA ASN I 40 -12.51 -37.65 -0.19
C ASN I 40 -12.64 -37.98 -1.66
N ALA I 41 -13.79 -37.65 -2.24
CA ALA I 41 -14.03 -37.87 -3.65
C ALA I 41 -15.04 -36.82 -4.10
N PRO I 42 -15.27 -36.71 -5.42
CA PRO I 42 -16.20 -35.75 -6.04
C PRO I 42 -17.67 -35.93 -5.63
N ALA I 43 -18.54 -35.06 -6.13
CA ALA I 43 -19.96 -35.17 -5.84
C ALA I 43 -20.56 -35.95 -6.99
N SER I 44 -21.47 -36.89 -6.71
CA SER I 44 -22.09 -37.69 -7.76
C SER I 44 -23.54 -37.30 -8.06
N VAL I 45 -24.05 -37.74 -9.22
CA VAL I 45 -25.42 -37.43 -9.63
C VAL I 45 -25.87 -38.27 -10.85
N ARG I 46 -27.09 -38.80 -10.79
CA ARG I 46 -27.67 -39.60 -11.89
C ARG I 46 -28.92 -38.93 -12.44
N ALA J 1 33.10 -37.88 -17.99
CA ALA J 1 32.43 -36.59 -18.36
C ALA J 1 32.41 -35.66 -17.15
N LEU J 2 33.25 -34.63 -17.18
CA LEU J 2 33.33 -33.69 -16.07
C LEU J 2 32.05 -32.89 -15.86
N LEU J 3 31.47 -32.43 -16.95
CA LEU J 3 30.27 -31.62 -16.83
C LEU J 3 29.24 -32.37 -16.00
N ARG J 4 29.03 -33.64 -16.31
CA ARG J 4 28.06 -34.42 -15.56
C ARG J 4 28.59 -34.69 -14.16
N GLN J 5 29.86 -35.08 -14.06
CA GLN J 5 30.46 -35.39 -12.76
C GLN J 5 30.33 -34.18 -11.84
N ALA J 6 30.63 -33.01 -12.40
CA ALA J 6 30.58 -31.74 -11.69
C ALA J 6 29.16 -31.37 -11.31
N TYR J 7 28.27 -31.41 -12.27
CA TYR J 7 26.88 -31.08 -12.02
C TYR J 7 26.35 -31.94 -10.89
N SER J 8 26.44 -33.25 -11.09
CA SER J 8 25.95 -34.20 -10.10
C SER J 8 26.54 -34.04 -8.69
N ALA J 9 27.84 -33.73 -8.62
CA ALA J 9 28.52 -33.60 -7.34
C ALA J 9 28.58 -32.19 -6.72
N LEU J 10 28.79 -31.19 -7.58
CA LEU J 10 28.92 -29.82 -7.12
C LEU J 10 27.72 -28.89 -7.30
N PHE J 11 27.36 -28.65 -8.56
CA PHE J 11 26.28 -27.74 -8.91
C PHE J 11 24.81 -28.08 -8.61
N ARG J 12 24.48 -29.35 -8.39
CA ARG J 12 23.08 -29.72 -8.13
C ARG J 12 22.56 -29.23 -6.80
N ARG J 13 23.14 -29.74 -5.72
CA ARG J 13 22.72 -29.34 -4.37
C ARG J 13 23.18 -27.93 -4.01
N THR J 14 22.21 -27.01 -3.96
CA THR J 14 22.45 -25.60 -3.65
C THR J 14 23.35 -25.36 -2.44
N SER J 15 23.64 -26.41 -1.67
CA SER J 15 24.51 -26.26 -0.51
C SER J 15 25.95 -26.59 -0.92
N THR J 16 26.11 -27.61 -1.77
CA THR J 16 27.44 -27.96 -2.22
C THR J 16 27.89 -26.90 -3.20
N PHE J 17 26.92 -26.26 -3.86
CA PHE J 17 27.24 -25.22 -4.82
C PHE J 17 28.02 -24.13 -4.09
N ALA J 18 27.53 -23.73 -2.92
CA ALA J 18 28.21 -22.71 -2.13
C ALA J 18 29.62 -23.13 -1.73
N LEU J 19 29.78 -24.35 -1.24
CA LEU J 19 31.09 -24.85 -0.85
C LEU J 19 32.08 -24.78 -2.00
N THR J 20 31.59 -24.98 -3.21
CA THR J 20 32.42 -24.93 -4.39
C THR J 20 32.89 -23.50 -4.64
N VAL J 21 31.95 -22.56 -4.57
CA VAL J 21 32.27 -21.16 -4.77
C VAL J 21 33.32 -20.68 -3.76
N VAL J 22 33.19 -21.07 -2.50
CA VAL J 22 34.15 -20.67 -1.48
C VAL J 22 35.47 -21.37 -1.73
N LEU J 23 35.44 -22.70 -1.73
CA LEU J 23 36.65 -23.46 -1.96
C LEU J 23 37.34 -22.98 -3.23
N GLY J 24 36.54 -22.70 -4.26
CA GLY J 24 37.08 -22.22 -5.52
C GLY J 24 37.69 -20.84 -5.42
N ALA J 25 36.92 -19.89 -4.90
CA ALA J 25 37.42 -18.53 -4.73
C ALA J 25 38.79 -18.53 -4.05
N VAL J 26 38.96 -19.38 -3.05
CA VAL J 26 40.23 -19.47 -2.34
C VAL J 26 41.37 -19.84 -3.27
N LEU J 27 41.19 -20.92 -4.03
CA LEU J 27 42.20 -21.36 -4.96
C LEU J 27 42.42 -20.29 -6.01
N PHE J 28 41.33 -19.85 -6.62
CA PHE J 28 41.40 -18.83 -7.64
C PHE J 28 42.25 -17.65 -7.19
N GLU J 29 42.02 -17.19 -5.96
CA GLU J 29 42.77 -16.06 -5.44
C GLU J 29 44.27 -16.35 -5.47
N ARG J 30 44.70 -17.17 -4.53
CA ARG J 30 46.10 -17.53 -4.42
C ARG J 30 46.83 -17.64 -5.75
N ALA J 31 46.16 -18.13 -6.78
CA ALA J 31 46.80 -18.30 -8.09
C ALA J 31 46.74 -17.05 -8.92
N PHE J 32 45.55 -16.47 -9.03
CA PHE J 32 45.41 -15.26 -9.83
C PHE J 32 46.33 -14.17 -9.29
N ASP J 33 46.58 -14.18 -7.98
CA ASP J 33 47.46 -13.18 -7.41
C ASP J 33 48.90 -13.37 -7.88
N GLN J 34 49.45 -14.54 -7.65
CA GLN J 34 50.82 -14.80 -8.09
C GLN J 34 50.99 -14.44 -9.55
N GLY J 35 50.15 -15.06 -10.38
CA GLY J 35 50.21 -14.84 -11.80
C GLY J 35 50.33 -13.37 -12.20
N ALA J 36 49.39 -12.56 -11.75
CA ALA J 36 49.38 -11.14 -12.06
C ALA J 36 50.64 -10.42 -11.56
N ASP J 37 50.98 -10.64 -10.30
CA ASP J 37 52.17 -10.03 -9.74
C ASP J 37 53.36 -10.45 -10.57
N ALA J 38 53.34 -11.72 -10.97
CA ALA J 38 54.42 -12.26 -11.77
C ALA J 38 54.42 -11.57 -13.12
N ILE J 39 53.25 -11.36 -13.72
CA ILE J 39 53.22 -10.68 -15.00
C ILE J 39 53.70 -9.24 -14.84
N PHE J 40 53.25 -8.57 -13.80
CA PHE J 40 53.63 -7.18 -13.57
C PHE J 40 55.12 -6.97 -13.31
N GLU J 41 55.69 -7.74 -12.40
CA GLU J 41 57.10 -7.61 -12.08
C GLU J 41 57.96 -7.87 -13.30
N HIS J 42 57.57 -8.85 -14.09
CA HIS J 42 58.31 -9.20 -15.29
C HIS J 42 58.32 -8.01 -16.24
N LEU J 43 57.15 -7.40 -16.43
CA LEU J 43 57.01 -6.25 -17.32
C LEU J 43 57.82 -5.06 -16.87
N ASN J 44 58.31 -5.11 -15.63
CA ASN J 44 59.10 -4.04 -15.08
C ASN J 44 60.42 -4.54 -14.46
N GLU J 45 61.20 -5.27 -15.23
CA GLU J 45 62.48 -5.80 -14.74
C GLU J 45 63.44 -4.68 -14.39
N GLY J 46 64.19 -4.89 -13.32
CA GLY J 46 65.17 -3.92 -12.87
C GLY J 46 64.70 -2.53 -12.46
N LYS J 47 63.38 -2.31 -12.46
CA LYS J 47 62.86 -1.00 -12.08
C LYS J 47 62.30 -0.96 -10.68
N LEU J 48 61.84 -2.10 -10.19
CA LEU J 48 61.28 -2.17 -8.86
C LEU J 48 62.34 -2.25 -7.77
N TRP J 49 61.98 -1.83 -6.57
CA TRP J 49 62.92 -1.87 -5.46
C TRP J 49 63.26 -3.31 -5.13
N LYS J 50 62.38 -4.22 -5.52
CA LYS J 50 62.61 -5.63 -5.27
C LYS J 50 63.92 -6.03 -5.98
N HIS J 51 64.20 -5.37 -7.11
CA HIS J 51 65.39 -5.62 -7.92
C HIS J 51 66.61 -4.82 -7.44
N ILE J 52 66.49 -3.50 -7.38
CA ILE J 52 67.56 -2.63 -6.92
C ILE J 52 68.07 -3.09 -5.56
N LYS J 53 67.13 -3.36 -4.66
CA LYS J 53 67.34 -3.82 -3.28
C LYS J 53 68.71 -4.37 -2.86
N HIS J 54 69.20 -5.41 -3.53
CA HIS J 54 70.46 -6.02 -3.16
C HIS J 54 71.69 -5.10 -3.09
N LYS J 55 71.66 -3.97 -3.79
CA LYS J 55 72.80 -3.04 -3.81
C LYS J 55 73.11 -2.31 -2.50
N TYR J 56 72.13 -2.12 -1.62
CA TYR J 56 72.36 -1.40 -0.38
C TYR J 56 71.94 -2.21 0.83
N GLU J 57 71.11 -3.22 0.59
CA GLU J 57 70.56 -4.08 1.63
C GLU J 57 71.60 -5.01 2.24
N ALA J 58 72.22 -4.56 3.33
CA ALA J 58 73.23 -5.36 4.02
C ALA J 58 74.44 -5.68 3.13
N SER J 59 74.60 -4.92 2.05
CA SER J 59 75.72 -5.14 1.12
C SER J 59 76.90 -4.21 1.48
N GLU J 60 76.57 -3.04 2.05
CA GLU J 60 77.60 -2.08 2.47
C GLU J 60 77.61 -1.95 3.99
N GLU J 61 78.80 -1.86 4.55
CA GLU J 61 79.03 -1.72 6.01
C GLU J 61 78.62 -2.96 6.81
N THR K 3 -49.39 31.18 -23.59
CA THR K 3 -48.07 31.53 -22.96
C THR K 3 -48.09 31.54 -21.42
N TYR K 4 -47.08 30.90 -20.82
CA TYR K 4 -46.90 30.77 -19.36
C TYR K 4 -47.40 31.93 -18.53
N ALA K 5 -46.75 33.08 -18.72
CA ALA K 5 -47.07 34.31 -18.01
C ALA K 5 -48.58 34.50 -17.76
N GLN K 6 -49.36 34.41 -18.83
CA GLN K 6 -50.81 34.59 -18.76
C GLN K 6 -51.58 33.44 -18.11
N THR K 7 -51.40 32.22 -18.60
CA THR K 7 -52.13 31.09 -18.01
C THR K 7 -52.03 31.12 -16.49
N LEU K 8 -51.02 31.82 -15.98
CA LEU K 8 -50.85 31.93 -14.54
C LEU K 8 -51.86 32.84 -13.86
N GLN K 9 -52.16 33.95 -14.51
CA GLN K 9 -53.11 34.93 -13.98
C GLN K 9 -54.57 34.60 -14.27
N ASN K 10 -54.81 33.60 -15.11
CA ASN K 10 -56.16 33.19 -15.45
C ASN K 10 -56.78 32.30 -14.38
N ILE K 11 -55.96 31.44 -13.78
CA ILE K 11 -56.44 30.53 -12.75
C ILE K 11 -57.36 31.29 -11.81
N PRO K 12 -58.56 30.76 -11.56
CA PRO K 12 -59.56 31.38 -10.67
C PRO K 12 -59.04 31.65 -9.25
N GLU K 13 -59.22 32.88 -8.78
CA GLU K 13 -58.75 33.24 -7.45
C GLU K 13 -59.42 32.37 -6.41
N THR K 14 -58.77 32.20 -5.27
CA THR K 14 -59.33 31.39 -4.20
C THR K 14 -60.08 32.34 -3.25
N ASN K 15 -61.36 32.05 -3.02
CA ASN K 15 -62.20 32.87 -2.15
C ASN K 15 -62.13 32.44 -0.70
N VAL K 16 -62.10 33.41 0.20
CA VAL K 16 -62.06 33.12 1.64
C VAL K 16 -63.14 33.92 2.38
N THR K 17 -63.78 33.26 3.34
CA THR K 17 -64.82 33.88 4.17
C THR K 17 -64.81 33.10 5.48
N THR K 18 -64.92 33.82 6.60
CA THR K 18 -64.90 33.18 7.91
C THR K 18 -66.26 33.17 8.60
N LEU K 19 -66.55 32.06 9.27
CA LEU K 19 -67.80 31.94 10.01
C LEU K 19 -67.46 32.54 11.38
N ASP K 20 -68.40 33.27 11.94
CA ASP K 20 -68.18 33.93 13.21
C ASP K 20 -67.70 33.04 14.35
N ASN K 21 -67.61 31.73 14.12
CA ASN K 21 -67.13 30.86 15.18
C ASN K 21 -65.65 30.56 15.00
N GLY K 22 -65.04 31.26 14.03
CA GLY K 22 -63.62 31.07 13.75
C GLY K 22 -63.25 30.21 12.54
N LEU K 23 -64.15 29.31 12.14
CA LEU K 23 -63.89 28.44 11.01
C LEU K 23 -63.71 29.28 9.77
N ARG K 24 -62.81 28.85 8.89
CA ARG K 24 -62.55 29.58 7.67
C ARG K 24 -62.90 28.71 6.47
N VAL K 25 -63.68 29.25 5.55
CA VAL K 25 -64.06 28.50 4.36
C VAL K 25 -63.38 29.08 3.14
N ALA K 26 -62.90 28.20 2.26
CA ALA K 26 -62.22 28.65 1.05
C ALA K 26 -62.20 27.60 -0.05
N SER K 27 -62.10 28.06 -1.29
CA SER K 27 -62.08 27.15 -2.43
C SER K 27 -61.66 27.77 -3.77
N GLU K 28 -61.35 26.89 -4.71
CA GLU K 28 -60.95 27.26 -6.07
C GLU K 28 -61.91 26.50 -6.98
N GLU K 29 -62.69 27.26 -7.75
CA GLU K 29 -63.68 26.67 -8.63
C GLU K 29 -63.17 26.40 -10.03
N SER K 30 -63.41 25.17 -10.49
CA SER K 30 -63.02 24.71 -11.82
C SER K 30 -64.25 24.09 -12.49
N SER K 31 -64.13 23.79 -13.77
CA SER K 31 -65.25 23.18 -14.48
C SER K 31 -65.17 21.67 -14.35
N GLN K 32 -64.39 21.22 -13.37
CA GLN K 32 -64.23 19.80 -13.11
C GLN K 32 -65.56 19.23 -12.58
N PRO K 33 -66.05 18.12 -13.17
CA PRO K 33 -67.30 17.50 -12.75
C PRO K 33 -67.21 16.85 -11.37
N THR K 34 -65.99 16.47 -10.99
CA THR K 34 -65.75 15.85 -9.70
C THR K 34 -64.99 16.86 -8.82
N CYS K 35 -64.72 16.52 -7.57
CA CYS K 35 -64.00 17.46 -6.69
C CYS K 35 -63.60 16.89 -5.33
N THR K 36 -62.98 17.75 -4.51
CA THR K 36 -62.52 17.35 -3.18
C THR K 36 -62.74 18.43 -2.14
N VAL K 37 -63.14 18.00 -0.94
CA VAL K 37 -63.37 18.91 0.18
C VAL K 37 -62.86 18.22 1.45
N GLY K 38 -62.28 19.03 2.33
CA GLY K 38 -61.75 18.50 3.58
C GLY K 38 -61.51 19.62 4.57
N VAL K 39 -61.38 19.25 5.82
CA VAL K 39 -61.14 20.22 6.87
C VAL K 39 -59.70 20.03 7.37
N TRP K 40 -58.89 21.08 7.26
CA TRP K 40 -57.50 21.06 7.69
C TRP K 40 -57.34 21.70 9.05
N ILE K 41 -57.10 20.85 10.04
CA ILE K 41 -56.96 21.28 11.44
C ILE K 41 -55.51 21.54 11.83
N GLY K 42 -55.24 22.72 12.38
CA GLY K 42 -53.88 23.03 12.78
C GLY K 42 -53.59 22.44 14.15
N ALA K 43 -53.41 21.13 14.23
CA ALA K 43 -53.13 20.47 15.51
C ALA K 43 -52.52 19.10 15.33
N GLY K 44 -51.31 18.92 15.85
CA GLY K 44 -50.66 17.62 15.68
C GLY K 44 -50.09 16.97 16.92
N SER K 45 -48.82 16.60 16.84
CA SER K 45 -48.11 15.95 17.94
C SER K 45 -47.30 16.99 18.68
N ARG K 46 -46.99 18.09 18.01
CA ARG K 46 -46.23 19.15 18.65
C ARG K 46 -47.15 19.73 19.71
N TYR K 47 -48.45 19.64 19.46
CA TYR K 47 -49.45 20.15 20.37
C TYR K 47 -49.68 19.19 21.54
N GLU K 48 -49.25 17.95 21.40
CA GLU K 48 -49.42 16.97 22.46
C GLU K 48 -48.38 17.21 23.54
N ASN K 49 -48.66 16.74 24.75
CA ASN K 49 -47.71 16.86 25.86
C ASN K 49 -47.11 15.47 26.00
N GLU K 50 -46.36 15.24 27.06
CA GLU K 50 -45.71 13.96 27.26
C GLU K 50 -46.67 12.82 27.62
N LYS K 51 -47.76 13.13 28.29
CA LYS K 51 -48.71 12.09 28.69
C LYS K 51 -49.74 11.67 27.63
N ASN K 52 -50.02 12.58 26.69
CA ASN K 52 -50.98 12.30 25.62
C ASN K 52 -50.33 12.17 24.22
N ASN K 53 -49.03 11.87 24.19
CA ASN K 53 -48.29 11.71 22.94
C ASN K 53 -48.92 10.55 22.16
N GLY K 54 -49.49 10.86 21.00
CA GLY K 54 -50.10 9.82 20.20
C GLY K 54 -51.62 9.82 20.26
N ALA K 55 -52.20 10.95 20.64
CA ALA K 55 -53.65 11.08 20.70
C ALA K 55 -54.10 11.52 19.32
N GLY K 56 -53.47 12.57 18.80
CA GLY K 56 -53.81 13.06 17.48
C GLY K 56 -53.78 11.93 16.47
N TYR K 57 -53.06 10.87 16.82
CA TYR K 57 -52.91 9.70 15.96
C TYR K 57 -53.95 8.63 16.32
N PHE K 58 -54.14 8.41 17.62
CA PHE K 58 -55.11 7.42 18.10
C PHE K 58 -56.50 7.88 17.68
N VAL K 59 -56.62 9.18 17.41
CA VAL K 59 -57.85 9.80 16.95
C VAL K 59 -58.02 9.62 15.46
N GLU K 60 -56.96 9.90 14.70
CA GLU K 60 -57.00 9.76 13.25
C GLU K 60 -57.46 8.34 12.87
N HIS K 61 -57.27 7.40 13.80
CA HIS K 61 -57.66 6.02 13.58
C HIS K 61 -59.15 5.74 13.78
N LEU K 62 -59.79 6.51 14.67
CA LEU K 62 -61.21 6.33 14.97
C LEU K 62 -62.13 7.32 14.27
N ALA K 63 -61.57 8.30 13.58
CA ALA K 63 -62.39 9.29 12.90
C ALA K 63 -63.18 8.67 11.74
N PHE K 64 -62.93 7.39 11.48
CA PHE K 64 -63.59 6.69 10.38
C PHE K 64 -64.39 5.46 10.83
N LYS K 65 -64.30 5.12 12.12
CA LYS K 65 -65.04 3.99 12.64
C LYS K 65 -66.40 4.40 13.19
N GLY K 66 -66.96 5.46 12.59
CA GLY K 66 -68.28 5.95 12.97
C GLY K 66 -68.45 7.09 13.96
N THR K 67 -69.60 7.75 13.87
CA THR K 67 -69.96 8.87 14.73
C THR K 67 -71.11 8.48 15.68
N LYS K 68 -71.72 9.47 16.31
CA LYS K 68 -72.85 9.25 17.21
C LYS K 68 -74.12 9.08 16.40
N LYS K 69 -74.34 10.00 15.46
CA LYS K 69 -75.53 9.94 14.60
C LYS K 69 -75.58 8.66 13.77
N ARG K 70 -74.43 8.21 13.26
CA ARG K 70 -74.39 7.00 12.45
C ARG K 70 -73.20 6.11 12.80
N PRO K 71 -73.45 4.92 13.38
CA PRO K 71 -72.40 3.96 13.76
C PRO K 71 -71.52 3.52 12.59
N CYS K 72 -70.66 2.53 12.83
CA CYS K 72 -69.72 2.06 11.80
C CYS K 72 -70.31 1.75 10.42
N ALA K 73 -70.91 0.57 10.27
CA ALA K 73 -71.48 0.15 8.99
C ALA K 73 -72.31 1.22 8.27
N ALA K 74 -73.05 2.04 9.02
CA ALA K 74 -73.88 3.07 8.42
C ALA K 74 -73.05 4.19 7.81
N PHE K 75 -71.95 4.53 8.48
CA PHE K 75 -71.05 5.60 8.02
C PHE K 75 -70.33 5.10 6.77
N GLU K 76 -69.57 4.03 6.93
CA GLU K 76 -68.83 3.47 5.81
C GLU K 76 -69.76 3.27 4.61
N LYS K 77 -70.83 2.51 4.82
CA LYS K 77 -71.78 2.22 3.76
C LYS K 77 -72.31 3.48 3.08
N GLU K 78 -72.63 4.51 3.86
CA GLU K 78 -73.16 5.75 3.28
C GLU K 78 -72.14 6.48 2.39
N VAL K 79 -70.85 6.26 2.66
CA VAL K 79 -69.79 6.89 1.89
C VAL K 79 -69.47 6.04 0.65
N GLU K 80 -69.11 4.78 0.89
CA GLU K 80 -68.78 3.86 -0.20
C GLU K 80 -69.82 3.89 -1.32
N SER K 81 -71.07 3.66 -0.95
CA SER K 81 -72.17 3.63 -1.90
C SER K 81 -72.40 4.87 -2.78
N MET K 82 -71.69 5.96 -2.52
CA MET K 82 -71.84 7.16 -3.35
C MET K 82 -70.56 7.43 -4.12
N GLY K 83 -69.62 6.47 -4.00
CA GLY K 83 -68.34 6.56 -4.68
C GLY K 83 -67.39 7.66 -4.26
N ALA K 84 -67.42 8.01 -2.97
CA ALA K 84 -66.55 9.06 -2.46
C ALA K 84 -65.31 8.45 -1.84
N HIS K 85 -64.27 9.25 -1.69
CA HIS K 85 -63.03 8.78 -1.11
C HIS K 85 -62.68 9.55 0.13
N PHE K 86 -62.79 8.89 1.26
CA PHE K 86 -62.49 9.51 2.52
C PHE K 86 -61.16 9.00 3.02
N ASN K 87 -60.29 9.93 3.37
CA ASN K 87 -58.95 9.61 3.85
C ASN K 87 -58.30 10.89 4.35
N GLY K 88 -57.28 10.74 5.18
CA GLY K 88 -56.59 11.90 5.72
C GLY K 88 -55.30 11.53 6.44
N TYR K 89 -54.79 12.47 7.25
CA TYR K 89 -53.55 12.23 7.97
C TYR K 89 -53.33 13.15 9.18
N THR K 90 -52.16 13.00 9.79
CA THR K 90 -51.79 13.78 10.95
C THR K 90 -50.27 13.90 11.07
N SER K 91 -49.77 15.14 11.13
CA SER K 91 -48.33 15.38 11.24
C SER K 91 -47.97 15.97 12.60
N ARG K 92 -46.75 16.52 12.73
CA ARG K 92 -46.33 17.11 14.00
C ARG K 92 -47.14 18.33 14.35
N GLU K 93 -47.53 19.10 13.34
CA GLU K 93 -48.32 20.28 13.60
C GLU K 93 -49.28 20.65 12.47
N GLN K 94 -50.14 19.68 12.13
CA GLN K 94 -51.15 19.85 11.09
C GLN K 94 -51.82 18.52 10.73
N THR K 95 -53.09 18.37 11.12
CA THR K 95 -53.90 17.19 10.83
C THR K 95 -54.90 17.57 9.73
N ALA K 96 -55.51 16.57 9.09
CA ALA K 96 -56.49 16.87 8.05
C ALA K 96 -57.32 15.66 7.70
N PHE K 97 -58.59 15.90 7.36
CA PHE K 97 -59.49 14.84 6.94
C PHE K 97 -60.17 15.43 5.71
N TYR K 98 -60.13 14.70 4.60
CA TYR K 98 -60.73 15.19 3.35
C TYR K 98 -61.40 14.08 2.56
N ILE K 99 -62.37 14.48 1.74
CA ILE K 99 -63.11 13.55 0.94
C ILE K 99 -63.09 13.94 -0.54
N LYS K 100 -63.00 12.91 -1.40
CA LYS K 100 -62.99 13.10 -2.84
C LYS K 100 -64.31 12.56 -3.34
N ALA K 101 -65.08 13.39 -4.03
CA ALA K 101 -66.35 12.92 -4.56
C ALA K 101 -66.89 13.77 -5.69
N LEU K 102 -68.00 13.31 -6.24
CA LEU K 102 -68.68 13.97 -7.34
C LEU K 102 -69.06 15.38 -6.90
N SER K 103 -69.04 16.34 -7.83
CA SER K 103 -69.39 17.74 -7.53
C SER K 103 -70.84 17.90 -7.05
N LYS K 104 -71.64 16.86 -7.27
CA LYS K 104 -73.03 16.83 -6.88
C LYS K 104 -73.15 16.66 -5.37
N ASP K 105 -72.34 15.77 -4.79
CA ASP K 105 -72.40 15.52 -3.36
C ASP K 105 -71.66 16.54 -2.52
N MET K 106 -71.22 17.62 -3.16
CA MET K 106 -70.50 18.68 -2.46
C MET K 106 -71.07 18.99 -1.06
N PRO K 107 -72.39 19.26 -0.98
CA PRO K 107 -73.02 19.56 0.32
C PRO K 107 -73.19 18.36 1.25
N LYS K 108 -73.56 17.21 0.69
CA LYS K 108 -73.75 16.01 1.50
C LYS K 108 -72.42 15.60 2.14
N VAL K 109 -71.33 16.02 1.51
CA VAL K 109 -70.01 15.69 2.03
C VAL K 109 -69.72 16.53 3.28
N VAL K 110 -69.80 17.85 3.12
CA VAL K 110 -69.54 18.80 4.21
C VAL K 110 -70.11 18.31 5.55
N GLU K 111 -71.36 17.83 5.51
CA GLU K 111 -72.03 17.32 6.70
C GLU K 111 -71.26 16.15 7.31
N LEU K 112 -70.78 15.27 6.43
CA LEU K 112 -70.03 14.11 6.86
C LEU K 112 -68.75 14.54 7.56
N LEU K 113 -68.01 15.44 6.92
CA LEU K 113 -66.77 15.93 7.49
C LEU K 113 -67.06 16.47 8.89
N ALA K 114 -67.99 17.41 8.96
CA ALA K 114 -68.37 18.04 10.22
C ALA K 114 -68.82 17.06 11.29
N ASP K 115 -69.39 15.94 10.88
CA ASP K 115 -69.86 14.96 11.85
C ASP K 115 -68.71 14.12 12.43
N VAL K 116 -67.54 14.17 11.81
CA VAL K 116 -66.40 13.41 12.30
C VAL K 116 -65.56 14.22 13.28
N VAL K 117 -65.37 15.50 12.93
CA VAL K 117 -64.59 16.46 13.72
C VAL K 117 -65.34 16.95 14.97
N GLN K 118 -66.66 16.78 15.01
CA GLN K 118 -67.46 17.22 16.14
C GLN K 118 -68.03 16.07 16.96
N ASN K 119 -68.71 15.15 16.29
CA ASN K 119 -69.34 14.02 16.96
C ASN K 119 -68.68 12.64 16.83
N CYS K 120 -67.36 12.59 16.83
CA CYS K 120 -66.73 11.28 16.72
C CYS K 120 -67.27 10.36 17.83
N ALA K 121 -67.72 9.17 17.44
CA ALA K 121 -68.28 8.18 18.37
C ALA K 121 -67.36 7.77 19.51
N LEU K 122 -66.19 7.25 19.18
CA LEU K 122 -65.24 6.83 20.20
C LEU K 122 -65.75 5.63 20.99
N GLU K 123 -66.48 4.75 20.33
CA GLU K 123 -67.00 3.57 21.00
C GLU K 123 -65.82 2.83 21.65
N GLU K 124 -65.92 2.54 22.93
CA GLU K 124 -64.85 1.87 23.67
C GLU K 124 -64.60 0.40 23.28
N SER K 125 -65.39 -0.10 22.33
CA SER K 125 -65.23 -1.48 21.84
C SER K 125 -64.14 -1.38 20.79
N GLN K 126 -64.24 -0.29 20.04
CA GLN K 126 -63.35 0.05 18.94
C GLN K 126 -61.98 0.48 19.46
N ILE K 127 -61.95 1.12 20.63
CA ILE K 127 -60.71 1.61 21.21
C ILE K 127 -59.77 0.49 21.68
N GLU K 128 -60.31 -0.66 22.03
CA GLU K 128 -59.45 -1.75 22.48
C GLU K 128 -59.04 -2.63 21.29
N LYS K 129 -59.46 -2.20 20.10
CA LYS K 129 -59.14 -2.87 18.85
C LYS K 129 -58.10 -2.02 18.13
N GLU K 130 -58.35 -0.71 18.05
CA GLU K 130 -57.42 0.20 17.41
C GLU K 130 -56.17 0.30 18.27
N ARG K 131 -56.22 -0.28 19.46
CA ARG K 131 -55.07 -0.26 20.35
C ARG K 131 -54.09 -1.27 19.77
N GLY K 132 -54.57 -2.48 19.53
CA GLY K 132 -53.71 -3.51 18.95
C GLY K 132 -53.25 -3.19 17.54
N VAL K 133 -54.10 -2.47 16.80
CA VAL K 133 -53.81 -2.04 15.42
C VAL K 133 -52.68 -1.01 15.34
N ILE K 134 -52.70 0.00 16.19
CA ILE K 134 -51.63 0.97 16.15
C ILE K 134 -50.37 0.24 16.60
N LEU K 135 -50.42 -0.38 17.79
CA LEU K 135 -49.25 -1.13 18.29
C LEU K 135 -48.66 -2.06 17.25
N GLN K 136 -49.43 -2.36 16.21
CA GLN K 136 -48.98 -3.22 15.13
C GLN K 136 -48.28 -2.36 14.07
N GLU K 137 -48.92 -1.27 13.70
CA GLU K 137 -48.37 -0.37 12.69
C GLU K 137 -47.02 0.20 13.09
N LEU K 138 -46.72 0.18 14.39
CA LEU K 138 -45.44 0.70 14.84
C LEU K 138 -44.37 -0.33 14.56
N LYS K 139 -44.76 -1.61 14.54
CA LYS K 139 -43.81 -2.69 14.26
C LYS K 139 -43.47 -2.68 12.78
N GLU K 140 -44.40 -2.21 11.97
CA GLU K 140 -44.18 -2.12 10.53
C GLU K 140 -43.35 -0.86 10.28
N MET K 141 -43.87 0.29 10.68
CA MET K 141 -43.19 1.57 10.48
C MET K 141 -41.77 1.60 10.99
N ASP K 142 -41.46 0.74 11.95
CA ASP K 142 -40.12 0.70 12.53
C ASP K 142 -39.11 0.14 11.56
N ASN K 143 -39.55 -0.68 10.62
CA ASN K 143 -38.61 -1.21 9.64
C ASN K 143 -38.56 -0.37 8.38
N ASP K 144 -38.86 0.92 8.53
CA ASP K 144 -38.81 1.85 7.41
C ASP K 144 -37.70 2.87 7.69
N MET K 145 -36.48 2.47 7.38
CA MET K 145 -35.29 3.30 7.58
C MET K 145 -35.49 4.77 7.37
N THR K 146 -35.98 5.14 6.19
CA THR K 146 -36.19 6.55 5.89
C THR K 146 -36.91 7.25 7.03
N ASN K 147 -37.90 6.58 7.63
CA ASN K 147 -38.66 7.15 8.76
C ASN K 147 -37.88 7.06 10.07
N VAL K 148 -37.51 5.86 10.48
CA VAL K 148 -36.74 5.68 11.70
C VAL K 148 -35.70 6.78 11.78
N THR K 149 -35.22 7.21 10.61
CA THR K 149 -34.21 8.24 10.51
C THR K 149 -34.68 9.68 10.66
N PHE K 150 -35.72 10.08 9.95
CA PHE K 150 -36.18 11.46 10.11
C PHE K 150 -36.71 11.70 11.53
N ASP K 151 -37.28 10.68 12.16
CA ASP K 151 -37.77 10.83 13.52
C ASP K 151 -36.54 11.07 14.39
N TYR K 152 -35.59 10.14 14.36
CA TYR K 152 -34.35 10.30 15.12
C TYR K 152 -33.73 11.66 14.86
N LEU K 153 -33.91 12.19 13.64
CA LEU K 153 -33.34 13.49 13.32
C LEU K 153 -33.99 14.57 14.16
N HIS K 154 -35.33 14.59 14.18
CA HIS K 154 -36.07 15.58 14.98
C HIS K 154 -35.73 15.32 16.44
N ALA K 155 -35.87 14.06 16.80
CA ALA K 155 -35.61 13.56 18.14
C ALA K 155 -34.36 14.12 18.79
N THR K 156 -33.39 14.52 17.97
CA THR K 156 -32.16 15.04 18.53
C THR K 156 -31.95 16.48 18.11
N ALA K 157 -32.46 16.83 16.93
CA ALA K 157 -32.33 18.18 16.42
C ALA K 157 -33.08 19.15 17.30
N PHE K 158 -34.26 18.73 17.75
CA PHE K 158 -35.08 19.57 18.63
C PHE K 158 -35.14 18.96 20.02
N GLN K 159 -34.26 17.99 20.28
CA GLN K 159 -34.20 17.31 21.57
C GLN K 159 -34.62 18.21 22.72
N GLY K 160 -35.37 17.61 23.67
CA GLY K 160 -35.82 18.34 24.83
C GLY K 160 -37.08 19.17 24.64
N THR K 161 -37.60 19.23 23.43
CA THR K 161 -38.82 20.01 23.21
C THR K 161 -39.97 19.16 22.69
N ALA K 162 -41.00 19.84 22.19
CA ALA K 162 -42.20 19.20 21.67
C ALA K 162 -41.99 18.57 20.30
N LEU K 163 -41.26 19.27 19.43
CA LEU K 163 -40.99 18.77 18.09
C LEU K 163 -40.22 17.47 18.11
N ALA K 164 -39.47 17.23 19.17
CA ALA K 164 -38.67 16.02 19.29
C ALA K 164 -39.48 14.74 19.49
N ARG K 165 -40.78 14.84 19.31
CA ARG K 165 -41.67 13.69 19.48
C ARG K 165 -42.18 13.10 18.17
N THR K 166 -42.33 11.78 18.14
CA THR K 166 -42.86 11.07 16.98
C THR K 166 -44.36 11.38 16.91
N VAL K 167 -44.94 11.30 15.70
CA VAL K 167 -46.38 11.57 15.55
C VAL K 167 -47.22 10.41 16.12
N GLU K 168 -46.71 9.19 15.95
CA GLU K 168 -47.40 7.99 16.45
C GLU K 168 -47.37 7.91 17.99
N GLY K 169 -46.42 8.61 18.61
CA GLY K 169 -46.32 8.57 20.06
C GLY K 169 -45.61 7.36 20.59
N THR K 170 -45.45 7.28 21.91
CA THR K 170 -44.77 6.19 22.59
C THR K 170 -45.55 4.90 22.54
N THR K 171 -44.99 3.86 23.13
CA THR K 171 -45.63 2.55 23.20
C THR K 171 -46.50 2.55 24.46
N GLU K 172 -45.95 3.13 25.53
CA GLU K 172 -46.66 3.21 26.81
C GLU K 172 -47.92 4.06 26.70
N ASN K 173 -47.86 5.12 25.90
CA ASN K 173 -49.03 5.98 25.71
C ASN K 173 -50.14 5.22 24.99
N ILE K 174 -49.80 4.61 23.86
CA ILE K 174 -50.78 3.88 23.09
C ILE K 174 -51.35 2.72 23.88
N LYS K 175 -50.54 2.14 24.75
CA LYS K 175 -50.99 1.02 25.58
C LYS K 175 -51.91 1.47 26.73
N HIS K 176 -51.84 2.75 27.09
CA HIS K 176 -52.65 3.26 28.18
C HIS K 176 -53.60 4.42 27.90
N LEU K 177 -53.45 5.09 26.75
CA LEU K 177 -54.35 6.21 26.43
C LEU K 177 -55.80 5.78 26.65
N THR K 178 -56.55 6.63 27.37
CA THR K 178 -57.95 6.36 27.70
C THR K 178 -58.96 7.14 26.90
N ARG K 179 -60.17 6.63 26.89
CA ARG K 179 -61.26 7.27 26.16
C ARG K 179 -61.27 8.74 26.50
N ALA K 180 -61.03 9.04 27.77
CA ALA K 180 -61.02 10.42 28.25
C ALA K 180 -60.09 11.34 27.45
N ASP K 181 -58.83 10.93 27.34
CA ASP K 181 -57.79 11.71 26.65
C ASP K 181 -58.09 12.01 25.19
N LEU K 182 -58.54 10.99 24.46
CA LEU K 182 -58.85 11.16 23.06
C LEU K 182 -59.95 12.23 23.01
N ALA K 183 -60.95 12.03 23.87
CA ALA K 183 -62.07 12.95 23.97
C ALA K 183 -61.52 14.35 24.20
N SER K 184 -60.85 14.53 25.34
CA SER K 184 -60.27 15.81 25.70
C SER K 184 -59.37 16.39 24.62
N TYR K 185 -58.72 15.52 23.83
CA TYR K 185 -57.84 15.99 22.76
C TYR K 185 -58.68 16.63 21.67
N ILE K 186 -59.76 15.95 21.31
CA ILE K 186 -60.65 16.45 20.27
C ILE K 186 -61.24 17.77 20.73
N ASP K 187 -61.70 17.78 21.99
CA ASP K 187 -62.32 18.95 22.63
C ASP K 187 -61.42 20.17 22.65
N THR K 188 -60.19 19.97 23.10
CA THR K 188 -59.21 21.05 23.22
C THR K 188 -58.63 21.52 21.87
N HIS K 189 -58.42 20.58 20.95
CA HIS K 189 -57.82 20.90 19.65
C HIS K 189 -58.77 21.06 18.45
N PHE K 190 -59.67 20.10 18.23
CA PHE K 190 -60.59 20.21 17.09
C PHE K 190 -61.61 21.31 17.29
N LYS K 191 -61.16 22.55 17.14
CA LYS K 191 -62.00 23.73 17.32
C LYS K 191 -62.01 24.69 16.15
N ALA K 192 -63.21 25.10 15.77
CA ALA K 192 -63.48 26.01 14.65
C ALA K 192 -62.43 27.03 14.20
N PRO K 193 -61.96 27.90 15.13
CA PRO K 193 -60.96 28.90 14.75
C PRO K 193 -59.65 28.31 14.20
N ARG K 194 -59.37 27.09 14.63
CA ARG K 194 -58.16 26.37 14.22
C ARG K 194 -58.38 25.38 13.05
N MET K 195 -59.59 25.34 12.51
CA MET K 195 -59.90 24.46 11.38
C MET K 195 -60.09 25.29 10.12
N VAL K 196 -60.02 24.61 8.97
CA VAL K 196 -60.22 25.27 7.69
C VAL K 196 -60.90 24.34 6.71
N LEU K 197 -62.09 24.71 6.27
CA LEU K 197 -62.81 23.91 5.31
C LEU K 197 -62.35 24.40 3.96
N ALA K 198 -61.62 23.54 3.27
CA ALA K 198 -61.11 23.87 1.94
C ALA K 198 -61.67 22.89 0.94
N ALA K 199 -61.84 23.36 -0.29
CA ALA K 199 -62.35 22.50 -1.33
C ALA K 199 -62.04 23.12 -2.67
N ALA K 200 -61.95 22.28 -3.68
CA ALA K 200 -61.65 22.75 -5.02
C ALA K 200 -62.25 21.80 -6.06
N GLY K 201 -62.59 22.37 -7.22
CA GLY K 201 -63.17 21.58 -8.28
C GLY K 201 -64.38 22.31 -8.81
N GLY K 202 -65.41 21.57 -9.20
CA GLY K 202 -66.63 22.20 -9.69
C GLY K 202 -67.63 22.42 -8.56
N ILE K 203 -67.38 23.44 -7.75
CA ILE K 203 -68.25 23.74 -6.62
C ILE K 203 -68.45 25.24 -6.49
N SER K 204 -69.61 25.62 -5.95
CA SER K 204 -69.95 27.02 -5.71
C SER K 204 -69.43 27.46 -4.35
N HIS K 205 -68.54 28.45 -4.36
CA HIS K 205 -67.99 28.95 -3.12
C HIS K 205 -69.17 29.21 -2.19
N LYS K 206 -70.18 29.91 -2.71
CA LYS K 206 -71.37 30.21 -1.95
C LYS K 206 -71.94 28.92 -1.36
N GLU K 207 -72.58 28.12 -2.20
CA GLU K 207 -73.17 26.87 -1.74
C GLU K 207 -72.34 26.10 -0.73
N LEU K 208 -71.02 26.32 -0.75
CA LEU K 208 -70.11 25.67 0.18
C LEU K 208 -70.22 26.38 1.52
N VAL K 209 -70.06 27.69 1.50
CA VAL K 209 -70.13 28.46 2.73
C VAL K 209 -71.47 28.25 3.44
N ASP K 210 -72.55 28.04 2.67
CA ASP K 210 -73.88 27.81 3.24
C ASP K 210 -73.91 26.50 4.02
N ALA K 211 -73.55 25.42 3.33
CA ALA K 211 -73.52 24.11 3.94
C ALA K 211 -72.69 24.17 5.20
N ALA K 212 -71.68 25.03 5.19
CA ALA K 212 -70.80 25.20 6.34
C ALA K 212 -71.58 25.81 7.50
N ARG K 213 -72.14 26.99 7.26
CA ARG K 213 -72.93 27.70 8.27
C ARG K 213 -73.91 26.75 8.92
N GLN K 214 -74.45 25.83 8.12
CA GLN K 214 -75.43 24.89 8.60
C GLN K 214 -74.92 23.74 9.49
N HIS K 215 -73.86 23.05 9.08
CA HIS K 215 -73.36 21.93 9.90
C HIS K 215 -72.16 22.28 10.73
N PHE K 216 -71.45 23.31 10.30
CA PHE K 216 -70.28 23.77 11.03
C PHE K 216 -70.77 24.94 11.84
N SER K 217 -71.52 24.60 12.89
CA SER K 217 -72.11 25.57 13.80
C SER K 217 -71.74 25.30 15.25
N GLY K 218 -70.73 26.01 15.71
CA GLY K 218 -70.30 25.94 17.08
C GLY K 218 -70.37 27.40 17.49
N VAL K 219 -70.54 27.70 18.77
CA VAL K 219 -70.61 29.12 19.12
C VAL K 219 -69.47 29.56 20.03
N SER K 220 -69.16 30.84 19.92
CA SER K 220 -68.09 31.44 20.69
C SER K 220 -68.62 32.57 21.59
N PHE K 221 -68.43 32.41 22.89
CA PHE K 221 -68.90 33.42 23.83
C PHE K 221 -67.78 34.32 24.33
N THR K 222 -66.80 33.73 25.00
CA THR K 222 -65.67 34.48 25.53
C THR K 222 -64.64 34.77 24.45
N TYR K 223 -63.52 35.36 24.84
CA TYR K 223 -62.47 35.68 23.91
C TYR K 223 -61.58 34.45 23.79
N LYS K 224 -61.50 33.69 24.87
CA LYS K 224 -60.70 32.46 24.91
C LYS K 224 -60.97 31.56 23.70
N GLU K 225 -62.23 31.24 23.47
CA GLU K 225 -62.65 30.37 22.37
C GLU K 225 -62.19 30.84 21.00
N ASP K 226 -62.12 32.16 20.79
CA ASP K 226 -61.68 32.68 19.51
C ASP K 226 -60.19 32.95 19.45
N ALA K 227 -59.48 32.48 20.48
CA ALA K 227 -58.03 32.66 20.55
C ALA K 227 -57.30 31.44 20.00
N VAL K 228 -56.29 31.71 19.18
CA VAL K 228 -55.47 30.66 18.59
C VAL K 228 -54.16 30.65 19.40
N PRO K 229 -54.00 29.66 20.29
CA PRO K 229 -52.78 29.60 21.11
C PRO K 229 -51.47 29.70 20.32
N ILE K 230 -50.45 30.23 20.99
CA ILE K 230 -49.11 30.35 20.40
C ILE K 230 -48.30 29.31 21.17
N LEU K 231 -47.56 28.47 20.44
CA LEU K 231 -46.80 27.40 21.05
C LEU K 231 -45.44 27.83 21.57
N PRO K 232 -44.99 27.19 22.66
CA PRO K 232 -43.69 27.47 23.28
C PRO K 232 -42.60 27.01 22.31
N ARG K 233 -41.74 27.95 21.92
CA ARG K 233 -40.66 27.71 20.98
C ARG K 233 -39.79 26.48 21.24
N CYS K 234 -39.38 25.82 20.14
CA CYS K 234 -38.53 24.63 20.19
C CYS K 234 -37.07 25.01 19.95
N ARG K 235 -36.19 24.48 20.79
CA ARG K 235 -34.76 24.77 20.71
C ARG K 235 -33.97 23.77 19.88
N PHE K 236 -33.26 24.32 18.88
CA PHE K 236 -32.42 23.53 17.98
C PHE K 236 -31.07 23.23 18.63
N THR K 237 -30.67 21.96 18.60
CA THR K 237 -29.42 21.56 19.21
C THR K 237 -28.51 20.86 18.21
N GLY K 238 -27.30 21.40 18.02
CA GLY K 238 -26.36 20.77 17.14
C GLY K 238 -25.86 19.51 17.81
N SER K 239 -26.35 18.36 17.37
CA SER K 239 -25.93 17.12 17.98
C SER K 239 -26.06 15.96 17.01
N GLU K 240 -25.93 14.76 17.54
CA GLU K 240 -26.04 13.58 16.72
C GLU K 240 -26.57 12.40 17.52
N ILE K 241 -27.17 11.47 16.81
CA ILE K 241 -27.69 10.25 17.40
C ILE K 241 -27.27 9.16 16.42
N ARG K 242 -26.53 8.19 16.93
CA ARG K 242 -26.04 7.12 16.10
C ARG K 242 -26.61 5.78 16.50
N ALA K 243 -27.49 5.25 15.65
CA ALA K 243 -28.13 3.97 15.90
C ALA K 243 -27.44 2.95 15.02
N ARG K 244 -26.55 2.17 15.62
CA ARG K 244 -25.82 1.21 14.82
C ARG K 244 -26.33 -0.21 14.87
N ASP K 245 -26.27 -0.87 13.70
CA ASP K 245 -26.68 -2.24 13.50
C ASP K 245 -26.00 -2.67 12.20
N ASP K 246 -24.83 -3.27 12.31
CA ASP K 246 -24.09 -3.72 11.14
C ASP K 246 -24.80 -4.86 10.43
N ALA K 247 -25.97 -5.26 10.91
CA ALA K 247 -26.68 -6.34 10.27
C ALA K 247 -27.68 -5.84 9.24
N LEU K 248 -27.86 -4.52 9.14
CA LEU K 248 -28.76 -3.96 8.15
C LEU K 248 -27.97 -3.85 6.85
N PRO K 249 -28.65 -4.08 5.72
CA PRO K 249 -28.09 -4.03 4.37
C PRO K 249 -27.42 -2.74 3.97
N VAL K 250 -28.05 -1.62 4.26
CA VAL K 250 -27.48 -0.33 3.91
C VAL K 250 -27.54 0.63 5.08
N ALA K 251 -26.88 1.77 4.96
CA ALA K 251 -26.91 2.75 6.03
C ALA K 251 -27.68 3.97 5.55
N HIS K 252 -28.30 4.66 6.51
CA HIS K 252 -29.07 5.87 6.26
C HIS K 252 -28.47 7.02 7.04
N VAL K 253 -28.35 8.17 6.41
CA VAL K 253 -27.78 9.32 7.09
C VAL K 253 -28.58 10.58 6.75
N ALA K 254 -28.81 11.42 7.76
CA ALA K 254 -29.54 12.68 7.58
C ALA K 254 -28.80 13.81 8.33
N LEU K 255 -28.63 14.93 7.63
CA LEU K 255 -27.93 16.06 8.21
C LEU K 255 -28.73 17.33 7.97
N ALA K 256 -28.87 18.16 8.99
CA ALA K 256 -29.62 19.37 8.81
C ALA K 256 -29.26 20.47 9.80
N VAL K 257 -29.63 21.69 9.42
CA VAL K 257 -29.42 22.89 10.23
C VAL K 257 -30.84 23.44 10.46
N GLU K 258 -31.01 24.33 11.44
CA GLU K 258 -32.34 24.88 11.70
C GLU K 258 -32.85 25.76 10.54
N GLY K 259 -34.11 25.57 10.16
CA GLY K 259 -34.72 26.34 9.08
C GLY K 259 -35.46 27.57 9.60
N PRO K 260 -35.86 28.50 8.73
CA PRO K 260 -36.56 29.69 9.21
C PRO K 260 -38.02 29.51 9.71
N GLY K 261 -38.84 28.80 8.93
CA GLY K 261 -40.23 28.63 9.33
C GLY K 261 -41.12 29.35 8.33
N TRP K 262 -42.21 28.69 7.95
CA TRP K 262 -43.15 29.20 6.96
C TRP K 262 -43.16 30.69 6.62
N ALA K 263 -43.29 31.52 7.64
CA ALA K 263 -43.34 32.96 7.46
C ALA K 263 -42.29 33.57 6.51
N ASP K 264 -41.02 33.37 6.87
CA ASP K 264 -39.86 33.91 6.14
C ASP K 264 -39.81 33.69 4.64
N PRO K 265 -39.62 34.77 3.87
CA PRO K 265 -39.53 34.77 2.40
C PRO K 265 -38.32 33.98 1.89
N ASP K 266 -37.29 33.89 2.73
CA ASP K 266 -36.08 33.15 2.38
C ASP K 266 -36.40 31.71 2.02
N ASN K 267 -37.48 31.16 2.55
CA ASN K 267 -37.81 29.79 2.22
C ASN K 267 -37.82 29.59 0.71
N VAL K 268 -38.16 30.64 -0.05
CA VAL K 268 -38.16 30.54 -1.50
C VAL K 268 -36.73 30.22 -1.94
N VAL K 269 -35.80 31.13 -1.64
CA VAL K 269 -34.39 30.96 -1.99
C VAL K 269 -33.90 29.58 -1.56
N LEU K 270 -34.15 29.19 -0.32
CA LEU K 270 -33.73 27.89 0.14
C LEU K 270 -34.21 26.77 -0.78
N HIS K 271 -35.41 26.88 -1.32
CA HIS K 271 -35.93 25.84 -2.21
C HIS K 271 -35.27 25.87 -3.57
N VAL K 272 -34.87 27.07 -3.99
CA VAL K 272 -34.17 27.22 -5.26
C VAL K 272 -32.86 26.47 -4.99
N ALA K 273 -32.20 26.82 -3.88
CA ALA K 273 -30.97 26.17 -3.50
C ALA K 273 -31.08 24.65 -3.58
N ASN K 274 -32.09 24.10 -2.93
CA ASN K 274 -32.31 22.67 -2.95
C ASN K 274 -32.51 22.11 -4.36
N ALA K 275 -32.87 22.96 -5.29
CA ALA K 275 -33.08 22.51 -6.66
C ALA K 275 -31.73 22.28 -7.34
N ILE K 276 -30.77 23.17 -7.06
CA ILE K 276 -29.45 23.07 -7.63
C ILE K 276 -28.79 21.74 -7.27
N ILE K 277 -29.00 21.28 -6.05
CA ILE K 277 -28.44 20.02 -5.60
C ILE K 277 -29.37 18.89 -5.98
N GLY K 278 -30.67 19.16 -5.91
CA GLY K 278 -31.69 18.17 -6.26
C GLY K 278 -31.63 16.82 -5.55
N ARG K 279 -32.01 15.78 -6.28
CA ARG K 279 -31.99 14.43 -5.74
C ARG K 279 -31.67 13.41 -6.81
N TYR K 280 -31.38 12.19 -6.38
CA TYR K 280 -31.01 11.11 -7.28
C TYR K 280 -31.30 9.76 -6.65
N ASP K 281 -31.37 8.76 -7.52
CA ASP K 281 -31.61 7.39 -7.10
C ASP K 281 -31.33 6.37 -8.24
N ARG K 282 -30.79 5.21 -7.83
CA ARG K 282 -30.43 4.10 -8.71
C ARG K 282 -31.15 3.90 -10.03
N THR K 283 -32.37 4.39 -10.18
CA THR K 283 -33.09 4.15 -11.42
C THR K 283 -33.21 5.33 -12.36
N PHE K 284 -32.57 6.44 -12.01
CA PHE K 284 -32.61 7.58 -12.89
C PHE K 284 -31.90 7.25 -14.19
N GLY K 285 -32.61 7.46 -15.29
CA GLY K 285 -32.03 7.19 -16.59
C GLY K 285 -30.92 8.17 -16.96
N GLY K 286 -31.09 9.43 -16.56
CA GLY K 286 -30.11 10.47 -16.84
C GLY K 286 -28.68 10.06 -16.60
N GLY K 287 -28.41 9.43 -15.46
CA GLY K 287 -27.07 8.97 -15.13
C GLY K 287 -25.99 10.02 -15.08
N LYS K 288 -24.79 9.64 -15.49
CA LYS K 288 -23.62 10.49 -15.47
C LYS K 288 -23.78 11.88 -16.08
N HIS K 289 -24.87 12.13 -16.76
CA HIS K 289 -25.06 13.42 -17.39
C HIS K 289 -25.96 14.40 -16.64
N LEU K 290 -26.60 13.92 -15.57
CA LEU K 290 -27.51 14.72 -14.72
C LEU K 290 -26.86 16.04 -14.34
N SER K 291 -27.64 17.12 -14.41
CA SER K 291 -27.15 18.46 -14.11
C SER K 291 -26.70 18.67 -12.65
N SER K 292 -27.20 17.83 -11.75
CA SER K 292 -26.84 17.92 -10.34
C SER K 292 -25.47 17.36 -10.06
N ARG K 293 -24.50 18.24 -9.86
CA ARG K 293 -23.13 17.84 -9.59
C ARG K 293 -23.04 16.63 -8.66
N LEU K 294 -23.82 16.64 -7.57
CA LEU K 294 -23.77 15.53 -6.62
C LEU K 294 -24.32 14.23 -7.19
N ALA K 295 -25.35 14.34 -8.02
CA ALA K 295 -25.93 13.16 -8.63
C ALA K 295 -24.85 12.52 -9.51
N ALA K 296 -24.15 13.36 -10.27
CA ALA K 296 -23.07 12.91 -11.17
C ALA K 296 -22.04 12.10 -10.39
N LEU K 297 -21.41 12.74 -9.40
CA LEU K 297 -20.43 12.09 -8.57
C LEU K 297 -21.02 10.82 -8.02
N ALA K 298 -22.26 10.90 -7.58
CA ALA K 298 -22.96 9.75 -7.03
C ALA K 298 -22.93 8.58 -8.03
N VAL K 299 -23.17 8.92 -9.29
CA VAL K 299 -23.19 7.97 -10.41
C VAL K 299 -21.78 7.48 -10.72
N GLU K 300 -20.88 8.44 -10.91
CA GLU K 300 -19.48 8.22 -11.24
C GLU K 300 -18.80 7.23 -10.31
N HIS K 301 -18.88 7.50 -9.00
CA HIS K 301 -18.23 6.66 -8.00
C HIS K 301 -19.09 5.68 -7.25
N LYS K 302 -20.38 5.58 -7.60
CA LYS K 302 -21.27 4.67 -6.89
C LYS K 302 -21.31 5.04 -5.39
N LEU K 303 -21.65 6.30 -5.15
CA LEU K 303 -21.71 6.82 -3.80
C LEU K 303 -22.93 6.39 -3.02
N CYS K 304 -24.07 6.24 -3.68
CA CYS K 304 -25.26 5.85 -2.97
C CYS K 304 -26.33 5.10 -3.74
N HIS K 305 -27.46 4.91 -3.09
CA HIS K 305 -28.60 4.23 -3.70
C HIS K 305 -29.63 5.31 -3.94
N SER K 306 -29.48 6.41 -3.20
CA SER K 306 -30.39 7.54 -3.34
C SER K 306 -30.00 8.62 -2.34
N PHE K 307 -30.38 9.85 -2.66
CA PHE K 307 -30.11 10.97 -1.76
C PHE K 307 -31.15 12.00 -2.11
N GLN K 308 -31.47 12.89 -1.17
CA GLN K 308 -32.48 13.92 -1.39
C GLN K 308 -32.32 15.14 -0.48
N THR K 309 -32.52 16.32 -1.03
CA THR K 309 -32.45 17.54 -0.25
C THR K 309 -33.85 17.67 0.30
N PHE K 310 -34.01 18.51 1.32
CA PHE K 310 -35.31 18.72 1.93
C PHE K 310 -35.35 20.01 2.73
N ASN K 311 -36.46 20.73 2.60
CA ASN K 311 -36.64 21.96 3.36
C ASN K 311 -37.95 21.92 4.13
N THR K 312 -37.98 21.10 5.18
CA THR K 312 -39.16 20.94 6.03
C THR K 312 -39.34 22.22 6.85
N SER K 313 -40.53 22.81 6.78
CA SER K 313 -40.82 24.04 7.51
C SER K 313 -41.87 23.81 8.58
N TYR K 314 -41.83 24.66 9.61
CA TYR K 314 -42.80 24.63 10.68
C TYR K 314 -43.13 26.08 10.95
N SER K 315 -44.09 26.28 11.85
CA SER K 315 -44.56 27.60 12.25
C SER K 315 -43.44 28.61 12.55
N ASP K 316 -42.63 28.29 13.57
CA ASP K 316 -41.54 29.11 14.07
C ASP K 316 -40.10 28.61 13.78
N THR K 317 -39.97 27.34 13.40
CA THR K 317 -38.66 26.75 13.15
C THR K 317 -38.56 26.03 11.80
N GLY K 318 -37.76 24.96 11.76
CA GLY K 318 -37.57 24.17 10.55
C GLY K 318 -36.36 23.24 10.49
N LEU K 319 -36.23 22.54 9.38
CA LEU K 319 -35.11 21.62 9.14
C LEU K 319 -34.72 21.70 7.66
N PHE K 320 -33.47 22.10 7.39
CA PHE K 320 -32.95 22.21 6.03
C PHE K 320 -31.74 21.28 5.92
N GLY K 321 -31.84 20.26 5.09
CA GLY K 321 -30.72 19.35 4.98
C GLY K 321 -30.73 18.40 3.81
N PHE K 322 -30.36 17.15 4.10
CA PHE K 322 -30.32 16.11 3.10
C PHE K 322 -30.20 14.70 3.72
N HIS K 323 -30.69 13.73 2.95
CA HIS K 323 -30.73 12.33 3.34
C HIS K 323 -30.26 11.43 2.21
N PHE K 324 -29.34 10.53 2.52
CA PHE K 324 -28.86 9.59 1.52
C PHE K 324 -28.80 8.17 2.09
N VAL K 325 -28.87 7.19 1.20
CA VAL K 325 -28.79 5.79 1.59
C VAL K 325 -27.59 5.25 0.86
N ALA K 326 -26.78 4.43 1.52
CA ALA K 326 -25.60 3.90 0.83
C ALA K 326 -25.08 2.66 1.49
N ASP K 327 -24.10 2.03 0.86
CA ASP K 327 -23.52 0.82 1.41
C ASP K 327 -22.57 1.23 2.50
N PRO K 328 -22.32 0.32 3.43
CA PRO K 328 -21.42 0.61 4.55
C PRO K 328 -20.09 1.25 4.14
N LEU K 329 -19.50 0.73 3.07
CA LEU K 329 -18.20 1.20 2.61
C LEU K 329 -18.09 2.47 1.75
N SER K 330 -19.18 3.18 1.55
CA SER K 330 -19.10 4.39 0.75
C SER K 330 -19.77 5.57 1.45
N ILE K 331 -20.17 5.36 2.70
CA ILE K 331 -20.83 6.43 3.42
C ILE K 331 -19.92 7.63 3.49
N ASP K 332 -18.66 7.37 3.81
CA ASP K 332 -17.71 8.46 3.96
C ASP K 332 -17.61 9.39 2.77
N ASP K 333 -17.27 8.83 1.62
CA ASP K 333 -17.11 9.64 0.44
C ASP K 333 -18.38 10.42 0.13
N MET K 334 -19.53 9.77 0.26
CA MET K 334 -20.82 10.41 -0.03
C MET K 334 -21.01 11.63 0.85
N MET K 335 -20.84 11.41 2.15
CA MET K 335 -20.97 12.46 3.12
C MET K 335 -20.03 13.59 2.73
N PHE K 336 -18.81 13.21 2.36
CA PHE K 336 -17.78 14.15 1.96
C PHE K 336 -18.21 15.01 0.77
N CYS K 337 -18.65 14.35 -0.30
CA CYS K 337 -19.08 15.06 -1.50
C CYS K 337 -20.29 15.91 -1.20
N ALA K 338 -21.18 15.38 -0.37
CA ALA K 338 -22.41 16.06 0.01
C ALA K 338 -22.14 17.42 0.68
N GLN K 339 -21.44 17.41 1.80
CA GLN K 339 -21.15 18.67 2.48
C GLN K 339 -20.46 19.57 1.45
N GLY K 340 -19.62 18.94 0.64
CA GLY K 340 -18.90 19.66 -0.38
C GLY K 340 -19.85 20.49 -1.21
N GLU K 341 -20.94 19.89 -1.65
CA GLU K 341 -21.89 20.61 -2.48
C GLU K 341 -22.64 21.69 -1.75
N TRP K 342 -22.71 21.57 -0.44
CA TRP K 342 -23.40 22.60 0.33
C TRP K 342 -22.52 23.84 0.32
N MET K 343 -21.25 23.63 0.65
CA MET K 343 -20.28 24.71 0.69
C MET K 343 -20.18 25.41 -0.66
N ARG K 344 -20.34 24.67 -1.74
CA ARG K 344 -20.27 25.32 -3.04
C ARG K 344 -21.42 26.30 -3.10
N LEU K 345 -22.54 25.94 -2.49
CA LEU K 345 -23.73 26.79 -2.47
C LEU K 345 -23.46 28.13 -1.83
N CYS K 346 -22.87 28.09 -0.63
CA CYS K 346 -22.57 29.29 0.12
C CYS K 346 -21.50 30.15 -0.54
N THR K 347 -20.64 29.53 -1.36
CA THR K 347 -19.54 30.28 -1.95
C THR K 347 -19.42 30.50 -3.44
N SER K 348 -19.70 29.48 -4.24
CA SER K 348 -19.55 29.67 -5.69
C SER K 348 -20.69 29.21 -6.61
N THR K 349 -21.91 29.62 -6.29
CA THR K 349 -23.04 29.27 -7.11
C THR K 349 -23.04 30.21 -8.32
N THR K 350 -23.35 29.69 -9.50
CA THR K 350 -23.34 30.50 -10.72
C THR K 350 -24.73 30.90 -11.18
N GLU K 351 -24.81 31.69 -12.23
CA GLU K 351 -26.11 32.10 -12.74
C GLU K 351 -26.77 30.98 -13.53
N SER K 352 -25.95 30.12 -14.11
CA SER K 352 -26.45 28.99 -14.90
C SER K 352 -27.16 27.99 -13.99
N GLU K 353 -26.54 27.71 -12.85
CA GLU K 353 -27.09 26.78 -11.89
C GLU K 353 -28.43 27.27 -11.38
N VAL K 354 -28.51 28.55 -11.05
CA VAL K 354 -29.76 29.10 -10.53
C VAL K 354 -30.85 29.13 -11.60
N LYS K 355 -30.51 29.50 -12.83
CA LYS K 355 -31.52 29.55 -13.88
C LYS K 355 -32.25 28.22 -13.93
N ARG K 356 -31.48 27.14 -14.03
CA ARG K 356 -32.10 25.82 -14.07
C ARG K 356 -32.85 25.56 -12.77
N ALA K 357 -32.22 25.89 -11.64
CA ALA K 357 -32.83 25.67 -10.33
C ALA K 357 -34.24 26.25 -10.29
N LYS K 358 -34.37 27.47 -10.79
CA LYS K 358 -35.65 28.16 -10.87
C LYS K 358 -36.65 27.38 -11.72
N ASN K 359 -36.30 27.07 -12.96
CA ASN K 359 -37.21 26.31 -13.82
C ASN K 359 -37.63 24.98 -13.23
N HIS K 360 -36.73 24.33 -12.50
CA HIS K 360 -37.07 23.05 -11.90
C HIS K 360 -38.08 23.25 -10.78
N LEU K 361 -37.92 24.33 -10.03
CA LEU K 361 -38.83 24.65 -8.93
C LEU K 361 -40.21 24.99 -9.49
N ARG K 362 -40.24 25.88 -10.48
CA ARG K 362 -41.48 26.28 -11.11
C ARG K 362 -42.33 25.10 -11.52
N SER K 363 -41.71 24.09 -12.11
CA SER K 363 -42.44 22.92 -12.54
C SER K 363 -42.90 22.06 -11.38
N ALA K 364 -42.09 21.99 -10.32
CA ALA K 364 -42.47 21.20 -9.15
C ALA K 364 -43.64 21.90 -8.48
N MET K 365 -43.62 23.23 -8.55
CA MET K 365 -44.65 24.12 -7.97
C MET K 365 -46.01 23.94 -8.64
N VAL K 366 -46.01 23.56 -9.91
CA VAL K 366 -47.22 23.36 -10.67
C VAL K 366 -47.69 21.93 -10.49
N ALA K 367 -46.75 21.00 -10.41
CA ALA K 367 -47.11 19.61 -10.21
C ALA K 367 -47.67 19.45 -8.81
N GLN K 368 -47.53 20.51 -8.02
CA GLN K 368 -48.03 20.52 -6.65
C GLN K 368 -49.56 20.54 -6.73
N LEU K 369 -50.04 21.17 -7.78
CA LEU K 369 -51.46 21.33 -8.03
C LEU K 369 -51.97 20.48 -9.19
N ASP K 370 -51.68 19.19 -9.13
CA ASP K 370 -52.09 18.26 -10.18
C ASP K 370 -53.17 17.31 -9.66
N GLY K 371 -54.36 17.88 -9.50
CA GLY K 371 -55.51 17.14 -9.01
C GLY K 371 -56.29 18.04 -8.06
N THR K 372 -57.48 17.59 -7.66
CA THR K 372 -58.27 18.39 -6.75
C THR K 372 -57.73 18.17 -5.35
N THR K 373 -57.35 16.94 -5.02
CA THR K 373 -56.81 16.66 -3.69
C THR K 373 -55.59 17.56 -3.46
N PRO K 374 -54.63 17.56 -4.39
CA PRO K 374 -53.46 18.42 -4.21
C PRO K 374 -53.81 19.90 -4.03
N VAL K 375 -54.68 20.44 -4.91
CA VAL K 375 -55.07 21.86 -4.83
C VAL K 375 -55.76 22.18 -3.53
N CYS K 376 -56.50 21.20 -3.03
CA CYS K 376 -57.21 21.37 -1.78
C CYS K 376 -56.23 21.34 -0.61
N GLU K 377 -55.16 20.55 -0.76
CA GLU K 377 -54.13 20.42 0.25
C GLU K 377 -53.32 21.68 0.35
N THR K 378 -53.13 22.34 -0.79
CA THR K 378 -52.38 23.60 -0.88
C THR K 378 -53.16 24.68 -0.15
N ILE K 379 -54.44 24.78 -0.49
CA ILE K 379 -55.36 25.74 0.11
C ILE K 379 -55.51 25.50 1.62
N GLY K 380 -55.65 24.24 2.02
CA GLY K 380 -55.78 23.87 3.42
C GLY K 380 -54.55 24.30 4.20
N SER K 381 -53.37 23.97 3.68
CA SER K 381 -52.12 24.32 4.34
C SER K 381 -51.63 25.75 4.13
N HIS K 382 -52.19 26.47 3.16
CA HIS K 382 -51.77 27.85 2.98
C HIS K 382 -52.40 28.74 4.04
N LEU K 383 -53.72 28.64 4.21
CA LEU K 383 -54.42 29.46 5.21
C LEU K 383 -53.88 29.13 6.60
N LEU K 384 -53.87 27.83 6.91
CA LEU K 384 -53.40 27.35 8.18
C LEU K 384 -51.97 27.80 8.54
N ASN K 385 -51.07 27.89 7.55
CA ASN K 385 -49.67 28.28 7.78
C ASN K 385 -49.23 29.67 7.32
N TYR K 386 -49.39 29.98 6.03
CA TYR K 386 -48.98 31.28 5.51
C TYR K 386 -49.99 32.39 5.79
N GLY K 387 -51.12 32.03 6.38
CA GLY K 387 -52.14 33.03 6.69
C GLY K 387 -53.24 33.09 5.64
N ARG K 388 -52.87 33.42 4.40
CA ARG K 388 -53.83 33.48 3.31
C ARG K 388 -53.52 32.41 2.26
N ARG K 389 -53.80 32.70 1.00
CA ARG K 389 -53.51 31.76 -0.07
C ARG K 389 -52.48 32.43 -0.94
N ILE K 390 -51.44 31.68 -1.30
CA ILE K 390 -50.38 32.22 -2.15
C ILE K 390 -50.51 31.66 -3.56
N SER K 391 -50.83 32.55 -4.50
CA SER K 391 -51.05 32.22 -5.91
C SER K 391 -49.80 31.83 -6.66
N LEU K 392 -49.98 31.05 -7.73
CA LEU K 392 -48.84 30.63 -8.51
C LEU K 392 -48.23 31.86 -9.16
N GLU K 393 -49.06 32.79 -9.60
CA GLU K 393 -48.52 33.98 -10.21
C GLU K 393 -47.58 34.69 -9.26
N GLU K 394 -47.92 34.68 -7.97
CA GLU K 394 -47.09 35.33 -6.95
C GLU K 394 -45.81 34.51 -6.74
N TRP K 395 -46.00 33.25 -6.35
CA TRP K 395 -44.87 32.36 -6.14
C TRP K 395 -43.85 32.59 -7.24
N ASP K 396 -44.32 32.49 -8.47
CA ASP K 396 -43.45 32.68 -9.62
C ASP K 396 -42.70 33.99 -9.61
N SER K 397 -43.34 35.05 -9.17
CA SER K 397 -42.63 36.33 -9.14
C SER K 397 -41.48 36.29 -8.16
N ARG K 398 -41.72 35.67 -7.02
CA ARG K 398 -40.69 35.53 -5.98
C ARG K 398 -39.53 34.66 -6.44
N ILE K 399 -39.86 33.59 -7.17
CA ILE K 399 -38.88 32.64 -7.69
C ILE K 399 -38.03 33.27 -8.78
N SER K 400 -38.57 34.24 -9.50
CA SER K 400 -37.81 34.90 -10.55
C SER K 400 -36.84 35.91 -9.96
N ALA K 401 -37.26 36.55 -8.87
CA ALA K 401 -36.44 37.56 -8.20
C ALA K 401 -35.09 37.01 -7.73
N VAL K 402 -35.03 35.70 -7.49
CA VAL K 402 -33.80 35.07 -7.01
C VAL K 402 -32.71 34.98 -8.07
N ASP K 403 -31.47 35.02 -7.59
CA ASP K 403 -30.28 34.94 -8.44
C ASP K 403 -29.10 34.38 -7.64
N ALA K 404 -27.92 34.40 -8.26
CA ALA K 404 -26.73 33.90 -7.61
C ALA K 404 -26.52 34.53 -6.25
N ARG K 405 -26.08 35.79 -6.26
CA ARG K 405 -25.82 36.56 -5.05
C ARG K 405 -26.82 36.21 -3.95
N MET K 406 -28.10 36.14 -4.31
CA MET K 406 -29.13 35.83 -3.32
C MET K 406 -28.93 34.46 -2.69
N VAL K 407 -28.78 33.45 -3.53
CA VAL K 407 -28.58 32.09 -3.04
C VAL K 407 -27.40 31.99 -2.11
N ARG K 408 -26.28 32.56 -2.54
CA ARG K 408 -25.07 32.51 -1.74
C ARG K 408 -25.30 33.18 -0.38
N ASP K 409 -25.77 34.41 -0.42
CA ASP K 409 -26.02 35.15 0.80
C ASP K 409 -26.94 34.41 1.78
N VAL K 410 -27.96 33.74 1.26
CA VAL K 410 -28.90 33.01 2.10
C VAL K 410 -28.36 31.68 2.62
N CYS K 411 -27.75 30.88 1.74
CA CYS K 411 -27.22 29.59 2.17
C CYS K 411 -26.12 29.85 3.20
N SER K 412 -25.42 30.96 3.03
CA SER K 412 -24.33 31.32 3.94
C SER K 412 -24.96 31.66 5.26
N LYS K 413 -26.16 32.24 5.17
CA LYS K 413 -26.90 32.65 6.36
C LYS K 413 -27.29 31.47 7.25
N TYR K 414 -27.87 30.44 6.65
CA TYR K 414 -28.32 29.27 7.41
C TYR K 414 -27.39 28.06 7.45
N ILE K 415 -26.40 28.00 6.56
CA ILE K 415 -25.49 26.85 6.51
C ILE K 415 -24.06 27.07 6.99
N TYR K 416 -23.42 28.14 6.55
CA TYR K 416 -22.02 28.37 6.92
C TYR K 416 -21.67 28.45 8.42
N ASP K 417 -20.77 27.55 8.81
CA ASP K 417 -20.25 27.43 10.16
C ASP K 417 -21.27 27.09 11.21
N LYS K 418 -22.42 26.56 10.81
CA LYS K 418 -23.47 26.19 11.76
C LYS K 418 -23.19 24.82 12.33
N CYS K 419 -23.71 24.53 13.52
CA CYS K 419 -23.54 23.20 14.13
C CYS K 419 -24.78 22.44 13.69
N PRO K 420 -24.62 21.44 12.83
CA PRO K 420 -25.74 20.63 12.34
C PRO K 420 -26.18 19.49 13.24
N ALA K 421 -27.29 18.87 12.86
CA ALA K 421 -27.82 17.74 13.59
C ALA K 421 -27.66 16.55 12.69
N LEU K 422 -27.17 15.46 13.26
CA LEU K 422 -26.92 14.24 12.52
C LEU K 422 -27.65 13.03 13.07
N ALA K 423 -28.14 12.19 12.17
CA ALA K 423 -28.85 10.97 12.51
C ALA K 423 -28.34 9.86 11.61
N ALA K 424 -27.74 8.84 12.18
CA ALA K 424 -27.24 7.76 11.36
C ALA K 424 -27.84 6.46 11.84
N VAL K 425 -28.28 5.64 10.90
CA VAL K 425 -28.89 4.36 11.22
C VAL K 425 -28.30 3.28 10.32
N GLY K 426 -28.01 2.10 10.89
CA GLY K 426 -27.47 1.02 10.10
C GLY K 426 -26.02 0.74 10.39
N PRO K 427 -25.27 0.15 9.44
CA PRO K 427 -23.84 -0.20 9.55
C PRO K 427 -22.90 0.99 9.31
N ILE K 428 -23.18 2.06 10.03
CA ILE K 428 -22.49 3.34 9.92
C ILE K 428 -21.06 3.53 10.45
N GLU K 429 -20.28 2.47 10.56
CA GLU K 429 -18.92 2.64 11.07
C GLU K 429 -18.03 3.57 10.25
N GLN K 430 -18.09 3.48 8.93
CA GLN K 430 -17.23 4.32 8.10
C GLN K 430 -17.45 5.81 8.26
N LEU K 431 -18.68 6.22 8.54
CA LEU K 431 -18.95 7.65 8.75
C LEU K 431 -18.53 7.91 10.19
N LEU K 432 -17.87 9.03 10.46
CA LEU K 432 -17.52 9.23 11.85
C LEU K 432 -17.16 10.63 12.34
N ASP K 433 -17.12 10.72 13.67
CA ASP K 433 -16.82 11.91 14.44
C ASP K 433 -17.64 13.15 14.10
N TYR K 434 -18.35 13.67 15.10
CA TYR K 434 -19.14 14.88 14.89
C TYR K 434 -18.15 16.00 14.52
N ASN K 435 -17.06 16.05 15.27
CA ASN K 435 -16.02 17.05 15.07
C ASN K 435 -15.67 17.18 13.60
N ARG K 436 -15.52 16.06 12.92
CA ARG K 436 -15.18 16.12 11.51
C ARG K 436 -16.33 16.72 10.71
N ILE K 437 -17.47 16.05 10.74
CA ILE K 437 -18.65 16.53 10.03
C ILE K 437 -18.85 18.01 10.27
N ARG K 438 -18.53 18.45 11.48
CA ARG K 438 -18.67 19.85 11.87
C ARG K 438 -17.76 20.73 11.02
N SER K 439 -16.51 20.30 10.89
CA SER K 439 -15.52 21.05 10.13
C SER K 439 -15.87 21.09 8.64
N GLY K 440 -16.83 20.26 8.23
CA GLY K 440 -17.21 20.25 6.84
C GLY K 440 -18.14 21.40 6.56
N MET K 441 -18.43 22.16 7.61
CA MET K 441 -19.35 23.28 7.49
C MET K 441 -18.75 24.61 7.08
N TYR K 442 -17.46 24.61 6.71
CA TYR K 442 -16.79 25.83 6.28
C TYR K 442 -15.57 25.58 5.38
N TRP K 443 -15.35 26.51 4.44
CA TRP K 443 -14.27 26.49 3.45
C TRP K 443 -14.54 25.51 2.28
N ILE K 444 -14.98 26.05 1.14
CA ILE K 444 -15.28 25.22 -0.02
C ILE K 444 -14.02 24.83 -0.77
N CYS L 20 -59.27 37.23 -21.77
CA CYS L 20 -58.31 36.15 -21.37
C CYS L 20 -58.92 34.73 -21.47
N PRO L 21 -58.06 33.70 -21.65
CA PRO L 21 -58.36 32.26 -21.78
C PRO L 21 -59.69 31.70 -21.23
N GLY L 22 -60.24 30.71 -21.95
CA GLY L 22 -61.49 30.08 -21.55
C GLY L 22 -61.62 28.59 -21.86
N ALA L 23 -62.44 28.27 -22.87
CA ALA L 23 -62.68 26.88 -23.28
C ALA L 23 -62.47 26.58 -24.78
N GLU L 24 -61.62 25.58 -25.04
CA GLU L 24 -61.28 25.11 -26.39
C GLU L 24 -62.08 23.86 -26.76
N ASP L 25 -61.55 23.10 -27.71
CA ASP L 25 -62.17 21.87 -28.21
C ASP L 25 -61.13 20.75 -28.40
N LEU L 26 -61.43 19.54 -27.94
CA LEU L 26 -60.50 18.42 -28.13
C LEU L 26 -60.49 18.02 -29.61
N GLU L 27 -59.64 18.68 -30.38
CA GLU L 27 -59.52 18.39 -31.81
C GLU L 27 -58.77 17.07 -31.99
N ILE L 28 -58.77 16.53 -33.20
CA ILE L 28 -58.08 15.25 -33.43
C ILE L 28 -57.94 14.85 -34.91
N THR L 29 -56.90 15.38 -35.57
CA THR L 29 -56.61 15.10 -36.98
C THR L 29 -56.10 13.64 -37.16
N LYS L 30 -55.71 13.27 -38.39
CA LYS L 30 -55.17 11.94 -38.74
C LYS L 30 -54.60 11.97 -40.18
N LEU L 31 -53.35 12.41 -40.32
CA LEU L 31 -52.65 12.51 -41.60
C LEU L 31 -52.81 11.27 -42.49
N PRO L 32 -52.42 11.38 -43.79
CA PRO L 32 -52.52 10.27 -44.75
C PRO L 32 -51.85 8.95 -44.36
N ASN L 33 -50.71 9.03 -43.66
CA ASN L 33 -49.98 7.83 -43.26
C ASN L 33 -50.52 6.99 -42.08
N GLY L 34 -51.59 7.46 -41.43
CA GLY L 34 -52.18 6.74 -40.31
C GLY L 34 -51.74 7.22 -38.94
N LEU L 35 -51.06 8.36 -38.92
CA LEU L 35 -50.57 8.95 -37.68
C LEU L 35 -51.66 9.85 -37.12
N ILE L 36 -52.08 9.57 -35.89
CA ILE L 36 -53.13 10.33 -35.22
C ILE L 36 -52.55 11.50 -34.42
N ILE L 37 -53.28 12.62 -34.40
CA ILE L 37 -52.87 13.80 -33.66
C ILE L 37 -54.05 14.29 -32.81
N ALA L 38 -54.00 14.06 -31.50
CA ALA L 38 -55.07 14.47 -30.61
C ALA L 38 -54.59 15.51 -29.61
N SER L 39 -55.04 16.76 -29.75
CA SER L 39 -54.63 17.85 -28.84
C SER L 39 -55.77 18.29 -27.92
N LEU L 40 -55.53 19.32 -27.13
CA LEU L 40 -56.53 19.87 -26.20
C LEU L 40 -55.96 20.99 -25.36
N GLU L 41 -56.30 22.23 -25.72
CA GLU L 41 -55.82 23.39 -24.98
C GLU L 41 -56.69 23.60 -23.73
N ASN L 42 -56.11 23.40 -22.54
CA ASN L 42 -56.85 23.58 -21.28
C ASN L 42 -56.21 24.70 -20.47
N PHE L 43 -55.33 25.44 -21.13
CA PHE L 43 -54.63 26.58 -20.57
C PHE L 43 -53.87 26.40 -19.26
N SER L 44 -53.51 25.16 -18.92
CA SER L 44 -52.74 24.94 -17.70
C SER L 44 -51.38 25.61 -17.98
N PRO L 45 -50.67 26.02 -16.92
CA PRO L 45 -49.36 26.66 -17.08
C PRO L 45 -48.28 25.66 -17.52
N ALA L 46 -48.71 24.41 -17.70
CA ALA L 46 -47.79 23.36 -18.09
C ALA L 46 -48.38 22.44 -19.16
N SER L 47 -47.54 22.05 -20.12
CA SER L 47 -47.92 21.17 -21.19
C SER L 47 -47.40 19.77 -20.91
N ARG L 48 -47.92 18.79 -21.64
CA ARG L 48 -47.49 17.41 -21.49
C ARG L 48 -47.75 16.64 -22.78
N ILE L 49 -46.74 16.62 -23.65
CA ILE L 49 -46.83 15.93 -24.93
C ILE L 49 -46.46 14.45 -24.75
N GLY L 50 -47.04 13.60 -25.60
CA GLY L 50 -46.76 12.19 -25.50
C GLY L 50 -47.01 11.35 -26.73
N VAL L 51 -46.05 10.48 -27.05
CA VAL L 51 -46.15 9.58 -28.19
C VAL L 51 -46.57 8.20 -27.70
N PHE L 52 -47.77 7.78 -28.11
CA PHE L 52 -48.30 6.47 -27.73
C PHE L 52 -48.07 5.54 -28.89
N ILE L 53 -47.61 4.34 -28.59
CA ILE L 53 -47.30 3.39 -29.64
C ILE L 53 -47.84 2.01 -29.37
N LYS L 54 -48.14 1.28 -30.44
CA LYS L 54 -48.63 -0.08 -30.32
C LYS L 54 -47.45 -1.05 -30.36
N ALA L 55 -46.54 -0.92 -29.40
CA ALA L 55 -45.39 -1.79 -29.33
C ALA L 55 -45.49 -2.46 -27.97
N GLY L 56 -44.57 -3.35 -27.60
CA GLY L 56 -44.68 -3.95 -26.29
C GLY L 56 -44.13 -5.35 -26.22
N SER L 57 -43.93 -5.84 -25.00
CA SER L 57 -43.37 -7.17 -24.79
C SER L 57 -44.12 -8.34 -25.43
N ARG L 58 -45.22 -8.09 -26.13
CA ARG L 58 -45.94 -9.20 -26.74
C ARG L 58 -45.53 -9.40 -28.19
N TYR L 59 -44.76 -8.46 -28.73
CA TYR L 59 -44.28 -8.58 -30.09
C TYR L 59 -42.91 -9.22 -30.04
N GLU L 60 -42.53 -9.62 -28.85
CA GLU L 60 -41.24 -10.27 -28.65
C GLU L 60 -41.46 -11.73 -29.00
N THR L 61 -40.36 -12.43 -29.23
CA THR L 61 -40.39 -13.85 -29.53
C THR L 61 -39.43 -14.48 -28.54
N THR L 62 -39.41 -15.80 -28.50
CA THR L 62 -38.51 -16.48 -27.59
C THR L 62 -37.08 -16.04 -27.92
N ALA L 63 -36.91 -15.61 -29.17
CA ALA L 63 -35.61 -15.18 -29.68
C ALA L 63 -35.14 -13.80 -29.23
N ASN L 64 -36.04 -12.83 -29.13
CA ASN L 64 -35.64 -11.48 -28.72
C ASN L 64 -36.20 -10.97 -27.39
N LEU L 65 -36.66 -11.89 -26.56
CA LEU L 65 -37.21 -11.55 -25.25
C LEU L 65 -36.47 -10.38 -24.60
N GLY L 66 -37.18 -9.65 -23.75
CA GLY L 66 -36.63 -8.52 -23.05
C GLY L 66 -36.18 -7.35 -23.90
N THR L 67 -36.21 -7.49 -25.21
CA THR L 67 -35.78 -6.39 -26.06
C THR L 67 -36.74 -5.19 -25.94
N ALA L 68 -37.93 -5.45 -25.41
CA ALA L 68 -38.89 -4.38 -25.24
C ALA L 68 -38.51 -3.62 -23.97
N HIS L 69 -38.21 -4.39 -22.92
CA HIS L 69 -37.80 -3.85 -21.61
C HIS L 69 -36.61 -2.89 -21.76
N LEU L 70 -35.54 -3.38 -22.38
CA LEU L 70 -34.35 -2.57 -22.60
C LEU L 70 -34.66 -1.32 -23.43
N LEU L 71 -35.52 -1.45 -24.42
CA LEU L 71 -35.87 -0.31 -25.26
C LEU L 71 -36.45 0.80 -24.38
N ARG L 72 -37.05 0.39 -23.27
CA ARG L 72 -37.65 1.32 -22.35
C ARG L 72 -36.59 2.10 -21.55
N LEU L 73 -35.48 1.45 -21.23
CA LEU L 73 -34.44 2.11 -20.46
C LEU L 73 -33.52 2.90 -21.39
N ALA L 74 -33.49 2.48 -22.66
CA ALA L 74 -32.63 3.11 -23.66
C ALA L 74 -33.11 4.47 -24.15
N SER L 75 -34.08 5.02 -23.44
CA SER L 75 -34.64 6.31 -23.80
C SER L 75 -33.63 7.48 -23.71
N PRO L 76 -32.64 7.40 -22.80
CA PRO L 76 -31.69 8.50 -22.71
C PRO L 76 -30.44 8.39 -23.59
N LEU L 77 -30.40 7.39 -24.48
CA LEU L 77 -29.24 7.19 -25.37
C LEU L 77 -29.21 8.13 -26.59
N THR L 78 -27.99 8.38 -27.08
CA THR L 78 -27.78 9.27 -28.23
C THR L 78 -28.65 8.89 -29.40
N THR L 79 -29.16 9.91 -30.08
CA THR L 79 -30.02 9.75 -31.23
C THR L 79 -29.32 10.49 -32.38
N LYS L 80 -29.79 10.27 -33.60
CA LYS L 80 -29.18 10.92 -34.77
C LYS L 80 -29.11 12.44 -34.67
N GLY L 81 -29.94 13.04 -33.82
CA GLY L 81 -29.93 14.47 -33.72
C GLY L 81 -29.45 15.07 -32.41
N ALA L 82 -29.56 14.31 -31.33
CA ALA L 82 -29.14 14.83 -30.04
C ALA L 82 -28.29 13.82 -29.31
N SER L 83 -27.37 14.29 -28.48
CA SER L 83 -26.51 13.36 -27.77
C SER L 83 -26.96 12.97 -26.37
N SER L 84 -26.64 11.73 -25.99
CA SER L 84 -26.92 11.17 -24.68
C SER L 84 -26.79 12.28 -23.65
N PHE L 85 -25.69 13.02 -23.74
CA PHE L 85 -25.41 14.13 -22.84
C PHE L 85 -26.43 15.26 -23.02
N ARG L 86 -26.51 15.80 -24.22
CA ARG L 86 -27.41 16.93 -24.46
C ARG L 86 -28.91 16.68 -24.28
N ILE L 87 -29.33 15.42 -24.27
CA ILE L 87 -30.75 15.13 -24.09
C ILE L 87 -31.06 15.33 -22.62
N THR L 88 -30.22 14.82 -21.75
CA THR L 88 -30.44 14.98 -20.33
C THR L 88 -30.24 16.43 -19.92
N ARG L 89 -29.09 17.00 -20.27
CA ARG L 89 -28.81 18.40 -19.93
C ARG L 89 -29.76 19.36 -20.62
N GLY L 90 -30.27 18.97 -21.78
CA GLY L 90 -31.18 19.84 -22.49
C GLY L 90 -32.54 19.93 -21.84
N ILE L 91 -33.03 18.78 -21.39
CA ILE L 91 -34.33 18.69 -20.73
C ILE L 91 -34.23 19.24 -19.31
N GLU L 92 -33.14 18.93 -18.63
CA GLU L 92 -32.94 19.43 -17.28
C GLU L 92 -32.90 20.96 -17.27
N ALA L 93 -32.34 21.54 -18.32
CA ALA L 93 -32.19 22.98 -18.41
C ALA L 93 -33.47 23.79 -18.32
N VAL L 94 -34.60 23.18 -18.63
CA VAL L 94 -35.88 23.87 -18.59
C VAL L 94 -36.84 23.25 -17.60
N GLY L 95 -36.29 22.61 -16.57
CA GLY L 95 -37.11 21.97 -15.57
C GLY L 95 -38.07 21.02 -16.24
N GLY L 96 -37.59 20.34 -17.29
CA GLY L 96 -38.44 19.41 -18.01
C GLY L 96 -38.28 17.99 -17.50
N SER L 97 -38.98 17.06 -18.13
CA SER L 97 -38.87 15.66 -17.73
C SER L 97 -39.26 14.75 -18.88
N LEU L 98 -38.60 13.60 -18.94
CA LEU L 98 -38.86 12.57 -19.95
C LEU L 98 -39.21 11.31 -19.18
N SER L 99 -40.11 10.51 -19.74
CA SER L 99 -40.53 9.28 -19.06
C SER L 99 -41.09 8.28 -20.06
N VAL L 100 -40.97 6.99 -19.77
CA VAL L 100 -41.48 5.97 -20.67
C VAL L 100 -42.25 4.91 -19.89
N TYR L 101 -43.57 4.85 -20.10
CA TYR L 101 -44.39 3.86 -19.40
C TYR L 101 -44.80 2.84 -20.45
N SER L 102 -44.90 1.57 -20.07
CA SER L 102 -45.32 0.55 -21.04
C SER L 102 -46.03 -0.64 -20.43
N THR L 103 -46.94 -1.22 -21.22
CA THR L 103 -47.73 -2.39 -20.82
C THR L 103 -47.37 -3.50 -21.82
N ARG L 104 -47.81 -4.74 -21.57
CA ARG L 104 -47.47 -5.80 -22.50
C ARG L 104 -47.80 -5.45 -23.96
N GLU L 105 -48.53 -4.36 -24.18
CA GLU L 105 -48.88 -4.02 -25.55
C GLU L 105 -49.04 -2.52 -25.81
N LYS L 106 -48.31 -1.70 -25.07
CA LYS L 106 -48.47 -0.27 -25.27
C LYS L 106 -47.37 0.58 -24.63
N MET L 107 -46.55 1.24 -25.45
CA MET L 107 -45.48 2.10 -24.94
C MET L 107 -45.88 3.57 -25.05
N THR L 108 -45.54 4.35 -24.03
CA THR L 108 -45.90 5.75 -24.01
C THR L 108 -44.73 6.68 -23.66
N TYR L 109 -44.02 7.17 -24.67
CA TYR L 109 -42.89 8.08 -24.45
C TYR L 109 -43.54 9.44 -24.29
N CYS L 110 -43.15 10.20 -23.25
CA CYS L 110 -43.73 11.53 -23.05
C CYS L 110 -42.91 12.50 -22.19
N VAL L 111 -42.88 13.75 -22.63
CA VAL L 111 -42.19 14.81 -21.91
C VAL L 111 -43.23 15.60 -21.11
N GLU L 112 -42.80 16.70 -20.49
CA GLU L 112 -43.69 17.53 -19.68
C GLU L 112 -42.90 18.72 -19.16
N CYS L 113 -43.21 19.90 -19.67
CA CYS L 113 -42.49 21.10 -19.28
C CYS L 113 -43.42 22.28 -19.11
N LEU L 114 -42.84 23.44 -18.83
CA LEU L 114 -43.63 24.66 -18.68
C LEU L 114 -43.96 25.11 -20.10
N ARG L 115 -45.14 25.68 -20.28
CA ARG L 115 -45.61 26.12 -21.59
C ARG L 115 -44.61 26.73 -22.55
N ASP L 116 -43.71 27.58 -22.06
CA ASP L 116 -42.75 28.24 -22.93
C ASP L 116 -41.65 27.36 -23.50
N HIS L 117 -41.56 26.13 -23.03
CA HIS L 117 -40.49 25.25 -23.48
C HIS L 117 -40.94 24.01 -24.25
N VAL L 118 -42.15 24.02 -24.76
CA VAL L 118 -42.65 22.87 -25.50
C VAL L 118 -41.74 22.53 -26.69
N ASP L 119 -41.25 23.57 -27.37
CA ASP L 119 -40.37 23.38 -28.53
C ASP L 119 -39.10 22.67 -28.14
N THR L 120 -38.49 23.17 -27.08
CA THR L 120 -37.24 22.62 -26.57
C THR L 120 -37.42 21.13 -26.25
N VAL L 121 -38.30 20.83 -25.32
CA VAL L 121 -38.50 19.43 -24.93
C VAL L 121 -39.04 18.56 -26.04
N MET L 122 -39.50 19.16 -27.12
CA MET L 122 -40.03 18.38 -28.23
C MET L 122 -38.93 17.68 -29.01
N GLU L 123 -37.96 18.48 -29.48
CA GLU L 123 -36.85 17.95 -30.26
C GLU L 123 -36.36 16.62 -29.72
N TYR L 124 -36.08 16.57 -28.43
CA TYR L 124 -35.60 15.35 -27.85
C TYR L 124 -36.66 14.24 -27.92
N LEU L 125 -37.93 14.57 -27.64
CA LEU L 125 -38.99 13.54 -27.70
C LEU L 125 -39.06 12.95 -29.10
N LEU L 126 -38.96 13.81 -30.11
CA LEU L 126 -39.00 13.40 -31.51
C LEU L 126 -37.75 12.57 -31.80
N ASN L 127 -36.58 13.09 -31.41
CA ASN L 127 -35.31 12.40 -31.63
C ASN L 127 -35.21 11.05 -30.94
N VAL L 128 -35.75 10.94 -29.74
CA VAL L 128 -35.70 9.68 -29.00
C VAL L 128 -36.57 8.55 -29.58
N THR L 129 -37.76 8.88 -30.02
CA THR L 129 -38.70 7.89 -30.56
C THR L 129 -38.53 7.53 -32.03
N THR L 130 -38.00 8.46 -32.81
CA THR L 130 -37.83 8.24 -34.24
C THR L 130 -36.39 8.05 -34.73
N ALA L 131 -35.40 8.70 -34.12
CA ALA L 131 -34.01 8.60 -34.56
C ALA L 131 -33.00 8.01 -33.57
N PRO L 132 -33.30 6.85 -32.97
CA PRO L 132 -32.36 6.26 -32.01
C PRO L 132 -31.21 5.62 -32.77
N GLU L 133 -30.02 5.62 -32.15
CA GLU L 133 -28.84 5.00 -32.76
C GLU L 133 -28.44 3.68 -32.12
N PHE L 134 -28.71 3.56 -30.84
CA PHE L 134 -28.39 2.33 -30.13
C PHE L 134 -26.97 1.92 -30.51
N ARG L 135 -26.03 2.74 -30.07
CA ARG L 135 -24.62 2.50 -30.30
C ARG L 135 -24.16 1.34 -29.44
N PRO L 136 -23.58 0.33 -30.06
CA PRO L 136 -23.07 -0.88 -29.40
C PRO L 136 -22.55 -0.68 -28.00
N TRP L 137 -21.66 0.30 -27.82
CA TRP L 137 -21.09 0.53 -26.49
C TRP L 137 -22.17 1.06 -25.52
N GLU L 138 -22.79 2.20 -25.84
CA GLU L 138 -23.82 2.72 -24.94
C GLU L 138 -24.72 1.58 -24.54
N VAL L 139 -25.28 0.91 -25.54
CA VAL L 139 -26.15 -0.23 -25.31
C VAL L 139 -25.62 -1.27 -24.32
N THR L 140 -24.41 -1.77 -24.52
CA THR L 140 -23.89 -2.79 -23.62
C THR L 140 -23.46 -2.27 -22.25
N ASP L 141 -23.33 -0.95 -22.10
CA ASP L 141 -22.94 -0.37 -20.81
C ASP L 141 -24.22 -0.17 -20.02
N LEU L 142 -25.34 -0.24 -20.72
CA LEU L 142 -26.66 -0.04 -20.14
C LEU L 142 -27.34 -1.33 -19.69
N GLN L 143 -27.03 -2.42 -20.35
CA GLN L 143 -27.64 -3.70 -20.03
C GLN L 143 -27.49 -4.18 -18.60
N PRO L 144 -26.59 -3.58 -17.84
CA PRO L 144 -26.56 -4.15 -16.48
C PRO L 144 -27.66 -3.53 -15.63
N GLN L 145 -28.28 -2.49 -16.16
CA GLN L 145 -29.36 -1.79 -15.47
C GLN L 145 -30.61 -2.67 -15.41
N LEU L 146 -30.81 -3.52 -16.42
CA LEU L 146 -31.97 -4.40 -16.41
C LEU L 146 -31.89 -5.23 -15.14
N LYS L 147 -30.67 -5.55 -14.72
CA LYS L 147 -30.46 -6.32 -13.51
C LYS L 147 -31.06 -5.57 -12.32
N VAL L 148 -30.80 -4.26 -12.25
CA VAL L 148 -31.29 -3.40 -11.16
C VAL L 148 -32.78 -3.09 -11.26
N ASP L 149 -33.15 -2.36 -12.30
CA ASP L 149 -34.54 -1.97 -12.52
C ASP L 149 -35.51 -3.10 -12.18
N LYS L 150 -35.16 -4.31 -12.59
CA LYS L 150 -36.00 -5.47 -12.34
C LYS L 150 -35.98 -5.94 -10.88
N ALA L 151 -34.93 -5.61 -10.14
CA ALA L 151 -34.81 -6.02 -8.74
C ALA L 151 -35.61 -5.11 -7.80
N VAL L 152 -35.68 -3.84 -8.15
CA VAL L 152 -36.42 -2.91 -7.33
C VAL L 152 -37.91 -3.17 -7.49
N ALA L 153 -38.35 -3.25 -8.74
CA ALA L 153 -39.76 -3.49 -9.06
C ALA L 153 -40.23 -4.79 -8.41
N PHE L 154 -39.42 -5.83 -8.53
CA PHE L 154 -39.75 -7.14 -7.96
C PHE L 154 -39.70 -7.18 -6.44
N GLN L 155 -39.75 -6.03 -5.80
CA GLN L 155 -39.74 -5.96 -4.34
C GLN L 155 -41.18 -6.13 -3.85
N SER L 156 -42.10 -5.80 -4.73
CA SER L 156 -43.53 -5.89 -4.47
C SER L 156 -43.95 -7.28 -4.96
N PRO L 157 -44.22 -8.22 -4.03
CA PRO L 157 -44.62 -9.55 -4.49
C PRO L 157 -45.78 -9.41 -5.45
N GLN L 158 -46.49 -8.29 -5.29
CA GLN L 158 -47.63 -7.93 -6.14
C GLN L 158 -47.25 -8.13 -7.64
N VAL L 159 -46.07 -7.66 -8.06
CA VAL L 159 -45.59 -7.79 -9.47
C VAL L 159 -44.94 -9.15 -9.77
N GLY L 160 -44.76 -9.96 -8.72
CA GLY L 160 -44.17 -11.27 -8.91
C GLY L 160 -45.20 -12.29 -9.35
N VAL L 161 -46.40 -12.20 -8.81
CA VAL L 161 -47.46 -13.14 -9.18
C VAL L 161 -48.13 -12.74 -10.48
N LEU L 162 -48.06 -11.46 -10.85
CA LEU L 162 -48.65 -11.05 -12.11
C LEU L 162 -47.84 -11.61 -13.31
N GLU L 163 -46.51 -11.63 -13.18
CA GLU L 163 -45.64 -12.17 -14.24
C GLU L 163 -46.06 -13.58 -14.50
N ASN L 164 -46.03 -14.38 -13.44
CA ASN L 164 -46.40 -15.80 -13.48
C ASN L 164 -47.85 -16.03 -13.88
N LEU L 165 -48.71 -15.07 -13.55
CA LEU L 165 -50.10 -15.22 -13.92
C LEU L 165 -50.09 -15.26 -15.44
N HIS L 166 -49.92 -14.08 -16.06
CA HIS L 166 -49.89 -13.98 -17.51
C HIS L 166 -49.18 -15.16 -18.20
N ALA L 167 -48.24 -15.79 -17.49
CA ALA L 167 -47.50 -16.92 -18.04
C ALA L 167 -48.39 -18.14 -18.06
N ALA L 168 -49.11 -18.35 -16.96
CA ALA L 168 -50.02 -19.47 -16.85
C ALA L 168 -51.28 -19.22 -17.68
N ALA L 169 -51.74 -17.98 -17.69
CA ALA L 169 -52.95 -17.62 -18.42
C ALA L 169 -52.81 -17.71 -19.92
N TYR L 170 -51.60 -17.72 -20.45
CA TYR L 170 -51.42 -17.79 -21.90
C TYR L 170 -50.35 -18.75 -22.43
N LYS L 171 -50.28 -18.85 -23.75
CA LYS L 171 -49.30 -19.71 -24.38
C LYS L 171 -48.34 -18.84 -25.19
N THR L 172 -48.76 -17.61 -25.49
CA THR L 172 -47.96 -16.70 -26.30
C THR L 172 -48.29 -15.21 -26.07
N ALA L 173 -47.74 -14.34 -26.92
CA ALA L 173 -47.94 -12.87 -26.90
C ALA L 173 -48.05 -12.20 -25.54
N LEU L 174 -49.23 -12.31 -24.93
CA LEU L 174 -49.43 -11.74 -23.62
C LEU L 174 -48.72 -12.57 -22.55
N ALA L 175 -48.25 -13.76 -22.90
CA ALA L 175 -47.58 -14.60 -21.92
C ALA L 175 -46.15 -14.12 -21.70
N ASN L 176 -45.70 -13.23 -22.58
CA ASN L 176 -44.35 -12.67 -22.48
C ASN L 176 -44.18 -11.74 -21.28
N PRO L 177 -43.15 -11.99 -20.45
CA PRO L 177 -42.87 -11.19 -19.25
C PRO L 177 -42.71 -9.70 -19.59
N LEU L 178 -43.03 -8.84 -18.63
CA LEU L 178 -42.95 -7.39 -18.81
C LEU L 178 -41.56 -6.88 -18.48
N TYR L 179 -40.84 -7.69 -17.71
CA TYR L 179 -39.48 -7.40 -17.32
C TYR L 179 -38.59 -8.52 -17.89
N CYS L 180 -37.57 -8.09 -18.65
CA CYS L 180 -36.61 -9.00 -19.27
C CYS L 180 -36.16 -10.16 -18.37
N PRO L 181 -36.35 -11.41 -18.82
CA PRO L 181 -35.94 -12.57 -18.01
C PRO L 181 -34.43 -12.51 -17.80
N ASP L 182 -33.95 -13.17 -16.76
CA ASP L 182 -32.54 -13.14 -16.44
C ASP L 182 -31.55 -13.65 -17.48
N TYR L 183 -31.71 -14.89 -17.90
CA TYR L 183 -30.79 -15.47 -18.88
C TYR L 183 -30.54 -14.55 -20.06
N ARG L 184 -31.46 -13.63 -20.34
CA ARG L 184 -31.27 -12.73 -21.47
C ARG L 184 -30.64 -11.37 -21.14
N ILE L 185 -30.22 -11.19 -19.89
CA ILE L 185 -29.59 -9.95 -19.49
C ILE L 185 -28.19 -9.95 -20.09
N GLY L 186 -27.90 -8.90 -20.84
CA GLY L 186 -26.59 -8.79 -21.46
C GLY L 186 -26.42 -9.54 -22.76
N LYS L 187 -27.51 -10.10 -23.31
CA LYS L 187 -27.45 -10.83 -24.57
C LYS L 187 -28.29 -10.17 -25.68
N ILE L 188 -28.79 -8.97 -25.38
CA ILE L 188 -29.58 -8.20 -26.34
C ILE L 188 -28.62 -7.42 -27.20
N THR L 189 -28.95 -7.22 -28.47
CA THR L 189 -28.07 -6.50 -29.37
C THR L 189 -28.66 -5.20 -29.88
N SER L 190 -27.85 -4.39 -30.56
CA SER L 190 -28.34 -3.14 -31.11
C SER L 190 -29.27 -3.45 -32.24
N GLU L 191 -29.06 -4.60 -32.86
CA GLU L 191 -29.90 -5.01 -33.96
C GLU L 191 -31.30 -5.25 -33.41
N GLN L 192 -31.41 -6.17 -32.44
CA GLN L 192 -32.68 -6.48 -31.83
C GLN L 192 -33.41 -5.20 -31.42
N LEU L 193 -32.65 -4.21 -30.96
CA LEU L 193 -33.26 -2.94 -30.61
C LEU L 193 -33.76 -2.30 -31.89
N HIS L 194 -32.87 -2.10 -32.84
CA HIS L 194 -33.27 -1.50 -34.11
C HIS L 194 -34.44 -2.21 -34.78
N HIS L 195 -34.30 -3.50 -35.03
CA HIS L 195 -35.36 -4.25 -35.71
C HIS L 195 -36.69 -4.17 -34.96
N PHE L 196 -36.65 -4.08 -33.65
CA PHE L 196 -37.88 -3.98 -32.88
C PHE L 196 -38.54 -2.60 -33.09
N VAL L 197 -37.72 -1.58 -33.32
CA VAL L 197 -38.20 -0.23 -33.53
C VAL L 197 -38.64 0.01 -34.95
N GLN L 198 -37.97 -0.63 -35.90
CA GLN L 198 -38.30 -0.44 -37.29
C GLN L 198 -39.61 -1.13 -37.60
N ASN L 199 -39.84 -2.27 -36.95
CA ASN L 199 -41.04 -3.06 -37.18
C ASN L 199 -42.19 -2.86 -36.20
N ASN L 200 -42.20 -1.74 -35.49
CA ASN L 200 -43.28 -1.52 -34.55
C ASN L 200 -43.64 -0.06 -34.37
N PHE L 201 -42.63 0.80 -34.39
CA PHE L 201 -42.87 2.24 -34.25
C PHE L 201 -43.12 2.76 -35.66
N THR L 202 -44.21 2.29 -36.25
CA THR L 202 -44.63 2.68 -37.59
C THR L 202 -45.77 3.68 -37.46
N SER L 203 -45.70 4.77 -38.22
CA SER L 203 -46.73 5.83 -38.17
C SER L 203 -48.20 5.41 -38.04
N ALA L 204 -48.54 4.21 -38.50
CA ALA L 204 -49.93 3.74 -38.43
C ALA L 204 -50.31 3.27 -37.02
N ARG L 205 -49.28 2.93 -36.22
CA ARG L 205 -49.47 2.46 -34.85
C ARG L 205 -49.11 3.57 -33.85
N MET L 206 -48.81 4.75 -34.35
CA MET L 206 -48.43 5.87 -33.50
C MET L 206 -49.43 7.01 -33.44
N ALA L 207 -49.61 7.55 -32.23
CA ALA L 207 -50.49 8.68 -31.98
C ALA L 207 -49.72 9.70 -31.15
N LEU L 208 -49.66 10.94 -31.64
CA LEU L 208 -48.95 12.01 -30.95
C LEU L 208 -49.96 12.93 -30.21
N VAL L 209 -50.35 12.53 -29.00
CA VAL L 209 -51.31 13.29 -28.21
C VAL L 209 -50.72 14.60 -27.67
N GLY L 210 -51.32 15.18 -26.64
CA GLY L 210 -50.83 16.44 -26.07
C GLY L 210 -51.87 17.29 -25.33
N ILE L 211 -51.44 17.92 -24.24
CA ILE L 211 -52.30 18.76 -23.42
C ILE L 211 -51.62 20.12 -23.20
N GLY L 212 -52.41 21.16 -23.01
CA GLY L 212 -51.82 22.47 -22.82
C GLY L 212 -51.19 22.96 -24.10
N VAL L 213 -51.65 22.43 -25.23
CA VAL L 213 -51.13 22.82 -26.55
C VAL L 213 -52.23 23.06 -27.59
N LYS L 214 -51.96 23.97 -28.52
CA LYS L 214 -52.94 24.27 -29.57
C LYS L 214 -52.72 23.30 -30.72
N HIS L 215 -53.81 22.73 -31.21
CA HIS L 215 -53.74 21.73 -32.26
C HIS L 215 -52.94 22.05 -33.49
N SER L 216 -53.00 23.29 -33.95
CA SER L 216 -52.26 23.69 -35.15
C SER L 216 -50.74 23.49 -35.03
N ASP L 217 -50.24 23.48 -33.79
CA ASP L 217 -48.80 23.30 -33.54
C ASP L 217 -48.48 21.81 -33.36
N LEU L 218 -49.05 21.19 -32.34
CA LEU L 218 -48.83 19.79 -32.09
C LEU L 218 -48.91 19.06 -33.40
N LYS L 219 -49.78 19.54 -34.29
CA LYS L 219 -49.94 18.92 -35.60
C LYS L 219 -48.75 19.24 -36.49
N GLN L 220 -48.50 20.52 -36.74
CA GLN L 220 -47.37 20.91 -37.59
C GLN L 220 -46.09 20.13 -37.26
N VAL L 221 -45.86 19.87 -35.98
CA VAL L 221 -44.67 19.13 -35.58
C VAL L 221 -44.76 17.66 -36.06
N ALA L 222 -45.79 16.95 -35.62
CA ALA L 222 -45.98 15.55 -36.01
C ALA L 222 -45.77 15.28 -37.48
N GLU L 223 -46.31 16.16 -38.31
CA GLU L 223 -46.20 16.03 -39.75
C GLU L 223 -44.81 16.41 -40.23
N GLN L 224 -44.54 17.71 -40.21
CA GLN L 224 -43.27 18.27 -40.66
C GLN L 224 -42.02 17.64 -40.05
N PHE L 225 -42.14 17.03 -38.88
CA PHE L 225 -40.97 16.41 -38.24
C PHE L 225 -41.02 14.88 -38.21
N LEU L 226 -42.10 14.29 -37.70
CA LEU L 226 -42.19 12.83 -37.61
C LEU L 226 -42.06 12.12 -38.95
N ASN L 227 -41.55 10.89 -38.89
CA ASN L 227 -41.29 10.07 -40.07
C ASN L 227 -41.39 8.55 -39.83
N ILE L 228 -40.26 7.86 -39.97
CA ILE L 228 -40.16 6.40 -39.84
C ILE L 228 -41.17 5.70 -40.76
N ARG L 229 -41.07 4.38 -40.79
CA ARG L 229 -41.95 3.56 -41.61
C ARG L 229 -43.41 3.71 -41.18
N SER L 230 -44.33 3.31 -42.08
CA SER L 230 -45.77 3.33 -41.84
C SER L 230 -46.34 1.93 -42.08
N GLY L 231 -47.59 1.70 -41.68
CA GLY L 231 -48.18 0.40 -41.88
C GLY L 231 -47.79 -0.63 -40.84
N ALA L 232 -48.81 -1.30 -40.31
CA ALA L 232 -48.72 -2.32 -39.28
C ALA L 232 -47.35 -2.94 -38.98
N GLY L 233 -46.55 -3.18 -40.01
CA GLY L 233 -45.25 -3.80 -39.79
C GLY L 233 -45.54 -5.19 -39.27
N THR L 234 -44.78 -5.65 -38.28
CA THR L 234 -45.00 -6.98 -37.71
C THR L 234 -46.26 -6.94 -36.85
N SER L 235 -47.03 -8.03 -36.86
CA SER L 235 -48.25 -8.11 -36.06
C SER L 235 -48.17 -9.20 -34.99
N SER L 236 -48.70 -8.89 -33.80
CA SER L 236 -48.68 -9.82 -32.69
C SER L 236 -49.48 -11.09 -32.96
N ALA L 237 -48.89 -12.22 -32.60
CA ALA L 237 -49.54 -13.52 -32.78
C ALA L 237 -50.65 -13.69 -31.74
N LYS L 238 -51.90 -13.55 -32.19
CA LYS L 238 -53.09 -13.69 -31.33
C LYS L 238 -52.85 -14.57 -30.11
N ALA L 239 -53.19 -14.04 -28.94
CA ALA L 239 -52.97 -14.75 -27.68
C ALA L 239 -53.86 -15.95 -27.43
N THR L 240 -53.28 -17.14 -27.52
CA THR L 240 -54.01 -18.37 -27.27
C THR L 240 -54.18 -18.40 -25.77
N TYR L 241 -55.20 -19.09 -25.28
CA TYR L 241 -55.40 -19.19 -23.84
C TYR L 241 -54.86 -20.55 -23.36
N TRP L 242 -54.29 -20.57 -22.16
CA TRP L 242 -53.73 -21.80 -21.64
C TRP L 242 -54.46 -22.34 -20.41
N GLY L 243 -54.51 -21.56 -19.34
CA GLY L 243 -55.15 -22.02 -18.12
C GLY L 243 -54.12 -22.81 -17.33
N GLY L 244 -53.04 -22.13 -16.93
CA GLY L 244 -51.97 -22.79 -16.22
C GLY L 244 -52.02 -22.64 -14.73
N GLU L 245 -50.96 -23.11 -14.09
CA GLU L 245 -50.84 -23.09 -12.64
C GLU L 245 -49.37 -23.01 -12.21
N ILE L 246 -48.92 -21.80 -11.89
CA ILE L 246 -47.54 -21.56 -11.47
C ILE L 246 -47.48 -21.24 -9.97
N ARG L 247 -46.86 -22.12 -9.20
CA ARG L 247 -46.74 -21.90 -7.76
C ARG L 247 -45.29 -21.64 -7.40
N GLU L 248 -45.04 -20.59 -6.61
CA GLU L 248 -43.68 -20.23 -6.23
C GLU L 248 -43.42 -20.31 -4.74
N GLN L 249 -43.00 -21.48 -4.29
CA GLN L 249 -42.69 -21.68 -2.88
C GLN L 249 -41.48 -20.83 -2.55
N ASN L 250 -41.59 -19.91 -1.60
CA ASN L 250 -40.43 -19.09 -1.27
C ASN L 250 -40.31 -18.61 0.19
N GLY L 251 -40.91 -19.32 1.13
CA GLY L 251 -40.81 -18.91 2.51
C GLY L 251 -41.64 -17.70 2.94
N HIS L 252 -41.46 -16.57 2.25
CA HIS L 252 -42.20 -15.33 2.53
C HIS L 252 -43.56 -15.62 3.23
N SER L 253 -43.69 -15.17 4.48
CA SER L 253 -44.88 -15.39 5.29
C SER L 253 -46.25 -15.09 4.66
N LEU L 254 -46.31 -14.16 3.71
CA LEU L 254 -47.59 -13.85 3.10
C LEU L 254 -47.78 -14.48 1.73
N VAL L 255 -48.83 -15.27 1.61
CA VAL L 255 -49.16 -15.96 0.38
C VAL L 255 -50.07 -15.11 -0.49
N HIS L 256 -49.52 -14.66 -1.62
CA HIS L 256 -50.26 -13.86 -2.59
C HIS L 256 -50.81 -14.84 -3.61
N ALA L 257 -52.05 -14.64 -4.04
CA ALA L 257 -52.65 -15.55 -5.01
C ALA L 257 -53.61 -14.83 -5.92
N ALA L 258 -53.70 -15.34 -7.15
CA ALA L 258 -54.57 -14.75 -8.14
C ALA L 258 -55.15 -15.85 -9.02
N VAL L 259 -56.47 -16.01 -8.95
CA VAL L 259 -57.14 -17.01 -9.74
C VAL L 259 -58.01 -16.26 -10.73
N VAL L 260 -57.81 -16.53 -12.01
CA VAL L 260 -58.57 -15.84 -13.06
C VAL L 260 -58.95 -16.72 -14.25
N THR L 261 -59.82 -16.19 -15.08
CA THR L 261 -60.26 -16.88 -16.27
C THR L 261 -60.41 -15.86 -17.36
N GLU L 262 -60.38 -16.33 -18.60
CA GLU L 262 -60.52 -15.45 -19.72
C GLU L 262 -61.60 -14.43 -19.36
N GLY L 263 -61.30 -13.16 -19.58
CA GLY L 263 -62.25 -12.10 -19.27
C GLY L 263 -62.70 -11.57 -20.61
N ALA L 264 -62.88 -10.26 -20.71
CA ALA L 264 -63.32 -9.69 -21.99
C ALA L 264 -62.21 -8.88 -22.63
N ALA L 265 -62.41 -8.54 -23.90
CA ALA L 265 -61.41 -7.76 -24.63
C ALA L 265 -61.71 -6.30 -24.39
N VAL L 266 -60.88 -5.44 -24.97
CA VAL L 266 -61.05 -4.01 -24.83
C VAL L 266 -62.17 -3.60 -25.77
N GLY L 267 -62.86 -2.52 -25.43
CA GLY L 267 -63.95 -2.01 -26.26
C GLY L 267 -65.13 -2.94 -26.51
N SER L 268 -64.95 -4.23 -26.24
CA SER L 268 -66.04 -5.20 -26.45
C SER L 268 -67.21 -4.85 -25.52
N ALA L 269 -68.37 -5.44 -25.77
CA ALA L 269 -69.55 -5.17 -24.96
C ALA L 269 -69.41 -5.78 -23.57
N GLU L 270 -69.11 -7.08 -23.53
CA GLU L 270 -68.98 -7.82 -22.28
C GLU L 270 -68.00 -7.23 -21.24
N ALA L 271 -67.33 -6.14 -21.61
CA ALA L 271 -66.36 -5.50 -20.71
C ALA L 271 -67.06 -4.83 -19.54
N ASN L 272 -67.83 -3.80 -19.88
CA ASN L 272 -68.60 -3.02 -18.92
C ASN L 272 -69.19 -3.90 -17.84
N ALA L 273 -69.66 -5.07 -18.23
CA ALA L 273 -70.26 -6.02 -17.31
C ALA L 273 -69.27 -6.44 -16.23
N PHE L 274 -68.06 -6.81 -16.63
CA PHE L 274 -67.06 -7.21 -15.64
C PHE L 274 -66.64 -6.03 -14.78
N SER L 275 -66.48 -4.87 -15.42
CA SER L 275 -66.09 -3.63 -14.74
C SER L 275 -67.10 -3.35 -13.64
N VAL L 276 -68.35 -3.75 -13.86
CA VAL L 276 -69.41 -3.57 -12.87
C VAL L 276 -69.40 -4.77 -11.92
N LEU L 277 -69.01 -5.95 -12.42
CA LEU L 277 -68.95 -7.11 -11.56
C LEU L 277 -67.71 -6.97 -10.69
N GLN L 278 -66.87 -6.02 -11.07
CA GLN L 278 -65.64 -5.74 -10.34
C GLN L 278 -66.07 -5.02 -9.06
N HIS L 279 -66.53 -3.77 -9.23
CA HIS L 279 -66.98 -2.93 -8.13
C HIS L 279 -68.06 -3.57 -7.26
N VAL L 280 -68.67 -4.63 -7.77
CA VAL L 280 -69.72 -5.32 -7.02
C VAL L 280 -69.12 -6.29 -5.99
N LEU L 281 -67.98 -6.87 -6.34
CA LEU L 281 -67.30 -7.80 -5.45
C LEU L 281 -66.29 -7.07 -4.58
N GLY L 282 -65.93 -5.85 -4.99
CA GLY L 282 -64.99 -5.05 -4.24
C GLY L 282 -63.67 -4.79 -4.97
N ALA L 283 -63.36 -3.52 -5.17
CA ALA L 283 -62.12 -3.17 -5.86
C ALA L 283 -61.26 -2.21 -5.02
N GLY L 284 -60.67 -2.72 -3.94
CA GLY L 284 -59.82 -1.91 -3.08
C GLY L 284 -60.49 -0.77 -2.33
N PRO L 285 -60.43 -0.77 -0.98
CA PRO L 285 -61.03 0.23 -0.08
C PRO L 285 -61.08 1.71 -0.53
N LEU L 286 -62.10 2.42 -0.04
CA LEU L 286 -62.33 3.84 -0.35
C LEU L 286 -62.23 4.72 0.89
N ILE L 287 -62.07 4.07 2.05
CA ILE L 287 -61.96 4.73 3.35
C ILE L 287 -60.72 4.22 4.10
N LYS L 288 -59.76 5.12 4.32
CA LYS L 288 -58.50 4.78 5.01
C LYS L 288 -58.73 3.85 6.20
N ARG L 289 -58.08 2.69 6.20
CA ARG L 289 -58.21 1.71 7.27
C ARG L 289 -59.66 1.26 7.35
N GLY L 290 -60.32 1.27 6.20
CA GLY L 290 -61.73 0.88 6.14
C GLY L 290 -62.01 -0.61 6.28
N SER L 291 -63.29 -0.95 6.17
CA SER L 291 -63.75 -2.32 6.28
C SER L 291 -64.46 -2.73 5.00
N SER L 292 -64.71 -1.76 4.12
CA SER L 292 -65.37 -1.96 2.83
C SER L 292 -66.57 -2.91 2.88
N VAL L 293 -67.73 -2.39 3.31
CA VAL L 293 -68.94 -3.17 3.38
C VAL L 293 -69.52 -3.37 1.98
N THR L 294 -69.45 -2.32 1.16
CA THR L 294 -69.95 -2.32 -0.22
C THR L 294 -69.17 -3.33 -1.06
N SER L 295 -68.27 -4.06 -0.40
CA SER L 295 -67.44 -5.06 -1.07
C SER L 295 -67.85 -6.49 -0.66
N LYS L 296 -68.60 -7.14 -1.55
CA LYS L 296 -69.06 -8.51 -1.32
C LYS L 296 -67.89 -9.40 -0.93
N LEU L 297 -66.96 -9.53 -1.86
CA LEU L 297 -65.79 -10.37 -1.67
C LEU L 297 -65.08 -10.10 -0.34
N TYR L 298 -64.80 -8.83 -0.06
CA TYR L 298 -64.10 -8.49 1.18
C TYR L 298 -64.88 -9.04 2.38
N GLN L 299 -66.10 -8.55 2.55
CA GLN L 299 -66.96 -8.99 3.64
C GLN L 299 -67.03 -10.50 3.69
N GLY L 300 -67.12 -11.12 2.52
CA GLY L 300 -67.21 -12.57 2.46
C GLY L 300 -65.99 -13.25 3.04
N VAL L 301 -64.81 -12.72 2.76
CA VAL L 301 -63.57 -13.30 3.24
C VAL L 301 -63.45 -13.10 4.74
N ALA L 302 -63.87 -11.92 5.21
CA ALA L 302 -63.80 -11.57 6.62
C ALA L 302 -64.58 -12.59 7.46
N LYS L 303 -65.80 -12.89 7.01
CA LYS L 303 -66.68 -13.84 7.69
C LYS L 303 -66.11 -15.26 7.65
N ALA L 304 -64.91 -15.41 7.08
CA ALA L 304 -64.27 -16.73 6.96
C ALA L 304 -62.96 -16.86 7.73
N THR L 305 -62.12 -15.84 7.63
CA THR L 305 -60.83 -15.84 8.31
C THR L 305 -60.86 -14.95 9.54
N THR L 306 -59.91 -15.18 10.44
CA THR L 306 -59.80 -14.41 11.68
C THR L 306 -58.71 -13.33 11.64
N GLN L 307 -57.55 -13.70 11.09
CA GLN L 307 -56.39 -12.80 10.96
C GLN L 307 -56.46 -11.83 9.78
N PRO L 308 -55.48 -10.90 9.69
CA PRO L 308 -55.39 -9.90 8.63
C PRO L 308 -55.31 -10.47 7.21
N PHE L 309 -55.71 -9.64 6.24
CA PHE L 309 -55.72 -10.04 4.83
C PHE L 309 -56.27 -8.92 3.95
N ASP L 310 -56.43 -9.25 2.67
CA ASP L 310 -57.01 -8.36 1.68
C ASP L 310 -57.33 -9.23 0.47
N ALA L 311 -58.41 -8.90 -0.23
CA ALA L 311 -58.82 -9.65 -1.42
C ALA L 311 -59.58 -8.71 -2.32
N SER L 312 -59.38 -8.82 -3.63
CA SER L 312 -60.07 -7.90 -4.55
C SER L 312 -60.48 -8.47 -5.90
N ALA L 313 -61.08 -7.58 -6.69
CA ALA L 313 -61.57 -7.91 -8.03
C ALA L 313 -60.56 -7.55 -9.09
N PHE L 314 -59.95 -8.58 -9.68
CA PHE L 314 -58.96 -8.41 -10.72
C PHE L 314 -59.59 -8.32 -12.12
N ASN L 315 -59.29 -7.25 -12.85
CA ASN L 315 -59.83 -7.10 -14.19
C ASN L 315 -58.87 -6.42 -15.16
N VAL L 316 -58.45 -7.16 -16.18
CA VAL L 316 -57.53 -6.68 -17.21
C VAL L 316 -58.17 -6.74 -18.59
N ASN L 317 -58.11 -5.63 -19.32
CA ASN L 317 -58.69 -5.58 -20.66
C ASN L 317 -57.61 -5.40 -21.73
N TYR L 318 -57.33 -6.46 -22.49
CA TYR L 318 -56.33 -6.44 -23.54
C TYR L 318 -56.97 -6.45 -24.93
N SER L 319 -56.22 -6.01 -25.94
CA SER L 319 -56.72 -5.94 -27.31
C SER L 319 -57.49 -7.17 -27.76
N ASP L 320 -56.80 -8.30 -27.88
CA ASP L 320 -57.47 -9.52 -28.34
C ASP L 320 -57.78 -10.53 -27.25
N SER L 321 -57.96 -10.06 -26.02
CA SER L 321 -58.28 -10.97 -24.92
C SER L 321 -58.41 -10.18 -23.63
N GLY L 322 -58.49 -10.89 -22.51
CA GLY L 322 -58.61 -10.23 -21.23
C GLY L 322 -58.52 -11.20 -20.08
N LEU L 323 -58.41 -10.67 -18.86
CA LEU L 323 -58.35 -11.50 -17.67
C LEU L 323 -59.37 -11.02 -16.64
N PHE L 324 -59.71 -11.91 -15.72
CA PHE L 324 -60.67 -11.57 -14.67
C PHE L 324 -60.70 -12.62 -13.59
N GLY L 325 -60.85 -12.13 -12.36
CA GLY L 325 -60.88 -12.99 -11.22
C GLY L 325 -60.52 -12.18 -10.00
N PHE L 326 -60.07 -12.84 -8.96
CA PHE L 326 -59.72 -12.13 -7.75
C PHE L 326 -58.24 -12.26 -7.42
N TYR L 327 -57.84 -11.61 -6.33
CA TYR L 327 -56.46 -11.64 -5.84
C TYR L 327 -56.52 -11.63 -4.30
N THR L 328 -55.78 -12.53 -3.66
CA THR L 328 -55.77 -12.60 -2.20
C THR L 328 -54.42 -12.55 -1.52
N ILE L 329 -54.35 -11.76 -0.46
CA ILE L 329 -53.15 -11.59 0.33
C ILE L 329 -53.60 -12.08 1.70
N SER L 330 -52.98 -13.15 2.18
CA SER L 330 -53.38 -13.67 3.47
C SER L 330 -52.22 -14.35 4.14
N GLN L 331 -52.38 -14.66 5.42
CA GLN L 331 -51.30 -15.32 6.13
C GLN L 331 -51.15 -16.71 5.53
N ALA L 332 -49.97 -17.27 5.66
CA ALA L 332 -49.68 -18.58 5.09
C ALA L 332 -50.63 -19.68 5.53
N ALA L 333 -51.07 -19.63 6.77
CA ALA L 333 -51.96 -20.65 7.31
C ALA L 333 -53.43 -20.48 6.92
N HIS L 334 -53.88 -19.24 6.92
CA HIS L 334 -55.27 -18.95 6.57
C HIS L 334 -55.43 -18.70 5.08
N ALA L 335 -54.48 -19.18 4.29
CA ALA L 335 -54.54 -18.99 2.85
C ALA L 335 -55.63 -19.88 2.27
N GLY L 336 -55.75 -21.08 2.84
CA GLY L 336 -56.77 -22.00 2.36
C GLY L 336 -58.14 -21.37 2.47
N GLU L 337 -58.61 -21.21 3.71
CA GLU L 337 -59.91 -20.64 3.95
C GLU L 337 -60.17 -19.31 3.23
N VAL L 338 -59.14 -18.46 3.13
CA VAL L 338 -59.31 -17.17 2.46
C VAL L 338 -59.56 -17.31 0.98
N ILE L 339 -58.79 -18.18 0.34
CA ILE L 339 -58.95 -18.37 -1.09
C ILE L 339 -60.27 -19.06 -1.44
N ARG L 340 -60.60 -20.12 -0.70
CA ARG L 340 -61.85 -20.84 -0.96
C ARG L 340 -63.04 -19.93 -0.72
N ALA L 341 -63.06 -19.27 0.45
CA ALA L 341 -64.15 -18.36 0.80
C ALA L 341 -64.28 -17.28 -0.26
N ALA L 342 -63.16 -16.98 -0.92
CA ALA L 342 -63.14 -15.97 -1.97
C ALA L 342 -63.85 -16.49 -3.21
N MET L 343 -63.91 -17.82 -3.34
CA MET L 343 -64.57 -18.46 -4.48
C MET L 343 -66.09 -18.53 -4.30
N ASN L 344 -66.52 -19.25 -3.27
CA ASN L 344 -67.95 -19.40 -2.98
C ASN L 344 -68.65 -18.06 -3.09
N GLN L 345 -67.95 -17.02 -2.65
CA GLN L 345 -68.47 -15.66 -2.67
C GLN L 345 -68.58 -15.14 -4.10
N LEU L 346 -67.95 -15.83 -5.04
CA LEU L 346 -68.00 -15.44 -6.44
C LEU L 346 -69.05 -16.28 -7.17
N LYS L 347 -69.28 -17.49 -6.66
CA LYS L 347 -70.28 -18.38 -7.22
C LYS L 347 -71.63 -17.86 -6.80
N ALA L 348 -71.75 -17.55 -5.50
CA ALA L 348 -72.99 -17.05 -4.94
C ALA L 348 -73.47 -15.80 -5.68
N ALA L 349 -72.55 -15.14 -6.36
CA ALA L 349 -72.87 -13.93 -7.12
C ALA L 349 -73.16 -14.29 -8.57
N ALA L 350 -72.90 -15.54 -8.92
CA ALA L 350 -73.15 -16.04 -10.25
C ALA L 350 -74.54 -16.64 -10.26
N GLN L 351 -75.05 -16.91 -9.07
CA GLN L 351 -76.38 -17.49 -8.91
C GLN L 351 -77.35 -16.49 -8.28
N GLY L 352 -77.68 -15.45 -9.05
CA GLY L 352 -78.61 -14.42 -8.62
C GLY L 352 -78.27 -13.60 -7.39
N GLY L 353 -77.12 -13.85 -6.78
CA GLY L 353 -76.74 -13.12 -5.57
C GLY L 353 -76.40 -11.65 -5.75
N VAL L 354 -76.97 -11.02 -6.77
CA VAL L 354 -76.71 -9.62 -7.05
C VAL L 354 -77.98 -8.77 -7.03
N THR L 355 -78.08 -7.89 -6.04
CA THR L 355 -79.23 -6.99 -5.88
C THR L 355 -79.30 -5.99 -7.04
N GLU L 356 -80.49 -5.49 -7.34
CA GLU L 356 -80.64 -4.52 -8.43
C GLU L 356 -80.02 -3.22 -7.95
N GLU L 357 -79.74 -3.19 -6.65
CA GLU L 357 -79.16 -2.03 -6.03
C GLU L 357 -77.62 -2.13 -6.04
N ASP L 358 -77.09 -3.29 -5.67
CA ASP L 358 -75.64 -3.45 -5.67
C ASP L 358 -75.11 -2.98 -7.02
N VAL L 359 -75.92 -3.23 -8.05
CA VAL L 359 -75.62 -2.86 -9.43
C VAL L 359 -75.73 -1.35 -9.69
N THR L 360 -76.56 -0.67 -8.91
CA THR L 360 -76.71 0.77 -9.08
C THR L 360 -75.55 1.51 -8.39
N LYS L 361 -75.09 0.98 -7.25
CA LYS L 361 -73.97 1.57 -6.49
C LYS L 361 -72.65 1.34 -7.23
N ALA L 362 -72.47 0.11 -7.71
CA ALA L 362 -71.28 -0.28 -8.45
C ALA L 362 -71.16 0.56 -9.70
N LYS L 363 -72.30 1.06 -10.19
CA LYS L 363 -72.35 1.90 -11.38
C LYS L 363 -71.80 3.30 -11.10
N ASN L 364 -71.94 3.76 -9.86
CA ASN L 364 -71.45 5.08 -9.49
C ASN L 364 -69.98 4.99 -9.17
N GLN L 365 -69.62 4.04 -8.31
CA GLN L 365 -68.24 3.87 -7.96
C GLN L 365 -67.40 3.84 -9.23
N LEU L 366 -67.97 3.28 -10.30
CA LEU L 366 -67.28 3.18 -11.57
C LEU L 366 -67.25 4.51 -12.31
N LYS L 367 -68.33 5.29 -12.23
CA LYS L 367 -68.34 6.61 -12.90
C LYS L 367 -67.36 7.52 -12.14
N ALA L 368 -67.32 7.33 -10.81
CA ALA L 368 -66.46 8.11 -9.92
C ALA L 368 -64.99 7.83 -10.25
N THR L 369 -64.57 6.58 -10.02
CA THR L 369 -63.21 6.15 -10.31
C THR L 369 -62.73 6.72 -11.65
N TYR L 370 -63.51 6.54 -12.70
CA TYR L 370 -63.16 7.10 -14.00
C TYR L 370 -63.02 8.64 -13.93
N LEU L 371 -64.09 9.31 -13.49
CA LEU L 371 -64.11 10.77 -13.39
C LEU L 371 -62.98 11.41 -12.60
N MET L 372 -62.46 10.68 -11.62
CA MET L 372 -61.37 11.17 -10.78
C MET L 372 -60.01 10.89 -11.41
N SER L 373 -59.85 9.70 -11.94
CA SER L 373 -58.57 9.32 -12.54
C SER L 373 -58.13 10.30 -13.62
N VAL L 374 -59.04 11.14 -14.12
CA VAL L 374 -58.69 12.10 -15.16
C VAL L 374 -58.43 13.53 -14.70
N GLU L 375 -58.13 13.70 -13.42
CA GLU L 375 -57.86 15.02 -12.86
C GLU L 375 -56.37 15.32 -13.02
N THR L 376 -55.55 14.28 -12.84
CA THR L 376 -54.10 14.40 -12.95
C THR L 376 -53.70 14.41 -14.43
N ALA L 377 -52.93 15.42 -14.81
CA ALA L 377 -52.46 15.56 -16.19
C ALA L 377 -52.03 14.21 -16.78
N GLN L 378 -51.33 13.40 -16.00
CA GLN L 378 -50.89 12.11 -16.50
C GLN L 378 -52.10 11.26 -16.87
N GLY L 379 -52.94 10.97 -15.88
CA GLY L 379 -54.13 10.18 -16.13
C GLY L 379 -55.01 10.70 -17.27
N LEU L 380 -55.05 12.02 -17.47
CA LEU L 380 -55.87 12.59 -18.55
C LEU L 380 -55.25 12.34 -19.91
N LEU L 381 -53.99 12.71 -20.06
CA LEU L 381 -53.32 12.49 -21.34
C LEU L 381 -53.41 11.02 -21.69
N ASN L 382 -53.36 10.16 -20.68
CA ASN L 382 -53.43 8.74 -20.92
C ASN L 382 -54.83 8.30 -21.29
N GLU L 383 -55.81 9.16 -21.08
CA GLU L 383 -57.17 8.82 -21.43
C GLU L 383 -57.34 9.19 -22.88
N ILE L 384 -57.01 10.43 -23.20
CA ILE L 384 -57.12 10.92 -24.57
C ILE L 384 -56.32 10.00 -25.47
N GLY L 385 -55.06 9.80 -25.12
CA GLY L 385 -54.18 8.94 -25.91
C GLY L 385 -54.76 7.56 -26.21
N SER L 386 -54.79 6.69 -25.22
CA SER L 386 -55.29 5.33 -25.37
C SER L 386 -56.41 5.19 -26.39
N GLU L 387 -57.41 6.05 -26.27
CA GLU L 387 -58.54 6.04 -27.19
C GLU L 387 -58.13 6.50 -28.57
N ALA L 388 -57.56 7.69 -28.65
CA ALA L 388 -57.12 8.23 -29.93
C ALA L 388 -56.10 7.34 -30.66
N LEU L 389 -55.79 6.19 -30.09
CA LEU L 389 -54.83 5.27 -30.68
C LEU L 389 -55.49 3.95 -31.01
N LEU L 390 -56.51 3.58 -30.23
CA LEU L 390 -57.22 2.33 -30.46
C LEU L 390 -58.48 2.50 -31.31
N SER L 391 -58.68 3.69 -31.87
CA SER L 391 -59.84 3.96 -32.70
C SER L 391 -59.80 5.36 -33.34
N GLY L 392 -58.78 6.14 -32.99
CA GLY L 392 -58.65 7.48 -33.55
C GLY L 392 -59.89 8.33 -33.34
N THR L 393 -60.60 8.02 -32.26
CA THR L 393 -61.83 8.71 -31.91
C THR L 393 -61.70 9.36 -30.54
N HIS L 394 -62.86 9.57 -29.92
CA HIS L 394 -62.97 10.12 -28.56
C HIS L 394 -64.41 10.21 -28.08
N THR L 395 -64.77 9.23 -27.26
CA THR L 395 -66.09 9.18 -26.67
C THR L 395 -66.15 10.34 -25.69
N ALA L 396 -67.34 10.92 -25.51
CA ALA L 396 -67.47 12.02 -24.57
C ALA L 396 -67.64 11.39 -23.18
N PRO L 397 -67.26 12.12 -22.11
CA PRO L 397 -67.42 11.52 -20.78
C PRO L 397 -68.91 11.31 -20.47
N SER L 398 -69.75 11.73 -21.41
CA SER L 398 -71.21 11.63 -21.33
C SER L 398 -71.67 10.29 -21.94
N VAL L 399 -71.02 9.89 -23.03
CA VAL L 399 -71.34 8.64 -23.73
C VAL L 399 -70.86 7.44 -22.93
N VAL L 400 -69.68 7.57 -22.32
CA VAL L 400 -69.11 6.49 -21.51
C VAL L 400 -69.98 6.29 -20.28
N ALA L 401 -70.65 7.35 -19.86
CA ALA L 401 -71.53 7.30 -18.71
C ALA L 401 -72.72 6.38 -19.03
N GLN L 402 -73.26 6.47 -20.24
CA GLN L 402 -74.39 5.64 -20.65
C GLN L 402 -74.03 4.16 -20.64
N LYS L 403 -72.95 3.82 -21.34
CA LYS L 403 -72.48 2.45 -21.45
C LYS L 403 -72.38 1.81 -20.07
N ILE L 404 -72.00 2.61 -19.07
CA ILE L 404 -71.85 2.10 -17.71
C ILE L 404 -73.16 1.59 -17.14
N ASP L 405 -74.18 2.44 -17.10
CA ASP L 405 -75.48 2.05 -16.54
C ASP L 405 -76.37 1.24 -17.47
N SER L 406 -75.99 1.14 -18.76
CA SER L 406 -76.79 0.37 -19.70
C SER L 406 -76.54 -1.11 -19.45
N VAL L 407 -75.99 -1.40 -18.27
CA VAL L 407 -75.69 -2.76 -17.86
C VAL L 407 -76.81 -3.24 -16.97
N THR L 408 -77.39 -4.38 -17.32
CA THR L 408 -78.49 -4.94 -16.55
C THR L 408 -78.02 -5.87 -15.44
N SER L 409 -78.90 -6.12 -14.47
CA SER L 409 -78.61 -7.00 -13.36
C SER L 409 -78.27 -8.39 -13.90
N ALA L 410 -78.66 -8.62 -15.16
CA ALA L 410 -78.40 -9.90 -15.81
C ALA L 410 -76.92 -9.97 -16.17
N ASP L 411 -76.52 -9.15 -17.14
CA ASP L 411 -75.13 -9.07 -17.62
C ASP L 411 -74.12 -9.37 -16.52
N VAL L 412 -74.38 -8.83 -15.34
CA VAL L 412 -73.52 -9.03 -14.20
C VAL L 412 -73.55 -10.50 -13.76
N VAL L 413 -74.74 -11.04 -13.55
CA VAL L 413 -74.86 -12.43 -13.14
C VAL L 413 -74.27 -13.35 -14.20
N ASN L 414 -74.24 -12.88 -15.45
CA ASN L 414 -73.70 -13.67 -16.57
C ASN L 414 -72.18 -13.72 -16.52
N ALA L 415 -71.56 -12.56 -16.32
CA ALA L 415 -70.12 -12.50 -16.23
C ALA L 415 -69.71 -13.40 -15.08
N ALA L 416 -70.45 -13.34 -13.99
CA ALA L 416 -70.16 -14.16 -12.83
C ALA L 416 -70.19 -15.65 -13.19
N LYS L 417 -71.06 -16.03 -14.11
CA LYS L 417 -71.14 -17.44 -14.52
C LYS L 417 -69.94 -17.79 -15.38
N LYS L 418 -69.75 -17.00 -16.45
CA LYS L 418 -68.66 -17.19 -17.39
C LYS L 418 -67.35 -17.46 -16.66
N PHE L 419 -67.27 -16.99 -15.42
CA PHE L 419 -66.09 -17.20 -14.59
C PHE L 419 -66.09 -18.61 -13.99
N VAL L 420 -67.17 -18.97 -13.33
CA VAL L 420 -67.29 -20.28 -12.68
C VAL L 420 -67.22 -21.45 -13.65
N SER L 421 -67.59 -21.17 -14.90
CA SER L 421 -67.60 -22.20 -15.94
C SER L 421 -66.30 -22.32 -16.75
N GLY L 422 -65.81 -21.20 -17.27
CA GLY L 422 -64.59 -21.21 -18.05
C GLY L 422 -63.43 -21.87 -17.33
N LYS L 423 -62.36 -22.14 -18.06
CA LYS L 423 -61.17 -22.77 -17.48
C LYS L 423 -60.44 -21.69 -16.69
N LYS L 424 -59.85 -22.08 -15.56
CA LYS L 424 -59.14 -21.13 -14.70
C LYS L 424 -57.62 -21.23 -14.67
N SER L 425 -56.96 -20.09 -14.46
CA SER L 425 -55.50 -20.02 -14.35
C SER L 425 -55.21 -19.61 -12.92
N MET L 426 -53.98 -19.81 -12.46
CA MET L 426 -53.68 -19.43 -11.08
C MET L 426 -52.18 -19.15 -10.86
N ALA L 427 -51.90 -18.21 -9.96
CA ALA L 427 -50.53 -17.85 -9.61
C ALA L 427 -50.49 -17.70 -8.09
N ALA L 428 -49.42 -18.14 -7.46
CA ALA L 428 -49.31 -18.03 -6.01
C ALA L 428 -47.87 -18.08 -5.55
N SER L 429 -47.51 -17.20 -4.61
CA SER L 429 -46.15 -17.17 -4.09
C SER L 429 -46.12 -16.88 -2.59
N GLY L 430 -45.36 -17.70 -1.86
CA GLY L 430 -45.24 -17.54 -0.41
C GLY L 430 -45.03 -18.92 0.20
N ASP L 431 -45.39 -19.09 1.46
CA ASP L 431 -45.26 -20.41 2.10
C ASP L 431 -46.58 -21.07 1.69
N LEU L 432 -46.62 -21.54 0.46
CA LEU L 432 -47.81 -22.16 -0.10
C LEU L 432 -48.27 -23.44 0.56
N GLY L 433 -47.50 -23.92 1.54
CA GLY L 433 -47.86 -25.15 2.22
C GLY L 433 -49.33 -25.35 2.56
N SER L 434 -50.07 -24.26 2.72
CA SER L 434 -51.48 -24.33 3.06
C SER L 434 -52.40 -23.79 1.97
N THR L 435 -51.81 -23.43 0.83
CA THR L 435 -52.56 -22.91 -0.30
C THR L 435 -53.08 -24.07 -1.15
N PRO L 436 -54.28 -23.92 -1.72
CA PRO L 436 -54.87 -24.95 -2.56
C PRO L 436 -54.47 -24.94 -4.05
N PHE L 437 -54.59 -26.10 -4.70
CA PHE L 437 -54.30 -26.26 -6.12
C PHE L 437 -55.60 -25.98 -6.87
N LEU L 438 -55.47 -25.37 -8.04
CA LEU L 438 -56.62 -25.03 -8.87
C LEU L 438 -57.68 -26.14 -8.96
N ASP L 439 -57.23 -27.41 -8.95
CA ASP L 439 -58.15 -28.55 -9.03
C ASP L 439 -58.72 -28.95 -7.65
N GLU L 440 -59.06 -27.95 -6.85
CA GLU L 440 -59.62 -28.19 -5.53
C GLU L 440 -60.60 -27.08 -5.22
N LEU L 441 -60.74 -26.16 -6.16
CA LEU L 441 -61.66 -25.04 -6.00
C LEU L 441 -62.92 -25.31 -6.82
N ALA M 2 -9.49 11.05 -6.49
CA ALA M 2 -10.94 11.05 -6.84
C ALA M 2 -11.73 10.08 -5.94
N PRO M 3 -12.72 10.60 -5.19
CA PRO M 3 -13.18 12.00 -5.11
C PRO M 3 -12.19 13.02 -4.49
N ASN M 4 -11.93 12.91 -3.18
CA ASN M 4 -11.00 13.83 -2.52
C ASN M 4 -9.56 13.57 -2.92
N ILE M 5 -8.74 14.62 -2.91
CA ILE M 5 -7.34 14.50 -3.28
C ILE M 5 -6.49 14.23 -2.04
N ARG M 6 -7.14 13.72 -1.01
CA ARG M 6 -6.52 13.38 0.27
C ARG M 6 -6.26 11.87 0.36
N LYS M 7 -7.14 11.10 -0.28
CA LYS M 7 -7.08 9.63 -0.29
C LYS M 7 -6.45 8.98 -1.55
N SER M 8 -6.34 9.74 -2.64
CA SER M 8 -5.78 9.23 -3.91
C SER M 8 -4.29 9.57 -4.15
N HIS M 9 -3.94 10.84 -4.02
CA HIS M 9 -2.57 11.36 -4.20
C HIS M 9 -1.52 10.40 -3.57
N PRO M 10 -0.54 9.92 -4.36
CA PRO M 10 0.48 9.00 -3.79
C PRO M 10 1.21 9.50 -2.52
N LEU M 11 1.21 10.81 -2.29
CA LEU M 11 1.86 11.41 -1.10
C LEU M 11 0.88 11.80 0.02
N LEU M 12 -0.02 12.75 -0.25
CA LEU M 12 -0.99 13.19 0.73
C LEU M 12 -1.79 12.01 1.28
N LYS M 13 -1.96 10.97 0.46
CA LYS M 13 -2.66 9.77 0.87
C LYS M 13 -1.87 9.14 2.02
N MET M 14 -0.61 9.57 2.16
CA MET M 14 0.26 9.09 3.22
C MET M 14 0.16 9.97 4.46
N ILE M 15 0.27 11.29 4.28
CA ILE M 15 0.16 12.19 5.42
C ILE M 15 -1.22 11.94 6.03
N ASN M 16 -2.19 11.69 5.16
CA ASN M 16 -3.55 11.43 5.59
C ASN M 16 -3.76 10.01 6.11
N ASN M 17 -3.12 9.03 5.46
CA ASN M 17 -3.29 7.65 5.85
C ASN M 17 -2.43 7.17 7.01
N SER M 18 -1.70 8.09 7.64
CA SER M 18 -0.86 7.71 8.77
C SER M 18 -0.85 8.78 9.88
N LEU M 19 -1.75 9.74 9.77
CA LEU M 19 -1.84 10.82 10.74
C LEU M 19 -2.96 11.79 10.43
N ILE M 20 -4.17 11.31 10.27
CA ILE M 20 -5.27 12.23 10.01
C ILE M 20 -6.52 11.45 9.81
N ASP M 21 -6.37 10.22 9.33
CA ASP M 21 -7.52 9.37 9.14
C ASP M 21 -7.17 8.09 9.87
N LEU M 22 -6.08 8.16 10.60
CA LEU M 22 -5.59 7.02 11.34
C LEU M 22 -6.54 6.61 12.46
N PRO M 23 -6.88 5.32 12.51
CA PRO M 23 -7.77 4.78 13.53
C PRO M 23 -7.07 4.68 14.88
N ALA M 24 -7.53 5.53 15.81
CA ALA M 24 -6.97 5.58 17.14
C ALA M 24 -7.99 5.22 18.23
N PRO M 25 -7.57 4.42 19.22
CA PRO M 25 -8.45 4.03 20.32
C PRO M 25 -8.89 5.33 20.98
N SER M 26 -10.15 5.44 21.38
CA SER M 26 -10.66 6.67 22.00
C SER M 26 -10.20 6.88 23.44
N ASN M 27 -9.63 5.84 24.04
CA ASN M 27 -9.19 5.92 25.42
C ASN M 27 -7.68 5.87 25.69
N ILE M 28 -6.84 6.33 24.77
CA ILE M 28 -5.43 6.29 25.10
C ILE M 28 -5.13 7.44 26.04
N SER M 29 -4.38 7.12 27.10
CA SER M 29 -4.01 8.09 28.11
C SER M 29 -2.82 8.94 27.71
N ALA M 30 -2.38 9.80 28.61
CA ALA M 30 -1.24 10.67 28.35
C ALA M 30 0.03 9.89 28.18
N TRP M 31 0.05 8.64 28.61
CA TRP M 31 1.26 7.82 28.46
C TRP M 31 1.47 7.43 27.01
N TRP M 32 0.57 7.89 26.15
CA TRP M 32 0.66 7.60 24.73
C TRP M 32 1.23 8.80 23.98
N ASN M 33 1.37 9.92 24.67
CA ASN M 33 1.91 11.15 24.08
C ASN M 33 3.43 11.17 23.91
N PHE M 34 4.11 10.13 24.39
CA PHE M 34 5.55 10.13 24.26
C PHE M 34 6.04 9.76 22.88
N GLY M 35 5.19 9.07 22.13
CA GLY M 35 5.56 8.70 20.78
C GLY M 35 5.88 9.96 20.00
N SER M 36 4.92 10.87 19.97
CA SER M 36 5.11 12.12 19.27
C SER M 36 6.22 12.97 19.86
N LEU M 37 6.30 13.06 21.18
CA LEU M 37 7.35 13.88 21.80
C LEU M 37 8.69 13.32 21.37
N LEU M 38 8.79 11.99 21.34
CA LEU M 38 10.04 11.35 20.92
C LEU M 38 10.35 11.78 19.50
N ALA M 39 9.33 11.72 18.65
CA ALA M 39 9.44 12.12 17.27
C ALA M 39 9.88 13.58 17.19
N VAL M 40 9.13 14.45 17.84
CA VAL M 40 9.45 15.88 17.82
C VAL M 40 10.91 16.12 18.25
N CYS M 41 11.36 15.40 19.27
CA CYS M 41 12.75 15.57 19.71
C CYS M 41 13.66 15.39 18.52
N LEU M 42 13.55 14.21 17.90
CA LEU M 42 14.35 13.83 16.75
C LEU M 42 14.52 14.98 15.79
N MET M 43 13.41 15.57 15.37
CA MET M 43 13.48 16.69 14.44
C MET M 43 14.18 17.88 15.08
N THR M 44 13.90 18.14 16.35
CA THR M 44 14.53 19.26 17.03
C THR M 44 16.02 19.00 17.21
N GLN M 45 16.36 17.77 17.58
CA GLN M 45 17.76 17.47 17.78
C GLN M 45 18.50 17.66 16.49
N ILE M 46 17.99 17.04 15.43
CA ILE M 46 18.57 17.10 14.10
C ILE M 46 18.76 18.52 13.63
N LEU M 47 17.73 19.33 13.77
CA LEU M 47 17.87 20.69 13.36
C LEU M 47 18.95 21.43 14.16
N THR M 48 18.84 21.50 15.48
CA THR M 48 19.85 22.21 16.26
C THR M 48 21.24 21.60 16.02
N GLY M 49 21.26 20.31 15.73
CA GLY M 49 22.53 19.66 15.48
C GLY M 49 23.26 20.25 14.29
N LEU M 50 22.58 20.28 13.14
CA LEU M 50 23.16 20.86 11.92
C LEU M 50 23.70 22.23 12.23
N LEU M 51 22.85 23.10 12.76
CA LEU M 51 23.26 24.44 13.10
C LEU M 51 24.61 24.44 13.78
N LEU M 52 24.83 23.47 14.66
CA LEU M 52 26.10 23.38 15.37
C LEU M 52 27.20 22.83 14.48
N ALA M 53 26.90 21.79 13.71
CA ALA M 53 27.89 21.18 12.81
C ALA M 53 28.49 22.25 11.89
N MET M 54 27.76 23.33 11.70
CA MET M 54 28.24 24.40 10.85
C MET M 54 29.24 25.32 11.54
N HIS M 55 29.68 24.95 12.75
CA HIS M 55 30.66 25.75 13.47
C HIS M 55 31.61 24.85 14.24
N TYR M 56 31.37 23.55 14.20
CA TYR M 56 32.23 22.64 14.91
C TYR M 56 33.42 22.31 14.00
N THR M 57 34.49 21.75 14.57
CA THR M 57 35.67 21.39 13.78
C THR M 57 36.28 20.16 14.39
N ALA M 58 36.00 18.99 13.82
CA ALA M 58 36.50 17.72 14.36
C ALA M 58 38.01 17.53 14.29
N ASP M 59 38.69 18.01 15.32
CA ASP M 59 40.14 17.89 15.38
C ASP M 59 40.50 18.17 16.82
N THR M 60 41.32 17.30 17.40
CA THR M 60 41.74 17.45 18.80
C THR M 60 42.19 18.87 19.16
N SER M 61 43.11 19.41 18.37
CA SER M 61 43.62 20.74 18.62
C SER M 61 42.63 21.85 18.32
N LEU M 62 41.37 21.51 18.05
CA LEU M 62 40.40 22.55 17.74
C LEU M 62 38.97 22.27 18.15
N ALA M 63 38.69 21.03 18.53
CA ALA M 63 37.33 20.69 18.94
C ALA M 63 36.87 21.58 20.09
N PHE M 64 37.55 21.49 21.23
CA PHE M 64 37.15 22.28 22.39
C PHE M 64 36.91 23.76 22.09
N SER M 65 37.92 24.41 21.51
CA SER M 65 37.79 25.84 21.24
C SER M 65 36.74 26.22 20.20
N SER M 66 36.31 25.27 19.39
CA SER M 66 35.31 25.56 18.36
C SER M 66 33.95 25.64 18.99
N VAL M 67 33.71 24.76 19.98
CA VAL M 67 32.45 24.72 20.70
C VAL M 67 32.39 25.97 21.54
N ALA M 68 33.51 26.28 22.18
CA ALA M 68 33.59 27.46 23.00
C ALA M 68 33.31 28.70 22.13
N HIS M 69 33.92 28.75 20.96
CA HIS M 69 33.70 29.86 20.05
C HIS M 69 32.24 29.85 19.61
N THR M 70 31.71 28.68 19.28
CA THR M 70 30.33 28.58 18.84
C THR M 70 29.40 29.30 19.79
N CYS M 71 29.70 29.22 21.09
CA CYS M 71 28.87 29.85 22.10
C CYS M 71 29.10 31.33 22.30
N ARG M 72 30.34 31.71 22.54
CA ARG M 72 30.70 33.11 22.79
C ARG M 72 30.63 34.03 21.60
N ASN M 73 30.73 33.47 20.39
CA ASN M 73 30.70 34.31 19.20
C ASN M 73 29.53 34.13 18.27
N VAL M 74 29.20 32.88 17.96
CA VAL M 74 28.08 32.60 17.08
C VAL M 74 26.79 33.20 17.65
N GLN M 75 26.10 34.01 16.87
CA GLN M 75 24.85 34.60 17.33
C GLN M 75 23.88 33.52 17.78
N TYR M 76 23.44 33.58 19.03
CA TYR M 76 22.52 32.59 19.59
C TYR M 76 23.11 31.22 19.60
N GLY M 77 24.41 31.15 19.39
CA GLY M 77 25.05 29.85 19.39
C GLY M 77 24.84 29.23 20.76
N TRP M 78 25.06 30.03 21.80
CA TRP M 78 24.92 29.54 23.16
C TRP M 78 23.58 28.87 23.45
N LEU M 79 22.51 29.42 22.88
CA LEU M 79 21.14 28.93 23.04
C LEU M 79 20.97 27.59 22.33
N ILE M 80 21.51 27.56 21.11
CA ILE M 80 21.47 26.38 20.28
C ILE M 80 22.29 25.28 20.94
N ARG M 81 23.45 25.63 21.45
CA ARG M 81 24.24 24.62 22.10
C ARG M 81 23.38 24.02 23.19
N ASN M 82 22.83 24.89 24.03
CA ASN M 82 21.98 24.45 25.15
C ASN M 82 20.90 23.51 24.66
N LEU M 83 19.97 24.06 23.88
CA LEU M 83 18.88 23.28 23.37
C LEU M 83 19.32 21.89 22.90
N HIS M 84 20.43 21.82 22.17
CA HIS M 84 20.92 20.53 21.66
C HIS M 84 21.32 19.59 22.79
N ALA M 85 22.08 20.12 23.74
CA ALA M 85 22.56 19.31 24.86
C ALA M 85 21.44 18.86 25.77
N ASN M 86 20.53 19.77 26.10
CA ASN M 86 19.43 19.42 26.99
C ASN M 86 18.36 18.59 26.26
N GLY M 87 18.30 18.73 24.94
CA GLY M 87 17.33 17.96 24.18
C GLY M 87 17.73 16.50 24.31
N ALA M 88 19.02 16.27 24.43
CA ALA M 88 19.55 14.93 24.56
C ALA M 88 18.96 14.31 25.81
N SER M 89 18.81 15.12 26.84
CA SER M 89 18.25 14.65 28.11
C SER M 89 16.76 14.42 28.00
N PHE M 90 16.01 15.47 27.67
CA PHE M 90 14.57 15.31 27.54
C PHE M 90 14.20 14.20 26.56
N PHE M 91 15.11 13.89 25.65
CA PHE M 91 14.88 12.83 24.67
C PHE M 91 14.90 11.54 25.47
N PHE M 92 15.92 11.36 26.30
CA PHE M 92 16.01 10.15 27.11
C PHE M 92 14.88 10.01 28.13
N ILE M 93 14.54 11.11 28.81
CA ILE M 93 13.45 11.10 29.77
C ILE M 93 12.27 10.49 29.01
N CYS M 94 11.87 11.17 27.94
CA CYS M 94 10.76 10.74 27.11
C CYS M 94 10.86 9.30 26.65
N ILE M 95 12.03 8.88 26.23
CA ILE M 95 12.14 7.52 25.74
C ILE M 95 11.95 6.53 26.85
N PHE M 96 12.30 6.94 28.07
CA PHE M 96 12.16 6.06 29.24
C PHE M 96 10.70 5.88 29.64
N LEU M 97 9.94 6.97 29.62
CA LEU M 97 8.54 6.86 29.92
C LEU M 97 7.89 6.07 28.77
N HIS M 98 8.25 6.35 27.51
CA HIS M 98 7.70 5.65 26.35
C HIS M 98 7.88 4.14 26.56
N ILE M 99 9.00 3.73 27.14
CA ILE M 99 9.28 2.32 27.38
C ILE M 99 8.45 1.74 28.52
N GLY M 100 8.45 2.44 29.65
CA GLY M 100 7.68 1.98 30.80
C GLY M 100 6.26 1.72 30.36
N ARG M 101 5.63 2.74 29.79
CA ARG M 101 4.27 2.65 29.28
C ARG M 101 4.12 1.31 28.57
N GLY M 102 5.01 1.05 27.63
CA GLY M 102 4.95 -0.19 26.89
C GLY M 102 5.00 -1.39 27.79
N LEU M 103 5.89 -1.34 28.79
CA LEU M 103 6.04 -2.43 29.74
C LEU M 103 4.80 -2.66 30.59
N TYR M 104 4.33 -1.59 31.20
CA TYR M 104 3.15 -1.61 32.06
C TYR M 104 1.85 -1.96 31.33
N TYR M 105 1.78 -1.71 30.03
CA TYR M 105 0.55 -2.02 29.33
C TYR M 105 0.69 -3.11 28.30
N GLY M 106 1.71 -3.95 28.45
CA GLY M 106 1.93 -5.03 27.52
C GLY M 106 1.86 -4.66 26.04
N SER M 107 2.50 -3.56 25.64
CA SER M 107 2.50 -3.14 24.26
C SER M 107 3.55 -3.97 23.55
N TYR M 108 4.46 -4.55 24.34
CA TYR M 108 5.51 -5.38 23.79
C TYR M 108 4.93 -6.61 23.13
N LEU M 109 3.62 -6.77 23.19
CA LEU M 109 3.03 -7.93 22.56
C LEU M 109 2.98 -7.68 21.07
N TYR M 110 3.32 -6.45 20.69
CA TYR M 110 3.40 -6.02 19.31
C TYR M 110 4.87 -6.23 18.89
N LYS M 111 5.38 -7.43 19.13
CA LYS M 111 6.76 -7.79 18.84
C LYS M 111 7.65 -6.96 17.91
N GLU M 112 7.29 -6.82 16.63
CA GLU M 112 8.14 -6.06 15.71
C GLU M 112 8.16 -4.60 16.08
N THR M 113 7.00 -4.04 16.40
CA THR M 113 6.96 -2.64 16.79
C THR M 113 7.89 -2.46 17.97
N TRP M 114 7.91 -3.46 18.85
CA TRP M 114 8.76 -3.45 20.04
C TRP M 114 10.26 -3.61 19.75
N ASN M 115 10.62 -4.68 19.04
CA ASN M 115 12.02 -4.92 18.72
C ASN M 115 12.68 -3.76 17.98
N THR M 116 11.93 -3.12 17.08
CA THR M 116 12.47 -1.98 16.38
C THR M 116 12.72 -0.90 17.43
N GLY M 117 11.82 -0.82 18.40
CA GLY M 117 11.96 0.16 19.47
C GLY M 117 13.28 -0.03 20.20
N VAL M 118 13.52 -1.26 20.63
CA VAL M 118 14.75 -1.56 21.34
C VAL M 118 15.93 -1.12 20.47
N ILE M 119 15.88 -1.45 19.17
CA ILE M 119 16.94 -1.05 18.23
C ILE M 119 17.10 0.48 18.30
N LEU M 120 15.99 1.20 18.24
CA LEU M 120 16.01 2.64 18.34
C LEU M 120 16.76 3.08 19.58
N LEU M 121 16.38 2.51 20.72
CA LEU M 121 17.03 2.86 21.98
C LEU M 121 18.55 2.71 21.90
N LEU M 122 19.00 1.54 21.46
CA LEU M 122 20.44 1.31 21.34
C LEU M 122 21.08 2.39 20.46
N THR M 123 20.44 2.71 19.34
CA THR M 123 20.95 3.72 18.42
C THR M 123 21.01 5.11 19.05
N LEU M 124 19.94 5.50 19.73
CA LEU M 124 19.90 6.80 20.39
C LEU M 124 21.04 6.87 21.40
N MET M 125 21.25 5.77 22.13
CA MET M 125 22.31 5.72 23.10
C MET M 125 23.64 5.95 22.42
N ALA M 126 23.94 5.13 21.43
CA ALA M 126 25.20 5.28 20.70
C ALA M 126 25.37 6.72 20.26
N THR M 127 24.33 7.29 19.67
CA THR M 127 24.37 8.66 19.21
C THR M 127 24.74 9.62 20.31
N ALA M 128 23.90 9.66 21.36
CA ALA M 128 24.12 10.55 22.50
C ALA M 128 25.50 10.36 23.10
N PHE M 129 26.04 9.16 22.94
CA PHE M 129 27.35 8.93 23.47
C PHE M 129 28.40 9.70 22.69
N VAL M 130 28.52 9.41 21.39
CA VAL M 130 29.52 10.10 20.57
C VAL M 130 29.33 11.60 20.50
N GLY M 131 28.10 12.08 20.61
CA GLY M 131 27.92 13.52 20.59
C GLY M 131 28.70 14.12 21.75
N TYR M 132 28.52 13.50 22.92
CA TYR M 132 29.16 13.87 24.18
C TYR M 132 30.69 13.90 24.07
N VAL M 133 31.24 13.22 23.07
CA VAL M 133 32.70 13.18 22.91
C VAL M 133 33.25 14.34 22.08
N LEU M 134 32.42 14.88 21.20
CA LEU M 134 32.85 15.93 20.30
C LEU M 134 33.50 17.16 20.93
N PRO M 135 32.96 17.69 22.04
CA PRO M 135 33.58 18.88 22.63
C PRO M 135 34.97 18.59 23.17
N TRP M 136 35.35 17.32 23.13
CA TRP M 136 36.66 16.91 23.58
C TRP M 136 37.03 17.50 24.93
N GLY M 137 36.21 17.18 25.93
CA GLY M 137 36.46 17.64 27.29
C GLY M 137 37.01 16.45 28.07
N GLN M 138 37.05 16.56 29.40
CA GLN M 138 37.58 15.46 30.20
C GLN M 138 36.74 14.19 30.16
N MET M 139 35.43 14.35 30.19
CA MET M 139 34.57 13.18 30.12
C MET M 139 34.65 12.69 28.71
N SER M 140 34.53 13.62 27.76
CA SER M 140 34.61 13.27 26.35
C SER M 140 35.73 12.24 26.12
N PHE M 141 36.93 12.59 26.57
CA PHE M 141 38.09 11.73 26.39
C PHE M 141 38.04 10.39 27.10
N TRP M 142 37.86 10.43 28.40
CA TRP M 142 37.84 9.20 29.15
C TRP M 142 36.61 8.38 28.84
N GLY M 143 35.56 9.04 28.37
CA GLY M 143 34.38 8.29 27.99
C GLY M 143 34.77 7.47 26.77
N ALA M 144 35.30 8.17 25.78
CA ALA M 144 35.74 7.56 24.52
C ALA M 144 36.67 6.38 24.80
N THR M 145 37.57 6.57 25.76
CA THR M 145 38.54 5.56 26.14
C THR M 145 37.94 4.27 26.70
N VAL M 146 37.01 4.43 27.65
CA VAL M 146 36.38 3.29 28.28
C VAL M 146 35.46 2.52 27.35
N ILE M 147 34.49 3.22 26.78
CA ILE M 147 33.54 2.58 25.90
C ILE M 147 34.17 1.83 24.74
N THR M 148 35.14 2.42 24.05
CA THR M 148 35.78 1.71 22.94
C THR M 148 36.57 0.55 23.51
N ASN M 149 36.95 0.70 24.77
CA ASN M 149 37.72 -0.35 25.41
C ASN M 149 36.87 -1.57 25.72
N LEU M 150 35.56 -1.39 25.74
CA LEU M 150 34.67 -2.50 26.01
C LEU M 150 34.89 -3.70 25.11
N PHE M 151 35.13 -3.46 23.83
CA PHE M 151 35.34 -4.55 22.89
C PHE M 151 36.54 -5.40 23.26
N SER M 152 37.46 -4.82 24.02
CA SER M 152 38.64 -5.56 24.41
C SER M 152 38.26 -6.79 25.20
N ALA M 153 37.00 -6.85 25.65
CA ALA M 153 36.50 -7.97 26.45
C ALA M 153 36.23 -9.22 25.62
N ILE M 154 36.24 -9.05 24.30
CA ILE M 154 36.01 -10.17 23.41
C ILE M 154 37.35 -10.89 23.27
N PRO M 155 37.33 -12.22 23.37
CA PRO M 155 38.53 -13.05 23.26
C PRO M 155 39.04 -13.09 21.83
N TYR M 156 40.36 -13.11 21.69
CA TYR M 156 40.98 -13.15 20.37
C TYR M 156 40.95 -11.78 19.73
N ILE M 157 39.92 -11.50 18.93
CA ILE M 157 39.80 -10.22 18.27
C ILE M 157 39.91 -9.06 19.28
N GLY M 158 38.84 -8.83 20.05
CA GLY M 158 38.84 -7.77 21.05
C GLY M 158 39.76 -6.62 20.72
N HIS M 159 41.00 -6.69 21.20
CA HIS M 159 41.99 -5.66 20.94
C HIS M 159 41.97 -5.22 19.48
N THR M 160 41.94 -6.18 18.57
CA THR M 160 41.88 -5.88 17.15
C THR M 160 40.77 -4.86 16.93
N LEU M 161 39.56 -5.18 17.38
CA LEU M 161 38.42 -4.28 17.25
C LEU M 161 38.68 -2.88 17.83
N VAL M 162 39.52 -2.81 18.86
CA VAL M 162 39.83 -1.52 19.47
C VAL M 162 40.68 -0.67 18.54
N GLU M 163 41.59 -1.30 17.79
CA GLU M 163 42.44 -0.55 16.85
C GLU M 163 41.58 0.24 15.87
N TRP M 164 40.60 -0.38 15.25
CA TRP M 164 39.76 0.37 14.33
C TRP M 164 39.21 1.53 15.09
N ALA M 165 38.27 1.22 15.99
CA ALA M 165 37.60 2.21 16.81
C ALA M 165 38.40 3.49 17.05
N TRP M 166 39.69 3.35 17.30
CA TRP M 166 40.54 4.50 17.55
C TRP M 166 41.22 5.00 16.28
N GLY M 167 41.58 4.06 15.42
CA GLY M 167 42.24 4.43 14.18
C GLY M 167 43.72 4.55 14.44
N GLY M 168 44.09 4.24 15.67
CA GLY M 168 45.48 4.32 16.05
C GLY M 168 45.74 3.29 17.13
N PHE M 169 46.62 3.63 18.06
CA PHE M 169 46.95 2.74 19.14
C PHE M 169 46.71 3.39 20.49
N SER M 170 45.75 4.31 20.50
CA SER M 170 45.35 5.06 21.68
C SER M 170 44.48 6.20 21.18
N VAL M 171 43.39 6.48 21.86
CA VAL M 171 42.49 7.55 21.44
C VAL M 171 43.27 8.76 20.96
N ASP M 172 42.78 9.37 19.89
CA ASP M 172 43.42 10.56 19.31
C ASP M 172 42.52 11.09 18.19
N ASN M 173 43.04 12.07 17.46
CA ASN M 173 42.34 12.71 16.37
C ASN M 173 41.50 11.80 15.48
N PRO M 174 42.08 10.72 14.92
CA PRO M 174 41.25 9.86 14.08
C PRO M 174 39.95 9.47 14.76
N THR M 175 40.03 9.19 16.06
CA THR M 175 38.86 8.80 16.83
C THR M 175 37.85 9.95 16.83
N LEU M 176 38.34 11.15 17.11
CA LEU M 176 37.45 12.31 17.13
C LEU M 176 36.74 12.54 15.79
N THR M 177 37.46 12.44 14.68
CA THR M 177 36.80 12.70 13.39
C THR M 177 35.87 11.59 12.99
N ARG M 178 36.23 10.33 13.25
CA ARG M 178 35.31 9.28 12.85
C ARG M 178 34.12 9.22 13.79
N PHE M 179 34.22 9.97 14.89
CA PHE M 179 33.11 10.01 15.81
C PHE M 179 32.16 11.07 15.30
N PHE M 180 32.70 12.24 14.92
CA PHE M 180 31.88 13.31 14.38
C PHE M 180 31.11 12.81 13.16
N ALA M 181 31.77 12.00 12.32
CA ALA M 181 31.12 11.44 11.14
C ALA M 181 29.99 10.56 11.61
N LEU M 182 30.30 9.71 12.58
CA LEU M 182 29.34 8.78 13.15
C LEU M 182 28.13 9.48 13.75
N HIS M 183 28.37 10.52 14.54
CA HIS M 183 27.28 11.27 15.18
C HIS M 183 26.43 11.89 14.09
N PHE M 184 27.06 12.56 13.12
CA PHE M 184 26.33 13.20 12.03
C PHE M 184 25.41 12.22 11.33
N LEU M 185 25.90 11.00 11.09
CA LEU M 185 25.12 9.98 10.40
C LEU M 185 23.96 9.32 11.13
N LEU M 186 24.24 8.68 12.28
CA LEU M 186 23.23 7.97 13.08
C LEU M 186 21.82 8.57 13.21
N PRO M 187 21.71 9.83 13.62
CA PRO M 187 20.39 10.44 13.76
C PRO M 187 19.46 10.13 12.60
N PHE M 188 20.02 10.11 11.38
CA PHE M 188 19.17 9.83 10.22
C PHE M 188 18.75 8.38 10.23
N ALA M 189 19.65 7.47 10.57
CA ALA M 189 19.29 6.04 10.64
C ALA M 189 18.15 5.92 11.66
N ILE M 190 18.19 6.75 12.69
CA ILE M 190 17.15 6.74 13.70
C ILE M 190 15.85 7.08 13.01
N ALA M 191 15.80 8.29 12.45
CA ALA M 191 14.64 8.77 11.72
C ALA M 191 14.15 7.70 10.72
N GLY M 192 15.10 6.99 10.14
CA GLY M 192 14.75 5.97 9.19
C GLY M 192 13.97 4.86 9.86
N ILE M 193 14.61 4.25 10.87
CA ILE M 193 13.98 3.15 11.59
C ILE M 193 12.68 3.60 12.26
N THR M 194 12.68 4.80 12.82
CA THR M 194 11.47 5.32 13.40
C THR M 194 10.32 5.06 12.44
N ILE M 195 10.56 5.33 11.16
CA ILE M 195 9.54 5.11 10.13
C ILE M 195 9.08 3.68 10.10
N ILE M 196 9.99 2.73 10.24
CA ILE M 196 9.60 1.31 10.25
C ILE M 196 8.80 0.99 11.52
N HIS M 197 9.31 1.46 12.66
CA HIS M 197 8.69 1.29 13.96
C HIS M 197 7.21 1.62 13.76
N LEU M 198 6.95 2.84 13.32
CA LEU M 198 5.59 3.28 13.08
C LEU M 198 4.87 2.52 11.98
N THR M 199 5.58 1.86 11.08
CA THR M 199 4.89 1.12 10.02
C THR M 199 4.39 -0.21 10.55
N PHE M 200 5.23 -0.91 11.32
CA PHE M 200 4.82 -2.17 11.91
C PHE M 200 3.64 -1.87 12.81
N LEU M 201 3.76 -0.81 13.59
CA LEU M 201 2.68 -0.42 14.47
C LEU M 201 1.41 -0.49 13.66
N HIS M 202 1.22 0.44 12.73
CA HIS M 202 0.01 0.51 11.90
C HIS M 202 -0.64 -0.79 11.44
N GLU M 203 0.10 -1.88 11.36
CA GLU M 203 -0.51 -3.15 10.94
C GLU M 203 -1.63 -3.52 11.91
N SER M 204 -1.32 -3.35 13.20
CA SER M 204 -2.23 -3.67 14.31
C SER M 204 -3.04 -2.52 14.87
N GLY M 205 -2.41 -1.37 15.03
CA GLY M 205 -3.11 -0.23 15.59
C GLY M 205 -2.57 -0.03 16.97
N SER M 206 -2.90 1.08 17.60
CA SER M 206 -2.41 1.33 18.93
C SER M 206 -3.09 0.43 19.96
N ASN M 207 -2.42 0.26 21.09
CA ASN M 207 -2.93 -0.51 22.20
C ASN M 207 -3.64 0.52 23.08
N ASN M 208 -4.32 0.08 24.14
CA ASN M 208 -4.97 1.06 25.00
C ASN M 208 -4.87 0.57 26.44
N PRO M 209 -5.08 1.48 27.41
CA PRO M 209 -4.99 1.10 28.82
C PRO M 209 -5.68 -0.18 29.29
N LEU M 210 -6.95 -0.39 28.97
CA LEU M 210 -7.63 -1.59 29.43
C LEU M 210 -7.16 -2.86 28.76
N GLY M 211 -6.43 -2.75 27.66
CA GLY M 211 -5.92 -3.92 26.96
C GLY M 211 -6.95 -4.87 26.34
N ILE M 212 -8.03 -4.32 25.79
CA ILE M 212 -9.09 -5.10 25.14
C ILE M 212 -9.41 -4.38 23.84
N SER M 213 -9.74 -5.13 22.80
CA SER M 213 -10.01 -4.53 21.49
C SER M 213 -10.85 -3.25 21.46
N SER M 214 -10.28 -2.22 20.85
CA SER M 214 -10.94 -0.93 20.74
C SER M 214 -11.53 -0.72 19.35
N ASP M 215 -11.91 -1.81 18.70
CA ASP M 215 -12.48 -1.77 17.34
C ASP M 215 -13.91 -1.26 17.41
N SER M 216 -14.51 -1.50 18.57
CA SER M 216 -15.87 -1.09 18.83
C SER M 216 -15.92 0.42 19.02
N ASP M 217 -14.75 1.03 19.13
CA ASP M 217 -14.68 2.47 19.37
C ASP M 217 -13.38 3.18 18.95
N LYS M 218 -13.18 3.41 17.65
CA LYS M 218 -11.98 4.10 17.18
C LYS M 218 -12.33 5.54 16.86
N ILE M 219 -11.32 6.40 16.78
CA ILE M 219 -11.55 7.80 16.43
C ILE M 219 -10.43 8.30 15.52
N PRO M 220 -10.75 9.30 14.68
CA PRO M 220 -9.76 9.86 13.75
C PRO M 220 -8.65 10.61 14.48
N PHE M 221 -7.41 10.16 14.33
CA PHE M 221 -6.28 10.82 14.99
C PHE M 221 -6.47 12.32 15.04
N HIS M 222 -6.84 12.92 13.92
CA HIS M 222 -7.08 14.36 13.92
C HIS M 222 -8.60 14.56 14.00
N PRO M 223 -9.07 15.51 14.82
CA PRO M 223 -8.35 16.43 15.70
C PRO M 223 -8.13 15.96 17.15
N TYR M 224 -8.65 14.79 17.48
CA TYR M 224 -8.50 14.25 18.82
C TYR M 224 -7.08 14.22 19.31
N TYR M 225 -6.26 13.34 18.74
CA TYR M 225 -4.88 13.24 19.17
C TYR M 225 -3.89 14.26 18.64
N SER M 226 -4.23 14.96 17.57
CA SER M 226 -3.31 15.96 17.07
C SER M 226 -3.31 17.08 18.11
N PHE M 227 -4.50 17.48 18.56
CA PHE M 227 -4.62 18.53 19.58
C PHE M 227 -4.07 18.07 20.90
N LYS M 228 -4.32 16.81 21.24
CA LYS M 228 -3.83 16.28 22.50
C LYS M 228 -2.31 16.27 22.49
N ASP M 229 -1.71 16.07 21.32
CA ASP M 229 -0.25 16.06 21.19
C ASP M 229 0.37 17.45 21.16
N ILE M 230 -0.34 18.40 20.61
CA ILE M 230 0.14 19.77 20.58
C ILE M 230 0.27 20.18 22.04
N LEU M 231 -0.74 19.86 22.84
CA LEU M 231 -0.78 20.18 24.27
C LEU M 231 0.31 19.42 25.04
N GLY M 232 0.41 18.12 24.77
CA GLY M 232 1.42 17.32 25.43
C GLY M 232 2.80 17.85 25.11
N LEU M 233 2.89 18.61 24.03
CA LEU M 233 4.16 19.21 23.61
C LEU M 233 4.46 20.43 24.48
N THR M 234 3.52 21.38 24.54
CA THR M 234 3.70 22.60 25.32
C THR M 234 3.92 22.33 26.80
N LEU M 235 3.64 21.10 27.22
CA LEU M 235 3.89 20.78 28.61
C LEU M 235 5.34 20.34 28.73
N MET M 236 5.77 19.31 28.00
CA MET M 236 7.18 18.89 28.09
C MET M 236 8.08 20.10 27.82
N LEU M 237 7.69 20.90 26.83
CA LEU M 237 8.45 22.08 26.45
C LEU M 237 8.70 23.08 27.57
N THR M 238 7.75 23.23 28.48
CA THR M 238 7.92 24.20 29.58
C THR M 238 9.07 23.91 30.53
N PRO M 239 9.19 22.67 31.06
CA PRO M 239 10.32 22.41 31.96
C PRO M 239 11.63 22.26 31.20
N PHE M 240 11.53 21.81 29.95
CA PHE M 240 12.71 21.66 29.09
C PHE M 240 13.35 23.05 28.94
N LEU M 241 12.51 24.05 28.66
CA LEU M 241 12.99 25.43 28.50
C LEU M 241 13.27 26.14 29.82
N THR M 242 12.49 25.82 30.85
CA THR M 242 12.71 26.41 32.16
C THR M 242 14.06 25.94 32.63
N LEU M 243 14.38 24.70 32.28
CA LEU M 243 15.65 24.12 32.65
C LEU M 243 16.79 24.74 31.83
N ALA M 244 16.70 24.60 30.51
CA ALA M 244 17.73 25.12 29.60
C ALA M 244 17.93 26.63 29.65
N LEU M 245 16.91 27.38 30.06
CA LEU M 245 17.06 28.83 30.13
C LEU M 245 17.43 29.37 31.51
N PHE M 246 16.90 28.76 32.57
CA PHE M 246 17.18 29.21 33.93
C PHE M 246 18.33 28.49 34.60
N SER M 247 18.42 27.17 34.39
CA SER M 247 19.49 26.39 35.00
C SER M 247 20.16 25.47 33.98
N PRO M 248 20.91 26.06 33.03
CA PRO M 248 21.62 25.35 31.97
C PRO M 248 22.35 24.07 32.35
N ASN M 249 23.29 24.17 33.28
CA ASN M 249 24.10 23.02 33.65
C ASN M 249 23.56 22.09 34.73
N LEU M 250 22.31 22.32 35.13
CA LEU M 250 21.76 21.47 36.16
C LEU M 250 22.00 19.99 35.85
N LEU M 251 21.49 19.54 34.72
CA LEU M 251 21.59 18.13 34.30
C LEU M 251 22.95 17.61 33.83
N GLY M 252 23.93 18.50 33.67
CA GLY M 252 25.22 18.05 33.16
C GLY M 252 26.50 18.10 33.97
N ASP M 253 27.29 17.04 33.79
CA ASP M 253 28.58 16.88 34.44
C ASP M 253 29.48 18.04 34.04
N PRO M 254 30.25 18.59 34.99
CA PRO M 254 31.14 19.73 34.72
C PRO M 254 32.58 19.39 34.30
N GLU M 255 32.94 18.11 34.37
CA GLU M 255 34.29 17.68 33.99
C GLU M 255 34.60 18.06 32.54
N ASN M 256 33.55 18.17 31.73
CA ASN M 256 33.67 18.52 30.32
C ASN M 256 33.92 20.00 30.09
N PHE M 257 34.42 20.68 31.11
CA PHE M 257 34.74 22.10 30.98
C PHE M 257 36.25 22.19 31.07
N THR M 258 36.85 21.02 31.12
CA THR M 258 38.29 20.91 31.22
C THR M 258 38.81 20.10 30.05
N PRO M 259 39.49 20.77 29.11
CA PRO M 259 40.06 20.13 27.93
C PRO M 259 40.76 18.83 28.28
N ALA M 260 40.38 17.79 27.56
CA ALA M 260 40.93 16.46 27.75
C ALA M 260 42.41 16.44 28.08
N ASN M 261 42.78 15.54 28.97
CA ASN M 261 44.16 15.35 29.39
C ASN M 261 44.41 13.85 29.32
N PRO M 262 45.16 13.41 28.31
CA PRO M 262 45.48 11.99 28.12
C PRO M 262 46.18 11.34 29.30
N LEU M 263 46.66 12.18 30.24
CA LEU M 263 47.41 11.70 31.41
C LEU M 263 46.70 11.71 32.75
N VAL M 264 45.54 12.34 32.80
CA VAL M 264 44.83 12.44 34.06
C VAL M 264 43.38 12.04 33.97
N THR M 265 43.00 10.98 34.70
CA THR M 265 41.60 10.57 34.69
C THR M 265 40.96 11.26 35.89
N PRO M 266 39.99 12.15 35.67
CA PRO M 266 39.37 12.82 36.82
C PRO M 266 38.89 11.78 37.82
N PRO M 267 39.03 12.10 39.11
CA PRO M 267 38.62 11.23 40.23
C PRO M 267 37.12 11.02 40.32
N HIS M 268 36.36 12.04 39.93
CA HIS M 268 34.88 11.98 39.96
C HIS M 268 34.31 11.79 38.55
N ILE M 269 34.77 10.73 37.88
CA ILE M 269 34.36 10.43 36.52
C ILE M 269 33.07 9.61 36.41
N LYS M 270 32.00 10.32 36.11
CA LYS M 270 30.69 9.69 35.96
C LYS M 270 30.14 10.05 34.58
N PRO M 271 29.33 9.16 33.97
CA PRO M 271 28.73 9.38 32.65
C PRO M 271 27.56 10.34 32.72
N GLU M 272 27.01 10.64 31.54
CA GLU M 272 25.86 11.52 31.41
C GLU M 272 24.78 10.82 32.29
N TRP M 273 23.89 11.57 32.95
CA TRP M 273 22.89 10.95 33.82
C TRP M 273 22.12 9.75 33.28
N TYR M 274 21.71 9.80 32.01
CA TYR M 274 20.95 8.69 31.42
C TYR M 274 21.70 7.37 31.23
N PHE M 275 22.97 7.31 31.59
CA PHE M 275 23.70 6.07 31.45
C PHE M 275 24.08 5.48 32.79
N LEU M 276 24.04 6.30 33.84
CA LEU M 276 24.40 5.88 35.19
C LEU M 276 23.93 4.48 35.53
N PHE M 277 22.63 4.25 35.49
CA PHE M 277 22.07 2.93 35.81
C PHE M 277 22.84 1.75 35.23
N ALA M 278 23.40 1.89 34.04
CA ALA M 278 24.16 0.81 33.45
C ALA M 278 25.57 0.86 34.03
N TYR M 279 26.08 2.07 34.17
CA TYR M 279 27.39 2.31 34.74
C TYR M 279 27.42 1.65 36.09
N ALA M 280 26.29 1.72 36.78
CA ALA M 280 26.14 1.14 38.11
C ALA M 280 26.32 -0.38 38.03
N ILE M 281 25.63 -1.02 37.10
CA ILE M 281 25.72 -2.46 36.94
C ILE M 281 27.10 -2.92 36.53
N LEU M 282 27.76 -2.12 35.71
CA LEU M 282 29.10 -2.44 35.23
C LEU M 282 30.09 -2.61 36.38
N ARG M 283 30.00 -1.71 37.36
CA ARG M 283 30.88 -1.69 38.53
C ARG M 283 30.47 -2.70 39.61
N SER M 284 29.36 -3.40 39.40
CA SER M 284 28.89 -4.39 40.35
C SER M 284 29.75 -5.61 40.18
N ILE M 285 29.66 -6.22 39.01
CA ILE M 285 30.45 -7.41 38.70
C ILE M 285 31.94 -7.05 38.73
N PRO M 286 32.68 -7.58 39.72
CA PRO M 286 34.10 -7.34 39.88
C PRO M 286 34.94 -8.29 39.01
N ASN M 287 34.59 -8.35 37.74
CA ASN M 287 35.30 -9.17 36.76
C ASN M 287 35.10 -8.47 35.43
N LYS M 288 36.18 -8.35 34.66
CA LYS M 288 36.12 -7.69 33.37
C LYS M 288 34.96 -8.19 32.52
N LEU M 289 35.08 -9.39 31.97
CA LEU M 289 34.03 -9.93 31.11
C LEU M 289 32.63 -9.99 31.70
N GLY M 290 32.54 -10.24 33.00
CA GLY M 290 31.22 -10.31 33.62
C GLY M 290 30.53 -8.96 33.63
N GLY M 291 31.26 -7.93 34.06
CA GLY M 291 30.72 -6.58 34.11
C GLY M 291 30.25 -6.17 32.74
N VAL M 292 31.01 -6.55 31.72
CA VAL M 292 30.66 -6.23 30.34
C VAL M 292 29.39 -6.96 29.96
N LEU M 293 29.37 -8.28 30.14
CA LEU M 293 28.17 -9.05 29.82
C LEU M 293 26.94 -8.53 30.56
N ALA M 294 27.08 -8.25 31.85
CA ALA M 294 25.97 -7.73 32.64
C ALA M 294 25.48 -6.41 32.03
N LEU M 295 26.42 -5.55 31.63
CA LEU M 295 26.11 -4.27 31.02
C LEU M 295 25.30 -4.47 29.75
N ALA M 296 25.83 -5.29 28.85
CA ALA M 296 25.18 -5.60 27.59
C ALA M 296 23.75 -6.02 27.89
N ALA M 297 23.62 -7.10 28.67
CA ALA M 297 22.33 -7.63 29.04
C ALA M 297 21.47 -6.61 29.75
N SER M 298 22.08 -5.62 30.41
CA SER M 298 21.28 -4.62 31.12
C SER M 298 20.27 -3.92 30.21
N VAL M 299 20.54 -3.92 28.91
CA VAL M 299 19.66 -3.28 27.92
C VAL M 299 19.07 -4.32 26.99
N LEU M 300 19.93 -5.21 26.52
CA LEU M 300 19.52 -6.29 25.63
C LEU M 300 18.42 -7.14 26.22
N ILE M 301 18.27 -7.10 27.54
CA ILE M 301 17.24 -7.90 28.21
C ILE M 301 15.85 -7.49 27.75
N LEU M 302 15.76 -6.29 27.16
CA LEU M 302 14.51 -5.78 26.63
C LEU M 302 13.95 -6.67 25.52
N PHE M 303 14.84 -7.35 24.82
CA PHE M 303 14.42 -8.25 23.74
C PHE M 303 13.66 -9.47 24.27
N LEU M 304 13.90 -9.82 25.53
CA LEU M 304 13.25 -10.98 26.14
C LEU M 304 11.84 -10.74 26.68
N ILE M 305 11.56 -9.52 27.11
CA ILE M 305 10.24 -9.19 27.65
C ILE M 305 9.02 -9.85 26.99
N PRO M 306 8.83 -9.68 25.67
CA PRO M 306 7.68 -10.29 25.00
C PRO M 306 7.53 -11.77 25.30
N PHE M 307 8.66 -12.45 25.48
CA PHE M 307 8.67 -13.89 25.73
C PHE M 307 8.45 -14.32 27.20
N LEU M 308 8.54 -13.36 28.12
CA LEU M 308 8.33 -13.63 29.55
C LEU M 308 6.99 -13.06 30.01
N HIS M 309 5.99 -13.22 29.17
CA HIS M 309 4.66 -12.73 29.50
C HIS M 309 3.84 -13.97 29.76
N LYS M 310 3.25 -14.05 30.95
CA LYS M 310 2.45 -15.22 31.29
C LYS M 310 1.00 -14.88 31.56
N SER M 311 0.74 -13.66 32.00
CA SER M 311 -0.63 -13.27 32.32
C SER M 311 -1.57 -13.59 31.17
N LYS M 312 -2.82 -13.86 31.48
CA LYS M 312 -3.79 -14.16 30.42
C LYS M 312 -4.47 -12.87 30.01
N GLN M 313 -4.09 -11.79 30.69
CA GLN M 313 -4.62 -10.46 30.40
C GLN M 313 -3.44 -9.69 29.79
N ARG M 314 -3.72 -8.63 29.06
CA ARG M 314 -2.63 -7.89 28.42
C ARG M 314 -1.89 -6.91 29.33
N THR M 315 -2.64 -6.00 29.93
CA THR M 315 -2.05 -4.99 30.80
C THR M 315 -2.08 -5.32 32.28
N MET M 316 -1.47 -4.42 33.05
CA MET M 316 -1.41 -4.55 34.50
C MET M 316 -2.49 -3.68 35.14
N THR M 317 -3.44 -3.20 34.35
CA THR M 317 -4.48 -2.38 34.94
C THR M 317 -5.26 -3.20 35.95
N PHE M 318 -5.49 -4.47 35.63
CA PHE M 318 -6.25 -5.37 36.51
C PHE M 318 -5.39 -6.45 37.16
N ARG M 319 -4.12 -6.13 37.42
CA ARG M 319 -3.18 -7.06 38.08
C ARG M 319 -2.42 -6.27 39.15
N PRO M 320 -3.01 -6.14 40.36
CA PRO M 320 -2.42 -5.41 41.49
C PRO M 320 -1.07 -5.93 41.96
N LEU M 321 -0.80 -7.22 41.76
CA LEU M 321 0.48 -7.81 42.15
C LEU M 321 1.58 -7.39 41.15
N SER M 322 1.28 -7.51 39.86
CA SER M 322 2.24 -7.11 38.85
C SER M 322 2.52 -5.63 39.06
N GLN M 323 1.48 -4.83 39.29
CA GLN M 323 1.65 -3.40 39.53
C GLN M 323 2.74 -3.12 40.55
N THR M 324 2.57 -3.66 41.74
CA THR M 324 3.53 -3.49 42.82
C THR M 324 4.92 -3.89 42.35
N LEU M 325 5.02 -5.07 41.76
CA LEU M 325 6.30 -5.53 41.27
C LEU M 325 6.86 -4.54 40.23
N PHE M 326 6.00 -4.02 39.36
CA PHE M 326 6.39 -3.06 38.32
C PHE M 326 6.97 -1.79 38.95
N TRP M 327 6.25 -1.22 39.92
CA TRP M 327 6.69 -0.02 40.61
C TRP M 327 7.87 -0.25 41.51
N LEU M 328 8.06 -1.49 41.91
CA LEU M 328 9.18 -1.84 42.76
C LEU M 328 10.40 -1.85 41.86
N LEU M 329 10.16 -2.17 40.58
CA LEU M 329 11.20 -2.21 39.57
C LEU M 329 11.67 -0.81 39.21
N VAL M 330 10.71 0.10 39.09
CA VAL M 330 11.04 1.49 38.77
C VAL M 330 11.97 2.02 39.85
N ALA M 331 11.53 1.96 41.10
CA ALA M 331 12.35 2.43 42.21
C ALA M 331 13.69 1.72 42.18
N ASN M 332 13.70 0.49 41.66
CA ASN M 332 14.92 -0.29 41.57
C ASN M 332 15.94 0.41 40.70
N LEU M 333 15.49 0.92 39.54
CA LEU M 333 16.37 1.63 38.61
C LEU M 333 16.78 2.98 39.20
N LEU M 334 15.78 3.67 39.75
CA LEU M 334 15.96 4.96 40.39
C LEU M 334 17.12 4.89 41.37
N ILE M 335 17.34 3.71 41.95
CA ILE M 335 18.42 3.51 42.91
C ILE M 335 19.76 3.35 42.22
N LEU M 336 19.81 2.46 41.23
CA LEU M 336 21.03 2.23 40.47
C LEU M 336 21.60 3.55 39.96
N THR M 337 20.72 4.46 39.57
CA THR M 337 21.14 5.76 39.07
C THR M 337 21.88 6.49 40.19
N TRP M 338 21.32 6.46 41.39
CA TRP M 338 21.97 7.10 42.53
C TRP M 338 23.33 6.43 42.75
N ILE M 339 23.33 5.10 42.80
CA ILE M 339 24.54 4.33 43.00
C ILE M 339 25.63 4.70 42.00
N GLY M 340 25.21 4.86 40.74
CA GLY M 340 26.15 5.20 39.69
C GLY M 340 26.80 6.55 39.91
N SER M 341 26.11 7.42 40.65
CA SER M 341 26.63 8.75 40.92
C SER M 341 27.43 8.83 42.21
N GLN M 342 27.79 7.66 42.75
CA GLN M 342 28.54 7.59 43.99
C GLN M 342 29.81 6.77 43.79
N PRO M 343 30.84 7.01 44.62
CA PRO M 343 32.11 6.28 44.53
C PRO M 343 32.01 4.79 44.78
N VAL M 344 33.06 4.06 44.42
CA VAL M 344 33.08 2.62 44.60
C VAL M 344 33.61 2.29 46.00
N GLU M 345 32.76 2.56 47.00
CA GLU M 345 33.07 2.32 48.40
C GLU M 345 31.80 1.87 49.14
N HIS M 346 32.00 1.24 50.30
CA HIS M 346 30.89 0.80 51.12
C HIS M 346 30.18 2.07 51.62
N PRO M 347 28.86 2.02 51.85
CA PRO M 347 27.90 0.92 51.72
C PRO M 347 27.43 0.68 50.28
N PHE M 348 27.76 1.65 49.43
CA PHE M 348 27.42 1.65 48.01
C PHE M 348 27.68 0.35 47.27
N ILE M 349 28.91 -0.15 47.34
CA ILE M 349 29.24 -1.39 46.65
C ILE M 349 28.24 -2.52 46.91
N ILE M 350 27.86 -2.70 48.17
CA ILE M 350 26.92 -3.74 48.50
C ILE M 350 25.51 -3.37 48.01
N ILE M 351 25.08 -2.14 48.27
CA ILE M 351 23.75 -1.70 47.82
C ILE M 351 23.65 -1.89 46.32
N GLY M 352 24.76 -1.63 45.63
CA GLY M 352 24.82 -1.79 44.20
C GLY M 352 24.52 -3.21 43.78
N GLN M 353 25.46 -4.12 44.01
CA GLN M 353 25.28 -5.52 43.64
C GLN M 353 23.85 -6.00 43.91
N MET M 354 23.23 -5.44 44.94
CA MET M 354 21.86 -5.81 45.28
C MET M 354 20.88 -5.35 44.21
N ALA M 355 20.75 -4.03 44.05
CA ALA M 355 19.84 -3.44 43.06
C ALA M 355 20.01 -4.10 41.68
N SER M 356 21.24 -4.47 41.33
CA SER M 356 21.50 -5.13 40.06
C SER M 356 20.83 -6.49 40.09
N LEU M 357 21.25 -7.30 41.06
CA LEU M 357 20.71 -8.63 41.24
C LEU M 357 19.20 -8.52 41.26
N SER M 358 18.73 -7.45 41.88
CA SER M 358 17.30 -7.16 42.02
C SER M 358 16.66 -6.92 40.65
N TYR M 359 17.33 -6.10 39.85
CA TYR M 359 16.90 -5.75 38.50
C TYR M 359 16.65 -6.99 37.64
N PHE M 360 17.69 -7.81 37.47
CA PHE M 360 17.58 -9.03 36.66
C PHE M 360 16.59 -10.07 37.16
N THR M 361 16.31 -10.05 38.46
CA THR M 361 15.40 -11.03 39.00
C THR M 361 13.97 -10.62 38.82
N ILE M 362 13.68 -9.34 39.06
CA ILE M 362 12.33 -8.83 38.89
C ILE M 362 11.86 -9.02 37.44
N LEU M 363 12.81 -9.08 36.52
CA LEU M 363 12.49 -9.24 35.10
C LEU M 363 12.52 -10.66 34.59
N LEU M 364 13.56 -11.42 34.91
CA LEU M 364 13.62 -12.79 34.42
C LEU M 364 12.83 -13.81 35.23
N ILE M 365 12.78 -13.63 36.55
CA ILE M 365 12.09 -14.58 37.42
C ILE M 365 10.75 -14.17 38.03
N LEU M 366 10.72 -13.04 38.71
CA LEU M 366 9.49 -12.59 39.34
C LEU M 366 8.34 -12.36 38.38
N PHE M 367 8.38 -11.28 37.60
CA PHE M 367 7.29 -10.98 36.67
C PHE M 367 6.60 -12.19 36.05
N PRO M 368 7.37 -13.05 35.37
CA PRO M 368 6.72 -14.22 34.76
C PRO M 368 6.08 -15.17 35.79
N THR M 369 6.59 -15.16 37.02
CA THR M 369 6.08 -16.01 38.09
C THR M 369 4.78 -15.45 38.67
N ILE M 370 4.82 -14.22 39.17
CA ILE M 370 3.64 -13.57 39.73
C ILE M 370 2.54 -13.59 38.69
N GLY M 371 2.95 -13.49 37.42
CA GLY M 371 1.98 -13.51 36.34
C GLY M 371 1.21 -14.82 36.36
N THR M 372 1.92 -15.95 36.36
CA THR M 372 1.30 -17.28 36.38
C THR M 372 0.37 -17.37 37.58
N LEU M 373 0.91 -17.02 38.74
CA LEU M 373 0.18 -17.03 39.99
C LEU M 373 -1.16 -16.32 39.82
N GLU M 374 -1.10 -15.06 39.40
CA GLU M 374 -2.30 -14.27 39.19
C GLU M 374 -3.33 -15.00 38.32
N ASN M 375 -2.87 -15.74 37.32
CA ASN M 375 -3.81 -16.46 36.44
C ASN M 375 -4.65 -17.42 37.25
N LYS M 376 -4.01 -18.13 38.17
CA LYS M 376 -4.71 -19.09 39.00
C LYS M 376 -5.69 -18.42 39.95
N MET M 377 -5.34 -17.24 40.43
CA MET M 377 -6.23 -16.51 41.34
C MET M 377 -7.50 -16.04 40.65
N LEU M 378 -7.50 -16.04 39.32
CA LEU M 378 -8.70 -15.64 38.59
C LEU M 378 -9.51 -16.89 38.29
N ASN M 379 -8.85 -18.05 38.49
CA ASN M 379 -9.40 -19.38 38.27
C ASN M 379 -9.24 -19.84 36.83
N TYR M 380 -8.11 -19.44 36.24
CA TYR M 380 -7.77 -19.78 34.86
C TYR M 380 -6.61 -20.76 34.85
N GLY N 1 43.29 14.35 52.98
CA GLY N 1 42.94 12.91 53.18
C GLY N 1 41.73 12.47 52.36
N GLU N 2 40.82 11.72 52.98
CA GLU N 2 39.63 11.26 52.27
C GLU N 2 38.38 12.09 52.60
N LEU N 3 38.58 13.17 53.37
CA LEU N 3 37.48 14.04 53.74
C LEU N 3 37.67 15.43 53.12
N GLU N 4 36.61 16.21 53.09
CA GLU N 4 36.71 17.54 52.49
C GLU N 4 35.67 18.48 53.08
N LEU N 5 36.00 19.77 53.06
CA LEU N 5 35.11 20.78 53.57
C LEU N 5 34.39 21.42 52.38
N HIS N 6 33.07 21.46 52.41
CA HIS N 6 32.30 22.04 51.31
C HIS N 6 31.95 23.49 51.58
N PRO N 7 32.14 24.36 50.58
CA PRO N 7 31.84 25.79 50.74
C PRO N 7 30.37 26.04 51.00
N PRO N 8 30.05 27.22 51.57
CA PRO N 8 28.67 27.64 51.88
C PRO N 8 28.00 28.27 50.67
N ALA N 9 26.80 28.80 50.85
CA ALA N 9 26.10 29.41 49.74
C ALA N 9 25.83 30.89 49.96
N PHE N 10 26.68 31.73 49.39
CA PHE N 10 26.51 33.18 49.54
C PHE N 10 25.38 33.64 48.63
N PRO N 11 24.71 34.74 49.02
CA PRO N 11 23.59 35.32 48.26
C PRO N 11 24.02 36.29 47.18
N TRP N 12 24.53 35.78 46.07
CA TRP N 12 25.00 36.63 44.97
C TRP N 12 23.84 37.41 44.34
N SER N 13 24.09 38.67 44.01
CA SER N 13 23.07 39.50 43.40
C SER N 13 22.52 38.87 42.12
N HIS N 14 23.29 37.96 41.54
CA HIS N 14 22.92 37.29 40.29
C HIS N 14 22.48 35.84 40.48
N GLY N 15 22.16 35.46 41.71
CA GLY N 15 21.73 34.09 41.97
C GLY N 15 20.29 33.82 41.53
N GLY N 16 19.46 34.87 41.50
CA GLY N 16 18.06 34.74 41.13
C GLY N 16 17.79 34.36 39.69
N PRO N 17 16.70 33.64 39.43
CA PRO N 17 16.35 33.22 38.08
C PRO N 17 16.06 34.45 37.24
N LEU N 18 15.72 35.56 37.88
CA LEU N 18 15.45 36.76 37.11
C LEU N 18 16.43 37.88 37.44
N SER N 19 17.47 37.54 38.17
CA SER N 19 18.48 38.50 38.60
C SER N 19 19.71 38.58 37.70
N ALA N 20 19.90 39.73 37.07
CA ALA N 20 21.05 39.94 36.18
C ALA N 20 22.34 40.04 36.99
N LEU N 21 23.47 40.23 36.31
CA LEU N 21 24.76 40.39 36.98
C LEU N 21 24.91 41.86 37.34
N ASP N 22 25.58 42.17 38.45
CA ASP N 22 25.78 43.56 38.83
C ASP N 22 26.96 44.05 38.02
N HIS N 23 26.66 44.67 36.88
CA HIS N 23 27.68 45.17 35.97
C HIS N 23 28.69 46.09 36.60
N SER N 24 28.40 46.61 37.78
CA SER N 24 29.33 47.48 38.48
C SER N 24 30.38 46.60 39.14
N SER N 25 29.92 45.51 39.74
CA SER N 25 30.80 44.57 40.42
C SER N 25 31.66 43.79 39.44
N VAL N 26 31.23 43.74 38.19
CA VAL N 26 31.98 43.02 37.17
C VAL N 26 33.12 43.87 36.65
N ARG N 27 32.87 45.19 36.53
CA ARG N 27 33.90 46.12 36.05
C ARG N 27 35.07 46.06 37.01
N ARG N 28 34.75 45.93 38.30
CA ARG N 28 35.76 45.82 39.34
C ARG N 28 36.43 44.44 39.25
N GLY N 29 35.60 43.38 39.18
CA GLY N 29 36.15 42.04 39.08
C GLY N 29 37.23 42.03 38.02
N PHE N 30 36.93 42.68 36.90
CA PHE N 30 37.86 42.81 35.76
C PHE N 30 39.19 43.40 36.17
N GLN N 31 39.12 44.53 36.89
CA GLN N 31 40.29 45.25 37.39
C GLN N 31 41.12 44.30 38.25
N VAL N 32 40.45 43.51 39.08
CA VAL N 32 41.13 42.55 39.93
C VAL N 32 41.92 41.57 39.07
N TYR N 33 41.25 40.98 38.07
CA TYR N 33 41.90 40.04 37.18
C TYR N 33 43.05 40.73 36.47
N LYS N 34 42.73 41.86 35.84
CA LYS N 34 43.72 42.63 35.09
C LYS N 34 44.98 43.01 35.84
N GLN N 35 44.85 43.40 37.11
CA GLN N 35 46.00 43.81 37.89
C GLN N 35 46.57 42.80 38.88
N VAL N 36 45.91 41.67 39.05
CA VAL N 36 46.40 40.68 40.01
C VAL N 36 46.51 39.24 39.52
N CYS N 37 45.41 38.68 39.00
CA CYS N 37 45.37 37.30 38.52
C CYS N 37 46.02 37.09 37.17
N SER N 38 45.84 38.07 36.28
CA SER N 38 46.38 38.00 34.94
C SER N 38 47.89 37.84 34.95
N ALA N 39 48.47 37.77 36.13
CA ALA N 39 49.92 37.63 36.23
C ALA N 39 50.31 36.18 36.09
N CYS N 40 49.38 35.28 36.36
CA CYS N 40 49.66 33.85 36.26
C CYS N 40 48.49 33.11 35.64
N HIS N 41 47.34 33.77 35.56
CA HIS N 41 46.14 33.14 35.01
C HIS N 41 45.70 33.64 33.64
N SER N 42 45.70 32.73 32.68
CA SER N 42 45.29 33.07 31.33
C SER N 42 43.77 33.10 31.23
N MET N 43 43.27 33.84 30.26
CA MET N 43 41.83 33.93 30.02
C MET N 43 41.65 33.97 28.52
N ASP N 44 42.03 32.85 27.90
CA ASP N 44 42.00 32.70 26.46
C ASP N 44 40.70 32.96 25.68
N TYR N 45 39.54 32.82 26.30
CA TYR N 45 38.33 33.02 25.52
C TYR N 45 37.60 34.34 25.67
N VAL N 46 38.21 35.31 26.32
CA VAL N 46 37.57 36.60 26.47
C VAL N 46 38.41 37.64 25.76
N ALA N 47 37.79 38.72 25.31
CA ALA N 47 38.57 39.72 24.60
C ALA N 47 38.08 41.12 24.86
N PHE N 48 39.01 42.06 24.78
CA PHE N 48 38.71 43.45 25.03
C PHE N 48 37.41 43.95 24.41
N ARG N 49 36.99 43.38 23.29
CA ARG N 49 35.73 43.85 22.70
C ARG N 49 34.54 43.40 23.56
N ASN N 50 34.67 42.23 24.19
CA ASN N 50 33.62 41.67 25.06
C ASN N 50 33.22 42.59 26.24
N LEU N 51 34.15 43.44 26.67
CA LEU N 51 33.96 44.37 27.77
C LEU N 51 33.07 45.53 27.32
N ILE N 52 33.11 45.84 26.04
CA ILE N 52 32.30 46.93 25.52
C ILE N 52 30.80 46.70 25.77
N GLY N 53 30.12 47.75 26.22
CA GLY N 53 28.69 47.65 26.47
C GLY N 53 28.28 46.75 27.63
N VAL N 54 29.24 46.09 28.25
CA VAL N 54 28.94 45.24 29.39
C VAL N 54 29.49 45.95 30.63
N THR N 55 30.78 46.24 30.61
CA THR N 55 31.43 46.92 31.73
C THR N 55 32.21 48.16 31.32
N HIS N 56 32.56 48.30 30.04
CA HIS N 56 33.32 49.46 29.62
C HIS N 56 32.80 50.17 28.39
N THR N 57 33.27 51.41 28.19
CA THR N 57 32.86 52.19 27.04
C THR N 57 33.81 51.77 25.94
N GLU N 58 33.47 52.06 24.69
CA GLU N 58 34.33 51.70 23.58
C GLU N 58 35.71 52.34 23.70
N ALA N 59 35.76 53.59 24.13
CA ALA N 59 37.03 54.29 24.31
C ALA N 59 37.88 53.46 25.26
N GLU N 60 37.39 53.28 26.48
CA GLU N 60 38.07 52.52 27.53
C GLU N 60 38.60 51.19 27.02
N ALA N 61 37.71 50.37 26.49
CA ALA N 61 38.10 49.06 25.98
C ALA N 61 39.30 49.16 25.03
N LYS N 62 39.22 50.07 24.06
CA LYS N 62 40.29 50.24 23.09
C LYS N 62 41.62 50.58 23.76
N ALA N 63 41.60 51.58 24.65
CA ALA N 63 42.83 51.97 25.34
C ALA N 63 43.30 50.83 26.21
N LEU N 64 42.36 50.09 26.78
CA LEU N 64 42.68 48.98 27.64
C LEU N 64 43.50 47.94 26.89
N ALA N 65 43.18 47.79 25.61
CA ALA N 65 43.86 46.82 24.77
C ALA N 65 45.16 47.38 24.21
N GLU N 66 45.26 48.69 24.09
CA GLU N 66 46.47 49.32 23.56
C GLU N 66 47.57 49.37 24.62
N GLU N 67 47.22 49.02 25.85
CA GLU N 67 48.17 49.03 26.94
C GLU N 67 49.03 47.78 26.85
N VAL N 68 48.71 46.90 25.89
CA VAL N 68 49.46 45.66 25.73
C VAL N 68 50.25 45.58 24.41
N GLU N 69 51.30 44.77 24.42
CA GLU N 69 52.13 44.56 23.24
C GLU N 69 51.66 43.23 22.67
N VAL N 70 51.37 43.21 21.37
CA VAL N 70 50.90 41.99 20.73
C VAL N 70 51.82 41.59 19.60
N GLN N 71 52.20 40.32 19.56
CA GLN N 71 53.07 39.85 18.49
C GLN N 71 52.21 39.64 17.24
N ASP N 72 52.73 40.09 16.10
CA ASP N 72 52.01 39.95 14.84
C ASP N 72 52.99 39.46 13.78
N GLY N 73 52.59 39.54 12.51
CA GLY N 73 53.46 39.12 11.45
C GLY N 73 53.00 37.93 10.63
N PRO N 74 53.83 37.47 9.67
CA PRO N 74 55.14 38.05 9.40
C PRO N 74 55.01 39.31 8.56
N ASP N 75 56.07 40.10 8.51
CA ASP N 75 56.06 41.32 7.75
C ASP N 75 56.48 41.02 6.33
N GLU N 76 57.22 41.93 5.71
CA GLU N 76 57.68 41.80 4.33
C GLU N 76 58.86 40.85 4.21
N ASN N 77 59.64 40.74 5.27
CA ASN N 77 60.79 39.84 5.26
C ASN N 77 60.47 38.64 6.14
N GLY N 78 59.18 38.35 6.28
CA GLY N 78 58.76 37.23 7.07
C GLY N 78 59.33 37.30 8.46
N GLU N 79 59.25 38.49 9.06
CA GLU N 79 59.75 38.72 10.41
C GLU N 79 58.61 39.06 11.36
N LEU N 80 58.56 38.39 12.51
CA LEU N 80 57.51 38.70 13.46
C LEU N 80 57.81 40.11 13.95
N PHE N 81 56.84 40.74 14.63
CA PHE N 81 57.07 42.10 15.12
C PHE N 81 55.99 42.51 16.09
N MET N 82 56.37 43.25 17.12
CA MET N 82 55.40 43.68 18.11
C MET N 82 54.47 44.76 17.57
N ARG N 83 53.42 45.04 18.33
CA ARG N 83 52.45 46.06 17.95
C ARG N 83 51.49 46.27 19.12
N PRO N 84 50.81 47.42 19.13
CA PRO N 84 49.86 47.72 20.20
C PRO N 84 48.59 46.90 19.98
N GLY N 85 47.92 46.53 21.07
CA GLY N 85 46.71 45.73 20.98
C GLY N 85 45.47 46.41 20.39
N LYS N 86 44.58 45.60 19.85
CA LYS N 86 43.34 46.08 19.25
C LYS N 86 42.19 45.45 20.04
N ILE N 87 41.02 46.07 20.01
CA ILE N 87 39.87 45.54 20.74
C ILE N 87 39.51 44.13 20.36
N SER N 88 40.05 43.69 19.22
CA SER N 88 39.79 42.34 18.71
C SER N 88 40.76 41.27 19.25
N ASP N 89 41.73 41.70 20.06
CA ASP N 89 42.70 40.76 20.62
C ASP N 89 42.14 40.07 21.83
N TYR N 90 42.67 38.89 22.13
CA TYR N 90 42.22 38.17 23.31
C TYR N 90 43.11 38.57 24.49
N PHE N 91 42.62 38.36 25.71
CA PHE N 91 43.40 38.70 26.90
C PHE N 91 44.74 37.99 26.80
N PRO N 92 45.83 38.72 27.05
CA PRO N 92 47.19 38.21 27.00
C PRO N 92 47.47 37.00 27.87
N LYS N 93 48.22 36.05 27.33
CA LYS N 93 48.60 34.86 28.06
C LYS N 93 49.87 35.28 28.82
N PRO N 94 49.97 34.96 30.12
CA PRO N 94 51.15 35.35 30.89
C PRO N 94 52.34 34.39 30.72
N TYR N 95 52.13 33.29 30.02
CA TYR N 95 53.19 32.34 29.74
C TYR N 95 52.93 31.80 28.34
N PRO N 96 53.98 31.53 27.57
CA PRO N 96 53.86 31.02 26.20
C PRO N 96 53.26 29.63 26.12
N ASN N 97 53.42 28.84 27.18
CA ASN N 97 52.93 27.48 27.21
C ASN N 97 53.00 26.92 28.63
N PRO N 98 52.12 25.95 28.96
CA PRO N 98 52.13 25.35 30.30
C PRO N 98 53.49 24.98 30.87
N GLU N 99 54.35 24.36 30.05
CA GLU N 99 55.69 23.99 30.53
C GLU N 99 56.36 25.13 31.31
N ALA N 100 56.35 26.33 30.73
CA ALA N 100 56.96 27.52 31.33
C ALA N 100 56.12 28.08 32.47
N ALA N 101 54.81 27.90 32.39
CA ALA N 101 53.92 28.38 33.44
C ALA N 101 54.28 27.61 34.70
N ARG N 102 54.44 26.29 34.58
CA ARG N 102 54.81 25.48 35.73
C ARG N 102 56.17 25.94 36.20
N ALA N 103 57.06 26.10 35.24
CA ALA N 103 58.43 26.53 35.50
C ALA N 103 58.56 27.77 36.39
N ALA N 104 57.51 28.55 36.52
CA ALA N 104 57.58 29.76 37.35
C ALA N 104 56.45 29.82 38.40
N ASN N 105 56.14 28.66 39.00
CA ASN N 105 55.11 28.54 40.00
C ASN N 105 55.33 27.25 40.77
N ASN N 106 56.55 26.73 40.70
CA ASN N 106 56.92 25.50 41.39
C ASN N 106 56.33 24.23 40.79
N GLY N 107 56.18 24.22 39.46
CA GLY N 107 55.63 23.05 38.81
C GLY N 107 54.13 23.06 38.88
N ALA N 108 53.57 24.14 39.42
CA ALA N 108 52.13 24.30 39.54
C ALA N 108 51.61 24.93 38.27
N LEU N 109 50.43 24.50 37.85
CA LEU N 109 49.86 25.02 36.63
C LEU N 109 48.61 25.85 36.89
N PRO N 110 48.75 27.18 36.93
CA PRO N 110 47.59 28.05 37.17
C PRO N 110 46.63 27.94 36.00
N PRO N 111 45.51 27.21 36.17
CA PRO N 111 44.50 27.02 35.12
C PRO N 111 43.97 28.28 34.48
N ASP N 112 43.52 28.16 33.23
CA ASP N 112 42.97 29.29 32.52
C ASP N 112 41.64 29.53 33.22
N LEU N 113 41.34 30.78 33.53
CA LEU N 113 40.12 31.10 34.26
C LEU N 113 38.87 31.38 33.42
N SER N 114 38.95 31.18 32.12
CA SER N 114 37.82 31.45 31.26
C SER N 114 36.54 30.74 31.73
N TYR N 115 36.60 29.41 31.85
CA TYR N 115 35.44 28.64 32.27
C TYR N 115 35.56 28.11 33.69
N ILE N 116 36.37 28.73 34.54
CA ILE N 116 36.57 28.23 35.90
C ILE N 116 35.33 27.97 36.78
N VAL N 117 34.48 28.97 36.94
CA VAL N 117 33.31 28.81 37.80
C VAL N 117 32.38 27.64 37.44
N ASN N 118 32.57 27.05 36.25
CA ASN N 118 31.73 25.92 35.83
C ASN N 118 32.55 24.63 35.76
N ALA N 119 33.84 24.75 36.03
CA ALA N 119 34.74 23.61 35.97
C ALA N 119 35.09 23.10 37.36
N ARG N 120 34.56 23.79 38.36
CA ARG N 120 34.80 23.43 39.75
C ARG N 120 33.47 23.40 40.52
N HIS N 121 33.20 22.30 41.22
CA HIS N 121 31.94 22.21 41.98
C HIS N 121 31.91 23.35 42.99
N GLY N 122 30.83 24.13 42.98
CA GLY N 122 30.74 25.22 43.91
C GLY N 122 30.74 26.55 43.21
N GLY N 123 31.29 26.56 42.00
CA GLY N 123 31.31 27.79 41.24
C GLY N 123 31.90 28.94 42.03
N GLU N 124 31.30 30.12 41.92
CA GLU N 124 31.80 31.29 42.62
C GLU N 124 31.78 31.11 44.13
N ASP N 125 30.89 30.25 44.60
CA ASP N 125 30.83 29.99 46.04
C ASP N 125 32.11 29.27 46.45
N TYR N 126 32.64 28.42 45.56
CA TYR N 126 33.87 27.69 45.83
C TYR N 126 35.07 28.61 45.70
N VAL N 127 35.21 29.21 44.52
CA VAL N 127 36.31 30.13 44.26
C VAL N 127 36.44 31.16 45.38
N PHE N 128 35.31 31.68 45.83
CA PHE N 128 35.33 32.67 46.91
C PHE N 128 35.93 32.08 48.17
N SER N 129 35.23 31.13 48.78
CA SER N 129 35.68 30.48 50.01
C SER N 129 37.17 30.07 49.98
N LEU N 130 37.69 29.72 48.80
CA LEU N 130 39.09 29.33 48.65
C LEU N 130 40.03 30.53 48.71
N LEU N 131 39.61 31.65 48.11
CA LEU N 131 40.43 32.86 48.13
C LEU N 131 40.52 33.41 49.54
N THR N 132 39.37 33.55 50.20
CA THR N 132 39.32 34.07 51.56
C THR N 132 39.56 33.02 52.65
N GLY N 133 39.55 31.74 52.28
CA GLY N 133 39.74 30.69 53.28
C GLY N 133 41.14 30.21 53.67
N TYR N 134 42.19 30.94 53.32
CA TYR N 134 43.54 30.50 53.70
C TYR N 134 43.77 30.60 55.21
N CYS N 135 44.45 29.60 55.78
CA CYS N 135 44.71 29.59 57.21
C CYS N 135 45.78 28.56 57.60
N ASP N 136 46.00 28.41 58.90
CA ASP N 136 47.01 27.47 59.41
C ASP N 136 46.56 26.02 59.47
N PRO N 137 47.48 25.08 59.14
CA PRO N 137 47.16 23.65 59.17
C PRO N 137 46.92 23.20 60.61
N PRO N 138 45.91 22.34 60.82
CA PRO N 138 45.58 21.83 62.15
C PRO N 138 46.65 20.91 62.72
N ALA N 139 46.47 20.50 63.96
CA ALA N 139 47.43 19.62 64.61
C ALA N 139 47.58 18.29 63.87
N GLY N 140 48.83 17.92 63.59
CA GLY N 140 49.10 16.66 62.91
C GLY N 140 49.26 16.74 61.40
N VAL N 141 48.94 17.89 60.81
CA VAL N 141 49.03 18.09 59.36
C VAL N 141 50.25 18.90 58.92
N VAL N 142 51.18 18.23 58.22
CA VAL N 142 52.40 18.87 57.71
C VAL N 142 52.28 19.20 56.22
N VAL N 143 52.36 20.50 55.90
CA VAL N 143 52.24 20.93 54.51
C VAL N 143 53.61 20.97 53.82
N ARG N 144 53.73 20.23 52.73
CA ARG N 144 54.97 20.18 51.96
C ARG N 144 55.47 21.59 51.66
N GLU N 145 56.78 21.75 51.55
CA GLU N 145 57.36 23.06 51.26
C GLU N 145 56.86 23.59 49.92
N GLY N 146 56.85 24.92 49.78
CA GLY N 146 56.40 25.51 48.54
C GLY N 146 54.88 25.54 48.41
N LEU N 147 54.20 24.74 49.23
CA LEU N 147 52.74 24.68 49.22
C LEU N 147 52.12 25.43 50.40
N HIS N 148 50.83 25.69 50.31
CA HIS N 148 50.11 26.42 51.36
C HIS N 148 48.90 25.65 51.84
N TYR N 149 48.47 25.93 53.06
CA TYR N 149 47.31 25.23 53.57
C TYR N 149 46.04 26.02 53.30
N ASN N 150 45.08 25.32 52.70
CA ASN N 150 43.76 25.87 52.43
C ASN N 150 42.85 24.67 52.61
N PRO N 151 41.94 24.75 53.57
CA PRO N 151 41.02 23.65 53.85
C PRO N 151 40.02 23.43 52.72
N TYR N 152 39.70 24.51 52.01
CA TYR N 152 38.76 24.44 50.92
C TYR N 152 39.26 23.76 49.66
N PHE N 153 40.58 23.67 49.49
CA PHE N 153 41.15 23.03 48.32
C PHE N 153 41.30 21.53 48.61
N PRO N 154 40.87 20.67 47.68
CA PRO N 154 40.98 19.23 47.87
C PRO N 154 42.44 18.78 48.06
N GLY N 155 42.72 18.26 49.24
CA GLY N 155 44.07 17.82 49.57
C GLY N 155 44.61 18.78 50.63
N GLN N 156 43.95 19.94 50.69
CA GLN N 156 44.26 21.01 51.64
C GLN N 156 45.58 21.75 51.34
N ALA N 157 46.40 21.14 50.48
CA ALA N 157 47.70 21.72 50.07
C ALA N 157 47.60 22.31 48.67
N ILE N 158 47.43 23.62 48.58
CA ILE N 158 47.30 24.32 47.29
C ILE N 158 48.61 24.97 46.89
N GLY N 159 48.89 25.02 45.58
CA GLY N 159 50.13 25.62 45.13
C GLY N 159 50.09 27.13 44.91
N MET N 160 48.94 27.75 45.19
CA MET N 160 48.79 29.19 45.01
C MET N 160 48.81 29.96 46.33
N ALA N 161 49.82 30.79 46.53
CA ALA N 161 49.89 31.57 47.77
C ALA N 161 48.77 32.59 47.69
N PRO N 162 48.12 32.89 48.83
CA PRO N 162 47.01 33.84 48.91
C PRO N 162 47.26 35.07 48.06
N PRO N 163 46.57 35.16 46.91
CA PRO N 163 46.68 36.27 45.97
C PRO N 163 46.14 37.62 46.42
N ILE N 164 45.15 37.62 47.30
CA ILE N 164 44.62 38.90 47.75
C ILE N 164 44.70 39.23 49.24
N TYR N 165 45.03 40.49 49.50
CA TYR N 165 45.15 41.06 50.85
C TYR N 165 44.70 42.53 50.75
N ASN N 166 44.04 43.01 51.80
CA ASN N 166 43.53 44.37 51.84
C ASN N 166 44.35 45.45 51.13
N GLU N 167 43.64 46.31 50.39
CA GLU N 167 44.24 47.41 49.65
C GLU N 167 45.29 47.00 48.61
N ILE N 168 45.44 45.70 48.36
CA ILE N 168 46.41 45.20 47.37
C ILE N 168 46.31 45.95 46.05
N LEU N 169 45.18 46.62 45.85
CA LEU N 169 44.93 47.42 44.66
C LEU N 169 43.95 48.49 45.13
N GLU N 170 43.48 49.35 44.24
CA GLU N 170 42.55 50.38 44.66
C GLU N 170 41.51 50.69 43.60
N TYR N 171 40.27 50.29 43.86
CA TYR N 171 39.18 50.51 42.93
C TYR N 171 39.03 52.01 42.64
N ASP N 172 39.23 52.39 41.39
CA ASP N 172 39.12 53.79 40.97
C ASP N 172 37.69 54.34 41.02
N ASP N 173 36.77 53.54 41.56
CA ASP N 173 35.37 53.96 41.66
C ASP N 173 35.07 54.38 43.09
N GLY N 174 36.06 54.24 43.96
CA GLY N 174 35.92 54.64 45.35
C GLY N 174 35.33 53.62 46.30
N THR N 175 35.49 52.34 45.99
CA THR N 175 34.96 51.30 46.88
C THR N 175 36.05 50.74 47.79
N PRO N 176 35.80 50.70 49.09
CA PRO N 176 36.75 50.18 50.08
C PRO N 176 37.27 48.78 49.73
N ALA N 177 38.48 48.74 49.17
CA ALA N 177 39.11 47.50 48.76
C ALA N 177 39.52 46.55 49.87
N THR N 178 38.54 46.06 50.64
CA THR N 178 38.85 45.11 51.71
C THR N 178 39.14 43.79 50.98
N MET N 179 39.56 42.75 51.71
CA MET N 179 39.86 41.47 51.05
C MET N 179 38.66 40.75 50.49
N SER N 180 37.62 40.58 51.30
CA SER N 180 36.44 39.89 50.82
C SER N 180 35.74 40.76 49.78
N GLN N 181 35.84 42.08 49.91
CA GLN N 181 35.23 42.97 48.93
C GLN N 181 35.82 42.61 47.58
N ILE N 182 37.14 42.42 47.53
CA ILE N 182 37.80 42.05 46.29
C ILE N 182 37.27 40.70 45.85
N ALA N 183 37.61 39.65 46.59
CA ALA N 183 37.17 38.29 46.28
C ALA N 183 35.72 38.25 45.79
N LYS N 184 34.84 39.00 46.45
CA LYS N 184 33.43 39.05 46.06
C LYS N 184 33.32 39.59 44.64
N ASP N 185 34.06 40.67 44.33
CA ASP N 185 34.02 41.26 42.98
C ASP N 185 34.61 40.39 41.86
N VAL N 186 35.82 39.86 42.07
CA VAL N 186 36.47 39.03 41.08
C VAL N 186 35.66 37.77 40.78
N CYS N 187 34.96 37.24 41.78
CA CYS N 187 34.15 36.04 41.58
C CYS N 187 32.96 36.38 40.70
N THR N 188 32.40 37.57 40.90
CA THR N 188 31.27 38.04 40.09
C THR N 188 31.76 38.19 38.65
N PHE N 189 33.06 38.43 38.47
CA PHE N 189 33.66 38.58 37.16
C PHE N 189 33.80 37.19 36.53
N LEU N 190 34.44 36.27 37.25
CA LEU N 190 34.64 34.91 36.75
C LEU N 190 33.35 34.20 36.34
N ARG N 191 32.21 34.83 36.62
CA ARG N 191 30.92 34.27 36.23
C ARG N 191 30.64 34.90 34.88
N TRP N 192 30.59 36.23 34.82
CA TRP N 192 30.34 36.89 33.55
C TRP N 192 31.26 36.33 32.49
N ALA N 193 32.49 36.08 32.86
CA ALA N 193 33.46 35.55 31.91
C ALA N 193 33.09 34.15 31.44
N ALA N 194 32.64 33.29 32.34
CA ALA N 194 32.29 31.93 31.96
C ALA N 194 30.98 31.80 31.20
N GLU N 195 30.27 32.91 30.99
CA GLU N 195 29.00 32.86 30.28
C GLU N 195 28.30 34.18 30.18
N PRO N 196 28.81 35.07 29.33
CA PRO N 196 28.34 36.42 29.04
C PRO N 196 26.85 36.52 28.73
N GLU N 197 26.30 35.45 28.17
CA GLU N 197 24.88 35.42 27.84
C GLU N 197 24.06 35.66 29.11
N HIS N 198 24.43 34.95 30.18
CA HIS N 198 23.78 35.01 31.50
C HIS N 198 22.56 35.93 31.56
N ASP N 199 22.81 37.23 31.53
CA ASP N 199 21.74 38.24 31.57
C ASP N 199 20.65 38.03 30.51
N GLN N 200 21.03 37.95 29.25
CA GLN N 200 20.05 37.77 28.19
C GLN N 200 19.37 36.42 28.32
N ARG N 201 20.11 35.43 28.79
CA ARG N 201 19.58 34.08 28.98
C ARG N 201 18.42 34.08 29.96
N LYS N 202 18.47 34.99 30.91
CA LYS N 202 17.43 35.08 31.92
C LYS N 202 16.30 35.98 31.46
N ARG N 203 16.61 37.02 30.70
CA ARG N 203 15.55 37.89 30.23
C ARG N 203 14.62 37.06 29.34
N MET N 204 15.22 36.15 28.57
CA MET N 204 14.45 35.26 27.70
C MET N 204 13.64 34.34 28.60
N GLY N 205 14.33 33.66 29.53
CA GLY N 205 13.65 32.78 30.46
C GLY N 205 12.36 33.40 30.97
N LEU N 206 12.36 34.72 31.14
CA LEU N 206 11.16 35.43 31.60
C LEU N 206 10.13 35.31 30.49
N LYS N 207 10.42 35.92 29.34
CA LYS N 207 9.51 35.89 28.20
C LYS N 207 8.97 34.48 27.98
N MET N 208 9.83 33.50 28.17
CA MET N 208 9.44 32.11 27.99
C MET N 208 8.31 31.73 28.94
N LEU N 209 8.49 32.04 30.22
CA LEU N 209 7.48 31.72 31.22
C LEU N 209 6.13 32.33 30.90
N LEU N 210 6.10 33.62 30.63
CA LEU N 210 4.85 34.29 30.31
C LEU N 210 4.14 33.66 29.10
N ILE N 211 4.84 33.54 27.98
CA ILE N 211 4.24 32.94 26.80
C ILE N 211 3.87 31.49 27.06
N SER N 212 4.78 30.74 27.69
CA SER N 212 4.52 29.35 28.02
C SER N 212 3.26 29.26 28.90
N ALA N 213 3.14 30.15 29.87
CA ALA N 213 1.98 30.19 30.75
C ALA N 213 0.73 30.41 29.92
N LEU N 214 0.65 31.58 29.29
CA LEU N 214 -0.47 31.96 28.44
C LEU N 214 -0.85 30.87 27.43
N LEU N 215 0.15 30.32 26.74
CA LEU N 215 -0.09 29.30 25.71
C LEU N 215 -0.52 27.94 26.21
N THR N 216 0.11 27.39 27.24
CA THR N 216 -0.34 26.08 27.74
C THR N 216 -1.82 26.16 28.08
N SER N 217 -2.24 27.34 28.54
CA SER N 217 -3.63 27.57 28.90
C SER N 217 -4.51 27.51 27.67
N LEU N 218 -4.36 28.48 26.77
CA LEU N 218 -5.14 28.50 25.55
C LEU N 218 -5.35 27.11 24.96
N LEU N 219 -4.26 26.37 24.75
CA LEU N 219 -4.32 25.02 24.19
C LEU N 219 -5.01 23.99 25.07
N TYR N 220 -4.99 24.20 26.38
CA TYR N 220 -5.66 23.25 27.27
C TYR N 220 -7.18 23.34 27.08
N TYR N 221 -7.63 24.53 26.75
CA TYR N 221 -9.04 24.77 26.53
C TYR N 221 -9.43 24.15 25.22
N MET N 222 -8.67 24.47 24.19
CA MET N 222 -8.90 23.94 22.86
C MET N 222 -8.91 22.43 22.83
N LYS N 223 -8.04 21.79 23.61
CA LYS N 223 -7.98 20.33 23.69
C LYS N 223 -9.27 19.80 24.32
N ARG N 224 -9.70 20.43 25.41
CA ARG N 224 -10.93 20.06 26.12
C ARG N 224 -12.13 20.35 25.23
N HIS N 225 -12.11 21.51 24.58
CA HIS N 225 -13.19 21.91 23.70
C HIS N 225 -13.55 20.85 22.71
N LYS N 226 -12.56 20.40 21.94
CA LYS N 226 -12.79 19.36 20.95
C LYS N 226 -13.25 18.10 21.65
N TRP N 227 -12.42 17.58 22.56
CA TRP N 227 -12.77 16.36 23.27
C TRP N 227 -14.13 16.32 23.98
N SER N 228 -14.67 17.49 24.35
CA SER N 228 -15.97 17.52 25.00
C SER N 228 -16.92 16.52 24.32
N VAL N 229 -17.02 16.60 22.99
CA VAL N 229 -17.88 15.71 22.22
C VAL N 229 -17.81 14.29 22.74
N LEU N 230 -16.61 13.84 23.10
CA LEU N 230 -16.42 12.49 23.60
C LEU N 230 -16.54 12.38 25.10
N LYS N 231 -16.29 13.48 25.80
CA LYS N 231 -16.38 13.46 27.26
C LYS N 231 -17.82 13.35 27.75
N SER N 232 -18.71 14.14 27.17
CA SER N 232 -20.12 14.15 27.54
C SER N 232 -20.93 12.99 26.97
N ARG N 233 -20.38 12.34 25.94
CA ARG N 233 -21.04 11.23 25.24
C ARG N 233 -21.78 10.23 26.13
N LYS N 234 -22.97 9.84 25.68
CA LYS N 234 -23.80 8.88 26.39
C LYS N 234 -24.21 7.77 25.45
N MET N 235 -24.09 6.53 25.90
CA MET N 235 -24.46 5.39 25.06
C MET N 235 -25.36 4.43 25.85
N ALA N 236 -26.23 3.72 25.13
CA ALA N 236 -27.16 2.75 25.71
C ALA N 236 -27.26 1.51 24.85
N TYR N 237 -27.46 0.34 25.45
CA TYR N 237 -27.60 -0.90 24.71
C TYR N 237 -29.06 -1.32 24.65
N ARG N 238 -29.72 -1.07 23.51
CA ARG N 238 -31.12 -1.40 23.32
C ARG N 238 -31.35 -2.56 22.35
N PRO N 239 -30.98 -3.79 22.76
CA PRO N 239 -31.11 -5.01 21.95
C PRO N 239 -32.56 -5.21 21.55
N PRO N 240 -32.82 -6.25 20.74
CA PRO N 240 -34.18 -6.57 20.27
C PRO N 240 -35.06 -7.15 21.37
N LYS N 241 -36.32 -6.73 21.38
CA LYS N 241 -37.26 -7.21 22.38
C LYS N 241 -38.62 -7.48 21.74
N VAL O 1 -39.16 -0.36 19.71
CA VAL O 1 -39.32 0.51 18.51
C VAL O 1 -38.61 1.85 18.70
N HIS O 2 -38.37 2.55 17.60
CA HIS O 2 -37.68 3.81 17.63
C HIS O 2 -38.51 4.92 18.25
N ASN O 3 -39.75 4.62 18.59
CA ASN O 3 -40.60 5.65 19.16
C ASN O 3 -40.30 5.87 20.64
N ASP O 4 -39.84 4.80 21.28
CA ASP O 4 -39.50 4.78 22.70
C ASP O 4 -38.08 5.29 22.94
N VAL O 5 -37.45 5.82 21.90
CA VAL O 5 -36.09 6.32 22.05
C VAL O 5 -36.05 7.84 22.12
N THR O 6 -35.38 8.36 23.15
CA THR O 6 -35.24 9.81 23.35
C THR O 6 -33.81 10.19 23.75
N VAL O 7 -33.48 11.43 23.46
CA VAL O 7 -32.17 12.01 23.75
C VAL O 7 -32.02 12.41 25.23
N PRO O 8 -31.15 11.70 25.98
CA PRO O 8 -30.93 12.00 27.40
C PRO O 8 -30.76 13.48 27.71
N ASP O 9 -30.63 13.80 28.99
CA ASP O 9 -30.50 15.18 29.38
C ASP O 9 -29.03 15.61 29.47
N PHE O 10 -28.70 16.66 28.70
CA PHE O 10 -27.35 17.20 28.66
C PHE O 10 -27.26 18.54 29.38
N SER O 11 -28.09 18.72 30.41
CA SER O 11 -28.10 19.95 31.18
C SER O 11 -26.85 20.00 32.05
N ALA O 12 -26.42 18.81 32.48
CA ALA O 12 -25.23 18.68 33.30
C ALA O 12 -24.01 19.28 32.55
N TYR O 13 -24.12 19.37 31.22
CA TYR O 13 -23.04 19.87 30.37
C TYR O 13 -23.32 21.07 29.49
N ARG O 14 -24.57 21.41 29.26
CA ARG O 14 -24.86 22.54 28.37
C ARG O 14 -24.29 23.86 28.84
N ARG O 15 -24.04 24.73 27.86
CA ARG O 15 -23.53 26.04 28.16
C ARG O 15 -24.73 26.79 28.69
N GLU O 16 -24.47 27.74 29.57
CA GLU O 16 -25.52 28.53 30.19
C GLU O 16 -26.61 29.03 29.23
N ASP O 17 -26.20 29.59 28.09
CA ASP O 17 -27.13 30.16 27.10
C ASP O 17 -28.06 29.27 26.30
N VAL O 18 -27.78 27.97 26.26
CA VAL O 18 -28.63 27.04 25.53
C VAL O 18 -29.10 25.95 26.49
N MET O 19 -29.47 26.38 27.70
CA MET O 19 -29.93 25.46 28.73
C MET O 19 -31.44 25.37 28.74
N ASP O 20 -32.08 26.45 28.27
CA ASP O 20 -33.54 26.55 28.23
C ASP O 20 -34.19 26.04 26.96
N ALA O 21 -34.90 24.93 27.09
CA ALA O 21 -35.58 24.27 25.99
C ALA O 21 -36.61 25.10 25.25
N THR O 22 -36.73 26.37 25.58
CA THR O 22 -37.74 27.19 24.91
C THR O 22 -37.21 28.49 24.30
N THR O 23 -35.89 28.62 24.22
CA THR O 23 -35.28 29.82 23.67
C THR O 23 -34.44 29.41 22.45
N SER O 24 -34.56 30.17 21.37
CA SER O 24 -33.81 29.90 20.14
C SER O 24 -32.33 29.84 20.43
N SER O 25 -31.72 28.66 20.34
CA SER O 25 -30.30 28.55 20.61
C SER O 25 -29.52 29.44 19.64
N GLN O 26 -30.18 29.85 18.56
CA GLN O 26 -29.58 30.67 17.52
C GLN O 26 -29.05 32.04 17.87
N THR O 27 -29.64 32.68 18.85
CA THR O 27 -29.20 34.02 19.24
C THR O 27 -27.79 34.01 19.87
N SER O 28 -27.58 33.06 20.78
CA SER O 28 -26.32 32.91 21.49
C SER O 28 -25.23 32.16 20.72
N SER O 29 -25.53 31.77 19.48
CA SER O 29 -24.57 31.03 18.66
C SER O 29 -23.36 31.91 18.37
N GLU O 30 -23.61 33.02 17.68
CA GLU O 30 -22.57 33.99 17.33
C GLU O 30 -21.52 34.15 18.42
N ASP O 31 -21.94 34.07 19.68
CA ASP O 31 -21.04 34.22 20.83
C ASP O 31 -20.35 32.92 21.14
N ARG O 32 -21.13 31.89 21.45
CA ARG O 32 -20.57 30.58 21.77
C ARG O 32 -19.42 30.22 20.83
N LYS O 33 -19.50 30.68 19.57
CA LYS O 33 -18.46 30.43 18.55
C LYS O 33 -17.40 31.51 18.61
N GLY O 34 -17.81 32.77 18.61
CA GLY O 34 -16.87 33.87 18.68
C GLY O 34 -15.88 33.70 19.83
N PHE O 35 -16.32 33.12 20.94
CA PHE O 35 -15.45 32.92 22.10
C PHE O 35 -14.49 31.78 21.87
N SER O 36 -15.01 30.64 21.44
CA SER O 36 -14.15 29.50 21.20
C SER O 36 -13.16 29.75 20.07
N TYR O 37 -13.57 30.55 19.08
CA TYR O 37 -12.69 30.90 17.94
C TYR O 37 -11.68 31.98 18.31
N LEU O 38 -11.98 32.71 19.37
CA LEU O 38 -11.09 33.76 19.89
C LEU O 38 -9.99 33.08 20.68
N VAL O 39 -10.30 31.99 21.37
CA VAL O 39 -9.30 31.29 22.12
C VAL O 39 -8.27 30.80 21.12
N THR O 40 -8.77 30.18 20.05
CA THR O 40 -7.92 29.65 18.99
C THR O 40 -7.12 30.75 18.29
N ALA O 41 -7.81 31.83 17.92
CA ALA O 41 -7.14 32.95 17.27
C ALA O 41 -5.97 33.41 18.10
N THR O 42 -6.13 33.38 19.42
CA THR O 42 -5.05 33.81 20.30
C THR O 42 -3.92 32.81 20.30
N ALA O 43 -4.25 31.53 20.47
CA ALA O 43 -3.25 30.48 20.47
C ALA O 43 -2.39 30.68 19.24
N CYS O 44 -3.04 30.97 18.12
CA CYS O 44 -2.33 31.20 16.87
C CYS O 44 -1.41 32.43 16.97
N VAL O 45 -1.90 33.51 17.58
CA VAL O 45 -1.09 34.71 17.74
C VAL O 45 0.06 34.48 18.69
N ALA O 46 -0.18 33.67 19.72
CA ALA O 46 0.85 33.35 20.72
C ALA O 46 1.92 32.49 20.09
N THR O 47 1.50 31.53 19.27
CA THR O 47 2.46 30.65 18.61
C THR O 47 3.17 31.40 17.48
N ALA O 48 2.43 32.24 16.74
CA ALA O 48 3.00 33.01 15.65
C ALA O 48 4.15 33.82 16.19
N TYR O 49 3.97 34.40 17.36
CA TYR O 49 5.01 35.19 18.01
C TYR O 49 6.20 34.27 18.30
N ALA O 50 5.99 33.28 19.16
CA ALA O 50 7.03 32.33 19.53
C ALA O 50 7.81 31.80 18.31
N ALA O 51 7.09 31.35 17.29
CA ALA O 51 7.69 30.81 16.07
C ALA O 51 8.61 31.82 15.41
N LYS O 52 8.03 32.94 14.97
CA LYS O 52 8.79 34.00 14.33
C LYS O 52 10.09 34.28 15.09
N ASN O 53 9.98 34.36 16.40
CA ASN O 53 11.12 34.62 17.25
C ASN O 53 12.20 33.54 17.23
N VAL O 54 11.78 32.28 17.18
CA VAL O 54 12.75 31.18 17.17
C VAL O 54 13.43 31.07 15.84
N VAL O 55 12.75 31.50 14.79
CA VAL O 55 13.36 31.49 13.47
C VAL O 55 14.32 32.67 13.44
N THR O 56 13.86 33.83 13.87
CA THR O 56 14.69 35.02 13.94
C THR O 56 16.07 34.59 14.43
N GLN O 57 16.08 33.99 15.62
CA GLN O 57 17.32 33.54 16.24
C GLN O 57 18.12 32.59 15.36
N PHE O 58 17.61 31.38 15.16
CA PHE O 58 18.31 30.39 14.34
C PHE O 58 18.87 30.95 13.02
N ILE O 59 18.08 31.75 12.32
CA ILE O 59 18.52 32.33 11.05
C ILE O 59 19.69 33.28 11.21
N SER O 60 19.78 33.97 12.33
CA SER O 60 20.91 34.86 12.50
C SER O 60 22.08 34.09 13.09
N SER O 61 21.91 32.79 13.25
CA SER O 61 22.99 31.95 13.79
C SER O 61 23.94 31.71 12.64
N LEU O 62 23.50 32.08 11.45
CA LEU O 62 24.29 31.91 10.25
C LEU O 62 25.04 33.17 9.89
N SER O 63 24.48 34.31 10.26
CA SER O 63 25.11 35.60 9.97
C SER O 63 26.52 35.60 10.50
N ALA O 64 27.19 36.74 10.34
CA ALA O 64 28.56 36.84 10.81
C ALA O 64 28.60 36.81 12.32
N SER O 65 29.55 36.07 12.88
CA SER O 65 29.66 35.96 14.33
C SER O 65 30.08 37.29 14.95
N ALA O 66 30.48 37.26 16.22
CA ALA O 66 30.90 38.48 16.90
C ALA O 66 32.41 38.67 16.73
N ASP O 67 33.13 37.57 16.51
CA ASP O 67 34.58 37.63 16.34
C ASP O 67 35.00 38.23 15.01
N VAL O 68 34.08 38.27 14.04
CA VAL O 68 34.38 38.87 12.74
C VAL O 68 34.55 40.37 12.98
N LEU O 69 35.74 40.85 12.63
CA LEU O 69 36.18 42.24 12.80
C LEU O 69 35.45 43.41 12.09
N ALA O 70 36.23 44.47 11.89
CA ALA O 70 35.85 45.73 11.26
C ALA O 70 37.13 46.58 11.41
N LEU O 71 38.21 46.09 10.81
CA LEU O 71 39.53 46.70 10.89
C LEU O 71 39.90 48.00 10.18
N SER O 72 41.13 48.42 10.50
CA SER O 72 41.77 49.66 10.05
C SER O 72 42.19 49.85 8.58
N LYS O 73 43.32 50.54 8.42
CA LYS O 73 43.91 50.92 7.14
C LYS O 73 45.18 50.18 6.72
N ILE O 74 45.98 50.85 5.88
CA ILE O 74 47.24 50.31 5.38
C ILE O 74 48.11 51.36 4.68
N GLU O 75 49.38 51.47 5.08
CA GLU O 75 50.32 52.42 4.49
C GLU O 75 51.14 51.71 3.42
N ILE O 76 51.47 52.43 2.35
CA ILE O 76 52.24 51.83 1.27
C ILE O 76 53.19 52.86 0.67
N LYS O 77 54.46 52.51 0.52
CA LYS O 77 55.43 53.45 -0.05
C LYS O 77 55.33 53.47 -1.57
N LEU O 78 55.08 54.64 -2.13
CA LEU O 78 54.95 54.80 -3.58
C LEU O 78 56.30 54.65 -4.30
N SER O 79 57.32 54.22 -3.57
CA SER O 79 58.66 54.03 -4.14
C SER O 79 58.95 52.56 -4.40
N ASP O 80 58.03 51.69 -4.03
CA ASP O 80 58.16 50.24 -4.23
C ASP O 80 57.43 49.89 -5.51
N ILE O 81 56.50 50.76 -5.87
CA ILE O 81 55.71 50.60 -7.07
C ILE O 81 56.27 51.53 -8.14
N PRO O 82 57.24 51.05 -8.93
CA PRO O 82 57.86 51.84 -9.99
C PRO O 82 56.85 52.16 -11.07
N GLU O 83 57.13 53.20 -11.86
CA GLU O 83 56.22 53.59 -12.93
C GLU O 83 55.98 52.41 -13.89
N GLY O 84 54.77 52.31 -14.43
CA GLY O 84 54.40 51.27 -15.37
C GLY O 84 54.11 49.90 -14.77
N LYS O 85 53.60 49.87 -13.54
CA LYS O 85 53.30 48.60 -12.89
C LYS O 85 52.13 48.65 -11.91
N ASN O 86 51.56 47.48 -11.67
CA ASN O 86 50.44 47.30 -10.77
C ASN O 86 50.92 46.32 -9.69
N VAL O 87 50.40 46.46 -8.46
CA VAL O 87 50.78 45.57 -7.35
C VAL O 87 49.59 45.23 -6.46
N ALA O 88 49.58 44.02 -5.89
CA ALA O 88 48.46 43.57 -5.06
C ALA O 88 48.78 43.46 -3.58
N PHE O 89 47.92 44.04 -2.74
CA PHE O 89 48.15 43.98 -1.30
C PHE O 89 46.97 43.33 -0.62
N LYS O 90 47.24 42.45 0.33
CA LYS O 90 46.18 41.78 1.10
C LYS O 90 45.49 42.88 1.88
N TRP O 91 44.16 42.93 1.86
CA TRP O 91 43.48 44.00 2.58
C TRP O 91 42.01 43.74 2.74
N ARG O 92 41.52 43.94 3.96
CA ARG O 92 40.11 43.75 4.24
C ARG O 92 39.50 42.56 3.52
N GLY O 93 40.21 41.44 3.52
CA GLY O 93 39.72 40.25 2.86
C GLY O 93 40.22 40.16 1.43
N LYS O 94 39.55 40.85 0.51
CA LYS O 94 39.92 40.82 -0.91
C LYS O 94 41.04 41.80 -1.33
N PRO O 95 41.77 41.46 -2.41
CA PRO O 95 42.87 42.24 -2.96
C PRO O 95 42.68 43.73 -3.02
N LEU O 96 43.79 44.45 -3.17
CA LEU O 96 43.78 45.90 -3.26
C LEU O 96 44.86 46.31 -4.27
N PHE O 97 44.47 47.03 -5.32
CA PHE O 97 45.45 47.43 -6.31
C PHE O 97 45.96 48.85 -6.10
N VAL O 98 47.22 49.06 -6.45
CA VAL O 98 47.87 50.37 -6.36
C VAL O 98 48.68 50.42 -7.65
N ARG O 99 48.27 51.27 -8.58
CA ARG O 99 48.97 51.33 -9.85
C ARG O 99 49.60 52.66 -10.18
N HIS O 100 50.88 52.62 -10.54
CA HIS O 100 51.63 53.81 -10.91
C HIS O 100 51.52 53.91 -12.43
N ARG O 101 50.67 54.80 -12.92
CA ARG O 101 50.47 54.95 -14.35
C ARG O 101 51.46 55.90 -15.01
N THR O 102 51.86 55.56 -16.23
CA THR O 102 52.76 56.40 -16.99
C THR O 102 51.81 57.39 -17.67
N GLN O 103 52.30 58.54 -18.13
CA GLN O 103 51.38 59.47 -18.79
C GLN O 103 50.94 58.89 -20.14
N ALA O 104 51.66 57.87 -20.62
CA ALA O 104 51.34 57.23 -21.88
C ALA O 104 49.94 56.64 -21.76
N GLU O 105 49.55 56.34 -20.53
CA GLU O 105 48.24 55.77 -20.22
C GLU O 105 47.28 56.85 -19.75
N ILE O 106 47.74 57.69 -18.82
CA ILE O 106 46.94 58.78 -18.25
C ILE O 106 46.16 59.57 -19.31
N ASN O 107 46.54 59.40 -20.58
CA ASN O 107 45.88 60.07 -21.69
C ASN O 107 44.70 59.24 -22.18
N GLN O 108 44.92 57.96 -22.40
CA GLN O 108 43.85 57.09 -22.85
C GLN O 108 42.68 57.20 -21.87
N GLU O 109 42.97 56.96 -20.60
CA GLU O 109 41.97 56.98 -19.53
C GLU O 109 41.16 58.27 -19.41
N ALA O 110 41.69 59.38 -19.94
CA ALA O 110 41.00 60.65 -19.87
C ALA O 110 40.44 61.02 -21.24
N GLU O 111 40.82 60.24 -22.25
CA GLU O 111 40.36 60.49 -23.60
C GLU O 111 39.36 59.45 -24.10
N VAL O 112 38.19 59.39 -23.47
CA VAL O 112 37.17 58.42 -23.89
C VAL O 112 35.76 58.96 -23.68
N ASP O 113 34.82 58.53 -24.52
CA ASP O 113 33.42 58.94 -24.45
C ASP O 113 32.79 58.60 -23.11
N VAL O 114 32.91 59.50 -22.14
CA VAL O 114 32.34 59.25 -20.83
C VAL O 114 30.83 58.98 -20.91
N SER O 115 30.26 59.10 -22.11
CA SER O 115 28.83 58.87 -22.33
C SER O 115 28.55 57.49 -22.90
N LYS O 116 29.58 56.82 -23.40
CA LYS O 116 29.46 55.49 -23.95
C LYS O 116 29.98 54.45 -22.96
N LEU O 117 29.86 54.75 -21.68
CA LEU O 117 30.32 53.85 -20.63
C LEU O 117 29.16 53.19 -19.91
N ARG O 118 29.34 51.93 -19.54
CA ARG O 118 28.32 51.20 -18.79
C ARG O 118 28.09 52.06 -17.56
N ASP O 119 29.18 52.36 -16.87
CA ASP O 119 29.15 53.21 -15.67
C ASP O 119 29.99 54.41 -16.09
N PRO O 120 29.32 55.55 -16.36
CA PRO O 120 29.95 56.81 -16.78
C PRO O 120 30.65 57.58 -15.67
N GLN O 121 31.98 57.63 -15.75
CA GLN O 121 32.82 58.34 -14.80
C GLN O 121 34.08 58.75 -15.51
N HIS O 122 34.62 59.91 -15.15
CA HIS O 122 35.83 60.35 -15.79
C HIS O 122 37.05 60.06 -14.91
N ASP O 123 38.06 59.50 -15.54
CA ASP O 123 39.30 59.14 -14.87
C ASP O 123 39.76 60.12 -13.81
N LEU O 124 39.38 61.39 -13.94
CA LEU O 124 39.78 62.43 -13.01
C LEU O 124 39.10 62.38 -11.64
N ASP O 125 37.80 62.10 -11.62
CA ASP O 125 37.11 62.04 -10.34
C ASP O 125 37.06 60.62 -9.77
N ARG O 126 37.95 59.75 -10.26
CA ARG O 126 38.06 58.37 -9.78
C ARG O 126 39.34 58.25 -8.97
N VAL O 127 40.33 59.05 -9.35
CA VAL O 127 41.63 59.09 -8.69
C VAL O 127 42.03 60.53 -8.35
N LYS O 128 43.00 60.70 -7.46
CA LYS O 128 43.48 62.04 -7.07
C LYS O 128 44.70 62.41 -7.87
N LYS O 129 45.82 61.73 -7.63
CA LYS O 129 47.03 62.01 -8.39
C LYS O 129 47.02 61.16 -9.67
N PRO O 130 46.94 61.81 -10.83
CA PRO O 130 46.91 61.21 -12.16
C PRO O 130 47.92 60.11 -12.45
N GLU O 131 48.81 59.85 -11.51
CA GLU O 131 49.80 58.81 -11.73
C GLU O 131 49.52 57.61 -10.85
N TRP O 132 48.64 57.78 -9.88
CA TRP O 132 48.30 56.68 -8.97
C TRP O 132 46.82 56.32 -8.91
N VAL O 133 46.46 55.17 -9.50
CA VAL O 133 45.09 54.68 -9.50
C VAL O 133 45.01 53.55 -8.47
N ILE O 134 44.13 53.73 -7.49
CA ILE O 134 43.94 52.75 -6.43
C ILE O 134 42.53 52.19 -6.49
N LEU O 135 42.42 50.86 -6.43
CA LEU O 135 41.11 50.22 -6.47
C LEU O 135 41.05 48.84 -5.85
N VAL O 136 39.83 48.41 -5.52
CA VAL O 136 39.58 47.10 -4.91
C VAL O 136 39.52 46.06 -6.04
N GLY O 137 40.53 45.20 -6.07
CA GLY O 137 40.63 44.19 -7.11
C GLY O 137 39.59 43.10 -7.07
N VAL O 138 38.33 43.48 -7.31
CA VAL O 138 37.24 42.52 -7.31
C VAL O 138 36.29 42.84 -8.45
N CYS O 139 36.20 41.94 -9.42
CA CYS O 139 35.31 42.12 -10.55
C CYS O 139 33.95 42.40 -9.96
N THR O 140 33.19 43.29 -10.57
CA THR O 140 31.86 43.63 -10.05
C THR O 140 30.78 42.64 -10.49
N HIS O 141 31.15 41.74 -11.39
CA HIS O 141 30.24 40.70 -11.91
C HIS O 141 29.96 39.66 -10.82
N LEU O 142 30.90 38.72 -10.67
CA LEU O 142 30.76 37.67 -9.67
C LEU O 142 31.98 37.44 -8.75
N GLY O 143 32.76 38.49 -8.53
CA GLY O 143 33.90 38.43 -7.62
C GLY O 143 35.26 37.84 -7.84
N CYS O 144 35.67 37.56 -9.09
CA CYS O 144 37.01 37.01 -9.33
C CYS O 144 37.98 38.19 -9.34
N VAL O 145 39.28 37.94 -9.26
CA VAL O 145 40.26 39.02 -9.28
C VAL O 145 40.80 39.30 -10.68
N PRO O 146 40.46 40.46 -11.25
CA PRO O 146 40.89 40.88 -12.60
C PRO O 146 42.38 40.78 -12.72
N ILE O 147 42.85 40.25 -13.85
CA ILE O 147 44.28 40.12 -14.09
C ILE O 147 44.83 41.44 -14.60
N ALA O 148 45.92 41.90 -14.00
CA ALA O 148 46.55 43.17 -14.36
C ALA O 148 47.31 43.05 -15.66
N ASN O 149 47.23 44.09 -16.47
CA ASN O 149 47.91 44.15 -17.76
C ASN O 149 47.44 43.03 -18.66
N SER O 150 46.26 43.20 -19.23
CA SER O 150 45.70 42.24 -20.17
C SER O 150 44.36 42.81 -20.61
N GLY O 151 43.68 42.11 -21.50
CA GLY O 151 42.43 42.66 -21.95
C GLY O 151 42.75 43.61 -23.08
N ASP O 152 41.74 44.05 -23.79
CA ASP O 152 41.90 44.93 -24.94
C ASP O 152 41.81 46.40 -24.59
N PHE O 153 42.07 46.74 -23.33
CA PHE O 153 42.00 48.13 -22.90
C PHE O 153 43.16 48.47 -21.96
N GLY O 154 44.28 47.76 -22.14
CA GLY O 154 45.45 47.98 -21.31
C GLY O 154 45.16 48.28 -19.84
N GLY O 155 44.21 47.55 -19.27
CA GLY O 155 43.87 47.76 -17.87
C GLY O 155 43.85 46.43 -17.14
N TYR O 156 42.67 45.81 -17.09
CA TYR O 156 42.49 44.54 -16.41
C TYR O 156 41.59 43.57 -17.17
N TYR O 157 41.70 42.30 -16.82
CA TYR O 157 40.89 41.25 -17.45
C TYR O 157 40.44 40.18 -16.44
N CYS O 158 39.14 39.96 -16.31
CA CYS O 158 38.63 38.95 -15.40
C CYS O 158 38.59 37.65 -16.18
N PRO O 159 39.45 36.70 -15.83
CA PRO O 159 39.46 35.43 -16.55
C PRO O 159 38.20 34.56 -16.38
N CYS O 160 37.36 34.90 -15.41
CA CYS O 160 36.18 34.09 -15.15
C CYS O 160 35.14 34.16 -16.26
N HIS O 161 34.64 35.36 -16.55
CA HIS O 161 33.65 35.50 -17.59
C HIS O 161 33.94 36.55 -18.65
N GLY O 162 35.21 36.92 -18.75
CA GLY O 162 35.66 37.88 -19.76
C GLY O 162 35.29 39.35 -19.67
N SER O 163 35.60 39.99 -18.55
CA SER O 163 35.30 41.40 -18.43
C SER O 163 36.58 42.17 -18.66
N HIS O 164 36.48 43.28 -19.38
CA HIS O 164 37.64 44.11 -19.67
C HIS O 164 37.58 45.44 -18.94
N TYR O 165 38.61 45.76 -18.18
CA TYR O 165 38.65 47.04 -17.47
C TYR O 165 39.85 47.80 -18.01
N ASP O 166 39.75 49.13 -18.00
CA ASP O 166 40.84 49.97 -18.48
C ASP O 166 41.80 50.31 -17.34
N ALA O 167 42.87 51.06 -17.66
CA ALA O 167 43.86 51.46 -16.66
C ALA O 167 43.27 52.31 -15.53
N SER O 168 41.97 52.59 -15.62
CA SER O 168 41.27 53.37 -14.59
C SER O 168 40.40 52.47 -13.75
N GLY O 169 40.27 51.23 -14.20
CA GLY O 169 39.47 50.26 -13.48
C GLY O 169 38.00 50.39 -13.84
N ARG O 170 37.74 50.98 -15.00
CA ARG O 170 36.38 51.16 -15.47
C ARG O 170 35.99 49.98 -16.34
N ILE O 171 34.73 49.59 -16.26
CA ILE O 171 34.24 48.47 -17.05
C ILE O 171 33.98 48.93 -18.49
N ARG O 172 34.66 48.28 -19.43
CA ARG O 172 34.57 48.62 -20.84
C ARG O 172 33.96 47.56 -21.76
N LYS O 173 34.11 46.29 -21.41
CA LYS O 173 33.57 45.21 -22.23
C LYS O 173 33.37 43.97 -21.36
N GLY O 174 32.33 43.21 -21.64
CA GLY O 174 32.07 42.01 -20.87
C GLY O 174 30.78 42.07 -20.07
N PRO O 175 30.52 41.10 -19.18
CA PRO O 175 29.29 41.08 -18.38
C PRO O 175 29.30 41.88 -17.08
N ALA O 176 30.46 42.36 -16.66
CA ALA O 176 30.56 43.13 -15.42
C ALA O 176 29.62 44.33 -15.45
N PRO O 177 28.92 44.60 -14.33
CA PRO O 177 28.00 45.73 -14.30
C PRO O 177 28.61 47.11 -14.03
N TYR O 178 29.46 47.23 -13.01
CA TYR O 178 30.06 48.54 -12.66
C TYR O 178 31.58 48.58 -12.70
N ASN O 179 32.14 49.78 -12.56
CA ASN O 179 33.59 49.95 -12.57
C ASN O 179 34.15 49.54 -11.23
N LEU O 180 35.36 49.01 -11.25
CA LEU O 180 36.00 48.57 -10.01
C LEU O 180 35.82 49.65 -8.94
N GLU O 181 35.61 49.22 -7.71
CA GLU O 181 35.40 50.16 -6.62
C GLU O 181 36.67 50.92 -6.29
N VAL O 182 36.54 52.23 -6.04
CA VAL O 182 37.68 53.07 -5.67
C VAL O 182 37.59 53.33 -4.17
N PRO O 183 38.49 52.74 -3.38
CA PRO O 183 38.46 52.92 -1.92
C PRO O 183 38.56 54.36 -1.43
N THR O 184 38.72 54.52 -0.12
CA THR O 184 38.83 55.82 0.52
C THR O 184 40.26 56.02 1.01
N TYR O 185 41.07 56.71 0.22
CA TYR O 185 42.47 56.92 0.58
C TYR O 185 42.92 58.38 0.70
N GLN O 186 44.22 58.56 0.93
CA GLN O 186 44.81 59.89 1.04
C GLN O 186 46.34 59.90 0.92
N PHE O 187 46.88 60.97 0.35
CA PHE O 187 48.33 61.12 0.21
C PHE O 187 48.87 62.00 1.33
N VAL O 188 49.42 61.37 2.37
CA VAL O 188 49.97 62.09 3.51
C VAL O 188 51.49 61.95 3.59
N GLY O 189 52.15 61.92 2.43
CA GLY O 189 53.60 61.79 2.43
C GLY O 189 54.20 62.26 1.14
N ASP O 190 55.52 62.10 1.00
CA ASP O 190 56.22 62.48 -0.24
C ASP O 190 55.97 61.33 -1.18
N ASP O 191 56.21 60.13 -0.65
CA ASP O 191 56.03 58.88 -1.36
C ASP O 191 55.63 57.84 -0.32
N LEU O 192 54.46 58.07 0.28
CA LEU O 192 53.88 57.19 1.29
C LEU O 192 52.37 57.43 1.37
N VAL O 193 51.59 56.62 0.65
CA VAL O 193 50.13 56.76 0.64
C VAL O 193 49.41 55.85 1.64
N VAL O 194 48.23 56.29 2.09
CA VAL O 194 47.46 55.55 3.07
C VAL O 194 46.02 55.28 2.66
N VAL O 195 45.71 54.00 2.46
CA VAL O 195 44.36 53.58 2.08
C VAL O 195 43.59 53.16 3.31
N GLY O 196 42.27 53.35 3.27
CA GLY O 196 41.43 53.00 4.39
C GLY O 196 40.87 54.23 5.06
N GLY P 10 -8.80 -25.87 49.34
CA GLY P 10 -10.07 -25.81 50.11
C GLY P 10 -10.69 -24.44 50.07
N ARG P 11 -11.55 -24.13 51.05
CA ARG P 11 -12.20 -22.83 51.11
C ARG P 11 -11.21 -21.71 51.43
N LEU P 12 -9.92 -21.97 51.15
CA LEU P 12 -8.88 -20.99 51.39
C LEU P 12 -8.78 -20.05 50.20
N MET P 13 -8.18 -20.51 49.11
CA MET P 13 -8.05 -19.68 47.92
C MET P 13 -9.43 -19.44 47.31
N ASP P 14 -10.46 -19.92 48.00
CA ASP P 14 -11.84 -19.76 47.55
C ASP P 14 -12.42 -18.44 48.07
N ARG P 15 -11.72 -17.84 49.04
CA ARG P 15 -12.11 -16.54 49.60
C ARG P 15 -11.02 -15.56 49.15
N ILE P 16 -9.83 -16.10 48.87
CA ILE P 16 -8.72 -15.32 48.35
C ILE P 16 -9.19 -14.82 46.98
N ARG P 17 -9.75 -15.74 46.18
CA ARG P 17 -10.28 -15.45 44.85
C ARG P 17 -11.22 -14.26 44.87
N LYS P 18 -12.14 -14.26 45.83
CA LYS P 18 -13.09 -13.17 45.95
C LYS P 18 -12.32 -11.88 46.28
N TRP P 19 -11.23 -12.01 47.03
CA TRP P 19 -10.43 -10.83 47.36
C TRP P 19 -9.80 -10.32 46.09
N TYR P 20 -9.02 -11.19 45.44
CA TYR P 20 -8.34 -10.83 44.21
C TYR P 20 -9.32 -10.24 43.22
N TYR P 21 -10.51 -10.81 43.15
CA TYR P 21 -11.52 -10.31 42.24
C TYR P 21 -11.86 -8.84 42.47
N ASN P 22 -11.97 -8.44 43.73
CA ASN P 22 -12.28 -7.05 44.06
C ASN P 22 -11.05 -6.19 43.92
N ALA P 23 -9.89 -6.84 44.00
CA ALA P 23 -8.59 -6.18 43.86
C ALA P 23 -8.40 -5.72 42.42
N ALA P 24 -8.60 -6.63 41.48
CA ALA P 24 -8.47 -6.35 40.05
C ALA P 24 -9.28 -5.09 39.74
N GLY P 25 -10.57 -5.12 40.07
CA GLY P 25 -11.41 -3.96 39.85
C GLY P 25 -11.99 -3.82 38.47
N PHE P 26 -11.92 -4.88 37.67
CA PHE P 26 -12.47 -4.78 36.33
C PHE P 26 -13.97 -4.73 36.39
N ASN P 27 -14.50 -5.09 37.55
CA ASN P 27 -15.94 -5.05 37.71
C ASN P 27 -16.37 -3.60 37.87
N LYS P 28 -15.47 -2.71 38.26
CA LYS P 28 -15.85 -1.30 38.41
C LYS P 28 -16.29 -0.73 37.06
N TYR P 29 -15.88 -1.41 35.98
CA TYR P 29 -16.21 -0.99 34.63
C TYR P 29 -17.41 -1.76 34.07
N GLY P 30 -17.79 -2.82 34.76
CA GLY P 30 -18.93 -3.61 34.32
C GLY P 30 -18.51 -4.75 33.41
N LEU P 31 -17.23 -5.12 33.47
CA LEU P 31 -16.71 -6.18 32.63
C LEU P 31 -16.66 -7.51 33.37
N MET P 32 -17.10 -8.59 32.73
CA MET P 32 -17.03 -9.88 33.39
C MET P 32 -15.56 -10.27 33.32
N ARG P 33 -15.16 -11.19 34.18
CA ARG P 33 -13.79 -11.64 34.19
C ARG P 33 -13.36 -12.03 32.78
N ASP P 34 -14.29 -12.59 32.01
CA ASP P 34 -13.99 -13.03 30.64
C ASP P 34 -13.94 -11.94 29.58
N ASP P 35 -14.43 -10.74 29.90
CA ASP P 35 -14.39 -9.65 28.94
C ASP P 35 -12.96 -9.09 28.89
N THR P 36 -12.15 -9.40 29.88
CA THR P 36 -10.78 -8.89 29.95
C THR P 36 -9.69 -9.78 29.34
N LEU P 37 -10.04 -11.03 29.02
CA LEU P 37 -9.08 -11.95 28.43
C LEU P 37 -8.43 -11.30 27.22
N TYR P 38 -7.10 -11.44 27.11
CA TYR P 38 -6.40 -10.89 25.96
C TYR P 38 -6.66 -11.84 24.81
N GLU P 39 -7.10 -11.26 23.68
CA GLU P 39 -7.47 -12.00 22.48
C GLU P 39 -6.39 -12.71 21.67
N ASP P 40 -5.86 -13.82 22.16
CA ASP P 40 -4.87 -14.52 21.35
C ASP P 40 -5.66 -15.32 20.32
N ASP P 41 -5.01 -16.31 19.70
CA ASP P 41 -5.68 -17.12 18.67
C ASP P 41 -6.89 -17.95 19.13
N ASP P 42 -6.77 -18.61 20.29
CA ASP P 42 -7.87 -19.44 20.81
C ASP P 42 -9.04 -18.58 21.19
N VAL P 43 -8.76 -17.56 21.99
CA VAL P 43 -9.80 -16.65 22.42
C VAL P 43 -10.58 -16.15 21.21
N LYS P 44 -9.86 -15.76 20.17
CA LYS P 44 -10.51 -15.24 18.97
C LYS P 44 -11.48 -16.26 18.40
N GLU P 45 -11.04 -17.52 18.31
CA GLU P 45 -11.89 -18.57 17.76
C GLU P 45 -13.11 -18.71 18.66
N ALA P 46 -12.85 -18.86 19.96
CA ALA P 46 -13.94 -19.00 20.91
C ALA P 46 -15.01 -17.95 20.62
N LEU P 47 -14.64 -16.67 20.72
CA LEU P 47 -15.57 -15.58 20.48
C LEU P 47 -16.42 -15.69 19.22
N LYS P 48 -15.89 -16.36 18.19
CA LYS P 48 -16.64 -16.53 16.94
C LYS P 48 -17.75 -17.55 17.13
N ARG P 49 -17.60 -18.38 18.17
CA ARG P 49 -18.57 -19.42 18.47
C ARG P 49 -19.65 -18.95 19.45
N LEU P 50 -19.51 -17.73 19.95
CA LEU P 50 -20.49 -17.21 20.88
C LEU P 50 -21.82 -16.97 20.19
N PRO P 51 -22.95 -17.29 20.86
CA PRO P 51 -24.27 -17.08 20.27
C PRO P 51 -24.49 -15.59 20.09
N LYS P 52 -25.19 -15.23 19.02
CA LYS P 52 -25.47 -13.84 18.68
C LYS P 52 -25.62 -12.88 19.87
N ASP P 53 -26.62 -13.13 20.72
CA ASP P 53 -26.88 -12.28 21.88
C ASP P 53 -25.72 -12.17 22.89
N LEU P 54 -25.11 -13.29 23.25
CA LEU P 54 -24.00 -13.27 24.21
C LEU P 54 -22.85 -12.42 23.69
N TYR P 55 -22.67 -12.43 22.38
CA TYR P 55 -21.61 -11.67 21.73
C TYR P 55 -21.95 -10.18 21.71
N ASN P 56 -23.20 -9.84 21.41
CA ASN P 56 -23.60 -8.45 21.36
C ASN P 56 -23.59 -7.78 22.71
N GLU P 57 -23.79 -8.57 23.77
CA GLU P 57 -23.79 -8.05 25.13
C GLU P 57 -22.34 -7.79 25.56
N ARG P 58 -21.48 -8.76 25.31
CA ARG P 58 -20.07 -8.66 25.63
C ARG P 58 -19.49 -7.46 24.94
N MET P 59 -20.01 -7.17 23.74
CA MET P 59 -19.54 -6.04 22.97
C MET P 59 -19.89 -4.73 23.65
N PHE P 60 -21.16 -4.56 24.02
CA PHE P 60 -21.59 -3.34 24.68
C PHE P 60 -20.83 -3.13 25.99
N ARG P 61 -20.68 -4.19 26.77
CA ARG P 61 -19.95 -4.09 28.04
C ARG P 61 -18.57 -3.45 27.81
N ILE P 62 -17.88 -3.95 26.79
CA ILE P 62 -16.56 -3.46 26.41
C ILE P 62 -16.58 -2.07 25.81
N LYS P 63 -17.47 -1.82 24.85
CA LYS P 63 -17.56 -0.49 24.25
C LYS P 63 -17.92 0.56 25.29
N ARG P 64 -18.52 0.11 26.40
CA ARG P 64 -18.94 1.00 27.51
C ARG P 64 -17.78 1.25 28.48
N ALA P 65 -17.00 0.21 28.72
CA ALA P 65 -15.85 0.28 29.60
C ALA P 65 -14.83 1.24 28.99
N LEU P 66 -14.68 1.16 27.67
CA LEU P 66 -13.74 2.02 26.96
C LEU P 66 -14.19 3.47 27.08
N ASP P 67 -15.48 3.69 26.90
CA ASP P 67 -16.02 5.03 27.00
C ASP P 67 -15.79 5.55 28.42
N LEU P 68 -15.83 4.64 29.38
CA LEU P 68 -15.59 5.04 30.75
C LEU P 68 -14.13 5.50 30.77
N SER P 69 -13.23 4.60 30.38
CA SER P 69 -11.79 4.89 30.39
C SER P 69 -11.36 6.18 29.65
N LEU P 70 -12.09 6.61 28.64
CA LEU P 70 -11.74 7.83 27.95
C LEU P 70 -12.14 9.02 28.82
N LYS P 71 -13.21 8.82 29.58
CA LYS P 71 -13.76 9.85 30.46
C LYS P 71 -13.06 9.91 31.82
N HIS P 72 -12.36 8.82 32.16
CA HIS P 72 -11.62 8.68 33.42
C HIS P 72 -12.56 8.49 34.60
N ARG P 73 -13.61 7.71 34.39
CA ARG P 73 -14.60 7.44 35.43
C ARG P 73 -14.81 5.95 35.59
N ILE P 74 -15.77 5.61 36.44
CA ILE P 74 -16.15 4.23 36.68
C ILE P 74 -17.65 4.22 36.94
N LEU P 75 -18.18 3.02 37.17
CA LEU P 75 -19.59 2.84 37.44
C LEU P 75 -19.94 3.15 38.89
N PRO P 76 -21.12 3.75 39.12
CA PRO P 76 -21.47 4.04 40.51
C PRO P 76 -21.55 2.71 41.23
N LYS P 77 -20.82 2.61 42.34
CA LYS P 77 -20.73 1.41 43.17
C LYS P 77 -21.85 0.37 42.99
N GLU P 78 -23.09 0.84 42.85
CA GLU P 78 -24.24 -0.06 42.70
C GLU P 78 -24.14 -1.04 41.55
N GLN P 79 -23.74 -0.56 40.38
CA GLN P 79 -23.67 -1.36 39.16
C GLN P 79 -22.48 -2.30 39.01
N TRP P 80 -21.56 -2.28 39.96
CA TRP P 80 -20.38 -3.14 39.90
C TRP P 80 -20.74 -4.63 39.88
N VAL P 81 -20.01 -5.40 39.09
CA VAL P 81 -20.26 -6.84 39.02
C VAL P 81 -19.88 -7.39 40.37
N LYS P 82 -20.54 -8.46 40.78
CA LYS P 82 -20.25 -9.08 42.07
C LYS P 82 -19.62 -10.45 41.88
N TYR P 83 -18.55 -10.71 42.60
CA TYR P 83 -17.80 -11.96 42.49
C TYR P 83 -18.57 -13.24 42.17
N GLU P 84 -19.77 -13.36 42.73
CA GLU P 84 -20.58 -14.55 42.50
C GLU P 84 -21.55 -14.46 41.33
N GLU P 85 -21.80 -13.23 40.87
CA GLU P 85 -22.73 -13.02 39.74
C GLU P 85 -21.98 -12.84 38.43
N ASP P 86 -20.70 -13.20 38.41
CA ASP P 86 -19.91 -13.06 37.20
C ASP P 86 -20.06 -14.32 36.35
N LYS P 87 -20.68 -14.17 35.18
CA LYS P 87 -20.90 -15.28 34.27
C LYS P 87 -19.68 -15.51 33.42
N PRO P 88 -19.09 -16.71 33.50
CA PRO P 88 -17.90 -17.08 32.71
C PRO P 88 -18.44 -17.56 31.37
N TYR P 89 -19.06 -16.64 30.63
CA TYR P 89 -19.69 -16.93 29.35
C TYR P 89 -18.78 -17.53 28.27
N LEU P 90 -17.47 -17.27 28.33
CA LEU P 90 -16.56 -17.77 27.30
C LEU P 90 -15.72 -18.97 27.72
N GLU P 91 -15.42 -19.05 29.01
CA GLU P 91 -14.62 -20.13 29.59
C GLU P 91 -14.80 -21.53 29.00
N PRO P 92 -16.05 -22.00 28.86
CA PRO P 92 -16.28 -23.34 28.30
C PRO P 92 -15.94 -23.48 26.82
N TYR P 93 -16.31 -22.48 26.01
CA TYR P 93 -16.02 -22.53 24.59
C TYR P 93 -14.51 -22.59 24.44
N LEU P 94 -13.85 -21.63 25.04
CA LEU P 94 -12.40 -21.55 25.00
C LEU P 94 -11.75 -22.88 25.40
N LYS P 95 -12.27 -23.52 26.44
CA LYS P 95 -11.72 -24.81 26.87
C LYS P 95 -11.69 -25.83 25.74
N GLU P 96 -12.78 -25.85 24.97
CA GLU P 96 -12.94 -26.75 23.84
C GLU P 96 -11.99 -26.42 22.69
N VAL P 97 -11.88 -25.13 22.40
CA VAL P 97 -11.01 -24.68 21.33
C VAL P 97 -9.60 -25.15 21.62
N ILE P 98 -9.16 -24.97 22.86
CA ILE P 98 -7.82 -25.39 23.24
C ILE P 98 -7.69 -26.90 23.26
N ARG P 99 -8.84 -27.55 23.42
CA ARG P 99 -8.92 -29.00 23.48
C ARG P 99 -8.73 -29.56 22.06
N GLU P 100 -9.55 -29.07 21.13
CA GLU P 100 -9.50 -29.48 19.73
C GLU P 100 -8.10 -29.29 19.20
N ARG P 101 -7.48 -28.19 19.61
CA ARG P 101 -6.15 -27.85 19.16
C ARG P 101 -5.08 -28.83 19.61
N LEU P 102 -5.08 -29.17 20.89
CA LEU P 102 -4.08 -30.10 21.38
C LEU P 102 -4.17 -31.43 20.65
N GLU P 103 -5.39 -31.80 20.25
CA GLU P 103 -5.59 -33.03 19.51
C GLU P 103 -4.80 -32.95 18.22
N ARG P 104 -5.12 -31.93 17.41
CA ARG P 104 -4.43 -31.72 16.15
C ARG P 104 -2.92 -31.76 16.37
N GLU P 105 -2.43 -30.86 17.22
CA GLU P 105 -1.00 -30.78 17.51
C GLU P 105 -0.38 -32.16 17.73
N ALA P 106 -0.98 -32.93 18.63
CA ALA P 106 -0.48 -34.27 18.92
C ALA P 106 -0.57 -35.21 17.72
N TRP P 107 -1.70 -35.13 17.01
CA TRP P 107 -1.93 -35.99 15.86
C TRP P 107 -0.97 -35.76 14.70
N ASN P 108 -0.36 -34.58 14.65
CA ASN P 108 0.56 -34.27 13.56
C ASN P 108 2.02 -34.67 13.76
N LYS P 109 2.47 -34.72 15.02
CA LYS P 109 3.85 -35.11 15.32
C LYS P 109 3.85 -36.63 15.15
N LYS P 110 2.75 -37.22 15.64
CA LYS P 110 2.44 -38.65 15.64
C LYS P 110 2.61 -39.31 14.26
N GLY Q 1 -4.09 0.30 4.69
CA GLY Q 1 -4.51 1.68 4.34
C GLY Q 1 -5.69 2.17 5.17
N ILE Q 2 -6.90 2.01 4.63
CA ILE Q 2 -8.11 2.42 5.34
C ILE Q 2 -8.66 1.26 6.20
N HIS Q 3 -8.96 1.58 7.46
CA HIS Q 3 -9.48 0.61 8.43
C HIS Q 3 -10.84 1.03 8.96
N PHE Q 4 -11.38 2.13 8.46
CA PHE Q 4 -12.70 2.59 8.91
C PHE Q 4 -13.85 1.99 8.07
N GLY Q 5 -14.39 0.90 8.59
CA GLY Q 5 -15.47 0.19 7.94
C GLY Q 5 -15.29 -1.31 8.12
N ASN Q 6 -14.07 -1.74 8.42
CA ASN Q 6 -13.76 -3.16 8.58
C ASN Q 6 -13.71 -3.55 10.05
N LEU Q 7 -12.99 -2.74 10.81
CA LEU Q 7 -12.78 -2.90 12.25
C LEU Q 7 -13.54 -4.04 12.93
N ALA Q 8 -14.81 -3.82 13.31
CA ALA Q 8 -15.57 -4.88 13.97
C ALA Q 8 -17.09 -4.84 13.73
N ARG Q 9 -17.76 -5.94 14.10
CA ARG Q 9 -19.22 -6.07 13.94
C ARG Q 9 -19.90 -5.68 15.22
N VAL Q 10 -20.76 -4.68 15.12
CA VAL Q 10 -21.46 -4.15 16.28
C VAL Q 10 -22.95 -3.97 16.02
N ARG Q 11 -23.80 -4.35 16.97
CA ARG Q 11 -25.24 -4.19 16.78
C ARG Q 11 -25.94 -3.68 18.03
N HIS Q 12 -27.02 -2.93 17.78
CA HIS Q 12 -27.86 -2.41 18.84
C HIS Q 12 -27.20 -1.45 19.83
N ILE Q 13 -26.47 -0.46 19.37
CA ILE Q 13 -25.89 0.47 20.31
C ILE Q 13 -26.15 1.86 19.83
N ILE Q 14 -26.81 2.65 20.65
CA ILE Q 14 -27.14 4.02 20.30
C ILE Q 14 -26.23 4.97 21.06
N THR Q 15 -25.76 6.01 20.42
CA THR Q 15 -24.93 6.98 21.14
C THR Q 15 -25.39 8.38 20.77
N TYR Q 16 -25.53 9.24 21.78
CA TYR Q 16 -25.96 10.61 21.56
C TYR Q 16 -24.78 11.48 21.97
N SER Q 17 -24.56 12.57 21.24
CA SER Q 17 -23.46 13.47 21.55
C SER Q 17 -23.88 14.87 21.16
N LEU Q 18 -23.22 15.88 21.75
CA LEU Q 18 -23.54 17.27 21.44
C LEU Q 18 -22.34 18.03 20.88
N SER Q 19 -22.61 18.95 19.96
CA SER Q 19 -21.58 19.79 19.37
C SER Q 19 -20.77 20.40 20.50
N PRO Q 20 -19.52 20.80 20.23
CA PRO Q 20 -18.72 21.39 21.30
C PRO Q 20 -19.20 22.80 21.60
N PHE Q 21 -19.85 23.42 20.62
CA PHE Q 21 -20.33 24.77 20.80
C PHE Q 21 -21.61 24.88 21.64
N GLU Q 22 -22.18 23.73 21.98
CA GLU Q 22 -23.39 23.69 22.80
C GLU Q 22 -23.05 23.33 24.23
N GLN Q 23 -21.85 22.82 24.47
CA GLN Q 23 -21.47 22.46 25.83
C GLN Q 23 -20.24 23.11 26.44
N ARG Q 24 -19.99 22.74 27.69
CA ARG Q 24 -18.88 23.26 28.46
C ARG Q 24 -17.60 22.45 28.29
N ALA Q 25 -16.49 23.19 28.19
CA ALA Q 25 -15.16 22.62 28.00
C ALA Q 25 -14.68 21.84 29.22
N ILE Q 26 -14.72 22.49 30.39
CA ILE Q 26 -14.30 21.86 31.63
C ILE Q 26 -15.44 22.01 32.63
N PRO Q 27 -16.51 21.22 32.48
CA PRO Q 27 -17.68 21.27 33.36
C PRO Q 27 -17.59 20.48 34.67
N ASN Q 28 -18.30 21.00 35.67
CA ASN Q 28 -18.37 20.41 37.01
C ASN Q 28 -16.99 20.21 37.62
N ILE Q 29 -16.17 21.25 37.55
CA ILE Q 29 -14.81 21.22 38.09
C ILE Q 29 -14.77 20.73 39.53
N PHE Q 30 -15.80 21.11 40.28
CA PHE Q 30 -15.88 20.73 41.69
C PHE Q 30 -16.69 19.49 41.98
N SER Q 31 -17.97 19.51 41.62
CA SER Q 31 -18.82 18.37 41.88
C SER Q 31 -18.39 17.05 41.21
N ASP Q 32 -17.66 17.13 40.10
CA ASP Q 32 -17.26 15.95 39.35
C ASP Q 32 -15.75 15.72 39.18
N ALA Q 33 -15.08 16.72 38.62
CA ALA Q 33 -13.65 16.64 38.37
C ALA Q 33 -12.79 16.25 39.57
N LEU Q 34 -12.56 17.22 40.45
CA LEU Q 34 -11.74 17.03 41.63
C LEU Q 34 -12.06 15.77 42.41
N PRO Q 35 -13.35 15.48 42.59
CA PRO Q 35 -13.75 14.28 43.33
C PRO Q 35 -13.03 13.03 42.79
N ASN Q 36 -12.98 12.91 41.47
CA ASN Q 36 -12.35 11.78 40.80
C ASN Q 36 -10.84 11.86 40.83
N VAL Q 37 -10.31 13.08 40.76
CA VAL Q 37 -8.87 13.24 40.82
C VAL Q 37 -8.48 12.61 42.14
N TRP Q 38 -9.28 12.89 43.18
CA TRP Q 38 -9.00 12.31 44.50
C TRP Q 38 -9.27 10.81 44.44
N ARG Q 39 -10.41 10.42 43.88
CA ARG Q 39 -10.79 9.02 43.77
C ARG Q 39 -9.62 8.16 43.29
N ARG Q 40 -9.02 8.62 42.19
CA ARG Q 40 -7.91 7.93 41.56
C ARG Q 40 -6.64 7.94 42.39
N PHE Q 41 -6.30 9.12 42.91
CA PHE Q 41 -5.11 9.27 43.71
C PHE Q 41 -5.09 8.20 44.80
N SER Q 42 -6.19 8.16 45.54
CA SER Q 42 -6.36 7.21 46.63
C SER Q 42 -6.08 5.76 46.24
N SER Q 43 -6.87 5.26 45.30
CA SER Q 43 -6.74 3.89 44.83
C SER Q 43 -5.32 3.50 44.44
N GLN Q 44 -4.57 4.46 43.91
CA GLN Q 44 -3.21 4.18 43.45
C GLN Q 44 -2.02 4.47 44.36
N VAL Q 45 -2.10 5.52 45.19
CA VAL Q 45 -1.00 5.90 46.06
C VAL Q 45 -0.38 4.80 46.91
N PHE Q 46 -1.07 3.69 47.08
CA PHE Q 46 -0.51 2.62 47.91
C PHE Q 46 0.24 1.51 47.18
N LYS Q 47 0.17 1.54 45.86
CA LYS Q 47 0.87 0.53 45.06
C LYS Q 47 2.13 1.22 44.57
N VAL Q 48 2.00 2.51 44.28
CA VAL Q 48 3.09 3.36 43.80
C VAL Q 48 4.04 3.81 44.91
N ALA Q 49 3.60 4.80 45.70
CA ALA Q 49 4.39 5.37 46.80
C ALA Q 49 5.28 4.42 47.60
N PRO Q 50 4.72 3.33 48.17
CA PRO Q 50 5.51 2.39 48.95
C PRO Q 50 6.94 2.14 48.48
N PRO Q 51 7.13 1.42 47.36
CA PRO Q 51 8.51 1.19 46.90
C PRO Q 51 9.39 2.42 46.74
N PHE Q 52 8.78 3.58 46.41
CA PHE Q 52 9.55 4.82 46.27
C PHE Q 52 10.02 5.28 47.63
N LEU Q 53 9.07 5.40 48.56
CA LEU Q 53 9.39 5.78 49.93
C LEU Q 53 10.44 4.80 50.46
N GLY Q 54 10.34 3.54 50.02
CA GLY Q 54 11.28 2.50 50.43
C GLY Q 54 12.69 2.78 49.96
N ALA Q 55 12.87 3.00 48.67
CA ALA Q 55 14.18 3.31 48.14
C ALA Q 55 14.71 4.57 48.81
N TYR Q 56 13.82 5.52 49.09
CA TYR Q 56 14.20 6.77 49.72
C TYR Q 56 15.02 6.56 50.98
N LEU Q 57 14.52 5.69 51.84
CA LEU Q 57 15.19 5.38 53.08
C LEU Q 57 16.57 4.81 52.71
N LEU Q 58 16.57 3.74 51.93
CA LEU Q 58 17.81 3.12 51.50
C LEU Q 58 18.78 4.16 50.99
N TYR Q 59 18.25 5.26 50.48
CA TYR Q 59 19.09 6.35 49.98
C TYR Q 59 19.63 7.16 51.14
N SER Q 60 18.73 7.63 51.99
CA SER Q 60 19.15 8.41 53.15
C SER Q 60 20.08 7.60 54.03
N TRP Q 61 19.77 6.33 54.24
CA TRP Q 61 20.63 5.50 55.06
C TRP Q 61 22.03 5.46 54.48
N GLY Q 62 22.19 4.72 53.39
CA GLY Q 62 23.48 4.58 52.73
C GLY Q 62 24.25 5.88 52.64
N THR Q 63 23.53 7.00 52.55
CA THR Q 63 24.13 8.33 52.47
C THR Q 63 24.74 8.68 53.81
N GLN Q 64 23.92 8.76 54.83
CA GLN Q 64 24.38 9.08 56.18
C GLN Q 64 25.39 8.07 56.73
N GLU Q 65 25.30 6.81 56.30
CA GLU Q 65 26.22 5.74 56.74
C GLU Q 65 27.61 5.86 56.12
N PHE Q 66 27.68 6.49 54.96
CA PHE Q 66 28.93 6.69 54.23
C PHE Q 66 29.65 7.91 54.85
N GLU Q 67 28.84 8.79 55.45
CA GLU Q 67 29.31 9.99 56.12
C GLU Q 67 29.87 9.66 57.48
N ARG Q 68 29.23 8.70 58.13
CA ARG Q 68 29.61 8.24 59.45
C ARG Q 68 30.97 7.56 59.35
N LEU Q 69 31.20 6.82 58.27
CA LEU Q 69 32.48 6.14 58.09
C LEU Q 69 33.65 7.06 57.77
N LYS Q 70 33.34 8.34 57.59
CA LYS Q 70 34.34 9.37 57.30
C LYS Q 70 34.90 9.86 58.64
N ARG Q 71 33.99 10.10 59.59
CA ARG Q 71 34.32 10.60 60.94
C ARG Q 71 35.27 9.61 61.61
N LYS Q 72 36.03 10.09 62.60
CA LYS Q 72 36.96 9.23 63.32
C LYS Q 72 36.40 8.71 64.63
N ASN Q 73 36.85 7.50 65.00
CA ASN Q 73 36.45 6.84 66.22
C ASN Q 73 37.57 7.08 67.23
N PRO Q 74 37.29 7.86 68.28
CA PRO Q 74 38.30 8.15 69.30
C PRO Q 74 39.08 6.93 69.79
N ALA Q 75 38.41 5.79 69.91
CA ALA Q 75 39.05 4.55 70.39
C ALA Q 75 40.29 4.09 69.62
N ASP Q 76 40.73 4.89 68.66
CA ASP Q 76 41.92 4.55 67.87
C ASP Q 76 43.18 5.25 68.42
N TYR Q 77 43.01 6.50 68.85
CA TYR Q 77 44.13 7.30 69.38
C TYR Q 77 44.05 7.63 70.88
N GLU Q 78 43.32 6.82 71.64
CA GLU Q 78 43.21 7.07 73.09
C GLU Q 78 44.31 6.28 73.80
N ASN Q 79 45.34 5.90 73.04
CA ASN Q 79 46.48 5.15 73.56
C ASN Q 79 47.65 6.08 73.84
N GLU R 11 44.55 50.68 58.90
CA GLU R 11 43.83 51.91 58.46
C GLU R 11 42.36 51.63 58.05
N LEU R 12 42.04 50.37 57.78
CA LEU R 12 40.68 49.97 57.38
C LEU R 12 40.28 48.66 58.06
N VAL R 13 39.00 48.27 57.94
CA VAL R 13 38.58 47.01 58.54
C VAL R 13 37.84 46.13 57.54
N ASP R 14 38.21 44.86 57.50
CA ASP R 14 37.60 43.89 56.58
C ASP R 14 36.35 43.33 57.24
N PRO R 15 35.16 43.74 56.76
CA PRO R 15 33.92 43.24 57.35
C PRO R 15 33.93 41.73 57.57
N LEU R 16 34.80 41.04 56.85
CA LEU R 16 34.92 39.58 56.99
C LEU R 16 35.47 39.21 58.36
N THR R 17 36.59 39.85 58.73
CA THR R 17 37.23 39.58 60.01
C THR R 17 36.26 39.89 61.16
N THR R 18 35.58 41.02 61.07
CA THR R 18 34.61 41.42 62.11
C THR R 18 33.61 40.30 62.32
N ILE R 19 32.88 39.95 61.26
CA ILE R 19 31.86 38.92 61.35
C ILE R 19 32.38 37.53 61.71
N ARG R 20 33.67 37.32 61.53
CA ARG R 20 34.23 36.02 61.89
C ARG R 20 34.33 36.00 63.41
N GLU R 21 34.60 37.18 63.98
CA GLU R 21 34.73 37.32 65.43
C GLU R 21 33.38 37.05 66.11
N HIS R 22 32.34 37.75 65.66
CA HIS R 22 31.00 37.60 66.21
C HIS R 22 30.46 36.17 66.08
N CYS R 23 30.71 35.55 64.93
CA CYS R 23 30.25 34.19 64.71
C CYS R 23 31.02 33.18 65.54
N GLU R 24 32.31 33.42 65.75
CA GLU R 24 33.11 32.49 66.56
C GLU R 24 32.62 32.47 68.00
N GLN R 25 31.65 33.35 68.29
CA GLN R 25 31.02 33.46 69.61
C GLN R 25 29.80 32.52 69.64
N THR R 26 29.24 32.25 68.47
CA THR R 26 28.08 31.39 68.29
C THR R 26 28.13 30.09 69.09
N GLU R 27 26.95 29.59 69.43
CA GLU R 27 26.79 28.36 70.16
C GLU R 27 27.64 27.22 69.59
N LYS R 28 27.43 26.88 68.32
CA LYS R 28 28.16 25.79 67.67
C LYS R 28 29.66 26.04 67.50
N CYS R 29 30.04 27.28 67.20
CA CYS R 29 31.44 27.63 67.00
C CYS R 29 32.24 27.41 68.26
N VAL R 30 31.67 27.86 69.37
CA VAL R 30 32.33 27.71 70.65
C VAL R 30 32.48 26.24 71.01
N LYS R 31 31.40 25.47 70.86
CA LYS R 31 31.41 24.04 71.17
C LYS R 31 32.26 23.23 70.19
N ALA R 32 32.57 23.83 69.04
CA ALA R 32 33.40 23.17 68.05
C ALA R 32 34.84 23.65 68.21
N ARG R 33 34.99 24.96 68.47
CA ARG R 33 36.29 25.57 68.69
C ARG R 33 36.94 24.91 69.89
N GLU R 34 36.10 24.48 70.82
CA GLU R 34 36.56 23.82 72.03
C GLU R 34 37.10 22.43 71.72
N ARG R 35 36.34 21.67 70.92
CA ARG R 35 36.72 20.31 70.53
C ARG R 35 38.08 20.31 69.82
N LEU R 36 38.30 21.33 69.01
CA LEU R 36 39.54 21.48 68.25
C LEU R 36 40.74 21.77 69.14
N GLU R 37 40.58 22.75 70.04
CA GLU R 37 41.65 23.12 70.95
C GLU R 37 42.15 21.89 71.70
N LEU R 38 41.21 20.98 72.03
CA LEU R 38 41.51 19.75 72.75
C LEU R 38 42.38 18.79 71.94
N CYS R 39 41.97 18.55 70.70
CA CYS R 39 42.73 17.66 69.82
C CYS R 39 44.15 18.20 69.63
N ASP R 40 44.24 19.45 69.17
CA ASP R 40 45.51 20.12 68.92
C ASP R 40 46.47 19.90 70.08
N ALA R 41 45.94 20.03 71.28
CA ALA R 41 46.72 19.85 72.49
C ALA R 41 47.31 18.44 72.60
N ARG R 42 46.51 17.41 72.37
CA ARG R 42 47.03 16.05 72.49
C ARG R 42 47.91 15.61 71.33
N VAL R 43 47.61 16.06 70.12
CA VAL R 43 48.41 15.68 68.98
C VAL R 43 49.76 16.40 69.08
N SER R 44 49.71 17.66 69.49
CA SER R 44 50.91 18.48 69.65
C SER R 44 51.86 17.86 70.68
N SER R 45 51.31 17.57 71.86
CA SER R 45 52.08 16.98 72.95
C SER R 45 52.55 15.57 72.62
N ARG R 46 51.59 14.69 72.33
CA ARG R 46 51.89 13.31 72.00
C ARG R 46 52.94 13.19 70.90
N SER R 47 54.14 12.74 71.29
CA SER R 47 55.25 12.56 70.35
C SER R 47 55.17 11.20 69.68
N HIS R 48 55.32 11.21 68.35
CA HIS R 48 55.25 10.00 67.53
C HIS R 48 53.80 9.50 67.49
N THR R 49 52.92 10.35 66.95
CA THR R 49 51.47 10.06 66.84
C THR R 49 51.02 9.58 65.46
N GLU R 50 49.70 9.49 65.27
CA GLU R 50 49.10 9.04 64.00
C GLU R 50 47.79 9.79 63.69
N GLU R 51 47.42 10.72 64.56
CA GLU R 51 46.19 11.49 64.37
C GLU R 51 46.42 12.86 63.74
N GLN R 52 45.32 13.54 63.42
CA GLN R 52 45.33 14.86 62.80
C GLN R 52 44.03 15.54 63.19
N CYS R 53 44.07 16.86 63.40
CA CYS R 53 42.86 17.60 63.79
C CYS R 53 42.15 18.25 62.60
N THR R 54 42.21 17.59 61.45
CA THR R 54 41.54 18.09 60.26
C THR R 54 40.05 18.10 60.57
N GLU R 55 39.49 16.90 60.80
CA GLU R 55 38.09 16.74 61.09
C GLU R 55 37.50 17.84 61.97
N GLU R 56 38.13 18.07 63.12
CA GLU R 56 37.67 19.09 64.05
C GLU R 56 37.76 20.48 63.45
N LEU R 57 38.88 20.74 62.78
CA LEU R 57 39.09 22.03 62.15
C LEU R 57 37.93 22.32 61.22
N PHE R 58 37.55 21.31 60.44
CA PHE R 58 36.45 21.45 59.50
C PHE R 58 35.14 21.75 60.20
N ASP R 59 34.79 20.95 61.22
CA ASP R 59 33.57 21.16 61.98
C ASP R 59 33.45 22.63 62.35
N PHE R 60 34.54 23.18 62.88
CA PHE R 60 34.58 24.58 63.28
C PHE R 60 34.31 25.47 62.08
N LEU R 61 35.22 25.43 61.12
CA LEU R 61 35.11 26.23 59.91
C LEU R 61 33.74 26.10 59.29
N HIS R 62 33.25 24.88 59.17
CA HIS R 62 31.93 24.65 58.57
C HIS R 62 30.91 25.49 59.30
N ALA R 63 30.92 25.41 60.62
CA ALA R 63 30.00 26.15 61.45
C ALA R 63 30.27 27.65 61.36
N ARG R 64 31.53 28.03 61.55
CA ARG R 64 31.92 29.43 61.49
C ARG R 64 31.49 30.01 60.16
N ASP R 65 32.19 29.58 59.12
CA ASP R 65 31.95 30.04 57.77
C ASP R 65 30.49 30.02 57.33
N HIS R 66 29.74 28.99 57.72
CA HIS R 66 28.34 28.95 57.35
C HIS R 66 27.70 30.23 57.86
N CYS R 67 27.87 30.47 59.16
CA CYS R 67 27.35 31.64 59.85
C CYS R 67 27.80 32.93 59.12
N VAL R 68 29.09 33.03 58.86
CA VAL R 68 29.67 34.19 58.19
C VAL R 68 28.93 34.57 56.91
N ALA R 69 28.67 33.56 56.09
CA ALA R 69 28.00 33.73 54.81
C ALA R 69 26.61 34.35 54.90
N HIS R 70 25.91 34.08 55.99
CA HIS R 70 24.56 34.60 56.15
C HIS R 70 24.46 36.12 56.22
N LYS R 71 25.57 36.80 56.52
CA LYS R 71 25.55 38.26 56.63
C LYS R 71 26.71 39.04 56.01
N LEU R 72 27.83 38.38 55.80
CA LEU R 72 29.00 39.04 55.22
C LEU R 72 28.68 39.92 54.01
N PHE R 73 27.75 39.46 53.18
CA PHE R 73 27.37 40.19 51.97
C PHE R 73 26.54 41.46 52.20
N ASN R 74 25.93 41.59 53.37
CA ASN R 74 25.14 42.78 53.66
C ASN R 74 26.05 43.98 53.80
N LYS R 75 27.22 43.73 54.39
CA LYS R 75 28.22 44.78 54.62
C LYS R 75 29.15 45.07 53.43
N LEU R 76 29.13 44.21 52.41
CA LEU R 76 29.97 44.40 51.23
C LEU R 76 29.22 45.24 50.21
N LYS R 77 29.91 45.74 49.19
CA LYS R 77 29.24 46.55 48.19
C LYS R 77 29.28 45.91 46.80
N UNK S 3 -42.07 15.04 -13.33
CA UNK S 3 -41.18 14.13 -12.56
C UNK S 3 -40.40 14.87 -11.44
N UNK S 4 -40.86 16.08 -11.09
CA UNK S 4 -40.23 16.89 -10.03
C UNK S 4 -40.39 16.21 -8.67
N UNK S 5 -41.33 15.27 -8.61
CA UNK S 5 -41.63 14.49 -7.41
C UNK S 5 -41.34 13.01 -7.72
N UNK S 6 -42.03 12.11 -7.03
CA UNK S 6 -41.82 10.69 -7.26
C UNK S 6 -41.04 10.08 -6.11
N UNK S 7 -41.43 8.87 -5.69
CA UNK S 7 -40.74 8.24 -4.59
C UNK S 7 -39.39 7.70 -5.00
N UNK S 8 -38.33 8.28 -4.44
CA UNK S 8 -36.93 7.87 -4.73
C UNK S 8 -36.64 6.42 -4.29
N UNK S 9 -35.73 5.75 -5.00
N UNK S 10 -36.91 3.27 -3.95
CA UNK S 10 -35.88 2.80 -3.04
C UNK S 10 -34.70 2.20 -3.80
N UNK S 11 -34.14 1.11 -3.26
CA UNK S 11 -33.01 0.38 -3.87
C UNK S 11 -32.67 -0.81 -2.99
N UNK S 12 -32.06 -1.84 -3.56
CA UNK S 12 -31.73 -3.02 -2.76
C UNK S 12 -30.42 -3.72 -3.08
N UNK S 13 -30.28 -4.94 -2.57
CA UNK S 13 -29.08 -5.77 -2.76
C UNK S 13 -29.36 -6.76 -3.91
N UNK S 14 -28.35 -7.44 -4.42
CA UNK S 14 -28.58 -8.37 -5.52
C UNK S 14 -27.49 -9.41 -5.75
N UNK S 15 -27.65 -10.15 -6.85
CA UNK S 15 -26.72 -11.20 -7.28
C UNK S 15 -25.87 -11.78 -6.16
CA ARG S 16 -41.56 -2.61 5.82
C ARG S 16 -42.62 -3.71 5.74
N PRO S 17 -42.43 -4.82 6.50
CA PRO S 17 -43.33 -5.97 6.54
C PRO S 17 -44.82 -5.63 6.63
N LEU S 18 -45.66 -6.59 6.26
CA LEU S 18 -47.12 -6.44 6.31
C LEU S 18 -47.62 -7.40 7.40
N LEU S 19 -48.53 -6.92 8.25
CA LEU S 19 -49.05 -7.78 9.33
C LEU S 19 -50.52 -7.60 9.75
N CYS S 20 -51.10 -6.42 9.53
CA CYS S 20 -52.51 -6.19 9.88
C CYS S 20 -53.33 -5.80 8.66
N ARG S 21 -54.66 -5.92 8.74
CA ARG S 21 -55.55 -5.59 7.62
C ARG S 21 -55.34 -4.18 7.06
N GLU S 22 -55.34 -3.18 7.95
CA GLU S 22 -55.17 -1.77 7.57
C GLU S 22 -53.98 -1.50 6.66
N SER S 23 -52.91 -2.27 6.83
CA SER S 23 -51.68 -2.10 6.05
C SER S 23 -51.58 -3.01 4.83
N MET S 24 -52.63 -3.80 4.58
CA MET S 24 -52.65 -4.71 3.43
C MET S 24 -53.85 -4.45 2.53
N SER S 25 -54.79 -3.65 3.01
CA SER S 25 -56.00 -3.31 2.24
C SER S 25 -55.67 -2.52 0.96
N GLY S 26 -56.22 -2.98 -0.16
CA GLY S 26 -55.98 -2.32 -1.44
C GLY S 26 -54.73 -2.83 -2.14
N ARG S 27 -53.82 -3.41 -1.35
CA ARG S 27 -52.57 -3.94 -1.86
C ARG S 27 -52.77 -5.06 -2.89
N SER S 28 -54.01 -5.49 -3.09
CA SER S 28 -54.30 -6.55 -4.07
C SER S 28 -54.26 -6.02 -5.48
N ALA S 29 -54.00 -6.92 -6.43
CA ALA S 29 -53.91 -6.55 -7.84
C ALA S 29 -55.09 -5.72 -8.30
N ARG S 30 -54.89 -4.42 -8.45
CA ARG S 30 -55.97 -3.56 -8.90
C ARG S 30 -56.37 -4.01 -10.31
N ARG S 31 -55.43 -3.96 -11.24
CA ARG S 31 -55.68 -4.35 -12.63
C ARG S 31 -54.37 -4.74 -13.35
N ASP S 32 -54.17 -4.21 -14.55
CA ASP S 32 -52.97 -4.50 -15.33
C ASP S 32 -51.68 -3.91 -14.74
N LEU S 33 -50.55 -4.57 -15.01
CA LEU S 33 -49.25 -4.13 -14.52
C LEU S 33 -48.65 -3.15 -15.52
N VAL S 34 -48.31 -1.95 -15.04
CA VAL S 34 -47.75 -0.91 -15.91
C VAL S 34 -46.37 -0.41 -15.49
N ALA S 35 -45.32 -0.93 -16.11
CA ALA S 35 -43.96 -0.51 -15.78
C ALA S 35 -43.65 0.86 -16.37
N GLY S 36 -42.89 1.64 -15.62
CA GLY S 36 -42.53 2.96 -16.09
C GLY S 36 -41.16 3.34 -15.60
N ILE S 37 -40.40 4.03 -16.44
CA ILE S 37 -39.07 4.49 -16.09
C ILE S 37 -38.95 5.93 -16.52
N SER S 38 -38.25 6.71 -15.73
CA SER S 38 -38.11 8.10 -16.04
C SER S 38 -36.66 8.50 -16.21
N LEU S 39 -36.46 9.72 -16.70
CA LEU S 39 -35.13 10.25 -16.91
C LEU S 39 -34.69 10.98 -15.65
N ASN S 40 -35.66 11.51 -14.91
CA ASN S 40 -35.38 12.27 -13.69
C ASN S 40 -36.20 11.86 -12.48
N ALA S 41 -37.26 11.07 -12.67
CA ALA S 41 -38.08 10.63 -11.54
C ALA S 41 -37.66 9.20 -11.17
N PRO S 42 -38.43 8.52 -10.30
CA PRO S 42 -37.99 7.15 -9.97
C PRO S 42 -38.66 6.05 -10.81
N ALA S 43 -38.40 4.81 -10.43
CA ALA S 43 -38.97 3.65 -11.11
C ALA S 43 -40.24 3.19 -10.39
N SER S 44 -41.36 3.18 -11.13
CA SER S 44 -42.66 2.77 -10.59
C SER S 44 -43.30 1.56 -11.29
N VAL S 45 -44.48 1.16 -10.81
CA VAL S 45 -45.24 0.02 -11.35
C VAL S 45 -46.59 -0.14 -10.59
N ARG S 46 -47.66 -0.50 -11.30
CA ARG S 46 -48.99 -0.69 -10.70
C ARG S 46 -49.20 -2.13 -10.23
N ALA T 1 -22.02 43.78 21.44
CA ALA T 1 -21.50 42.45 21.84
C ALA T 1 -20.26 42.11 21.03
N LEU T 2 -19.09 42.19 21.66
CA LEU T 2 -17.83 41.89 20.96
C LEU T 2 -17.70 40.48 20.42
N LEU T 3 -18.14 39.51 21.19
CA LEU T 3 -17.97 38.14 20.76
C LEU T 3 -18.70 37.94 19.44
N ARG T 4 -19.88 38.54 19.31
CA ARG T 4 -20.62 38.42 18.08
C ARG T 4 -20.01 39.31 17.01
N GLN T 5 -19.67 40.54 17.38
CA GLN T 5 -19.07 41.48 16.40
C GLN T 5 -17.79 40.87 15.84
N ALA T 6 -17.01 40.26 16.73
CA ALA T 6 -15.75 39.64 16.37
C ALA T 6 -15.95 38.42 15.50
N TYR T 7 -16.76 37.48 15.98
CA TYR T 7 -17.02 36.29 15.23
C TYR T 7 -17.44 36.68 13.82
N SER T 8 -18.53 37.43 13.71
CA SER T 8 -19.05 37.85 12.42
C SER T 8 -18.06 38.57 11.49
N ALA T 9 -17.20 39.41 12.04
CA ALA T 9 -16.24 40.14 11.23
C ALA T 9 -14.84 39.52 11.08
N LEU T 10 -14.36 38.88 12.14
CA LEU T 10 -13.03 38.27 12.13
C LEU T 10 -12.97 36.76 11.99
N PHE T 11 -13.43 36.03 13.01
CA PHE T 11 -13.36 34.57 13.03
C PHE T 11 -14.17 33.70 12.07
N ARG T 12 -15.21 34.25 11.44
CA ARG T 12 -16.03 33.46 10.53
C ARG T 12 -15.26 33.08 9.28
N ARG T 13 -15.03 34.09 8.43
CA ARG T 13 -14.28 33.94 7.19
C ARG T 13 -12.85 33.42 7.46
N THR T 14 -12.54 32.19 7.05
CA THR T 14 -11.19 31.62 7.28
C THR T 14 -10.04 32.45 6.69
N SER T 15 -10.37 33.42 5.85
CA SER T 15 -9.35 34.28 5.27
C SER T 15 -9.11 35.47 6.21
N THR T 16 -10.18 36.06 6.72
CA THR T 16 -10.05 37.19 7.64
C THR T 16 -9.48 36.70 8.97
N PHE T 17 -9.71 35.44 9.29
CA PHE T 17 -9.20 34.86 10.53
C PHE T 17 -7.68 34.94 10.51
N ALA T 18 -7.09 34.68 9.35
CA ALA T 18 -5.64 34.73 9.18
C ALA T 18 -5.17 36.17 9.37
N LEU T 19 -5.76 37.10 8.64
CA LEU T 19 -5.39 38.50 8.75
C LEU T 19 -5.36 38.96 10.19
N THR T 20 -6.26 38.40 10.98
CA THR T 20 -6.36 38.73 12.38
C THR T 20 -5.15 38.20 13.12
N VAL T 21 -4.80 36.93 12.88
CA VAL T 21 -3.67 36.33 13.56
C VAL T 21 -2.37 37.07 13.25
N VAL T 22 -2.24 37.54 12.01
CA VAL T 22 -1.04 38.28 11.62
C VAL T 22 -1.10 39.65 12.28
N LEU T 23 -2.08 40.45 11.88
CA LEU T 23 -2.25 41.77 12.42
C LEU T 23 -2.09 41.74 13.94
N GLY T 24 -2.67 40.71 14.56
CA GLY T 24 -2.60 40.57 16.00
C GLY T 24 -1.22 40.22 16.52
N ALA T 25 -0.59 39.22 15.90
CA ALA T 25 0.74 38.80 16.32
C ALA T 25 1.68 40.01 16.30
N VAL T 26 1.47 40.91 15.34
CA VAL T 26 2.30 42.11 15.24
C VAL T 26 2.15 42.99 16.49
N LEU T 27 0.92 43.34 16.84
CA LEU T 27 0.63 44.16 18.01
C LEU T 27 1.10 43.45 19.27
N PHE T 28 0.66 42.21 19.43
CA PHE T 28 1.03 41.42 20.59
C PHE T 28 2.53 41.46 20.83
N GLU T 29 3.30 41.29 19.77
CA GLU T 29 4.75 41.30 19.90
C GLU T 29 5.23 42.62 20.49
N ARG T 30 5.13 43.68 19.69
CA ARG T 30 5.57 45.02 20.08
C ARG T 30 5.25 45.39 21.53
N ALA T 31 4.12 44.91 22.05
CA ALA T 31 3.72 45.21 23.42
C ALA T 31 4.30 44.22 24.43
N PHE T 32 4.17 42.92 24.15
CA PHE T 32 4.69 41.89 25.06
C PHE T 32 6.18 42.07 25.23
N ASP T 33 6.85 42.60 24.21
CA ASP T 33 8.29 42.83 24.29
C ASP T 33 8.61 43.95 25.27
N GLN T 34 8.09 45.15 25.04
CA GLN T 34 8.33 46.27 25.95
C GLN T 34 8.03 45.85 27.38
N GLY T 35 6.81 45.37 27.59
CA GLY T 35 6.42 44.95 28.91
C GLY T 35 7.43 44.09 29.64
N ALA T 36 7.79 42.97 29.04
CA ALA T 36 8.73 42.04 29.64
C ALA T 36 10.07 42.68 29.92
N ASP T 37 10.60 43.42 28.95
CA ASP T 37 11.88 44.09 29.12
C ASP T 37 11.74 45.10 30.25
N ALA T 38 10.58 45.74 30.29
CA ALA T 38 10.28 46.71 31.32
C ALA T 38 10.27 45.98 32.67
N ILE T 39 9.64 44.83 32.73
CA ILE T 39 9.58 44.06 33.97
C ILE T 39 10.98 43.65 34.41
N PHE T 40 11.76 43.13 33.46
CA PHE T 40 13.12 42.67 33.74
C PHE T 40 14.09 43.77 34.17
N GLU T 41 14.10 44.89 33.44
CA GLU T 41 15.01 45.97 33.79
C GLU T 41 14.68 46.49 35.17
N HIS T 42 13.38 46.61 35.47
CA HIS T 42 12.93 47.08 36.77
C HIS T 42 13.43 46.14 37.86
N LEU T 43 13.27 44.84 37.66
CA LEU T 43 13.72 43.85 38.64
C LEU T 43 15.22 43.87 38.87
N ASN T 44 15.96 44.58 38.03
CA ASN T 44 17.41 44.68 38.17
C ASN T 44 17.90 46.13 38.07
N GLU T 45 17.33 47.01 38.90
CA GLU T 45 17.71 48.42 38.90
C GLU T 45 19.18 48.61 39.25
N GLY T 46 19.81 49.55 38.55
CA GLY T 46 21.21 49.88 38.77
C GLY T 46 22.24 48.78 38.60
N LYS T 47 21.85 47.64 38.05
CA LYS T 47 22.78 46.53 37.85
C LYS T 47 23.16 46.39 36.39
N LEU T 48 22.29 46.88 35.52
CA LEU T 48 22.55 46.78 34.09
C LEU T 48 23.42 47.91 33.59
N TRP T 49 24.14 47.65 32.49
CA TRP T 49 25.00 48.66 31.90
C TRP T 49 24.17 49.83 31.41
N LYS T 50 22.87 49.59 31.23
CA LYS T 50 21.98 50.66 30.76
C LYS T 50 21.96 51.75 31.84
N HIS T 51 22.14 51.32 33.08
CA HIS T 51 22.15 52.21 34.25
C HIS T 51 23.54 52.81 34.49
N ILE T 52 24.52 51.95 34.77
CA ILE T 52 25.91 52.37 35.01
C ILE T 52 26.36 53.36 33.95
N LYS T 53 26.12 52.99 32.70
CA LYS T 53 26.43 53.72 31.48
C LYS T 53 26.83 55.20 31.57
N HIS T 54 25.94 56.04 32.10
CA HIS T 54 26.22 57.48 32.19
C HIS T 54 27.54 57.90 32.90
N LYS T 55 28.09 57.02 33.73
CA LYS T 55 29.32 57.31 34.48
C LYS T 55 30.60 57.44 33.66
N TYR T 56 30.67 56.80 32.50
CA TYR T 56 31.88 56.87 31.68
C TYR T 56 31.59 57.37 30.29
N GLU T 57 30.31 57.63 30.00
CA GLU T 57 29.87 58.12 28.70
C GLU T 57 30.54 59.43 28.32
N ALA T 58 29.72 60.40 27.91
CA ALA T 58 30.23 61.71 27.53
C ALA T 58 29.65 62.76 28.49
N SER T 59 28.35 63.02 28.35
CA SER T 59 27.65 63.99 29.20
C SER T 59 26.45 63.30 29.87
C13 PEE U . 21.68 -10.72 -9.01
C12 PEE U . 20.53 -11.17 -8.08
C11 PEE U . 21.00 -12.21 -7.04
C10 PEE U . 19.89 -13.19 -6.55
O4 PEE U . 18.80 -12.77 -6.09
O2 PEE U . 20.24 -14.58 -6.72
C2 PEE U . 19.61 -15.60 -5.81
C1 PEE U . 18.92 -16.75 -6.65
O3P PEE U . 17.45 -16.64 -6.79
P PEE U . 16.58 -17.71 -7.69
O2P PEE U . 17.54 -18.92 -8.15
O1P PEE U . 16.03 -16.96 -9.00
O4P PEE U . 15.29 -18.30 -6.84
C4 PEE U . 15.35 -19.44 -5.90
C5 PEE U . 13.97 -20.03 -5.53
C3 PEE U . 20.66 -16.16 -4.81
O3 PEE U . 20.10 -16.51 -3.49
C30 PEE U . 20.94 -16.21 -2.42
O5 PEE U . 21.89 -16.93 -2.06
C31 PEE U . 20.57 -14.88 -1.69
C32 PEE U . 21.41 -13.63 -2.10
O1 UNL V . -15.38 -29.63 7.58
CHA HEM W . 34.61 15.20 -2.05
CHB HEM W . 30.90 14.48 -4.82
CHC HEM W . 28.78 12.06 -1.26
CHD HEM W . 32.31 13.32 1.63
C1A HEM W . 33.76 15.25 -3.09
C2A HEM W . 34.07 15.92 -4.31
C3A HEM W . 33.00 15.77 -5.09
C4A HEM W . 32.06 14.98 -4.31
CMA HEM W . 32.76 16.22 -6.55
CAA HEM W . 35.35 16.58 -4.67
CBA HEM W . 36.24 15.43 -5.11
CGA HEM W . 37.61 15.89 -5.54
O1A HEM W . 38.52 15.94 -4.68
O2A HEM W . 37.76 16.23 -6.74
C1B HEM W . 30.02 13.70 -4.12
C2B HEM W . 28.74 13.28 -4.73
C3B HEM W . 28.19 12.49 -3.74
C4B HEM W . 29.05 12.61 -2.50
CMB HEM W . 28.12 13.71 -6.07
CAB HEM W . 26.99 11.86 -3.87
CBB HEM W . 25.84 12.77 -4.06
C1C HEM W . 29.57 12.21 -0.15
C2C HEM W . 29.15 11.99 1.23
C3C HEM W . 30.28 12.11 1.97
C4C HEM W . 31.22 12.74 1.11
CMC HEM W . 27.75 11.69 1.79
CAC HEM W . 30.57 11.64 3.25
CBC HEM W . 29.57 10.97 4.19
C1D HEM W . 33.18 14.04 0.89
C2D HEM W . 34.46 14.54 1.44
C3D HEM W . 35.11 15.06 0.35
C4D HEM W . 34.25 14.80 -0.81
CMD HEM W . 35.02 14.41 2.84
CAD HEM W . 36.35 15.95 0.38
CBD HEM W . 37.74 15.35 0.32
CGD HEM W . 38.07 14.74 -1.02
O1D HEM W . 37.89 15.43 -2.04
O2D HEM W . 38.49 13.58 -1.05
NA HEM W . 32.50 14.75 -3.04
NB HEM W . 30.17 13.36 -2.78
NC HEM W . 30.81 12.81 -0.20
ND HEM W . 33.04 14.25 -0.49
FE HEM W . 31.61 13.80 -1.67
CHA HEM X . 13.22 6.04 -14.17
CHB HEM X . 16.52 6.45 -10.80
CHC HEM X . 17.20 11.01 -12.12
CHD HEM X . 13.65 10.66 -15.16
C1A HEM X . 14.13 5.75 -13.21
C2A HEM X . 14.47 4.44 -12.78
C3A HEM X . 15.33 4.55 -11.80
C4A HEM X . 15.55 5.95 -11.64
CMA HEM X . 16.04 3.39 -11.12
CAA HEM X . 13.92 3.13 -13.27
CBA HEM X . 14.68 2.45 -14.38
CGA HEM X . 14.81 3.31 -15.64
O1A HEM X . 15.88 3.92 -15.83
O2A HEM X . 13.83 3.37 -16.39
C1B HEM X . 17.01 7.71 -10.86
C2B HEM X . 18.17 8.19 -10.04
C3B HEM X . 18.23 9.54 -10.35
C4B HEM X . 17.29 9.79 -11.48
CMB HEM X . 19.05 7.40 -9.09
CAB HEM X . 18.92 10.55 -9.75
CBB HEM X . 19.20 10.50 -8.33
C1C HEM X . 16.29 11.33 -13.02
C2C HEM X . 16.30 12.55 -13.73
C3C HEM X . 15.21 12.55 -14.47
C4C HEM X . 14.68 11.18 -14.41
CMC HEM X . 17.31 13.66 -13.61
CAC HEM X . 14.63 13.61 -15.16
CBC HEM X . 15.38 14.68 -15.98
C1D HEM X . 13.13 9.42 -15.03
C2D HEM X . 11.93 8.97 -15.69
C3D HEM X . 11.79 7.63 -15.46
C4D HEM X . 12.95 7.30 -14.62
CMD HEM X . 11.08 9.80 -16.67
CAD HEM X . 10.82 6.73 -16.20
CBD HEM X . 11.66 6.07 -17.28
CGD HEM X . 10.85 5.30 -18.29
O1D HEM X . 10.10 5.93 -19.08
O2D HEM X . 10.93 4.06 -18.32
NA HEM X . 14.88 6.69 -12.59
NB HEM X . 16.50 8.69 -11.73
NC HEM X . 15.35 10.46 -13.46
ND HEM X . 13.66 8.43 -14.24
FE HEM X . 15.09 8.57 -12.99
C01 3H1 Y . 31.60 29.55 -12.94
C02 3H1 Y . 32.86 29.51 -12.28
C03 3H1 Y . 33.26 28.35 -11.50
C04 3H1 Y . 32.36 27.22 -11.41
C05 3H1 Y . 31.12 27.28 -12.08
C06 3H1 Y . 30.71 28.42 -12.84
C07 3H1 Y . 33.75 30.67 -12.41
C08 3H1 Y . 34.64 28.31 -10.78
O09 3H1 Y . 31.20 30.67 -13.69
O10 3H1 Y . 33.47 31.66 -13.04
O11 3H1 Y . 30.32 26.19 -11.96
CL12 3H1 Y . 32.72 25.70 -10.49
C13 3H1 Y . 29.32 28.43 -13.57
C14 3H1 Y . 28.14 28.00 -12.70
C15 3H1 Y . 27.40 26.85 -12.70
C16 3H1 Y . 27.68 25.73 -13.71
C17 3H1 Y . 26.43 26.77 -11.77
C18 3H1 Y . 25.53 25.78 -11.52
C19 3H1 Y . 24.41 25.69 -10.41
C20 3H1 Y . 22.98 25.61 -11.13
C21 3H1 Y . 21.84 25.30 -10.07
C22 3H1 Y . 22.10 24.09 -9.15
C23 3H1 Y . 23.52 24.09 -8.57
C24 3H1 Y . 24.70 24.36 -9.55
C25 3H1 Y . 22.54 26.88 -11.92
O26 3H1 Y . 23.70 23.89 -7.36
C27 3H1 Y . 26.00 24.33 -8.68
C28 3H1 Y . 24.53 26.98 -9.52
C01 3H1 Z . 15.02 -0.78 -12.79
C02 3H1 Z . 13.88 -1.01 -13.62
C03 3H1 Z . 12.56 -0.64 -13.14
C04 3H1 Z . 12.43 -0.08 -11.81
C05 3H1 Z . 13.59 0.13 -11.01
C06 3H1 Z . 14.88 -0.22 -11.49
C07 3H1 Z . 14.10 -1.60 -14.99
C08 3H1 Z . 11.29 -0.86 -13.99
O09 3H1 Z . 16.28 -1.12 -13.24
O10 3H1 Z . 15.19 -1.93 -15.46
O11 3H1 Z . 13.43 0.65 -9.77
CL12 3H1 Z . 10.87 0.40 -11.10
C13 3H1 Z . 16.06 0.03 -10.56
C14 3H1 Z . 16.84 -1.20 -10.16
C15 3H1 Z . 17.81 -1.28 -9.22
C16 3H1 Z . 18.21 -0.02 -8.43
C17 3H1 Z . 18.40 -2.48 -9.00
C18 3H1 Z . 19.37 -2.71 -8.10
C19 3H1 Z . 20.15 -3.98 -7.69
C20 3H1 Z . 19.16 -5.16 -7.20
C21 3H1 Z . 19.93 -6.54 -6.97
C22 3H1 Z . 21.07 -6.91 -7.98
C23 3H1 Z . 21.84 -5.66 -8.42
C24 3H1 Z . 21.02 -4.47 -8.95
C25 3H1 Z . 18.39 -4.87 -5.87
O26 3H1 Z . 23.06 -5.58 -8.27
C27 3H1 Z . 22.02 -3.44 -9.60
C28 3H1 Z . 21.08 -3.47 -6.52
C1 CDL AA . 21.45 -6.72 -28.49
O1 CDL AA . 22.11 -5.43 -28.84
CA2 CDL AA . 22.40 -7.71 -27.78
OA2 CDL AA . 22.88 -7.12 -26.65
PA1 CDL AA . 22.26 -7.39 -25.25
OA3 CDL AA . 22.32 -8.86 -24.95
OA4 CDL AA . 20.79 -7.00 -25.22
OA5 CDL AA . 23.17 -6.54 -24.23
CA3 CDL AA . 22.90 -5.23 -23.87
CA4 CDL AA . 24.21 -4.46 -23.51
OA6 CDL AA . 23.96 -3.18 -22.94
CA5 CDL AA . 23.83 -3.18 -21.55
OA7 CDL AA . 23.74 -4.16 -20.83
C11 CDL AA . 23.80 -1.73 -20.99
C12 CDL AA . 25.08 -1.29 -20.23
C13 CDL AA . 25.69 0.07 -20.69
C14 CDL AA . 26.90 0.48 -19.78
C15 CDL AA . 27.75 1.70 -20.30
C16 CDL AA . 28.33 2.56 -19.13
C17 CDL AA . 28.35 4.09 -19.44
C18 CDL AA . 29.79 4.68 -19.45
C19 CDL AA . 30.10 5.55 -20.73
C20 CDL AA . 31.60 5.98 -20.81
CA6 CDL AA . 25.00 -4.25 -24.84
OA8 CDL AA . 26.22 -3.60 -24.56
CA7 CDL AA . 26.55 -2.60 -25.45
OA9 CDL AA . 25.82 -2.08 -26.27
C31 CDL AA . 28.02 -2.18 -25.34
CB2 CDL AA . 20.89 -7.43 -29.73
OB2 CDL AA . 21.92 -7.90 -30.49
PB2 CDL AA . 21.84 -9.25 -31.26
OB3 CDL AA . 21.04 -9.06 -32.52
OB4 CDL AA . 21.16 -10.33 -30.44
OB5 CDL AA . 23.34 -9.61 -31.56
CB3 CDL AA . 24.24 -9.92 -30.58
CB4 CDL AA . 25.66 -9.61 -31.07
OB6 CDL AA . 26.64 -10.29 -30.29
CB5 CDL AA . 27.65 -10.74 -31.07
OB7 CDL AA . 27.87 -10.46 -32.24
C51 CDL AA . 28.55 -11.71 -30.29
C52 CDL AA . 29.75 -11.04 -29.55
C53 CDL AA . 30.33 -11.96 -28.46
CB6 CDL AA . 25.88 -8.09 -30.95
OB8 CDL AA . 26.00 -7.74 -29.57
CB7 CDL AA . 26.84 -6.64 -29.35
OB9 CDL AA . 26.82 -5.54 -29.94
C71 CDL AA . 27.84 -6.92 -28.20
C72 CDL AA . 27.24 -6.99 -26.75
C73 CDL AA . 28.19 -6.38 -25.68
C74 CDL AA . 29.02 -7.45 -24.91
C26 PEE BA . 21.08 19.11 -18.91
C25 PEE BA . 20.24 18.96 -20.20
C24 PEE BA . 20.27 17.52 -20.77
C23 PEE BA . 19.66 17.37 -22.21
C22 PEE BA . 19.64 15.95 -22.78
C21 PEE BA . 20.62 15.33 -23.49
C20 PEE BA . 21.83 14.60 -22.93
C19 PEE BA . 22.56 13.79 -23.97
C18 PEE BA . 22.81 12.47 -23.99
C17 PEE BA . 22.92 11.54 -25.21
C16 PEE BA . 21.53 11.10 -25.76
C15 PEE BA . 21.25 9.60 -25.73
C14 PEE BA . 19.76 9.22 -25.71
C13 PEE BA . 19.40 7.94 -26.48
C12 PEE BA . 18.54 8.18 -27.74
C11 PEE BA . 17.88 6.89 -28.27
C10 PEE BA . 18.83 5.98 -29.07
O4 PEE BA . 19.62 5.23 -28.49
O2 PEE BA . 18.71 6.09 -30.50
C2 PEE BA . 19.14 4.91 -31.32
C1 PEE BA . 17.94 4.10 -31.90
O3P PEE BA . 16.64 4.78 -31.87
P PEE BA . 15.23 3.96 -31.85
O2P PEE BA . 14.23 4.61 -32.95
O1P PEE BA . 14.61 4.08 -30.39
O4P PEE BA . 15.44 2.36 -32.11
C4 PEE BA . 14.35 1.38 -32.08
C5 PEE BA . 13.86 0.95 -33.49
N PEE BA . 14.93 0.29 -34.29
C3 PEE BA . 20.20 5.31 -32.38
O3 PEE BA . 21.28 6.10 -31.83
C30 PEE BA . 22.32 5.37 -31.17
O5 PEE BA . 22.19 4.22 -30.72
C31 PEE BA . 23.66 6.15 -31.06
C32 PEE BA . 24.17 6.41 -29.61
C33 PEE BA . 25.06 7.67 -29.54
C34 PEE BA . 25.68 7.88 -28.14
C35 PEE BA . 25.29 9.24 -27.52
C36 PEE BA . 26.46 9.89 -26.77
C37 PEE BA . 26.83 11.28 -27.32
C38 PEE BA . 28.12 11.86 -26.70
C39 PEE BA . 28.04 12.23 -25.19
C40 PEE BA . 27.33 13.59 -24.88
C41 PEE BA . 27.70 14.20 -23.50
C42 PEE BA . 27.74 15.75 -23.55
C43 PEE BA . 27.87 16.43 -22.16
C44 PEE BA . 26.57 16.68 -21.38
C45 PEE BA . 26.33 18.15 -21.00
C46 PEE BA . 24.83 18.45 -20.85
O1 UNL CA . 32.69 22.39 -9.28
O1 UNL DA . 29.89 40.59 -3.61
O1 UNL EA . 8.76 2.05 -4.04
O1 UNL FA . 40.30 18.26 -18.10
C1 GOL GA . 44.06 18.27 -3.94
O1 GOL GA . 43.62 17.82 -5.26
C2 GOL GA . 44.65 17.13 -3.04
O2 GOL GA . 45.03 17.66 -1.71
C3 GOL GA . 45.82 16.34 -3.73
O3 GOL GA . 46.43 15.29 -2.89
FE HEC HA . 62.95 26.25 -9.08
CHA HEC HA . 60.09 27.73 -9.98
CHB HEC HA . 61.78 23.37 -10.38
CHC HEC HA . 65.80 24.61 -8.24
CHD HEC HA . 63.93 28.95 -7.63
NA HEC HA . 61.32 25.70 -10.03
C1A HEC HA . 60.21 26.45 -10.35
C2A HEC HA . 59.23 25.69 -11.16
C3A HEC HA . 59.68 24.43 -11.18
C4A HEC HA . 60.99 24.45 -10.48
CMA HEC HA . 58.97 23.28 -11.90
CAA HEC HA . 58.10 26.06 -12.08
CBA HEC HA . 57.28 27.21 -11.55
CGA HEC HA . 56.13 27.57 -12.47
O1A HEC HA . 55.40 28.53 -12.15
O2A HEC HA . 55.95 26.89 -13.52
NB HEC HA . 63.68 24.43 -9.32
C1B HEC HA . 63.04 23.38 -9.87
C2B HEC HA . 63.88 22.24 -9.91
C3B HEC HA . 65.01 22.53 -9.34
C4B HEC HA . 64.90 23.90 -8.94
CMB HEC HA . 63.51 20.87 -10.44
CAB HEC HA . 66.09 21.61 -8.82
CBB HEC HA . 66.67 20.79 -9.99
NC HEC HA . 64.56 26.71 -8.20
C1C HEC HA . 65.67 25.95 -7.89
C2C HEC HA . 66.62 26.72 -7.03
C3C HEC HA . 66.00 27.84 -6.74
C4C HEC HA . 64.79 27.88 -7.58
CMC HEC HA . 67.93 26.34 -6.40
CAC HEC HA . 66.25 28.96 -5.77
CBC HEC HA . 67.44 29.77 -6.23
ND HEC HA . 62.19 27.98 -8.87
C1D HEC HA . 62.75 29.02 -8.25
C2D HEC HA . 61.95 30.23 -8.39
C3D HEC HA . 60.86 29.90 -9.04
C4D HEC HA . 61.01 28.46 -9.32
CMD HEC HA . 62.21 31.62 -7.84
CAD HEC HA . 59.71 30.86 -9.35
CBD HEC HA . 59.68 31.40 -10.76
CGD HEC HA . 58.58 32.43 -10.98
O1D HEC HA . 57.38 32.11 -10.72
O2D HEC HA . 58.91 33.55 -11.41
C1 BOG IA . 44.71 -5.54 -4.83
O1 BOG IA . 43.73 -6.22 -5.56
C2 BOG IA . 44.76 -6.06 -3.37
O2 BOG IA . 43.51 -5.86 -2.71
C3 BOG IA . 45.86 -5.30 -2.61
O3 BOG IA . 45.92 -5.78 -1.26
C4 BOG IA . 47.21 -5.50 -3.33
O4 BOG IA . 48.26 -4.79 -2.64
C5 BOG IA . 47.08 -5.00 -4.79
O5 BOG IA . 45.99 -5.71 -5.48
C6 BOG IA . 48.39 -5.21 -5.58
O6 BOG IA . 48.44 -6.46 -6.27
C1' BOG IA . 42.70 -5.45 -6.23
C2' BOG IA . 41.52 -6.37 -6.56
C3' BOG IA . 41.16 -6.36 -8.04
C4' BOG IA . 39.66 -6.49 -8.13
C5' BOG IA . 39.10 -5.84 -9.38
C6' BOG IA . 37.57 -5.93 -9.38
C7' BOG IA . 37.01 -5.49 -10.72
C8' BOG IA . 35.53 -5.61 -10.63
FE1 FES JA . 40.12 0.94 35.83
FE2 FES JA . 37.72 0.10 35.08
S1 FES JA . 38.54 0.10 37.13
S2 FES JA . 39.18 1.19 33.86
C27 PEE KA . 30.87 -3.77 -1.37
C26 PEE KA . 30.64 -4.78 -2.52
C25 PEE KA . 31.86 -4.90 -3.47
C24 PEE KA . 31.60 -5.84 -4.69
C23 PEE KA . 32.07 -5.25 -6.05
C22 PEE KA . 32.32 -6.27 -7.17
C21 PEE KA . 31.40 -6.77 -8.04
C20 PEE KA . 30.39 -5.99 -8.89
C19 PEE KA . 29.53 -6.85 -9.81
C18 PEE KA . 28.52 -7.66 -9.48
C17 PEE KA . 28.35 -9.12 -9.87
C16 PEE KA . 27.45 -9.90 -8.87
C15 PEE KA . 26.49 -10.93 -9.51
C14 PEE KA . 27.16 -12.25 -9.98
C13 PEE KA . 26.51 -13.53 -9.42
C12 PEE KA . 25.11 -13.85 -9.98
C11 PEE KA . 24.41 -14.96 -9.16
C10 PEE KA . 22.87 -15.08 -9.35
O4 PEE KA . 22.28 -14.56 -10.31
O2 PEE KA . 22.21 -15.84 -8.33
C2 PEE KA . 22.12 -17.34 -8.43
C1 PEE KA . 21.72 -17.86 -9.85
O3P PEE KA . 21.09 -19.17 -9.84
P PEE KA . 21.30 -20.22 -11.08
O2P PEE KA . 22.77 -20.07 -11.72
O1P PEE KA . 20.23 -19.87 -12.23
O4P PEE KA . 21.06 -21.79 -10.56
C4 PEE KA . 21.40 -22.34 -9.22
C5 PEE KA . 22.01 -23.77 -9.24
N PEE KA . 21.15 -24.77 -8.56
C3 PEE KA . 23.37 -18.05 -7.80
O3 PEE KA . 23.15 -19.46 -7.37
C30 PEE KA . 22.26 -19.65 -6.27
O5 PEE KA . 21.14 -20.20 -6.38
C31 PEE KA . 22.80 -19.12 -4.89
C32 PEE KA . 24.23 -19.59 -4.52
C33 PEE KA . 25.12 -18.42 -4.09
C34 PEE KA . 26.00 -18.80 -2.88
C35 PEE KA . 27.40 -18.18 -2.99
C36 PEE KA . 28.16 -18.23 -1.64
C37 PEE KA . 29.40 -17.32 -1.63
C38 PEE KA . 29.80 -16.90 -0.20
C39 PEE KA . 30.88 -15.80 -0.13
C40 PEE KA . 32.28 -16.30 0.28
C41 PEE KA . 33.27 -15.17 0.64
C42 PEE KA . 34.46 -15.08 -0.36
C43 PEE KA . 35.71 -15.91 0.01
C44 PEE KA . 37.07 -15.37 -0.48
C45 PEE KA . 38.26 -16.28 -0.17
C46 PEE KA . 38.67 -16.26 1.31
O1 UNL LA . 48.12 -8.73 28.58
C1 CDL MA . 19.43 1.16 -29.00
O1 CDL MA . 18.34 2.19 -29.02
CA2 CDL MA . 20.26 1.15 -30.31
OA2 CDL MA . 19.49 1.50 -31.40
PA1 CDL MA . 19.55 0.70 -32.77
OA3 CDL MA . 18.92 1.48 -33.89
OA4 CDL MA . 18.78 -0.59 -32.67
OA5 CDL MA . 21.13 0.42 -33.03
CA3 CDL MA . 21.96 1.21 -33.81
CA4 CDL MA . 23.49 0.96 -33.49
OA6 CDL MA . 24.42 1.68 -34.34
CA5 CDL MA . 24.47 3.08 -34.14
OA7 CDL MA . 23.62 3.76 -33.62
C11 CDL MA . 25.76 3.73 -34.68
C12 CDL MA . 25.63 5.15 -35.31
CA6 CDL MA . 23.75 -0.51 -33.71
OA8 CDL MA . 24.66 -0.97 -32.76
CA7 CDL MA . 24.20 -2.10 -32.11
OA9 CDL MA . 23.04 -2.44 -32.00
C31 CDL MA . 25.33 -2.95 -31.50
CB2 CDL MA . 18.87 -0.28 -28.76
OB2 CDL MA . 19.88 -1.21 -28.79
PB2 CDL MA . 20.59 -1.78 -27.52
OB3 CDL MA . 21.14 -3.14 -27.81
OB4 CDL MA . 19.66 -1.96 -26.34
OB5 CDL MA . 21.74 -0.76 -27.22
CB3 CDL MA . 23.08 -1.12 -27.08
CB4 CDL MA . 23.97 0.16 -27.04
OB6 CDL MA . 23.43 1.25 -26.25
CB5 CDL MA . 24.20 1.53 -25.13
OB7 CDL MA . 24.63 0.72 -24.36
C51 CDL MA . 24.44 3.05 -24.93
C52 CDL MA . 25.63 3.42 -23.97
C53 CDL MA . 26.54 4.55 -24.54
CB6 CDL MA . 24.12 0.61 -28.49
OB8 CDL MA . 25.47 0.66 -28.83
CB7 CDL MA . 25.86 1.93 -29.27
OB9 CDL MA . 25.26 2.64 -30.08
C71 CDL MA . 27.19 2.42 -28.63
C72 CDL MA . 28.31 1.35 -28.39
CHA HEM NA . 26.76 17.50 20.46
CHB HEM NA . 23.21 14.46 21.12
CHC HEM NA . 21.89 15.03 16.57
CHD HEM NA . 25.78 17.76 15.86
C1A HEM NA . 25.93 16.58 21.03
C2A HEM NA . 26.07 16.09 22.39
C3A HEM NA . 25.13 15.18 22.57
C4A HEM NA . 24.37 15.16 21.33
CMA HEM NA . 24.86 14.42 23.84
CAA HEM NA . 27.00 16.65 23.42
CBA HEM NA . 26.30 17.89 23.98
CGA HEM NA . 27.15 18.63 25.00
O1A HEM NA . 27.95 19.53 24.61
O2A HEM NA . 27.04 18.28 26.18
C1B HEM NA . 22.49 14.38 19.96
C2B HEM NA . 21.37 13.54 19.80
C3B HEM NA . 20.89 13.80 18.59
C4B HEM NA . 21.88 14.65 17.93
CMB HEM NA . 20.89 12.45 20.75
CAB HEM NA . 19.82 13.14 18.05
CBB HEM NA . 19.91 11.63 17.88
C1C HEM NA . 22.94 15.75 15.94
C2C HEM NA . 23.16 15.87 14.47
C3C HEM NA . 24.08 16.89 14.32
C4C HEM NA . 24.66 17.05 15.66
CMC HEM NA . 22.45 15.08 13.38
CAC HEM NA . 24.35 17.71 13.25
CBC HEM NA . 23.76 17.57 11.89
C1D HEM NA . 26.42 17.86 17.04
C2D HEM NA . 27.61 18.65 17.24
C3D HEM NA . 27.89 18.55 18.55
C4D HEM NA . 26.81 17.79 19.15
CMD HEM NA . 28.36 19.49 16.22
CAD HEM NA . 29.18 18.94 19.25
CBD HEM NA . 29.31 20.36 19.79
CGD HEM NA . 28.37 20.65 20.94
O1D HEM NA . 28.37 19.89 21.93
O2D HEM NA . 27.64 21.66 20.86
NA HEM NA . 24.94 15.94 20.35
NB HEM NA . 22.88 14.99 18.81
NC HEM NA . 23.97 16.33 16.64
ND HEM NA . 25.96 17.28 18.21
FE HEM NA . 24.42 16.08 18.51
CHA HEM OA . 4.52 3.47 19.61
CHB HEM OA . 7.86 6.66 18.40
CHC HEM OA . 11.16 4.08 20.61
CHD HEM OA . 7.94 0.84 21.74
C1A HEM OA . 5.16 4.56 19.12
C2A HEM OA . 4.49 5.71 18.58
C3A HEM OA . 5.44 6.56 18.18
C4A HEM OA . 6.69 6.00 18.55
CMA HEM OA . 5.22 7.94 17.57
CAA HEM OA . 2.97 5.95 18.49
CBA HEM OA . 2.29 6.69 19.67
CGA HEM OA . 2.57 6.03 21.01
O1A HEM OA . 3.46 6.48 21.75
O2A HEM OA . 1.89 5.02 21.31
C1B HEM OA . 9.06 6.23 18.85
C2B HEM OA . 10.29 6.98 18.68
C3B HEM OA . 11.23 6.17 19.26
C4B HEM OA . 10.55 5.04 19.84
CMB HEM OA . 10.49 8.37 18.01
CAB HEM OA . 12.59 6.29 19.33
CBB HEM OA . 13.39 6.91 18.23
C1C HEM OA . 10.59 3.00 21.15
C2C HEM OA . 11.22 2.17 22.13
C3C HEM OA . 10.35 1.14 22.35
C4C HEM OA . 9.11 1.55 21.70
CMC HEM OA . 12.62 2.36 22.71
CAC HEM OA . 10.60 -0.11 22.93
CBC HEM OA . 11.55 -0.39 24.09
C1D HEM OA . 6.76 1.18 21.11
C2D HEM OA . 5.56 0.37 21.10
C3D HEM OA . 4.58 1.12 20.52
C4D HEM OA . 5.19 2.41 20.19
CMD HEM OA . 5.38 -0.96 21.77
CAD HEM OA . 3.11 0.75 20.51
CBD HEM OA . 2.53 1.58 21.65
CGD HEM OA . 1.14 1.16 22.05
O1D HEM OA . 0.98 0.00 22.51
O2D HEM OA . 0.20 1.98 21.90
NA HEM OA . 6.53 4.77 19.16
NB HEM OA . 9.23 5.04 19.53
NC HEM OA . 9.28 2.70 21.00
ND HEM OA . 6.57 2.38 20.46
FE HEM OA . 7.94 3.71 20.07
O1 UNL PA . 3.40 4.54 7.42
O1 UNL QA . 25.06 16.69 37.35
C01 3H1 RA . 31.89 4.38 31.77
C02 3H1 RA . 32.71 5.57 31.73
C03 3H1 RA . 32.21 6.75 31.07
C04 3H1 RA . 30.93 6.73 30.45
C05 3H1 RA . 30.14 5.55 30.49
C06 3H1 RA . 30.61 4.36 31.15
C07 3H1 RA . 34.05 5.56 32.41
C08 3H1 RA . 33.04 8.07 31.00
O09 3H1 RA . 32.34 3.23 32.41
O10 3H1 RA . 34.53 4.61 32.99
O11 3H1 RA . 28.91 5.60 29.89
CL12 3H1 RA . 30.26 8.15 29.59
C13 3H1 RA . 29.73 3.05 31.20
C14 3H1 RA . 29.13 2.63 29.85
C15 3H1 RA . 27.85 2.70 29.36
C16 3H1 RA . 26.70 3.28 30.21
C17 3H1 RA . 27.67 2.24 28.09
C18 3H1 RA . 26.56 2.19 27.32
C19 3H1 RA . 26.39 1.67 25.84
C20 3H1 RA . 25.41 0.38 25.84
C21 3H1 RA . 24.97 -0.03 24.38
C22 3H1 RA . 24.44 1.14 23.47
C23 3H1 RA . 25.30 2.42 23.57
C24 3H1 RA . 25.75 2.90 25.00
C25 3H1 RA . 25.99 -0.92 26.48
O26 3H1 RA . 25.62 3.02 22.54
C27 3H1 RA . 26.66 4.17 24.79
C28 3H1 RA . 27.83 1.31 25.31
C01 3H1 SA . 0.49 9.16 17.58
C02 3H1 SA . -0.57 8.20 17.70
C03 3H1 SA . -0.55 7.04 16.82
C04 3H1 SA . 0.50 6.89 15.86
C05 3H1 SA . 1.52 7.86 15.77
C06 3H1 SA . 1.52 9.00 16.62
C07 3H1 SA . -1.65 8.42 18.74
C08 3H1 SA . -1.65 5.95 16.87
O09 3H1 SA . 0.52 10.27 18.39
O10 3H1 SA . -1.73 9.38 19.52
O11 3H1 SA . 2.52 7.69 14.84
CL12 3H1 SA . 0.60 5.52 14.75
C13 3H1 SA . 2.67 10.02 16.48
C14 3H1 SA . 2.26 11.42 16.07
C15 3H1 SA . 3.05 12.42 15.69
C16 3H1 SA . 4.58 12.20 15.62
C17 3H1 SA . 2.48 13.61 15.39
C18 3H1 SA . 3.15 14.70 15.00
C19 3H1 SA . 2.70 16.14 14.61
C20 3H1 SA . 1.64 16.15 13.38
C21 3H1 SA . 1.00 17.59 13.13
C22 3H1 SA . 0.67 18.45 14.39
C23 3H1 SA . 1.71 18.26 15.52
C24 3H1 SA . 2.06 16.81 15.91
C25 3H1 SA . 2.22 15.69 11.99
O26 3H1 SA . 2.30 19.22 16.02
C27 3H1 SA . 2.94 16.88 17.20
C28 3H1 SA . 4.08 16.83 14.23
C1 CDL TA . -7.63 13.90 32.76
O1 CDL TA . -6.49 13.63 33.70
CA2 CDL TA . -7.67 15.36 32.27
OA2 CDL TA . -6.49 15.65 31.67
PA1 CDL TA . -6.31 15.60 30.12
OA3 CDL TA . -7.30 16.53 29.45
OA4 CDL TA . -6.59 14.21 29.57
OA5 CDL TA . -4.80 16.05 29.90
CA3 CDL TA . -3.73 15.16 29.87
CA4 CDL TA . -2.39 15.87 30.25
OA6 CDL TA . -1.23 15.08 29.97
CA5 CDL TA . -0.63 15.37 28.75
OA7 CDL TA . -1.09 16.05 27.85
C11 CDL TA . 0.75 14.71 28.63
C12 CDL TA . 1.96 15.69 28.59
C13 CDL TA . 3.09 15.33 29.59
C14 CDL TA . 4.32 16.26 29.43
C15 CDL TA . 5.40 16.06 30.55
C16 CDL TA . 6.85 16.24 30.03
C17 CDL TA . 7.88 15.37 30.81
C18 CDL TA . 8.96 16.22 31.54
C19 CDL TA . 9.21 15.75 33.01
C20 CDL TA . 10.15 16.71 33.77
CA6 CDL TA . -2.46 16.15 31.78
OA8 CDL TA . -1.28 16.80 32.20
CA7 CDL TA . -0.80 16.33 33.41
OA9 CDL TA . -1.07 15.29 33.93
C31 CDL TA . 0.17 17.30 34.05
CB2 CDL TA . -8.98 13.57 33.41
OB2 CDL TA . -9.24 14.48 34.39
PB2 CDL TA . -10.67 15.03 34.66
OB3 CDL TA . -11.45 14.02 35.47
OB4 CDL TA . -11.46 15.25 33.39
OB5 CDL TA . -10.46 16.37 35.42
CB3 CDL TA . -9.88 17.46 34.85
CB4 CDL TA . -9.25 18.34 35.96
OB6 CDL TA . -9.02 19.67 35.53
CB5 CDL TA . -9.34 20.58 36.51
OB7 CDL TA . -9.58 20.35 37.66
C51 CDL TA . -9.35 22.00 35.95
C52 CDL TA . -7.99 22.72 36.00
C53 CDL TA . -7.96 23.97 35.09
CB6 CDL TA . -7.92 17.68 36.38
OB8 CDL TA . -6.98 17.88 35.35
CB7 CDL TA . -5.68 17.99 35.81
OB9 CDL TA . -5.13 17.26 36.62
C71 CDL TA . -4.93 19.19 35.18
C72 CDL TA . -4.61 19.08 33.65
C73 CDL TA . -3.25 19.73 33.27
C74 CDL TA . -3.42 21.16 32.70
C26 PEE UA . 16.42 0.89 30.36
C25 PEE UA . 15.34 -0.02 31.00
C24 PEE UA . 13.97 0.70 31.15
C23 PEE UA . 12.96 -0.01 32.09
C22 PEE UA . 11.60 0.68 32.22
C21 PEE UA . 11.26 1.59 33.15
C20 PEE UA . 11.50 3.09 33.08
C19 PEE UA . 10.74 3.87 34.15
C18 PEE UA . 9.85 4.86 33.97
C17 PEE UA . 8.62 5.16 34.82
C16 PEE UA . 7.43 4.24 34.46
C15 PEE UA . 6.13 4.96 34.00
C14 PEE UA . 5.14 4.03 33.26
C13 PEE UA . 3.66 4.33 33.55
C12 PEE UA . 2.91 3.21 34.30
C11 PEE UA . 1.37 3.30 34.16
C10 PEE UA . 0.70 4.37 35.07
O4 PEE UA . 0.75 5.57 34.79
O2 PEE UA . 0.05 3.84 36.23
C2 PEE UA . -0.99 4.70 36.90
C1 PEE UA . -2.42 4.11 36.75
O3P PEE UA . -2.47 2.73 36.32
P PEE UA . -3.72 2.14 35.44
O2P PEE UA . -4.18 0.72 36.05
O1P PEE UA . -3.20 1.90 33.94
O4P PEE UA . -4.96 3.19 35.40
C4 PEE UA . -6.19 2.95 34.63
C5 PEE UA . -7.36 2.47 35.50
N PEE UA . -7.73 3.49 36.52
C3 PEE UA . -0.61 5.01 38.39
O3 PEE UA . 0.77 5.50 38.52
C30 PEE UA . 0.94 6.90 38.27
O5 PEE UA . 0.17 7.59 37.57
C31 PEE UA . 2.19 7.50 38.99
C32 PEE UA . 3.25 8.14 38.07
C33 PEE UA . 4.66 8.09 38.69
C34 PEE UA . 5.73 8.78 37.82
C35 PEE UA . 6.89 7.83 37.45
C36 PEE UA . 8.25 8.56 37.45
C37 PEE UA . 9.27 7.87 38.38
C38 PEE UA . 10.59 8.65 38.52
C39 PEE UA . 11.48 8.67 37.25
C40 PEE UA . 12.28 7.37 36.98
C41 PEE UA . 13.52 7.59 36.10
C42 PEE UA . 14.73 6.70 36.52
C43 PEE UA . 15.96 6.78 35.59
C44 PEE UA . 15.95 5.86 34.35
C45 PEE UA . 17.11 4.87 34.29
C46 PEE UA . 16.74 3.60 33.50
O3P PEE VA . -7.68 21.73 10.71
P PEE VA . -9.19 21.10 10.55
O2P PEE VA . -9.89 21.03 12.01
O1P PEE VA . -9.09 19.61 9.93
O4P PEE VA . -10.10 22.05 9.55
O1 UNL WA . 23.35 15.29 28.04
O1 UNL XA . 43.08 -2.00 28.13
O1 UNL YA . 42.26 -1.46 24.37
C1 GOL ZA . 32.11 22.58 27.30
O1 GOL ZA . 32.52 21.29 26.75
C2 GOL ZA . 32.38 23.80 26.38
O2 GOL ZA . 33.80 23.82 25.96
C3 GOL ZA . 31.94 25.14 27.04
O3 GOL ZA . 31.32 26.09 26.10
FE HEC AB . 45.43 31.42 41.17
CHA HEC AB . 44.92 28.05 41.12
CHB HEC AB . 42.12 31.87 41.23
CHC HEC AB . 45.84 34.76 41.23
CHD HEC AB . 48.65 30.89 41.00
NA HEC AB . 43.86 30.21 41.23
C1A HEC AB . 43.81 28.82 41.20
C2A HEC AB . 42.42 28.35 41.31
C3A HEC AB . 41.67 29.43 41.29
C4A HEC AB . 42.53 30.58 41.25
CMA HEC AB . 40.14 29.38 41.40
CAA HEC AB . 41.80 26.99 41.61
CBA HEC AB . 42.60 25.82 41.09
CGA HEC AB . 42.00 24.50 41.51
O1A HEC AB . 42.58 23.45 41.13
O2A HEC AB . 40.97 24.52 42.22
NB HEC AB . 44.24 32.97 41.26
C1B HEC AB . 42.89 32.96 41.25
C2B HEC AB . 42.37 34.25 41.30
C3B HEC AB . 43.37 35.10 41.31
C4B HEC AB . 44.55 34.29 41.29
CMB HEC AB . 40.91 34.65 41.37
CAB HEC AB . 43.39 36.61 41.23
CBB HEC AB . 42.58 37.24 42.37
NC HEC AB . 46.93 32.59 41.16
C1C HEC AB . 46.96 33.98 41.17
C2C HEC AB . 48.31 34.49 41.01
C3C HEC AB . 49.08 33.39 40.82
C4C HEC AB . 48.23 32.20 41.05
CMC HEC AB . 48.83 35.91 40.92
CAC HEC AB . 50.52 33.18 40.30
CBC HEC AB . 51.48 33.52 41.44
ND HEC AB . 46.54 29.81 41.05
C1D HEC AB . 47.88 29.78 40.98
C2D HEC AB . 48.36 28.43 41.01
C3D HEC AB . 47.29 27.62 41.05
C4D HEC AB . 46.18 28.49 41.07
CMD HEC AB . 49.83 27.98 40.98
CAD HEC AB . 47.31 26.10 40.96
CBD HEC AB . 47.19 25.37 42.28
CGD HEC AB . 47.38 23.85 42.16
O1D HEC AB . 46.63 23.23 41.37
O2D HEC AB . 48.26 23.28 42.85
FE1 FES BB . 34.55 38.82 -13.57
FE2 FES BB . 32.45 37.28 -14.07
S1 FES BB . 33.68 38.40 -15.55
S2 FES BB . 33.45 37.55 -12.13
O1 UNL CB . 30.67 41.45 -6.62
C27 PEE DB . 10.63 26.07 14.15
C26 PEE DB . 9.23 26.24 14.78
C25 PEE DB . 9.27 27.02 16.13
C24 PEE DB . 7.89 27.05 16.86
C23 PEE DB . 7.94 26.61 18.35
C22 PEE DB . 6.74 27.06 19.20
C21 PEE DB . 5.55 26.43 19.34
C20 PEE DB . 5.29 25.01 19.83
C19 PEE DB . 3.82 24.65 19.98
C18 PEE DB . 2.88 24.47 19.04
C17 PEE DB . 1.51 25.13 18.97
C16 PEE DB . 0.95 25.20 17.53
C15 PEE DB . -0.57 24.88 17.38
C14 PEE DB . -1.51 26.06 17.74
C13 PEE DB . -2.50 26.47 16.64
C12 PEE DB . -3.62 25.45 16.40
C11 PEE DB . -4.42 25.79 15.12
C10 PEE DB . -5.32 24.65 14.53
O4 PEE DB . -5.65 23.63 15.20
O2 PEE DB . -5.73 24.85 13.17
C2 PEE DB . -6.95 25.69 12.86
C1 PEE DB . -8.19 25.29 13.73
O3P PEE DB . -9.46 25.70 13.13
P PEE DB . -10.73 26.14 14.06
O2P PEE DB . -10.21 26.99 15.33
O1P PEE DB . -11.45 24.79 14.62
O4P PEE DB . -11.82 27.04 13.17
C4 PEE DB . -11.49 27.97 12.08
C5 PEE DB . -12.34 29.26 12.05
N PEE DB . -13.20 29.34 10.85
C3 PEE DB . -6.66 27.22 12.78
O3 PEE DB . -7.64 28.01 11.98
C30 PEE DB . -7.66 27.73 10.58
O5 PEE DB . -8.62 27.19 10.00
C31 PEE DB . -6.36 28.16 9.80
C32 PEE DB . -5.91 29.62 10.01
C33 PEE DB . -4.41 29.72 10.32
C34 PEE DB . -3.77 30.95 9.66
C35 PEE DB . -2.73 31.62 10.56
C36 PEE DB . -1.84 32.63 9.79
C37 PEE DB . -0.61 33.06 10.60
C38 PEE DB . 0.54 33.54 9.70
C39 PEE DB . 1.90 33.67 10.41
C40 PEE DB . 2.33 35.14 10.65
C41 PEE DB . 3.83 35.27 11.03
C42 PEE DB . 4.03 35.82 12.46
C43 PEE DB . 4.15 37.36 12.56
C44 PEE DB . 4.97 37.93 13.74
C45 PEE DB . 4.91 39.46 13.88
C46 PEE DB . 5.76 40.20 12.82
C1 BOG EB . 14.16 37.22 22.26
O1 BOG EB . 12.91 36.65 22.52
C2 BOG EB . 14.08 38.18 21.00
O2 BOG EB . 13.70 37.48 19.82
C3 BOG EB . 15.43 38.82 20.74
O3 BOG EB . 15.35 39.68 19.61
C4 BOG EB . 15.86 39.59 22.01
O4 BOG EB . 17.15 40.22 21.80
C5 BOG EB . 15.91 38.59 23.25
O5 BOG EB . 14.60 37.95 23.45
C6 BOG EB . 16.28 39.28 24.57
O6 BOG EB . 15.14 39.87 25.21
C1' BOG EB . 12.79 35.21 22.66
C2' BOG EB . 11.35 34.80 22.46
C3' BOG EB . 10.78 34.04 23.63
C4' BOG EB . 9.75 33.07 23.11
C5' BOG EB . 9.71 31.77 23.89
C6' BOG EB . 8.69 30.80 23.31
C7' BOG EB . 8.47 29.63 24.25
C8' BOG EB . 7.47 28.73 23.61
C1 CDL FB . -2.80 7.77 34.02
O1 CDL FB . -2.52 6.34 33.67
CA2 CDL FB . -2.99 8.03 35.56
OA2 CDL FB . -3.66 6.97 36.20
PA1 CDL FB . -4.82 7.15 37.27
OA3 CDL FB . -4.98 5.88 38.08
OA4 CDL FB . -6.16 7.40 36.63
OA5 CDL FB . -4.36 8.38 38.19
CA3 CDL FB . -3.65 8.26 39.39
CA4 CDL FB . -2.93 9.61 39.79
OA6 CDL FB . -2.32 9.62 41.11
CA5 CDL FB . -1.17 8.82 41.22
OA7 CDL FB . -0.87 7.88 40.53
C11 CDL FB . -0.27 9.26 42.40
C12 CDL FB . 0.49 8.12 43.14
CA6 CDL FB . -4.00 10.70 39.79
OA8 CDL FB . -3.48 11.87 39.26
CA7 CDL FB . -4.33 12.43 38.35
OA9 CDL FB . -5.15 11.85 37.68
C31 CDL FB . -4.17 13.95 38.24
CB2 CDL FB . -4.04 8.29 33.26
OB2 CDL FB . -4.30 9.58 33.64
PB2 CDL FB . -3.87 10.82 32.81
OB3 CDL FB . -4.75 12.01 33.07
OB4 CDL FB . -3.98 10.59 31.33
OB5 CDL FB . -2.38 11.07 33.28
CB3 CDL FB . -1.92 12.29 33.75
CB4 CDL FB . -0.50 12.12 34.36
OB6 CDL FB . 0.38 11.27 33.61
CB5 CDL FB . 1.43 12.01 33.10
OB7 CDL FB . 1.36 13.06 32.53
C51 CDL FB . 2.79 11.31 33.33
C52 CDL FB . 4.05 12.20 33.13
C53 CDL FB . 5.13 11.95 34.21
CB6 CDL FB . -0.69 11.55 35.75
OB8 CDL FB . -0.12 12.43 36.68
CB7 CDL FB . 0.87 11.81 37.46
OB9 CDL FB . 0.80 10.72 37.97
C71 CDL FB . 2.14 12.67 37.61
C72 CDL FB . 1.92 14.19 37.79
#